data_1FUI
#
_entry.id   1FUI
#
_cell.length_a   127.300
_cell.length_b   128.300
_cell.length_c   239.400
_cell.angle_alpha   90.00
_cell.angle_beta   90.00
_cell.angle_gamma   90.00
#
_symmetry.space_group_name_H-M   'P 21 21 21'
#
loop_
_entity.id
_entity.type
_entity.pdbx_description
1 polymer 'L-FUCOSE ISOMERASE'
2 non-polymer 'MANGANESE (II) ION'
3 non-polymer 'SULFATE ION'
4 non-polymer FUCITOL
5 water water
#
_entity_poly.entity_id   1
_entity_poly.type   'polypeptide(L)'
_entity_poly.pdbx_seq_one_letter_code
;MKKISLPKIGIRPVIDGRRMGVRESLEEQTMNMAKATAALLTEKLRHACGAAVECVISDTCIAGMAEAAACEEKFSSQNV
GLTITVTPCWCYGSETIDMDPTRPKAIWGFNGTERPGAVYLAAALAAHSQKGIPAFSIYGHDVQDADDTSIPADVEEKLL
RFARAGLAVASMKGKSYLSLGGVSMGIAGSIVDHNFFESWLGMKVQAVDMTELRRRIDQKIYDEAELEMALAWADKNFRY
GEDENNKQYQRNAEQSRAVLRESLLMAMCIRDMMQGNSKLADIGRVEESLGYNAIAAGFQGQRHWTDQYPNGDTAEAILN
SSFDWNGVREPFVVATENDSLNGVAMLMGHQLTGTAQVFADVRTYWSPEAIERVTGHKLDGLAEHGIIHLINSGSAALDG
SCKQRDSEGNPTMKPHWEISQQEADACLAATEWCPAIHEYFRGGGYSSRFLTEGGVPFTMTRVNIIKGLGPVLQIAEGWS
VELPKDVHDILNKRTNSTWPTTWFAPRLTGKGPFTDVYSVMANWGANHGVLTIGHVGADFITLASMLRIPVCMHNVEETK
VYRPSAWAAHGMDIEGQDYRACQNYGPLYKR
;
_entity_poly.pdbx_strand_id   A,B,C,D,E,F
#
# COMPACT_ATOMS: atom_id res chain seq x y z
N MET A 1 43.44 -0.32 9.65
CA MET A 1 44.72 -0.88 9.18
C MET A 1 44.80 -2.24 9.80
N LYS A 2 43.84 -3.07 9.40
CA LYS A 2 43.71 -4.40 9.98
C LYS A 2 43.15 -4.02 11.36
N LYS A 3 42.21 -4.82 11.88
CA LYS A 3 41.58 -4.48 13.16
C LYS A 3 40.92 -3.12 12.99
N ILE A 4 40.52 -2.79 11.75
CA ILE A 4 39.86 -1.51 11.42
C ILE A 4 38.62 -1.35 12.28
N SER A 5 38.83 -0.91 13.52
CA SER A 5 37.76 -0.74 14.50
C SER A 5 36.67 -1.79 14.36
N LEU A 6 36.92 -2.93 14.99
CA LEU A 6 36.00 -4.02 15.01
C LEU A 6 34.83 -3.60 15.90
N PRO A 7 33.63 -4.11 15.61
CA PRO A 7 32.49 -3.73 16.44
C PRO A 7 32.60 -4.34 17.85
N LYS A 8 32.04 -3.65 18.83
CA LYS A 8 32.09 -4.15 20.20
C LYS A 8 30.70 -4.49 20.67
N ILE A 9 30.60 -5.23 21.76
CA ILE A 9 29.33 -5.63 22.33
C ILE A 9 29.08 -4.78 23.57
N GLY A 10 27.94 -4.10 23.61
CA GLY A 10 27.62 -3.24 24.75
C GLY A 10 26.73 -3.95 25.73
N ILE A 11 27.10 -3.94 27.01
CA ILE A 11 26.32 -4.60 28.03
C ILE A 11 25.68 -3.54 28.92
N ARG A 12 24.36 -3.64 29.06
CA ARG A 12 23.58 -2.66 29.80
C ARG A 12 22.94 -3.23 31.04
N PRO A 13 23.54 -2.97 32.21
CA PRO A 13 22.98 -3.49 33.46
C PRO A 13 21.83 -2.54 33.86
N VAL A 14 20.63 -3.08 33.94
CA VAL A 14 19.45 -2.31 34.26
C VAL A 14 19.01 -2.64 35.68
N ILE A 15 18.41 -1.66 36.38
CA ILE A 15 18.05 -1.86 37.79
C ILE A 15 16.84 -1.04 38.23
N ASP A 16 16.21 -1.45 39.33
CA ASP A 16 15.08 -0.72 39.90
C ASP A 16 15.68 0.63 40.39
N GLY A 17 15.05 1.73 40.02
CA GLY A 17 15.57 3.03 40.39
C GLY A 17 15.32 3.47 41.81
N ARG A 18 14.36 2.88 42.51
CA ARG A 18 14.06 3.31 43.87
C ARG A 18 15.10 2.93 44.90
N ARG A 19 15.26 3.82 45.87
CA ARG A 19 16.23 3.67 46.94
C ARG A 19 15.64 3.06 48.21
N MET A 20 15.89 3.73 49.34
CA MET A 20 15.42 3.27 50.64
C MET A 20 16.00 1.86 50.92
N GLY A 21 17.14 1.58 50.30
CA GLY A 21 17.79 0.30 50.45
C GLY A 21 17.67 -0.61 49.23
N VAL A 22 16.55 -0.52 48.51
CA VAL A 22 16.29 -1.37 47.34
C VAL A 22 17.39 -1.35 46.27
N ARG A 23 17.50 -0.26 45.51
CA ARG A 23 18.52 -0.19 44.46
C ARG A 23 19.91 -0.57 44.96
N GLU A 24 20.31 0.01 46.09
CA GLU A 24 21.62 -0.26 46.66
C GLU A 24 21.90 -1.72 47.07
N SER A 25 20.85 -2.48 47.39
CA SER A 25 21.04 -3.89 47.72
C SER A 25 21.18 -4.73 46.43
N LEU A 26 20.77 -4.16 45.30
CA LEU A 26 20.81 -4.86 44.01
C LEU A 26 22.00 -4.50 43.14
N GLU A 27 22.61 -3.35 43.39
CA GLU A 27 23.75 -2.86 42.61
C GLU A 27 24.87 -3.84 42.29
N GLU A 28 25.40 -4.50 43.31
CA GLU A 28 26.48 -5.43 43.13
C GLU A 28 26.08 -6.62 42.27
N GLN A 29 24.97 -7.27 42.59
CA GLN A 29 24.53 -8.43 41.80
C GLN A 29 24.32 -8.12 40.32
N THR A 30 23.70 -6.99 40.04
CA THR A 30 23.43 -6.52 38.68
C THR A 30 24.71 -6.30 37.88
N MET A 31 25.68 -5.59 38.44
CA MET A 31 26.96 -5.38 37.77
C MET A 31 27.75 -6.70 37.63
N ASN A 32 27.54 -7.62 38.56
CA ASN A 32 28.22 -8.91 38.49
C ASN A 32 27.67 -9.66 37.31
N MET A 33 26.36 -9.57 37.15
CA MET A 33 25.66 -10.19 36.05
C MET A 33 26.28 -9.63 34.77
N ALA A 34 26.42 -8.30 34.70
CA ALA A 34 27.01 -7.66 33.53
C ALA A 34 28.45 -8.11 33.27
N LYS A 35 29.24 -8.20 34.33
CA LYS A 35 30.64 -8.64 34.23
C LYS A 35 30.72 -10.11 33.82
N ALA A 36 29.85 -10.95 34.38
CA ALA A 36 29.83 -12.38 34.04
C ALA A 36 29.52 -12.58 32.55
N THR A 37 28.57 -11.81 32.03
CA THR A 37 28.19 -11.89 30.63
C THR A 37 29.36 -11.49 29.72
N ALA A 38 30.08 -10.42 30.08
CA ALA A 38 31.21 -9.95 29.29
C ALA A 38 32.34 -10.97 29.27
N ALA A 39 32.59 -11.58 30.44
CA ALA A 39 33.64 -12.58 30.59
C ALA A 39 33.39 -13.75 29.67
N LEU A 40 32.15 -14.22 29.66
CA LEU A 40 31.75 -15.35 28.83
C LEU A 40 31.92 -15.04 27.34
N LEU A 41 31.47 -13.88 26.92
CA LEU A 41 31.56 -13.52 25.50
C LEU A 41 32.98 -13.38 25.00
N THR A 42 33.83 -12.66 25.73
CA THR A 42 35.22 -12.45 25.31
C THR A 42 36.02 -13.76 25.35
N GLU A 43 35.58 -14.70 26.17
CA GLU A 43 36.25 -15.99 26.30
C GLU A 43 35.85 -16.97 25.20
N LYS A 44 34.54 -17.09 24.97
CA LYS A 44 34.03 -18.02 23.96
C LYS A 44 33.91 -17.50 22.52
N LEU A 45 33.96 -16.19 22.29
CA LEU A 45 33.83 -15.63 20.93
C LEU A 45 35.06 -14.99 20.30
N ARG A 46 35.18 -15.08 18.99
CA ARG A 46 36.29 -14.46 18.26
C ARG A 46 35.69 -13.84 17.00
N HIS A 47 36.25 -12.74 16.54
CA HIS A 47 35.78 -12.16 15.30
C HIS A 47 36.22 -13.17 14.23
N ALA A 48 35.61 -13.14 13.05
CA ALA A 48 36.00 -14.08 12.00
C ALA A 48 37.46 -13.87 11.59
N CYS A 49 37.96 -12.66 11.81
CA CYS A 49 39.35 -12.35 11.46
C CYS A 49 40.36 -12.89 12.49
N GLY A 50 39.86 -13.41 13.61
CA GLY A 50 40.76 -13.96 14.61
C GLY A 50 40.88 -13.18 15.90
N ALA A 51 40.63 -11.88 15.84
CA ALA A 51 40.71 -11.03 17.03
C ALA A 51 39.70 -11.41 18.13
N ALA A 52 40.04 -11.05 19.37
CA ALA A 52 39.18 -11.34 20.50
C ALA A 52 38.06 -10.33 20.47
N VAL A 53 36.91 -10.67 21.06
CA VAL A 53 35.77 -9.76 21.08
C VAL A 53 35.81 -8.90 22.33
N GLU A 54 35.62 -7.60 22.17
CA GLU A 54 35.63 -6.67 23.30
C GLU A 54 34.21 -6.26 23.71
N CYS A 55 33.97 -6.17 25.00
CA CYS A 55 32.68 -5.74 25.50
C CYS A 55 32.85 -4.40 26.19
N VAL A 56 31.80 -3.59 26.19
CA VAL A 56 31.81 -2.28 26.84
C VAL A 56 30.62 -2.30 27.80
N ILE A 57 30.87 -2.05 29.08
CA ILE A 57 29.81 -2.01 30.07
C ILE A 57 29.46 -0.55 30.43
N SER A 58 28.20 -0.32 30.73
CA SER A 58 27.74 1.01 31.11
C SER A 58 28.54 1.44 32.36
N ASP A 59 28.88 2.72 32.48
CA ASP A 59 29.60 3.20 33.67
C ASP A 59 28.80 2.97 34.96
N THR A 60 27.47 2.94 34.86
CA THR A 60 26.59 2.71 36.03
C THR A 60 25.42 1.83 35.62
N CYS A 61 24.67 1.37 36.62
CA CYS A 61 23.49 0.59 36.35
C CYS A 61 22.48 1.61 35.78
N ILE A 62 21.58 1.15 34.93
CA ILE A 62 20.61 2.04 34.29
C ILE A 62 19.22 1.87 34.92
N ALA A 63 18.68 2.94 35.49
CA ALA A 63 17.35 2.87 36.11
C ALA A 63 16.33 3.79 35.46
N GLY A 64 16.80 4.67 34.58
CA GLY A 64 15.91 5.59 33.94
C GLY A 64 16.58 6.19 32.72
N MET A 65 15.97 7.28 32.25
CA MET A 65 16.44 7.94 31.05
C MET A 65 17.76 8.67 31.10
N ALA A 66 18.05 9.30 32.23
CA ALA A 66 19.31 10.04 32.38
C ALA A 66 20.46 9.06 32.25
N GLU A 67 20.39 7.96 33.01
CA GLU A 67 21.41 6.93 32.97
C GLU A 67 21.49 6.24 31.61
N ALA A 68 20.33 5.95 31.01
CA ALA A 68 20.29 5.31 29.69
C ALA A 68 21.01 6.20 28.67
N ALA A 69 20.75 7.50 28.77
CA ALA A 69 21.36 8.44 27.83
C ALA A 69 22.87 8.48 28.00
N ALA A 70 23.33 8.43 29.25
CA ALA A 70 24.76 8.45 29.51
C ALA A 70 25.40 7.24 28.85
N CYS A 71 24.80 6.07 29.08
CA CYS A 71 25.26 4.81 28.52
C CYS A 71 25.35 4.90 27.01
N GLU A 72 24.31 5.47 26.40
CA GLU A 72 24.28 5.62 24.96
C GLU A 72 25.43 6.49 24.45
N GLU A 73 25.74 7.55 25.18
CA GLU A 73 26.81 8.43 24.80
C GLU A 73 28.12 7.66 24.81
N LYS A 74 28.31 6.83 25.83
CA LYS A 74 29.52 6.03 25.95
C LYS A 74 29.66 5.01 24.81
N PHE A 75 28.58 4.31 24.51
CA PHE A 75 28.55 3.32 23.45
C PHE A 75 28.81 3.84 22.05
N SER A 76 28.18 4.95 21.69
CA SER A 76 28.31 5.49 20.35
C SER A 76 29.73 5.90 19.98
N SER A 77 30.56 6.18 20.97
CA SER A 77 31.93 6.58 20.68
C SER A 77 32.85 5.38 20.72
N GLN A 78 32.32 4.25 21.17
CA GLN A 78 33.07 2.99 21.30
C GLN A 78 32.78 1.98 20.21
N ASN A 79 32.00 2.39 19.21
CA ASN A 79 31.67 1.50 18.10
C ASN A 79 30.95 0.20 18.49
N VAL A 80 29.97 0.28 19.38
CA VAL A 80 29.26 -0.94 19.75
C VAL A 80 28.23 -1.25 18.66
N GLY A 81 28.22 -2.50 18.21
CA GLY A 81 27.31 -2.94 17.16
C GLY A 81 26.07 -3.69 17.59
N LEU A 82 26.02 -4.11 18.85
CA LEU A 82 24.88 -4.85 19.38
C LEU A 82 24.86 -4.70 20.89
N THR A 83 23.70 -4.89 21.51
CA THR A 83 23.65 -4.75 22.95
C THR A 83 22.95 -5.88 23.63
N ILE A 84 23.32 -6.13 24.87
CA ILE A 84 22.70 -7.14 25.69
C ILE A 84 22.38 -6.41 27.00
N THR A 85 21.11 -6.36 27.35
CA THR A 85 20.65 -5.73 28.57
C THR A 85 20.45 -6.86 29.56
N VAL A 86 20.98 -6.72 30.77
CA VAL A 86 20.86 -7.78 31.80
C VAL A 86 20.28 -7.23 33.09
N THR A 87 19.55 -8.05 33.81
CA THR A 87 18.98 -7.63 35.08
C THR A 87 18.44 -8.79 35.90
N PRO A 88 18.49 -8.65 37.23
CA PRO A 88 17.99 -9.66 38.17
C PRO A 88 16.76 -9.13 38.92
N CYS A 89 16.20 -8.00 38.47
CA CYS A 89 15.04 -7.45 39.18
C CYS A 89 14.08 -6.71 38.24
N TRP A 90 13.02 -6.17 38.84
CA TRP A 90 12.03 -5.41 38.11
C TRP A 90 12.66 -4.05 37.80
N CYS A 91 12.42 -3.52 36.61
CA CYS A 91 12.93 -2.20 36.20
C CYS A 91 11.79 -1.55 35.40
N TYR A 92 11.94 -0.25 35.13
CA TYR A 92 10.93 0.53 34.42
C TYR A 92 10.99 0.44 32.90
N GLY A 93 10.38 -0.61 32.37
CA GLY A 93 10.32 -0.87 30.94
C GLY A 93 10.85 0.11 29.91
N SER A 94 9.94 0.93 29.39
CA SER A 94 10.27 1.89 28.34
C SER A 94 11.33 2.96 28.68
N GLU A 95 11.57 3.19 29.98
CA GLU A 95 12.56 4.18 30.38
C GLU A 95 13.98 3.61 30.29
N THR A 96 14.08 2.27 30.26
CA THR A 96 15.38 1.62 30.27
C THR A 96 15.79 0.83 29.03
N ILE A 97 14.87 0.55 28.13
CA ILE A 97 15.25 -0.22 26.94
C ILE A 97 16.11 0.52 25.95
N ASP A 98 16.85 -0.24 25.16
CA ASP A 98 17.71 0.32 24.13
C ASP A 98 16.77 0.68 22.97
N MET A 99 16.73 1.97 22.62
CA MET A 99 15.85 2.47 21.56
C MET A 99 16.45 2.49 20.16
N ASP A 100 17.72 2.12 20.01
CA ASP A 100 18.35 2.18 18.68
C ASP A 100 17.61 1.25 17.75
N PRO A 101 17.07 1.78 16.66
CA PRO A 101 16.34 0.90 15.75
C PRO A 101 17.10 -0.11 14.89
N THR A 102 18.39 0.08 14.68
CA THR A 102 19.12 -0.83 13.81
C THR A 102 20.02 -1.92 14.43
N ARG A 103 20.63 -1.66 15.57
CA ARG A 103 21.51 -2.66 16.13
C ARG A 103 20.76 -3.84 16.75
N PRO A 104 21.31 -5.05 16.61
CA PRO A 104 20.69 -6.25 17.19
C PRO A 104 20.70 -6.05 18.70
N LYS A 105 19.61 -6.42 19.37
CA LYS A 105 19.51 -6.24 20.81
C LYS A 105 18.93 -7.48 21.48
N ALA A 106 19.40 -7.78 22.69
CA ALA A 106 18.93 -8.92 23.46
C ALA A 106 18.77 -8.50 24.93
N ILE A 107 17.89 -9.17 25.65
CA ILE A 107 17.64 -8.87 27.06
C ILE A 107 17.66 -10.19 27.81
N TRP A 108 18.47 -10.27 28.85
CA TRP A 108 18.58 -11.47 29.65
C TRP A 108 18.07 -11.14 31.05
N GLY A 109 16.97 -11.79 31.42
CA GLY A 109 16.38 -11.58 32.72
C GLY A 109 16.67 -12.82 33.54
N PHE A 110 17.32 -12.60 34.68
CA PHE A 110 17.67 -13.67 35.58
C PHE A 110 16.36 -14.39 35.98
N ASN A 111 16.35 -15.71 35.94
CA ASN A 111 15.14 -16.45 36.33
C ASN A 111 15.18 -16.80 37.81
N GLY A 112 14.78 -15.85 38.67
CA GLY A 112 14.78 -16.09 40.11
C GLY A 112 13.46 -15.62 40.71
N THR A 113 13.24 -15.89 41.99
CA THR A 113 11.99 -15.47 42.67
C THR A 113 12.15 -14.16 43.46
N GLU A 114 13.19 -14.08 44.29
CA GLU A 114 13.47 -12.86 45.05
C GLU A 114 14.01 -11.88 44.03
N ARG A 115 14.51 -12.46 42.93
CA ARG A 115 15.08 -11.74 41.80
C ARG A 115 14.19 -11.95 40.55
N PRO A 116 13.06 -11.21 40.46
CA PRO A 116 12.11 -11.32 39.34
C PRO A 116 12.59 -10.65 38.03
N GLY A 117 13.78 -11.02 37.57
CA GLY A 117 14.33 -10.46 36.35
C GLY A 117 13.55 -10.82 35.10
N ALA A 118 12.87 -11.97 35.14
CA ALA A 118 12.08 -12.41 34.01
C ALA A 118 10.83 -11.55 33.84
N VAL A 119 10.34 -10.96 34.93
CA VAL A 119 9.16 -10.10 34.85
C VAL A 119 9.53 -8.83 34.07
N TYR A 120 10.75 -8.31 34.28
CA TYR A 120 11.19 -7.14 33.53
C TYR A 120 11.32 -7.53 32.06
N LEU A 121 11.93 -8.68 31.82
CA LEU A 121 12.16 -9.25 30.48
C LEU A 121 10.87 -9.18 29.66
N ALA A 122 9.80 -9.75 30.21
CA ALA A 122 8.52 -9.76 29.52
C ALA A 122 7.99 -8.36 29.29
N ALA A 123 8.17 -7.47 30.25
CA ALA A 123 7.67 -6.10 30.13
C ALA A 123 8.49 -5.32 29.13
N ALA A 124 9.80 -5.53 29.12
CA ALA A 124 10.69 -4.80 28.21
C ALA A 124 10.44 -5.25 26.77
N LEU A 125 10.26 -6.55 26.57
CA LEU A 125 10.01 -7.10 25.24
C LEU A 125 8.70 -6.55 24.70
N ALA A 126 7.69 -6.44 25.57
CA ALA A 126 6.39 -5.88 25.18
C ALA A 126 6.54 -4.44 24.68
N ALA A 127 7.38 -3.66 25.37
CA ALA A 127 7.65 -2.27 25.00
C ALA A 127 8.38 -2.24 23.66
N HIS A 128 9.32 -3.17 23.46
CA HIS A 128 10.06 -3.23 22.19
C HIS A 128 9.14 -3.47 21.02
N SER A 129 8.26 -4.47 21.17
CA SER A 129 7.29 -4.85 20.14
C SER A 129 6.26 -3.75 19.89
N GLN A 130 5.83 -3.07 20.95
CA GLN A 130 4.87 -1.98 20.82
C GLN A 130 5.48 -0.79 20.09
N LYS A 131 6.79 -0.61 20.24
CA LYS A 131 7.50 0.49 19.61
C LYS A 131 8.19 0.16 18.27
N GLY A 132 7.97 -1.06 17.79
CA GLY A 132 8.54 -1.46 16.52
C GLY A 132 10.03 -1.68 16.44
N ILE A 133 10.67 -1.98 17.57
CA ILE A 133 12.11 -2.27 17.60
C ILE A 133 12.29 -3.65 18.28
N PRO A 134 12.13 -4.74 17.51
CA PRO A 134 12.25 -6.10 18.00
C PRO A 134 13.56 -6.41 18.72
N ALA A 135 13.45 -7.24 19.74
CA ALA A 135 14.59 -7.65 20.53
C ALA A 135 14.47 -9.15 20.90
N PHE A 136 15.63 -9.79 21.09
CA PHE A 136 15.71 -11.20 21.46
C PHE A 136 15.52 -11.41 22.94
N SER A 137 14.94 -12.54 23.30
CA SER A 137 14.69 -12.88 24.69
C SER A 137 15.63 -14.01 25.17
N ILE A 138 16.25 -13.82 26.32
CA ILE A 138 17.11 -14.85 26.89
C ILE A 138 16.56 -15.16 28.27
N TYR A 139 15.77 -16.23 28.38
CA TYR A 139 15.15 -16.66 29.63
C TYR A 139 15.54 -18.12 29.92
N GLY A 140 16.14 -18.35 31.07
CA GLY A 140 16.55 -19.70 31.42
C GLY A 140 15.37 -20.56 31.83
N HIS A 141 15.53 -21.87 31.67
CA HIS A 141 14.51 -22.83 32.01
C HIS A 141 14.27 -23.03 33.50
N ASP A 142 15.35 -23.24 34.25
CA ASP A 142 15.20 -23.50 35.67
C ASP A 142 15.50 -22.33 36.57
N VAL A 143 14.70 -22.20 37.64
CA VAL A 143 14.89 -21.12 38.63
C VAL A 143 16.25 -21.21 39.34
N GLN A 144 16.90 -20.07 39.51
CA GLN A 144 18.18 -20.00 40.19
C GLN A 144 18.04 -19.25 41.52
N ASP A 145 18.91 -19.57 42.48
CA ASP A 145 18.91 -18.91 43.79
C ASP A 145 19.52 -17.54 43.60
N ALA A 146 19.12 -16.60 44.46
CA ALA A 146 19.62 -15.23 44.37
C ALA A 146 21.14 -15.08 44.45
N ASP A 147 21.80 -16.04 45.09
CA ASP A 147 23.26 -16.01 45.24
C ASP A 147 24.03 -16.78 44.16
N ASP A 148 23.31 -17.47 43.28
CA ASP A 148 23.95 -18.23 42.21
C ASP A 148 24.48 -17.28 41.14
N THR A 149 25.76 -17.40 40.82
CA THR A 149 26.34 -16.50 39.83
C THR A 149 26.74 -17.18 38.53
N SER A 150 26.50 -18.48 38.43
CA SER A 150 26.85 -19.21 37.22
C SER A 150 25.80 -18.98 36.13
N ILE A 151 26.21 -19.14 34.88
CA ILE A 151 25.32 -18.97 33.72
C ILE A 151 24.92 -20.37 33.20
N PRO A 152 23.62 -20.72 33.26
CA PRO A 152 23.16 -22.03 32.79
C PRO A 152 23.47 -22.30 31.32
N ALA A 153 23.61 -23.57 30.97
CA ALA A 153 23.94 -23.99 29.62
C ALA A 153 22.96 -23.47 28.57
N ASP A 154 21.67 -23.51 28.89
CA ASP A 154 20.67 -23.03 27.94
C ASP A 154 20.78 -21.52 27.70
N VAL A 155 21.08 -20.78 28.77
CA VAL A 155 21.25 -19.34 28.69
C VAL A 155 22.50 -19.02 27.89
N GLU A 156 23.57 -19.79 28.15
CA GLU A 156 24.84 -19.59 27.45
C GLU A 156 24.67 -19.79 25.96
N GLU A 157 23.94 -20.83 25.57
CA GLU A 157 23.73 -21.13 24.16
C GLU A 157 23.04 -19.96 23.44
N LYS A 158 21.98 -19.44 24.05
CA LYS A 158 21.28 -18.30 23.46
C LYS A 158 22.13 -17.03 23.38
N LEU A 159 22.90 -16.75 24.43
CA LEU A 159 23.78 -15.59 24.44
C LEU A 159 24.78 -15.69 23.30
N LEU A 160 25.38 -16.86 23.15
CA LEU A 160 26.38 -17.04 22.10
C LEU A 160 25.77 -16.98 20.72
N ARG A 161 24.59 -17.59 20.54
CA ARG A 161 23.94 -17.55 19.22
C ARG A 161 23.57 -16.11 18.86
N PHE A 162 23.02 -15.37 19.82
CA PHE A 162 22.66 -13.99 19.57
C PHE A 162 23.90 -13.12 19.23
N ALA A 163 24.97 -13.25 20.00
CA ALA A 163 26.19 -12.47 19.77
C ALA A 163 26.89 -12.82 18.46
N ARG A 164 26.98 -14.10 18.15
CA ARG A 164 27.62 -14.57 16.91
C ARG A 164 26.90 -13.95 15.68
N ALA A 165 25.58 -14.06 15.67
CA ALA A 165 24.77 -13.51 14.60
C ALA A 165 24.89 -11.98 14.58
N GLY A 166 24.77 -11.39 15.78
CA GLY A 166 24.85 -9.95 15.95
C GLY A 166 26.16 -9.41 15.43
N LEU A 167 27.27 -10.09 15.71
CA LEU A 167 28.55 -9.63 15.24
C LEU A 167 28.62 -9.70 13.73
N ALA A 168 28.07 -10.75 13.16
CA ALA A 168 28.07 -10.92 11.70
C ALA A 168 27.38 -9.70 11.08
N VAL A 169 26.23 -9.31 11.63
CA VAL A 169 25.51 -8.15 11.12
C VAL A 169 26.38 -6.91 11.21
N ALA A 170 26.93 -6.64 12.40
CA ALA A 170 27.78 -5.47 12.64
C ALA A 170 29.04 -5.42 11.78
N SER A 171 29.59 -6.57 11.43
CA SER A 171 30.81 -6.60 10.64
C SER A 171 30.64 -6.26 9.17
N MET A 172 29.46 -6.56 8.63
CA MET A 172 29.19 -6.27 7.21
C MET A 172 28.96 -4.80 7.01
N LYS A 173 28.27 -4.18 7.96
CA LYS A 173 27.92 -2.77 7.92
C LYS A 173 29.09 -1.86 7.50
N GLY A 174 28.90 -1.16 6.40
CA GLY A 174 29.91 -0.24 5.92
C GLY A 174 30.96 -0.78 4.97
N LYS A 175 31.05 -2.10 4.83
CA LYS A 175 32.06 -2.69 3.93
C LYS A 175 31.56 -2.76 2.52
N SER A 176 32.48 -3.04 1.60
CA SER A 176 32.14 -3.12 0.17
C SER A 176 32.10 -4.54 -0.35
N TYR A 177 31.41 -4.70 -1.49
CA TYR A 177 31.38 -5.96 -2.22
C TYR A 177 32.09 -5.55 -3.49
N LEU A 178 33.10 -6.29 -3.89
CA LEU A 178 33.81 -5.94 -5.09
C LEU A 178 33.35 -6.77 -6.30
N SER A 179 32.69 -6.11 -7.23
CA SER A 179 32.24 -6.77 -8.42
C SER A 179 33.33 -6.60 -9.47
N LEU A 180 34.16 -7.63 -9.65
CA LEU A 180 35.22 -7.57 -10.65
C LEU A 180 34.62 -8.18 -11.91
N GLY A 181 34.12 -7.32 -12.78
CA GLY A 181 33.46 -7.76 -14.00
C GLY A 181 31.97 -7.52 -13.81
N GLY A 182 31.15 -8.04 -14.73
CA GLY A 182 29.72 -7.84 -14.64
C GLY A 182 28.91 -9.10 -14.59
N VAL A 183 28.02 -9.26 -15.59
CA VAL A 183 27.16 -10.44 -15.65
C VAL A 183 27.93 -11.60 -16.28
N SER A 184 27.90 -12.76 -15.64
CA SER A 184 28.58 -13.92 -16.20
C SER A 184 27.56 -14.86 -16.82
N MET A 185 27.56 -14.97 -18.15
CA MET A 185 26.63 -15.86 -18.88
C MET A 185 25.15 -15.82 -18.43
N GLY A 186 24.60 -14.61 -18.29
CA GLY A 186 23.21 -14.45 -17.90
C GLY A 186 22.76 -15.01 -16.56
N ILE A 187 23.71 -15.23 -15.64
CA ILE A 187 23.39 -15.75 -14.31
C ILE A 187 22.79 -14.63 -13.46
N ALA A 188 21.56 -14.84 -13.03
CA ALA A 188 20.80 -13.88 -12.26
C ALA A 188 21.57 -13.22 -11.12
N GLY A 189 22.24 -14.05 -10.32
CA GLY A 189 23.01 -13.54 -9.20
C GLY A 189 24.18 -12.66 -9.60
N SER A 190 24.64 -12.75 -10.85
CA SER A 190 25.72 -11.88 -11.28
C SER A 190 25.21 -10.50 -11.76
N ILE A 191 23.89 -10.30 -11.75
CA ILE A 191 23.33 -9.01 -12.10
C ILE A 191 23.24 -8.43 -10.69
N VAL A 192 24.35 -7.84 -10.26
CA VAL A 192 24.49 -7.29 -8.92
C VAL A 192 23.46 -6.25 -8.59
N ASP A 193 22.72 -6.49 -7.51
CA ASP A 193 21.69 -5.59 -7.04
C ASP A 193 22.26 -4.62 -6.01
N HIS A 194 22.61 -3.39 -6.42
CA HIS A 194 23.18 -2.40 -5.48
C HIS A 194 22.26 -2.11 -4.30
N ASN A 195 20.96 -2.00 -4.58
CA ASN A 195 20.01 -1.71 -3.52
C ASN A 195 19.92 -2.79 -2.45
N PHE A 196 20.08 -4.05 -2.86
CA PHE A 196 20.01 -5.14 -1.89
C PHE A 196 21.15 -5.01 -0.86
N PHE A 197 22.36 -4.78 -1.38
CA PHE A 197 23.53 -4.64 -0.53
C PHE A 197 23.41 -3.46 0.42
N GLU A 198 22.96 -2.33 -0.12
CA GLU A 198 22.81 -1.12 0.67
C GLU A 198 21.69 -1.17 1.70
N SER A 199 20.50 -1.57 1.28
CA SER A 199 19.38 -1.57 2.21
C SER A 199 19.32 -2.68 3.22
N TRP A 200 19.61 -3.90 2.79
CA TRP A 200 19.54 -5.05 3.68
C TRP A 200 20.79 -5.31 4.51
N LEU A 201 21.94 -5.21 3.86
CA LEU A 201 23.21 -5.52 4.49
C LEU A 201 24.03 -4.31 4.96
N GLY A 202 23.65 -3.12 4.54
CA GLY A 202 24.38 -1.94 4.93
C GLY A 202 25.73 -1.85 4.27
N MET A 203 25.88 -2.50 3.11
CA MET A 203 27.15 -2.51 2.37
C MET A 203 27.12 -1.63 1.14
N LYS A 204 28.28 -1.42 0.53
CA LYS A 204 28.39 -0.62 -0.69
C LYS A 204 28.92 -1.54 -1.78
N VAL A 205 28.71 -1.17 -3.04
CA VAL A 205 29.16 -2.00 -4.13
C VAL A 205 30.15 -1.22 -4.96
N GLN A 206 31.30 -1.84 -5.22
CA GLN A 206 32.31 -1.21 -6.05
C GLN A 206 32.40 -2.05 -7.31
N ALA A 207 32.13 -1.46 -8.45
CA ALA A 207 32.19 -2.18 -9.70
C ALA A 207 33.49 -1.82 -10.38
N VAL A 208 34.20 -2.83 -10.85
CA VAL A 208 35.45 -2.67 -11.56
C VAL A 208 35.43 -3.58 -12.82
N ASP A 209 35.70 -3.00 -13.98
CA ASP A 209 35.73 -3.77 -15.21
C ASP A 209 36.98 -4.65 -15.18
N MET A 210 36.93 -5.82 -15.82
CA MET A 210 38.07 -6.76 -15.82
C MET A 210 39.34 -6.27 -16.52
N THR A 211 39.24 -5.23 -17.34
CA THR A 211 40.43 -4.67 -18.00
C THR A 211 41.38 -4.12 -16.92
N GLU A 212 40.83 -3.85 -15.73
CA GLU A 212 41.66 -3.36 -14.61
C GLU A 212 42.61 -4.48 -14.10
N LEU A 213 42.16 -5.73 -14.10
CA LEU A 213 43.01 -6.84 -13.66
C LEU A 213 44.10 -6.99 -14.72
N ARG A 214 43.72 -6.89 -15.98
CA ARG A 214 44.68 -6.99 -17.07
C ARG A 214 45.74 -5.87 -16.93
N ARG A 215 45.31 -4.67 -16.54
CA ARG A 215 46.25 -3.54 -16.39
C ARG A 215 47.26 -3.79 -15.25
N ARG A 216 46.79 -4.27 -14.11
CA ARG A 216 47.68 -4.54 -12.99
C ARG A 216 48.73 -5.60 -13.42
N ILE A 217 48.31 -6.61 -14.16
CA ILE A 217 49.24 -7.66 -14.59
C ILE A 217 50.25 -7.14 -15.62
N ASP A 218 49.76 -6.50 -16.67
CA ASP A 218 50.63 -6.00 -17.73
C ASP A 218 51.54 -4.87 -17.29
N GLN A 219 51.07 -4.05 -16.35
CA GLN A 219 51.87 -2.91 -15.92
C GLN A 219 52.65 -3.16 -14.65
N LYS A 220 52.78 -4.42 -14.27
CA LYS A 220 53.52 -4.79 -13.08
C LYS A 220 53.07 -4.10 -11.81
N ILE A 221 51.76 -3.87 -11.69
CA ILE A 221 51.21 -3.25 -10.48
C ILE A 221 50.96 -4.35 -9.46
N TYR A 222 52.04 -5.02 -9.06
CA TYR A 222 51.99 -6.10 -8.06
C TYR A 222 53.37 -6.20 -7.37
N ASP A 223 53.46 -6.98 -6.29
CA ASP A 223 54.72 -7.17 -5.58
C ASP A 223 55.55 -8.26 -6.31
N GLU A 224 56.55 -7.86 -7.10
CA GLU A 224 57.37 -8.81 -7.86
C GLU A 224 58.10 -9.84 -7.02
N ALA A 225 58.53 -9.44 -5.84
CA ALA A 225 59.23 -10.32 -4.95
C ALA A 225 58.25 -11.36 -4.41
N GLU A 226 57.00 -10.96 -4.20
CA GLU A 226 56.01 -11.90 -3.71
C GLU A 226 55.73 -12.92 -4.79
N LEU A 227 55.69 -12.50 -6.05
CA LEU A 227 55.44 -13.43 -7.16
C LEU A 227 56.49 -14.54 -7.12
N GLU A 228 57.77 -14.18 -7.10
CA GLU A 228 58.81 -15.20 -7.04
C GLU A 228 58.61 -16.18 -5.89
N MET A 229 58.13 -15.70 -4.75
CA MET A 229 57.89 -16.54 -3.58
C MET A 229 56.66 -17.46 -3.78
N ALA A 230 55.65 -16.95 -4.48
CA ALA A 230 54.45 -17.72 -4.75
C ALA A 230 54.80 -18.87 -5.71
N LEU A 231 55.59 -18.59 -6.75
CA LEU A 231 55.99 -19.59 -7.75
C LEU A 231 56.80 -20.71 -7.10
N ALA A 232 57.74 -20.34 -6.21
CA ALA A 232 58.58 -21.30 -5.50
C ALA A 232 57.70 -22.25 -4.69
N TRP A 233 56.71 -21.69 -4.01
CA TRP A 233 55.74 -22.45 -3.22
C TRP A 233 54.91 -23.39 -4.12
N ALA A 234 54.50 -22.90 -5.29
CA ALA A 234 53.72 -23.73 -6.21
C ALA A 234 54.57 -24.88 -6.70
N ASP A 235 55.79 -24.58 -7.15
CA ASP A 235 56.72 -25.59 -7.64
C ASP A 235 56.95 -26.69 -6.61
N LYS A 236 57.18 -26.29 -5.37
CA LYS A 236 57.44 -27.21 -4.29
C LYS A 236 56.24 -28.03 -3.82
N ASN A 237 55.05 -27.45 -3.91
CA ASN A 237 53.85 -28.14 -3.41
C ASN A 237 52.76 -28.63 -4.36
N PHE A 238 52.71 -28.08 -5.56
CA PHE A 238 51.66 -28.46 -6.51
C PHE A 238 51.79 -29.85 -7.12
N ARG A 239 50.74 -30.65 -6.93
CA ARG A 239 50.66 -31.97 -7.51
C ARG A 239 49.75 -31.79 -8.75
N TYR A 240 50.24 -32.13 -9.94
CA TYR A 240 49.45 -31.97 -11.16
C TYR A 240 48.70 -33.22 -11.61
N GLY A 241 47.45 -33.02 -12.01
CA GLY A 241 46.64 -34.11 -12.47
C GLY A 241 46.94 -34.31 -13.96
N GLU A 242 46.16 -35.16 -14.62
CA GLU A 242 46.41 -35.40 -16.02
C GLU A 242 45.62 -34.46 -16.88
N ASP A 243 46.24 -34.07 -17.98
CA ASP A 243 45.65 -33.18 -18.96
C ASP A 243 44.63 -34.00 -19.74
N GLU A 244 43.36 -33.61 -19.67
CA GLU A 244 42.34 -34.33 -20.42
C GLU A 244 41.87 -33.60 -21.68
N ASN A 245 42.67 -32.65 -22.13
CA ASN A 245 42.30 -31.91 -23.33
C ASN A 245 42.58 -32.69 -24.60
N ASN A 246 41.92 -32.30 -25.69
CA ASN A 246 42.16 -32.92 -26.98
C ASN A 246 43.62 -32.58 -27.28
N LYS A 247 44.33 -33.49 -27.94
CA LYS A 247 45.74 -33.32 -28.23
C LYS A 247 46.26 -31.98 -28.75
N GLN A 248 45.53 -31.34 -29.66
CA GLN A 248 45.98 -30.06 -30.23
C GLN A 248 46.01 -28.89 -29.26
N TYR A 249 45.29 -29.03 -28.15
CA TYR A 249 45.17 -27.97 -27.18
C TYR A 249 46.08 -28.10 -26.00
N GLN A 250 46.78 -29.22 -25.91
CA GLN A 250 47.69 -29.43 -24.81
C GLN A 250 48.86 -28.49 -24.98
N ARG A 251 49.21 -27.83 -23.89
CA ARG A 251 50.31 -26.87 -23.87
C ARG A 251 51.63 -27.48 -23.42
N ASN A 252 52.72 -27.03 -24.03
CA ASN A 252 54.05 -27.49 -23.68
C ASN A 252 54.39 -26.83 -22.33
N ALA A 253 55.45 -27.31 -21.67
CA ALA A 253 55.87 -26.80 -20.36
C ALA A 253 55.97 -25.27 -20.20
N GLU A 254 56.58 -24.62 -21.19
CA GLU A 254 56.74 -23.17 -21.17
C GLU A 254 55.37 -22.46 -21.05
N GLN A 255 54.45 -22.85 -21.91
CA GLN A 255 53.11 -22.26 -21.93
C GLN A 255 52.38 -22.57 -20.62
N SER A 256 52.61 -23.76 -20.08
CA SER A 256 51.95 -24.15 -18.85
C SER A 256 52.43 -23.31 -17.68
N ARG A 257 53.69 -22.86 -17.76
CA ARG A 257 54.27 -22.02 -16.72
C ARG A 257 53.64 -20.66 -16.83
N ALA A 258 53.54 -20.12 -18.05
CA ALA A 258 52.92 -18.83 -18.27
C ALA A 258 51.50 -18.80 -17.70
N VAL A 259 50.81 -19.94 -17.72
CA VAL A 259 49.45 -20.01 -17.19
C VAL A 259 49.47 -20.03 -15.66
N LEU A 260 50.38 -20.81 -15.10
CA LEU A 260 50.48 -20.92 -13.65
C LEU A 260 50.84 -19.56 -13.10
N ARG A 261 51.84 -18.91 -13.72
CA ARG A 261 52.33 -17.59 -13.35
C ARG A 261 51.19 -16.55 -13.34
N GLU A 262 50.47 -16.45 -14.46
CA GLU A 262 49.37 -15.52 -14.55
C GLU A 262 48.28 -15.82 -13.52
N SER A 263 48.00 -17.11 -13.31
CA SER A 263 46.97 -17.54 -12.35
C SER A 263 47.29 -17.08 -10.95
N LEU A 264 48.54 -17.19 -10.55
CA LEU A 264 48.95 -16.76 -9.21
C LEU A 264 48.90 -15.22 -9.10
N LEU A 265 49.24 -14.52 -10.19
CA LEU A 265 49.18 -13.06 -10.18
C LEU A 265 47.75 -12.61 -9.96
N MET A 266 46.80 -13.33 -10.57
CA MET A 266 45.39 -13.01 -10.44
C MET A 266 44.96 -13.05 -8.98
N ALA A 267 45.46 -14.04 -8.25
CA ALA A 267 45.14 -14.17 -6.84
C ALA A 267 45.69 -12.97 -6.10
N MET A 268 46.94 -12.64 -6.41
CA MET A 268 47.59 -11.53 -5.76
C MET A 268 46.87 -10.20 -5.97
N CYS A 269 46.60 -9.87 -7.24
CA CYS A 269 45.93 -8.61 -7.58
C CYS A 269 44.51 -8.50 -7.03
N ILE A 270 43.74 -9.58 -7.10
CA ILE A 270 42.39 -9.55 -6.56
C ILE A 270 42.44 -9.28 -5.07
N ARG A 271 43.32 -9.97 -4.36
CA ARG A 271 43.49 -9.77 -2.92
C ARG A 271 43.88 -8.29 -2.62
N ASP A 272 44.82 -7.78 -3.41
CA ASP A 272 45.27 -6.41 -3.25
C ASP A 272 44.12 -5.44 -3.49
N MET A 273 43.22 -5.77 -4.43
CA MET A 273 42.09 -4.92 -4.72
C MET A 273 41.10 -4.93 -3.56
N MET A 274 40.96 -6.09 -2.95
CA MET A 274 40.01 -6.22 -1.86
C MET A 274 40.40 -5.50 -0.60
N GLN A 275 41.64 -5.70 -0.16
CA GLN A 275 42.10 -5.09 1.08
C GLN A 275 43.24 -4.10 0.99
N GLY A 276 43.72 -3.84 -0.22
CA GLY A 276 44.83 -2.90 -0.39
C GLY A 276 46.18 -3.52 -0.15
N ASN A 277 47.25 -2.82 -0.51
CA ASN A 277 48.61 -3.33 -0.30
C ASN A 277 49.62 -2.18 -0.29
N SER A 278 50.20 -1.87 0.88
CA SER A 278 51.17 -0.77 1.00
C SER A 278 52.38 -0.88 0.08
N LYS A 279 52.81 -2.10 -0.24
CA LYS A 279 53.97 -2.28 -1.12
C LYS A 279 53.76 -1.63 -2.46
N LEU A 280 52.50 -1.44 -2.86
CA LEU A 280 52.23 -0.82 -4.17
C LEU A 280 52.64 0.66 -4.20
N ALA A 281 52.73 1.29 -3.03
CA ALA A 281 53.16 2.70 -2.94
C ALA A 281 54.64 2.78 -3.34
N ASP A 282 55.40 1.72 -3.03
CA ASP A 282 56.83 1.65 -3.35
C ASP A 282 57.09 1.72 -4.84
N ILE A 283 56.15 1.23 -5.65
CA ILE A 283 56.34 1.24 -7.10
C ILE A 283 55.57 2.33 -7.87
N GLY A 284 55.16 3.37 -7.14
CA GLY A 284 54.46 4.48 -7.76
C GLY A 284 52.97 4.32 -7.98
N ARG A 285 52.36 3.37 -7.29
CA ARG A 285 50.93 3.10 -7.42
C ARG A 285 50.20 3.37 -6.11
N VAL A 286 50.23 4.62 -5.68
CA VAL A 286 49.60 5.00 -4.42
C VAL A 286 48.09 4.89 -4.42
N GLU A 287 47.45 5.28 -5.52
CA GLU A 287 45.99 5.17 -5.58
C GLU A 287 45.60 3.69 -5.41
N GLU A 288 46.26 2.83 -6.19
CA GLU A 288 45.99 1.40 -6.17
C GLU A 288 46.31 0.74 -4.82
N SER A 289 47.21 1.33 -4.04
CA SER A 289 47.58 0.72 -2.77
C SER A 289 46.48 0.72 -1.73
N LEU A 290 45.51 1.62 -1.90
CA LEU A 290 44.42 1.76 -0.94
C LEU A 290 43.44 0.59 -0.87
N GLY A 291 43.15 -0.02 -2.01
CA GLY A 291 42.19 -1.11 -2.03
C GLY A 291 40.78 -0.57 -2.07
N TYR A 292 39.78 -1.45 -2.00
CA TYR A 292 38.41 -1.01 -2.05
C TYR A 292 37.61 -1.30 -0.82
N ASN A 293 38.29 -1.67 0.27
CA ASN A 293 37.61 -1.97 1.54
C ASN A 293 36.57 -3.09 1.34
N ALA A 294 36.88 -4.06 0.48
CA ALA A 294 35.95 -5.15 0.19
C ALA A 294 36.08 -6.31 1.16
N ILE A 295 34.95 -6.77 1.67
CA ILE A 295 34.92 -7.87 2.62
C ILE A 295 34.49 -9.14 1.88
N ALA A 296 34.10 -8.98 0.61
CA ALA A 296 33.67 -10.07 -0.27
C ALA A 296 33.80 -9.57 -1.71
N ALA A 297 34.06 -10.49 -2.63
CA ALA A 297 34.20 -10.14 -4.03
C ALA A 297 33.65 -11.22 -4.99
N GLY A 298 33.56 -10.87 -6.27
CA GLY A 298 33.09 -11.81 -7.27
C GLY A 298 33.94 -11.54 -8.49
N PHE A 299 34.30 -12.60 -9.22
CA PHE A 299 35.10 -12.47 -10.43
C PHE A 299 34.28 -13.05 -11.58
N GLN A 300 33.85 -12.19 -12.51
CA GLN A 300 33.03 -12.62 -13.62
C GLN A 300 33.62 -13.80 -14.38
N GLY A 301 34.84 -13.63 -14.89
CA GLY A 301 35.48 -14.70 -15.62
C GLY A 301 34.89 -14.88 -17.00
N GLN A 302 34.02 -15.89 -17.15
CA GLN A 302 33.37 -16.19 -18.43
C GLN A 302 32.35 -15.13 -18.78
N ARG A 303 32.17 -14.83 -20.06
CA ARG A 303 32.89 -15.48 -21.18
C ARG A 303 34.10 -14.65 -21.64
N HIS A 304 34.00 -13.34 -21.44
CA HIS A 304 34.96 -12.33 -21.91
C HIS A 304 36.42 -12.39 -21.52
N TRP A 305 36.69 -12.76 -20.27
CA TRP A 305 38.05 -12.89 -19.82
C TRP A 305 38.63 -14.25 -20.27
N THR A 306 37.91 -15.32 -19.91
CA THR A 306 38.28 -16.71 -20.18
C THR A 306 38.45 -17.12 -21.66
N ASP A 307 37.85 -16.37 -22.57
CA ASP A 307 38.01 -16.67 -24.00
C ASP A 307 39.38 -16.22 -24.49
N GLN A 308 40.20 -15.67 -23.62
CA GLN A 308 41.54 -15.20 -24.02
C GLN A 308 42.64 -15.25 -22.95
N TYR A 309 42.26 -15.24 -21.68
CA TYR A 309 43.23 -15.25 -20.58
C TYR A 309 42.95 -16.42 -19.66
N PRO A 310 43.92 -16.80 -18.81
CA PRO A 310 43.78 -17.91 -17.86
C PRO A 310 42.57 -17.72 -17.00
N ASN A 311 41.88 -18.80 -16.66
CA ASN A 311 40.67 -18.67 -15.87
C ASN A 311 40.96 -18.39 -14.40
N GLY A 312 39.90 -18.15 -13.63
CA GLY A 312 40.08 -17.87 -12.21
C GLY A 312 40.09 -19.03 -11.25
N ASP A 313 40.19 -20.26 -11.77
CA ASP A 313 40.19 -21.44 -10.90
C ASP A 313 41.23 -21.45 -9.78
N THR A 314 42.48 -21.20 -10.14
CA THR A 314 43.56 -21.19 -9.16
C THR A 314 43.39 -20.07 -8.14
N ALA A 315 43.14 -18.86 -8.64
CA ALA A 315 42.96 -17.68 -7.78
C ALA A 315 41.81 -17.91 -6.79
N GLU A 316 40.66 -18.31 -7.31
CA GLU A 316 39.51 -18.57 -6.48
C GLU A 316 39.78 -19.66 -5.44
N ALA A 317 40.42 -20.74 -5.87
CA ALA A 317 40.72 -21.83 -4.93
C ALA A 317 41.65 -21.37 -3.81
N ILE A 318 42.73 -20.67 -4.18
CA ILE A 318 43.70 -20.19 -3.19
C ILE A 318 43.10 -19.14 -2.25
N LEU A 319 42.52 -18.08 -2.82
CA LEU A 319 41.93 -17.01 -2.00
C LEU A 319 40.87 -17.48 -1.02
N ASN A 320 40.05 -18.45 -1.42
CA ASN A 320 39.00 -18.99 -0.55
C ASN A 320 39.50 -19.98 0.49
N SER A 321 40.76 -20.42 0.33
CA SER A 321 41.41 -21.36 1.24
C SER A 321 41.95 -20.59 2.44
N SER A 322 42.23 -21.29 3.53
CA SER A 322 42.77 -20.67 4.73
C SER A 322 44.32 -20.58 4.72
N PHE A 323 44.93 -20.59 3.53
CA PHE A 323 46.39 -20.55 3.46
C PHE A 323 46.89 -20.35 2.05
N ASP A 324 48.17 -19.98 1.95
CA ASP A 324 48.85 -19.80 0.68
C ASP A 324 50.35 -19.72 0.96
N TRP A 325 51.14 -19.25 0.00
CA TRP A 325 52.58 -19.14 0.18
C TRP A 325 53.02 -18.35 1.42
N ASN A 326 52.12 -17.54 1.97
CA ASN A 326 52.44 -16.73 3.14
C ASN A 326 52.02 -17.37 4.45
N GLY A 327 51.56 -18.62 4.41
CA GLY A 327 51.14 -19.28 5.64
C GLY A 327 49.62 -19.30 5.81
N VAL A 328 49.14 -19.72 6.98
CA VAL A 328 47.69 -19.76 7.19
C VAL A 328 47.20 -18.36 7.50
N ARG A 329 46.00 -18.06 7.05
CA ARG A 329 45.40 -16.74 7.23
C ARG A 329 43.92 -16.92 7.17
N GLU A 330 43.18 -15.84 7.41
CA GLU A 330 41.72 -15.88 7.33
C GLU A 330 41.39 -16.04 5.83
N PRO A 331 40.46 -16.97 5.46
CA PRO A 331 40.12 -17.11 4.04
C PRO A 331 39.36 -15.90 3.50
N PHE A 332 39.54 -15.59 2.22
CA PHE A 332 38.82 -14.50 1.62
C PHE A 332 37.50 -15.07 1.10
N VAL A 333 36.59 -14.19 0.66
CA VAL A 333 35.31 -14.65 0.09
C VAL A 333 35.24 -14.12 -1.36
N VAL A 334 35.56 -15.01 -2.32
CA VAL A 334 35.53 -14.68 -3.73
C VAL A 334 34.58 -15.62 -4.48
N ALA A 335 33.48 -15.06 -4.97
CA ALA A 335 32.46 -15.83 -5.68
C ALA A 335 32.79 -16.01 -7.15
N THR A 336 32.75 -17.26 -7.61
CA THR A 336 33.05 -17.51 -9.02
C THR A 336 31.87 -17.08 -9.88
N GLU A 337 32.16 -16.69 -11.12
CA GLU A 337 31.12 -16.21 -12.05
C GLU A 337 30.40 -14.94 -11.51
N ASN A 338 31.08 -14.22 -10.62
CA ASN A 338 30.56 -13.03 -10.01
C ASN A 338 29.15 -13.20 -9.45
N ASP A 339 28.85 -14.39 -8.95
CA ASP A 339 27.52 -14.66 -8.40
C ASP A 339 27.49 -14.06 -7.00
N SER A 340 27.11 -12.79 -6.95
CA SER A 340 27.05 -12.04 -5.69
C SER A 340 26.14 -12.64 -4.63
N LEU A 341 25.07 -13.29 -5.04
CA LEU A 341 24.13 -13.89 -4.09
C LEU A 341 24.77 -15.10 -3.41
N ASN A 342 25.64 -15.80 -4.12
CA ASN A 342 26.33 -16.92 -3.49
C ASN A 342 27.40 -16.31 -2.60
N GLY A 343 27.99 -15.20 -3.07
CA GLY A 343 28.99 -14.45 -2.30
C GLY A 343 28.43 -14.04 -0.94
N VAL A 344 27.16 -13.61 -0.95
CA VAL A 344 26.50 -13.21 0.27
C VAL A 344 26.33 -14.41 1.22
N ALA A 345 25.95 -15.57 0.68
CA ALA A 345 25.76 -16.77 1.50
C ALA A 345 27.11 -17.17 2.11
N MET A 346 28.17 -17.05 1.31
CA MET A 346 29.55 -17.34 1.73
C MET A 346 29.99 -16.35 2.83
N LEU A 347 29.67 -15.07 2.66
CA LEU A 347 30.00 -14.02 3.64
C LEU A 347 29.36 -14.36 4.98
N MET A 348 28.06 -14.68 4.94
CA MET A 348 27.33 -15.00 6.13
C MET A 348 27.95 -16.19 6.83
N GLY A 349 28.23 -17.24 6.05
CA GLY A 349 28.81 -18.45 6.62
C GLY A 349 30.16 -18.21 7.26
N HIS A 350 30.97 -17.41 6.58
CA HIS A 350 32.28 -17.08 7.11
C HIS A 350 32.20 -16.21 8.39
N GLN A 351 31.33 -15.20 8.40
CA GLN A 351 31.21 -14.34 9.56
C GLN A 351 30.67 -15.08 10.77
N LEU A 352 29.89 -16.13 10.53
CA LEU A 352 29.30 -16.92 11.59
C LEU A 352 30.24 -17.98 12.12
N THR A 353 31.11 -18.53 11.27
CA THR A 353 32.00 -19.61 11.71
C THR A 353 33.50 -19.33 11.69
N GLY A 354 33.92 -18.34 10.92
CA GLY A 354 35.33 -18.03 10.79
C GLY A 354 36.05 -19.04 9.90
N THR A 355 35.31 -19.91 9.20
CA THR A 355 35.90 -20.94 8.33
C THR A 355 35.85 -20.63 6.84
N ALA A 356 36.54 -21.45 6.04
CA ALA A 356 36.55 -21.32 4.57
C ALA A 356 35.19 -21.83 4.05
N GLN A 357 34.71 -21.25 2.96
CA GLN A 357 33.40 -21.62 2.41
C GLN A 357 33.55 -22.31 1.06
N VAL A 358 32.74 -23.33 0.83
CA VAL A 358 32.79 -24.07 -0.43
C VAL A 358 31.72 -23.63 -1.43
N PHE A 359 32.18 -23.11 -2.56
CA PHE A 359 31.29 -22.65 -3.64
C PHE A 359 30.98 -23.90 -4.48
N ALA A 360 29.71 -24.17 -4.77
CA ALA A 360 29.36 -25.34 -5.54
C ALA A 360 28.22 -25.20 -6.54
N ASP A 361 28.33 -25.94 -7.65
CA ASP A 361 27.26 -26.00 -8.65
C ASP A 361 26.46 -27.21 -8.14
N VAL A 362 25.15 -27.06 -8.01
CA VAL A 362 24.30 -28.17 -7.59
C VAL A 362 24.07 -28.86 -8.93
N ARG A 363 24.98 -29.77 -9.31
CA ARG A 363 24.88 -30.39 -10.61
C ARG A 363 23.92 -31.54 -10.92
N THR A 364 23.88 -32.57 -10.08
CA THR A 364 23.03 -33.71 -10.39
C THR A 364 22.35 -34.32 -9.19
N TYR A 365 21.14 -34.80 -9.41
CA TYR A 365 20.43 -35.51 -8.38
C TYR A 365 20.48 -36.97 -8.87
N TRP A 366 21.09 -37.83 -8.06
CA TRP A 366 21.21 -39.23 -8.38
C TRP A 366 20.25 -40.03 -7.53
N SER A 367 19.18 -40.53 -8.16
CA SER A 367 18.20 -41.32 -7.44
C SER A 367 18.78 -42.70 -7.22
N PRO A 368 18.32 -43.42 -6.19
CA PRO A 368 18.86 -44.76 -5.98
C PRO A 368 18.69 -45.67 -7.21
N GLU A 369 17.60 -45.46 -7.96
CA GLU A 369 17.32 -46.24 -9.17
C GLU A 369 18.36 -45.94 -10.23
N ALA A 370 18.67 -44.66 -10.39
CA ALA A 370 19.66 -44.24 -11.37
C ALA A 370 21.05 -44.78 -11.00
N ILE A 371 21.38 -44.79 -9.71
CA ILE A 371 22.67 -45.29 -9.25
C ILE A 371 22.78 -46.76 -9.64
N GLU A 372 21.77 -47.54 -9.22
CA GLU A 372 21.75 -48.96 -9.49
C GLU A 372 21.90 -49.25 -10.97
N ARG A 373 21.11 -48.57 -11.79
CA ARG A 373 21.18 -48.75 -13.24
C ARG A 373 22.58 -48.53 -13.84
N VAL A 374 23.24 -47.44 -13.48
CA VAL A 374 24.55 -47.16 -14.08
C VAL A 374 25.75 -47.84 -13.43
N THR A 375 25.64 -48.24 -12.16
CA THR A 375 26.77 -48.86 -11.47
C THR A 375 26.53 -50.27 -10.91
N GLY A 376 25.27 -50.65 -10.78
CA GLY A 376 24.95 -51.96 -10.25
C GLY A 376 24.86 -51.99 -8.74
N HIS A 377 25.50 -51.04 -8.05
CA HIS A 377 25.45 -51.01 -6.59
C HIS A 377 24.07 -50.55 -6.07
N LYS A 378 23.55 -51.25 -5.07
CA LYS A 378 22.29 -50.90 -4.44
C LYS A 378 22.75 -50.15 -3.20
N LEU A 379 22.77 -48.82 -3.30
CA LEU A 379 23.24 -47.93 -2.24
C LEU A 379 22.57 -47.94 -0.85
N ASP A 380 23.35 -47.69 0.20
CA ASP A 380 22.83 -47.67 1.59
C ASP A 380 23.55 -46.66 2.51
N GLY A 381 23.12 -46.57 3.77
CA GLY A 381 23.73 -45.62 4.70
C GLY A 381 23.11 -44.25 4.48
N LEU A 382 23.90 -43.19 4.60
CA LEU A 382 23.39 -41.84 4.39
C LEU A 382 22.88 -41.67 2.96
N ALA A 383 23.50 -42.36 2.02
CA ALA A 383 23.14 -42.25 0.61
C ALA A 383 21.95 -43.10 0.20
N GLU A 384 21.35 -43.78 1.16
CA GLU A 384 20.23 -44.67 0.89
C GLU A 384 19.05 -44.10 0.08
N HIS A 385 18.73 -42.82 0.29
CA HIS A 385 17.60 -42.19 -0.38
C HIS A 385 17.89 -41.30 -1.58
N GLY A 386 19.14 -41.26 -2.03
CA GLY A 386 19.48 -40.42 -3.15
C GLY A 386 20.67 -39.58 -2.76
N ILE A 387 21.29 -38.94 -3.73
CA ILE A 387 22.47 -38.18 -3.45
C ILE A 387 22.58 -36.99 -4.42
N ILE A 388 23.11 -35.87 -3.95
CA ILE A 388 23.24 -34.69 -4.81
C ILE A 388 24.70 -34.44 -5.07
N HIS A 389 25.05 -34.28 -6.34
CA HIS A 389 26.43 -34.04 -6.71
C HIS A 389 26.77 -32.54 -6.73
N LEU A 390 27.62 -32.10 -5.80
CA LEU A 390 28.06 -30.70 -5.70
C LEU A 390 29.50 -30.58 -6.21
N ILE A 391 29.67 -29.91 -7.35
CA ILE A 391 30.96 -29.73 -8.01
C ILE A 391 31.01 -28.31 -8.56
N ASN A 392 31.93 -27.48 -8.08
CA ASN A 392 32.00 -26.15 -8.68
C ASN A 392 32.79 -26.32 -9.98
N SER A 393 32.59 -25.39 -10.92
CA SER A 393 33.27 -25.47 -12.22
C SER A 393 34.78 -25.19 -12.25
N GLY A 394 35.53 -25.81 -11.34
CA GLY A 394 36.97 -25.64 -11.33
C GLY A 394 37.68 -25.17 -10.08
N SER A 395 36.98 -24.61 -9.11
CA SER A 395 37.62 -24.13 -7.90
C SER A 395 36.81 -24.41 -6.69
N ALA A 396 37.48 -24.51 -5.56
CA ALA A 396 36.85 -24.73 -4.27
C ALA A 396 37.96 -24.61 -3.23
N ALA A 397 37.64 -24.03 -2.09
CA ALA A 397 38.61 -23.85 -1.03
C ALA A 397 39.24 -25.21 -0.74
N LEU A 398 40.57 -25.27 -0.74
CA LEU A 398 41.27 -26.52 -0.49
C LEU A 398 40.92 -27.12 0.88
N ASP A 399 40.44 -26.28 1.80
CA ASP A 399 40.01 -26.74 3.13
C ASP A 399 38.87 -27.75 2.92
N GLY A 400 38.16 -27.61 1.80
CA GLY A 400 37.04 -28.47 1.48
C GLY A 400 37.35 -29.94 1.36
N SER A 401 38.62 -30.31 1.23
CA SER A 401 39.01 -31.72 1.15
C SER A 401 38.72 -32.41 2.48
N CYS A 402 38.62 -31.61 3.56
CA CYS A 402 38.36 -32.09 4.91
C CYS A 402 39.50 -32.97 5.45
N LYS A 403 40.73 -32.54 5.18
CA LYS A 403 41.93 -33.23 5.64
C LYS A 403 42.32 -32.73 7.04
N GLN A 404 41.71 -31.64 7.50
CA GLN A 404 41.98 -31.12 8.84
C GLN A 404 41.25 -32.06 9.81
N ARG A 405 41.68 -32.10 11.05
CA ARG A 405 41.07 -33.00 12.00
C ARG A 405 40.75 -32.25 13.26
N ASP A 406 39.68 -32.67 13.93
CA ASP A 406 39.27 -32.05 15.19
C ASP A 406 39.92 -32.80 16.35
N SER A 407 39.54 -32.46 17.57
CA SER A 407 40.08 -33.09 18.79
C SER A 407 39.92 -34.62 18.77
N GLU A 408 38.73 -35.08 18.42
CA GLU A 408 38.42 -36.50 18.35
C GLU A 408 39.04 -37.23 17.14
N GLY A 409 39.74 -36.53 16.26
CA GLY A 409 40.35 -37.16 15.10
C GLY A 409 39.51 -37.21 13.81
N ASN A 410 38.30 -36.66 13.86
CA ASN A 410 37.39 -36.66 12.70
C ASN A 410 37.70 -35.62 11.62
N PRO A 411 37.39 -35.93 10.34
CA PRO A 411 37.66 -34.97 9.26
C PRO A 411 36.76 -33.74 9.46
N THR A 412 37.31 -32.54 9.27
CA THR A 412 36.56 -31.31 9.48
C THR A 412 37.17 -30.09 8.79
N MET A 413 36.53 -28.93 9.00
CA MET A 413 37.01 -27.65 8.48
C MET A 413 37.01 -26.75 9.72
N LYS A 414 38.13 -26.09 9.96
CA LYS A 414 38.27 -25.29 11.17
C LYS A 414 38.58 -23.84 10.94
N PRO A 415 38.37 -22.99 11.97
CA PRO A 415 38.65 -21.55 11.88
C PRO A 415 40.16 -21.44 11.69
N HIS A 416 40.63 -20.50 10.88
CA HIS A 416 42.06 -20.36 10.60
C HIS A 416 43.04 -20.32 11.77
N TRP A 417 42.58 -19.85 12.92
CA TRP A 417 43.43 -19.78 14.10
C TRP A 417 43.68 -21.15 14.77
N GLU A 418 42.99 -22.18 14.28
CA GLU A 418 43.13 -23.53 14.81
C GLU A 418 43.73 -24.47 13.77
N ILE A 419 44.15 -23.92 12.65
CA ILE A 419 44.73 -24.72 11.58
C ILE A 419 46.24 -24.63 11.70
N SER A 420 46.91 -25.79 11.73
CA SER A 420 48.38 -25.86 11.82
C SER A 420 48.96 -25.97 10.42
N GLN A 421 50.21 -25.52 10.23
CA GLN A 421 50.82 -25.60 8.91
C GLN A 421 50.81 -27.04 8.37
N GLN A 422 50.79 -28.01 9.27
CA GLN A 422 50.77 -29.41 8.88
C GLN A 422 49.47 -29.73 8.17
N GLU A 423 48.37 -29.27 8.75
CA GLU A 423 47.06 -29.49 8.18
C GLU A 423 46.95 -28.76 6.85
N ALA A 424 47.52 -27.56 6.76
CA ALA A 424 47.48 -26.78 5.52
C ALA A 424 48.15 -27.58 4.40
N ASP A 425 49.33 -28.13 4.69
CA ASP A 425 50.09 -28.91 3.71
C ASP A 425 49.35 -30.19 3.34
N ALA A 426 48.64 -30.79 4.29
CA ALA A 426 47.89 -32.00 4.00
C ALA A 426 46.77 -31.73 2.98
N CYS A 427 46.12 -30.58 3.11
CA CYS A 427 45.04 -30.16 2.23
C CYS A 427 45.59 -29.95 0.83
N LEU A 428 46.78 -29.37 0.75
CA LEU A 428 47.43 -29.13 -0.54
C LEU A 428 47.84 -30.46 -1.18
N ALA A 429 48.26 -31.40 -0.35
CA ALA A 429 48.70 -32.71 -0.82
C ALA A 429 47.51 -33.53 -1.34
N ALA A 430 46.31 -33.23 -0.85
CA ALA A 430 45.09 -33.95 -1.26
C ALA A 430 44.46 -33.32 -2.50
N THR A 431 45.11 -32.33 -3.07
CA THR A 431 44.60 -31.61 -4.23
C THR A 431 45.50 -31.83 -5.44
N GLU A 432 44.89 -32.03 -6.61
CA GLU A 432 45.61 -32.18 -7.88
C GLU A 432 45.18 -31.04 -8.78
N TRP A 433 46.14 -30.38 -9.42
CA TRP A 433 45.86 -29.26 -10.30
C TRP A 433 45.79 -29.76 -11.74
N CYS A 434 44.60 -29.66 -12.34
CA CYS A 434 44.39 -30.13 -13.71
C CYS A 434 44.16 -29.01 -14.70
N PRO A 435 44.75 -29.11 -15.91
CA PRO A 435 44.59 -28.09 -16.96
C PRO A 435 43.12 -27.86 -17.29
N ALA A 436 42.74 -26.61 -17.53
CA ALA A 436 41.37 -26.27 -17.87
C ALA A 436 41.04 -26.81 -19.26
N ILE A 437 39.78 -27.18 -19.49
CA ILE A 437 39.31 -27.70 -20.77
C ILE A 437 39.24 -26.52 -21.74
N HIS A 438 40.12 -26.56 -22.73
CA HIS A 438 40.28 -25.53 -23.75
C HIS A 438 39.06 -24.93 -24.47
N GLU A 439 38.10 -25.74 -24.87
CA GLU A 439 36.94 -25.22 -25.57
C GLU A 439 36.09 -24.31 -24.68
N TYR A 440 36.10 -24.57 -23.38
CA TYR A 440 35.34 -23.75 -22.44
C TYR A 440 36.19 -22.61 -21.91
N PHE A 441 37.47 -22.87 -21.66
CA PHE A 441 38.40 -21.90 -21.13
C PHE A 441 39.61 -21.76 -22.05
N ARG A 442 39.42 -21.01 -23.13
CA ARG A 442 40.45 -20.81 -24.16
C ARG A 442 41.80 -20.27 -23.73
N GLY A 443 41.82 -19.56 -22.61
CA GLY A 443 43.06 -19.00 -22.14
C GLY A 443 43.78 -19.95 -21.20
N GLY A 444 43.13 -21.07 -20.89
CA GLY A 444 43.74 -22.06 -20.01
C GLY A 444 43.45 -21.83 -18.53
N GLY A 445 44.09 -22.62 -17.69
CA GLY A 445 43.88 -22.48 -16.27
C GLY A 445 44.21 -23.77 -15.56
N TYR A 446 44.10 -23.78 -14.25
CA TYR A 446 44.36 -24.97 -13.45
C TYR A 446 43.27 -25.14 -12.40
N SER A 447 42.50 -26.20 -12.53
CA SER A 447 41.41 -26.52 -11.60
C SER A 447 41.92 -27.25 -10.36
N SER A 448 41.28 -27.04 -9.23
CA SER A 448 41.65 -27.70 -7.99
C SER A 448 40.76 -28.93 -7.76
N ARG A 449 41.30 -30.12 -8.02
CA ARG A 449 40.54 -31.35 -7.82
C ARG A 449 40.86 -32.07 -6.52
N PHE A 450 39.82 -32.30 -5.73
CA PHE A 450 39.93 -33.04 -4.48
C PHE A 450 38.58 -33.73 -4.26
N LEU A 451 38.51 -34.64 -3.30
CA LEU A 451 37.29 -35.37 -3.02
C LEU A 451 37.07 -35.16 -1.55
N THR A 452 35.95 -34.56 -1.18
CA THR A 452 35.63 -34.32 0.21
C THR A 452 35.34 -35.64 0.93
N GLU A 453 35.93 -35.81 2.10
CA GLU A 453 35.72 -37.01 2.91
C GLU A 453 34.24 -37.15 3.30
N GLY A 454 33.78 -38.39 3.38
CA GLY A 454 32.41 -38.66 3.76
C GLY A 454 32.15 -38.59 5.26
N GLY A 455 30.88 -38.52 5.63
CA GLY A 455 30.49 -38.47 7.02
C GLY A 455 30.61 -37.14 7.72
N VAL A 456 30.84 -36.08 6.97
CA VAL A 456 31.02 -34.75 7.54
C VAL A 456 29.73 -33.94 7.48
N PRO A 457 29.28 -33.40 8.63
CA PRO A 457 28.04 -32.60 8.65
C PRO A 457 28.26 -31.27 7.93
N PHE A 458 27.33 -30.93 7.03
CA PHE A 458 27.42 -29.69 6.28
C PHE A 458 26.09 -28.99 6.23
N THR A 459 26.14 -27.70 5.96
CA THR A 459 24.94 -26.93 5.83
C THR A 459 25.03 -26.24 4.47
N MET A 460 24.05 -26.52 3.61
CA MET A 460 24.00 -25.90 2.29
C MET A 460 23.01 -24.73 2.33
N THR A 461 23.42 -23.58 1.82
CA THR A 461 22.56 -22.39 1.81
C THR A 461 22.62 -21.66 0.49
N ARG A 462 21.68 -20.73 0.31
CA ARG A 462 21.62 -19.92 -0.89
C ARG A 462 20.65 -18.76 -0.65
N VAL A 463 21.01 -17.59 -1.15
CA VAL A 463 20.18 -16.41 -1.04
C VAL A 463 19.71 -16.11 -2.48
N ASN A 464 18.43 -15.80 -2.63
CA ASN A 464 17.89 -15.46 -3.94
C ASN A 464 17.05 -14.22 -3.82
N ILE A 465 17.01 -13.43 -4.88
CA ILE A 465 16.18 -12.23 -4.87
C ILE A 465 14.96 -12.50 -5.75
N ILE A 466 13.79 -12.42 -5.12
CA ILE A 466 12.53 -12.66 -5.79
C ILE A 466 11.81 -11.32 -5.99
N LYS A 467 11.65 -10.90 -7.24
CA LYS A 467 10.99 -9.63 -7.47
C LYS A 467 9.59 -9.63 -6.83
N GLY A 468 9.30 -8.57 -6.09
CA GLY A 468 8.00 -8.41 -5.44
C GLY A 468 7.96 -8.95 -4.03
N LEU A 469 9.04 -9.63 -3.63
CA LEU A 469 9.11 -10.23 -2.30
C LEU A 469 10.39 -9.73 -1.63
N GLY A 470 11.48 -9.74 -2.41
CA GLY A 470 12.77 -9.32 -1.90
C GLY A 470 13.67 -10.53 -1.78
N PRO A 471 14.71 -10.47 -0.94
CA PRO A 471 15.60 -11.62 -0.79
C PRO A 471 15.00 -12.70 0.13
N VAL A 472 15.37 -13.95 -0.14
CA VAL A 472 14.93 -15.08 0.67
C VAL A 472 16.16 -15.99 0.86
N LEU A 473 16.16 -16.76 1.95
CA LEU A 473 17.25 -17.66 2.26
C LEU A 473 16.77 -19.11 2.24
N GLN A 474 17.61 -20.01 1.74
CA GLN A 474 17.30 -21.44 1.68
C GLN A 474 18.40 -22.14 2.48
N ILE A 475 18.02 -23.13 3.27
CA ILE A 475 18.97 -23.88 4.07
C ILE A 475 18.68 -25.38 3.94
N ALA A 476 19.72 -26.20 3.92
CA ALA A 476 19.57 -27.66 3.86
C ALA A 476 20.75 -28.28 4.58
N GLU A 477 20.52 -28.76 5.81
CA GLU A 477 21.58 -29.40 6.56
C GLU A 477 21.66 -30.86 6.08
N GLY A 478 22.85 -31.44 6.07
CA GLY A 478 23.02 -32.81 5.63
C GLY A 478 24.42 -33.30 5.96
N TRP A 479 24.91 -34.26 5.17
CA TRP A 479 26.25 -34.81 5.38
C TRP A 479 26.87 -35.10 4.04
N SER A 480 28.20 -35.13 4.01
CA SER A 480 28.90 -35.49 2.78
C SER A 480 28.95 -37.01 2.92
N VAL A 481 28.88 -37.73 1.82
CA VAL A 481 28.95 -39.18 1.92
C VAL A 481 30.12 -39.74 1.14
N GLU A 482 30.53 -40.93 1.53
CA GLU A 482 31.64 -41.61 0.88
C GLU A 482 31.08 -42.76 0.06
N LEU A 483 31.35 -42.73 -1.22
CA LEU A 483 30.90 -43.78 -2.11
C LEU A 483 32.04 -44.76 -2.35
N PRO A 484 31.72 -46.04 -2.56
CA PRO A 484 32.78 -47.02 -2.81
C PRO A 484 33.52 -46.62 -4.09
N LYS A 485 34.85 -46.67 -4.07
CA LYS A 485 35.68 -46.28 -5.24
C LYS A 485 35.13 -46.53 -6.63
N ASP A 486 34.71 -47.77 -6.89
CA ASP A 486 34.16 -48.15 -8.18
C ASP A 486 32.97 -47.28 -8.60
N VAL A 487 32.05 -47.07 -7.68
CA VAL A 487 30.88 -46.25 -7.96
C VAL A 487 31.27 -44.78 -8.23
N HIS A 488 32.10 -44.22 -7.36
CA HIS A 488 32.57 -42.85 -7.50
C HIS A 488 33.21 -42.62 -8.87
N ASP A 489 34.00 -43.58 -9.34
CA ASP A 489 34.67 -43.44 -10.64
C ASP A 489 33.72 -43.43 -11.82
N ILE A 490 32.70 -44.27 -11.76
CA ILE A 490 31.70 -44.35 -12.83
C ILE A 490 31.02 -42.99 -12.97
N LEU A 491 30.52 -42.49 -11.84
CA LEU A 491 29.83 -41.21 -11.82
C LEU A 491 30.75 -40.02 -12.15
N ASN A 492 31.97 -40.04 -11.60
CA ASN A 492 32.93 -38.96 -11.83
C ASN A 492 33.40 -38.82 -13.29
N LYS A 493 33.70 -39.93 -13.97
CA LYS A 493 34.16 -39.82 -15.36
C LYS A 493 33.02 -39.46 -16.33
N ARG A 494 31.80 -39.70 -15.86
CA ARG A 494 30.57 -39.42 -16.60
C ARG A 494 30.13 -37.94 -16.48
N THR A 495 30.68 -37.24 -15.49
CA THR A 495 30.33 -35.83 -15.24
C THR A 495 31.46 -34.85 -15.57
N ASN A 496 32.35 -34.57 -14.62
CA ASN A 496 33.49 -33.66 -14.83
C ASN A 496 34.63 -34.03 -13.87
N SER A 497 35.38 -35.07 -14.23
CA SER A 497 36.47 -35.61 -13.44
C SER A 497 37.59 -34.67 -12.97
N THR A 498 37.80 -33.55 -13.65
CA THR A 498 38.85 -32.61 -13.26
C THR A 498 38.39 -31.54 -12.26
N TRP A 499 37.15 -31.64 -11.79
CA TRP A 499 36.60 -30.68 -10.83
C TRP A 499 36.45 -31.25 -9.39
N PRO A 500 36.45 -30.39 -8.36
CA PRO A 500 36.31 -30.85 -6.98
C PRO A 500 34.92 -31.42 -6.71
N THR A 501 34.85 -32.58 -6.05
CA THR A 501 33.57 -33.23 -5.75
C THR A 501 33.22 -33.36 -4.26
N THR A 502 31.93 -33.26 -3.99
CA THR A 502 31.36 -33.41 -2.66
C THR A 502 30.01 -34.10 -2.90
N TRP A 503 29.83 -35.32 -2.38
CA TRP A 503 28.56 -36.05 -2.54
C TRP A 503 27.81 -35.66 -1.30
N PHE A 504 26.60 -35.13 -1.50
CA PHE A 504 25.78 -34.60 -0.40
C PHE A 504 24.45 -35.30 -0.20
N ALA A 505 24.12 -35.60 1.05
CA ALA A 505 22.85 -36.24 1.41
C ALA A 505 22.15 -35.36 2.46
N PRO A 506 21.05 -34.67 2.05
CA PRO A 506 20.30 -33.80 2.96
C PRO A 506 19.48 -34.59 3.98
N ARG A 507 19.34 -34.07 5.19
CA ARG A 507 18.54 -34.75 6.20
C ARG A 507 17.09 -34.60 5.79
N LEU A 508 16.34 -35.71 5.71
CA LEU A 508 14.94 -35.62 5.33
C LEU A 508 14.04 -35.46 6.55
N THR A 509 12.92 -34.76 6.38
CA THR A 509 11.96 -34.55 7.47
C THR A 509 10.62 -35.22 7.18
N GLY A 510 10.41 -35.62 5.92
CA GLY A 510 9.17 -36.25 5.51
C GLY A 510 8.10 -35.25 5.07
N LYS A 511 8.33 -33.96 5.28
CA LYS A 511 7.37 -32.92 4.91
C LYS A 511 7.96 -31.89 3.95
N GLY A 512 7.08 -31.31 3.13
CA GLY A 512 7.47 -30.28 2.19
C GLY A 512 8.59 -30.67 1.26
N PRO A 513 9.54 -29.75 0.99
CA PRO A 513 10.67 -30.04 0.10
C PRO A 513 11.60 -31.12 0.65
N PHE A 514 11.42 -31.51 1.92
CA PHE A 514 12.29 -32.51 2.52
C PHE A 514 11.62 -33.87 2.67
N THR A 515 10.76 -34.18 1.69
CA THR A 515 10.04 -35.45 1.64
C THR A 515 11.04 -36.50 1.15
N ASP A 516 11.85 -36.11 0.18
CA ASP A 516 12.86 -37.00 -0.38
C ASP A 516 13.95 -36.14 -0.98
N VAL A 517 15.05 -36.77 -1.37
CA VAL A 517 16.17 -36.04 -1.93
C VAL A 517 15.84 -35.33 -3.21
N TYR A 518 14.96 -35.89 -4.03
CA TYR A 518 14.59 -35.24 -5.28
C TYR A 518 13.95 -33.87 -5.05
N SER A 519 13.08 -33.79 -4.05
CA SER A 519 12.39 -32.54 -3.70
C SER A 519 13.33 -31.45 -3.22
N VAL A 520 14.38 -31.81 -2.48
CA VAL A 520 15.35 -30.82 -2.02
C VAL A 520 15.97 -30.18 -3.26
N MET A 521 16.39 -31.00 -4.21
CA MET A 521 17.01 -30.52 -5.46
C MET A 521 16.01 -29.67 -6.28
N ALA A 522 14.83 -30.23 -6.51
CA ALA A 522 13.80 -29.56 -7.28
C ALA A 522 13.36 -28.19 -6.73
N ASN A 523 13.48 -28.00 -5.43
CA ASN A 523 13.11 -26.73 -4.80
C ASN A 523 14.29 -25.80 -4.55
N TRP A 524 15.48 -26.12 -5.05
CA TRP A 524 16.61 -25.22 -4.82
C TRP A 524 16.36 -24.07 -5.77
N GLY A 525 16.62 -22.84 -5.33
CA GLY A 525 16.32 -21.67 -6.16
C GLY A 525 17.34 -21.14 -7.15
N ALA A 526 18.43 -21.84 -7.34
CA ALA A 526 19.48 -21.44 -8.28
C ALA A 526 20.34 -22.69 -8.58
N ASN A 527 21.34 -22.52 -9.44
CA ASN A 527 22.23 -23.62 -9.80
C ASN A 527 23.46 -23.66 -8.90
N HIS A 528 23.54 -22.74 -7.93
CA HIS A 528 24.68 -22.66 -7.01
C HIS A 528 24.24 -22.76 -5.59
N GLY A 529 25.18 -23.11 -4.73
CA GLY A 529 24.89 -23.24 -3.32
C GLY A 529 26.20 -23.05 -2.60
N VAL A 530 26.13 -22.97 -1.28
CA VAL A 530 27.31 -22.77 -0.49
C VAL A 530 27.28 -23.82 0.59
N LEU A 531 28.45 -24.38 0.87
CA LEU A 531 28.60 -25.38 1.92
C LEU A 531 29.40 -24.78 3.06
N THR A 532 28.84 -24.83 4.26
CA THR A 532 29.49 -24.33 5.47
C THR A 532 29.59 -25.57 6.36
N ILE A 533 30.76 -25.74 7.00
CA ILE A 533 31.01 -26.88 7.87
C ILE A 533 30.03 -26.93 9.05
N GLY A 534 29.61 -28.14 9.42
CA GLY A 534 28.71 -28.33 10.53
C GLY A 534 27.24 -28.14 10.22
N HIS A 535 26.44 -28.24 11.27
CA HIS A 535 25.01 -28.03 11.15
C HIS A 535 24.73 -26.68 11.78
N VAL A 536 24.91 -25.64 10.97
CA VAL A 536 24.71 -24.27 11.44
C VAL A 536 23.43 -23.59 10.96
N GLY A 537 22.41 -24.38 10.63
CA GLY A 537 21.17 -23.80 10.15
C GLY A 537 20.53 -22.85 11.16
N ALA A 538 20.57 -23.23 12.43
CA ALA A 538 20.00 -22.40 13.49
C ALA A 538 20.67 -21.02 13.54
N ASP A 539 21.97 -20.95 13.24
CA ASP A 539 22.69 -19.69 13.23
C ASP A 539 22.25 -18.85 12.03
N PHE A 540 22.09 -19.49 10.88
CA PHE A 540 21.66 -18.78 9.68
C PHE A 540 20.25 -18.26 9.91
N ILE A 541 19.42 -19.01 10.62
CA ILE A 541 18.03 -18.59 10.89
C ILE A 541 18.01 -17.33 11.76
N THR A 542 18.81 -17.32 12.82
CA THR A 542 18.88 -16.18 13.72
C THR A 542 19.41 -14.95 12.98
N LEU A 543 20.47 -15.17 12.19
CA LEU A 543 21.08 -14.08 11.41
C LEU A 543 20.07 -13.51 10.39
N ALA A 544 19.29 -14.39 9.77
CA ALA A 544 18.34 -13.93 8.78
C ALA A 544 17.25 -13.10 9.44
N SER A 545 16.81 -13.48 10.63
CA SER A 545 15.78 -12.72 11.33
C SER A 545 16.29 -11.30 11.69
N MET A 546 17.59 -11.17 11.93
CA MET A 546 18.16 -9.86 12.25
C MET A 546 18.19 -8.96 11.02
N LEU A 547 18.30 -9.57 9.85
CA LEU A 547 18.34 -8.85 8.57
C LEU A 547 16.97 -8.78 7.86
N ARG A 548 15.97 -9.41 8.45
CA ARG A 548 14.61 -9.48 7.89
C ARG A 548 14.54 -10.19 6.53
N ILE A 549 15.30 -11.27 6.42
CA ILE A 549 15.30 -12.06 5.19
C ILE A 549 14.50 -13.32 5.51
N PRO A 550 13.34 -13.56 4.84
CA PRO A 550 12.54 -14.76 5.12
C PRO A 550 13.27 -16.04 4.71
N VAL A 551 13.11 -17.07 5.51
CA VAL A 551 13.72 -18.37 5.23
C VAL A 551 12.61 -19.15 4.52
N CYS A 552 12.70 -19.25 3.20
CA CYS A 552 11.66 -19.93 2.44
C CYS A 552 11.76 -21.45 2.47
N MET A 553 12.89 -21.97 2.94
CA MET A 553 13.08 -23.42 2.99
C MET A 553 14.21 -23.80 3.96
N HIS A 554 13.93 -24.75 4.84
CA HIS A 554 14.93 -25.25 5.79
C HIS A 554 14.45 -26.56 6.45
N ASN A 555 15.39 -27.32 6.99
CA ASN A 555 15.07 -28.58 7.66
C ASN A 555 15.56 -28.57 9.08
N VAL A 556 15.59 -27.40 9.71
CA VAL A 556 16.06 -27.25 11.07
C VAL A 556 14.92 -27.53 12.03
N GLU A 557 15.23 -28.14 13.16
CA GLU A 557 14.22 -28.45 14.16
C GLU A 557 13.57 -27.18 14.68
N GLU A 558 12.25 -27.24 14.78
CA GLU A 558 11.46 -26.12 15.24
C GLU A 558 11.94 -25.56 16.59
N THR A 559 12.39 -26.44 17.47
CA THR A 559 12.84 -25.98 18.78
C THR A 559 14.13 -25.19 18.74
N LYS A 560 14.86 -25.30 17.63
CA LYS A 560 16.11 -24.57 17.50
C LYS A 560 15.99 -23.20 16.83
N VAL A 561 14.78 -22.77 16.44
CA VAL A 561 14.66 -21.47 15.80
C VAL A 561 14.57 -20.39 16.88
N TYR A 562 15.49 -19.45 16.79
CA TYR A 562 15.63 -18.39 17.75
C TYR A 562 15.58 -17.08 16.99
N ARG A 563 14.53 -16.29 17.21
CA ARG A 563 14.35 -15.00 16.54
C ARG A 563 13.85 -13.95 17.56
N PRO A 564 13.77 -12.65 17.18
CA PRO A 564 13.30 -11.62 18.12
C PRO A 564 11.94 -12.03 18.62
N SER A 565 11.60 -11.69 19.87
CA SER A 565 10.30 -12.13 20.41
C SER A 565 9.09 -11.61 19.65
N ALA A 566 9.25 -10.51 18.92
CA ALA A 566 8.13 -9.95 18.16
C ALA A 566 7.61 -10.91 17.05
N TRP A 567 8.45 -11.83 16.58
CA TRP A 567 8.02 -12.76 15.54
C TRP A 567 6.83 -13.56 16.02
N ALA A 568 6.84 -13.95 17.29
CA ALA A 568 5.73 -14.73 17.88
C ALA A 568 4.36 -14.03 17.82
N ALA A 569 4.36 -12.71 17.90
CA ALA A 569 3.12 -11.95 17.82
C ALA A 569 2.53 -12.08 16.42
N HIS A 570 3.37 -12.45 15.45
CA HIS A 570 2.93 -12.62 14.07
C HIS A 570 2.40 -14.04 13.77
N GLY A 571 2.35 -14.90 14.80
CA GLY A 571 1.83 -16.25 14.65
C GLY A 571 2.64 -17.38 15.26
N MET A 572 1.98 -18.50 15.53
CA MET A 572 2.62 -19.70 16.07
C MET A 572 3.37 -20.47 14.98
N ASP A 573 2.93 -20.30 13.75
CA ASP A 573 3.58 -20.99 12.65
C ASP A 573 4.94 -20.38 12.36
N ILE A 574 5.95 -21.25 12.37
CA ILE A 574 7.34 -20.90 12.12
C ILE A 574 7.53 -20.20 10.77
N GLU A 575 6.76 -20.56 9.75
CA GLU A 575 6.93 -19.89 8.43
C GLU A 575 6.08 -18.62 8.30
N GLY A 576 4.82 -18.73 8.69
CA GLY A 576 3.89 -17.62 8.64
C GLY A 576 4.37 -16.42 9.44
N GLN A 577 4.82 -16.65 10.67
CA GLN A 577 5.30 -15.56 11.52
C GLN A 577 6.47 -14.85 10.86
N ASP A 578 7.27 -15.60 10.12
CA ASP A 578 8.47 -15.09 9.44
C ASP A 578 8.15 -14.20 8.25
N TYR A 579 7.27 -14.66 7.37
CA TYR A 579 6.91 -13.84 6.22
C TYR A 579 6.17 -12.57 6.65
N ARG A 580 5.27 -12.71 7.63
CA ARG A 580 4.53 -11.57 8.17
C ARG A 580 5.43 -10.56 8.88
N ALA A 581 6.32 -11.03 9.75
CA ALA A 581 7.24 -10.15 10.48
C ALA A 581 8.21 -9.42 9.55
N CYS A 582 8.78 -10.15 8.58
CA CYS A 582 9.72 -9.56 7.63
C CYS A 582 9.09 -8.50 6.77
N GLN A 583 7.83 -8.72 6.38
CA GLN A 583 7.12 -7.76 5.56
C GLN A 583 6.84 -6.52 6.41
N ASN A 584 6.53 -6.75 7.69
CA ASN A 584 6.23 -5.68 8.62
C ASN A 584 7.43 -4.76 8.82
N TYR A 585 8.52 -5.31 9.37
CA TYR A 585 9.72 -4.54 9.63
C TYR A 585 10.57 -4.09 8.45
N GLY A 586 10.63 -4.89 7.39
CA GLY A 586 11.42 -4.52 6.21
C GLY A 586 12.93 -4.51 6.39
N PRO A 587 13.67 -4.08 5.37
CA PRO A 587 15.13 -4.03 5.47
C PRO A 587 15.61 -3.18 6.65
N LEU A 588 16.77 -3.53 7.17
CA LEU A 588 17.32 -2.86 8.34
C LEU A 588 17.73 -1.39 8.14
N TYR A 589 18.42 -1.11 7.03
CA TYR A 589 18.92 0.24 6.75
C TYR A 589 18.02 1.26 5.98
N LYS A 590 17.16 0.82 5.07
CA LYS A 590 16.30 1.78 4.36
C LYS A 590 15.16 1.20 3.53
N ARG A 591 14.13 2.02 3.36
CA ARG A 591 12.94 1.66 2.59
C ARG A 591 12.23 0.44 3.17
N MET B 1 -29.44 6.96 33.16
CA MET B 1 -29.42 6.86 34.65
C MET B 1 -29.61 5.38 34.93
N LYS B 2 -28.56 4.60 34.72
CA LYS B 2 -28.61 3.15 34.88
C LYS B 2 -29.53 2.62 33.78
N LYS B 3 -29.35 1.37 33.39
CA LYS B 3 -30.15 0.78 32.31
C LYS B 3 -30.07 1.69 31.09
N ILE B 4 -28.94 2.37 30.93
CA ILE B 4 -28.71 3.30 29.83
C ILE B 4 -28.80 2.62 28.46
N SER B 5 -30.03 2.36 28.04
CA SER B 5 -30.33 1.70 26.77
C SER B 5 -29.35 0.61 26.38
N LEU B 6 -29.65 -0.59 26.87
CA LEU B 6 -28.85 -1.76 26.57
C LEU B 6 -29.11 -2.14 25.13
N PRO B 7 -28.10 -2.70 24.43
CA PRO B 7 -28.33 -3.07 23.04
C PRO B 7 -29.33 -4.23 22.95
N LYS B 8 -30.05 -4.28 21.85
CA LYS B 8 -31.01 -5.33 21.60
C LYS B 8 -30.57 -6.18 20.41
N ILE B 9 -31.15 -7.37 20.31
CA ILE B 9 -30.86 -8.28 19.23
C ILE B 9 -32.01 -8.19 18.20
N GLY B 10 -31.68 -7.96 16.94
CA GLY B 10 -32.71 -7.87 15.91
C GLY B 10 -32.86 -9.19 15.20
N ILE B 11 -34.10 -9.67 15.06
CA ILE B 11 -34.34 -10.92 14.38
C ILE B 11 -35.08 -10.62 13.06
N ARG B 12 -34.48 -11.06 11.95
CA ARG B 12 -35.00 -10.83 10.61
C ARG B 12 -35.50 -12.10 9.90
N PRO B 13 -36.83 -12.32 9.88
CA PRO B 13 -37.40 -13.50 9.21
C PRO B 13 -37.45 -13.18 7.72
N VAL B 14 -36.71 -13.95 6.94
CA VAL B 14 -36.61 -13.75 5.50
C VAL B 14 -37.43 -14.81 4.75
N ILE B 15 -38.02 -14.45 3.62
CA ILE B 15 -38.90 -15.37 2.91
C ILE B 15 -38.93 -15.20 1.39
N ASP B 16 -39.36 -16.26 0.70
CA ASP B 16 -39.53 -16.21 -0.77
C ASP B 16 -40.62 -15.14 -1.03
N GLY B 17 -40.36 -14.21 -1.94
CA GLY B 17 -41.31 -13.15 -2.19
C GLY B 17 -42.52 -13.50 -3.05
N ARG B 18 -42.42 -14.57 -3.84
CA ARG B 18 -43.51 -14.94 -4.74
C ARG B 18 -44.78 -15.49 -4.09
N ARG B 19 -45.89 -14.97 -4.56
CA ARG B 19 -47.21 -15.32 -4.07
C ARG B 19 -47.79 -16.52 -4.86
N MET B 20 -49.11 -16.51 -5.05
CA MET B 20 -49.82 -17.57 -5.76
C MET B 20 -49.70 -18.89 -4.97
N GLY B 21 -49.45 -18.77 -3.66
CA GLY B 21 -49.34 -19.94 -2.81
C GLY B 21 -48.02 -20.11 -2.05
N VAL B 22 -46.90 -19.91 -2.74
CA VAL B 22 -45.57 -20.06 -2.14
C VAL B 22 -45.39 -19.32 -0.81
N ARG B 23 -45.23 -17.99 -0.88
CA ARG B 23 -45.03 -17.17 0.31
C ARG B 23 -46.07 -17.37 1.39
N GLU B 24 -47.34 -17.44 1.01
CA GLU B 24 -48.41 -17.60 1.99
C GLU B 24 -48.34 -18.90 2.78
N SER B 25 -47.84 -19.98 2.17
CA SER B 25 -47.75 -21.25 2.88
C SER B 25 -46.52 -21.30 3.82
N LEU B 26 -45.58 -20.38 3.64
CA LEU B 26 -44.35 -20.33 4.43
C LEU B 26 -44.37 -19.30 5.56
N GLU B 27 -45.25 -18.30 5.46
CA GLU B 27 -45.36 -17.21 6.44
C GLU B 27 -45.36 -17.60 7.90
N GLU B 28 -46.22 -18.55 8.27
CA GLU B 28 -46.33 -18.97 9.66
C GLU B 28 -45.07 -19.65 10.19
N GLN B 29 -44.54 -20.61 9.43
CA GLN B 29 -43.32 -21.31 9.85
C GLN B 29 -42.10 -20.38 9.99
N THR B 30 -41.96 -19.41 9.06
CA THR B 30 -40.86 -18.46 9.09
C THR B 30 -40.91 -17.58 10.35
N MET B 31 -42.09 -17.06 10.68
CA MET B 31 -42.26 -16.23 11.88
C MET B 31 -42.10 -17.05 13.16
N ASN B 32 -42.48 -18.32 13.11
CA ASN B 32 -42.30 -19.17 14.28
C ASN B 32 -40.83 -19.35 14.56
N MET B 33 -40.05 -19.52 13.50
CA MET B 33 -38.61 -19.68 13.58
C MET B 33 -38.06 -18.44 14.29
N ALA B 34 -38.52 -17.26 13.84
CA ALA B 34 -38.09 -16.00 14.41
C ALA B 34 -38.46 -15.91 15.89
N LYS B 35 -39.67 -16.33 16.23
CA LYS B 35 -40.14 -16.32 17.62
C LYS B 35 -39.38 -17.33 18.48
N ALA B 36 -39.13 -18.52 17.94
CA ALA B 36 -38.41 -19.56 18.67
C ALA B 36 -37.00 -19.08 18.99
N THR B 37 -36.41 -18.34 18.06
CA THR B 37 -35.07 -17.81 18.21
C THR B 37 -35.04 -16.76 19.31
N ALA B 38 -36.00 -15.85 19.28
CA ALA B 38 -36.10 -14.80 20.28
C ALA B 38 -36.33 -15.41 21.67
N ALA B 39 -37.20 -16.41 21.76
CA ALA B 39 -37.50 -17.06 23.03
C ALA B 39 -36.25 -17.67 23.64
N LEU B 40 -35.50 -18.39 22.83
CA LEU B 40 -34.26 -19.04 23.28
C LEU B 40 -33.26 -18.01 23.84
N LEU B 41 -33.04 -16.96 23.07
CA LEU B 41 -32.08 -15.94 23.46
C LEU B 41 -32.42 -15.24 24.77
N THR B 42 -33.66 -14.75 24.90
CA THR B 42 -34.07 -14.04 26.10
C THR B 42 -34.08 -14.95 27.32
N GLU B 43 -34.25 -16.24 27.08
CA GLU B 43 -34.28 -17.19 28.18
C GLU B 43 -32.90 -17.62 28.64
N LYS B 44 -31.98 -17.86 27.71
CA LYS B 44 -30.63 -18.31 28.03
C LYS B 44 -29.56 -17.21 28.19
N LEU B 45 -29.83 -15.99 27.77
CA LEU B 45 -28.83 -14.92 27.88
C LEU B 45 -29.17 -13.79 28.85
N ARG B 46 -28.13 -13.18 29.42
CA ARG B 46 -28.28 -12.05 30.33
C ARG B 46 -27.17 -11.09 29.99
N HIS B 47 -27.44 -9.79 30.10
CA HIS B 47 -26.40 -8.78 29.87
C HIS B 47 -25.45 -8.97 31.05
N ALA B 48 -24.17 -8.61 30.91
CA ALA B 48 -23.21 -8.77 32.00
C ALA B 48 -23.66 -7.99 33.24
N CYS B 49 -24.49 -6.97 33.04
CA CYS B 49 -25.02 -6.19 34.15
C CYS B 49 -26.18 -6.88 34.88
N GLY B 50 -26.63 -8.04 34.39
CA GLY B 50 -27.70 -8.78 35.02
C GLY B 50 -29.07 -8.70 34.35
N ALA B 51 -29.30 -7.66 33.55
CA ALA B 51 -30.57 -7.51 32.86
C ALA B 51 -30.83 -8.60 31.81
N ALA B 52 -32.10 -8.85 31.52
CA ALA B 52 -32.51 -9.84 30.53
C ALA B 52 -32.27 -9.20 29.17
N VAL B 53 -32.05 -10.03 28.16
CA VAL B 53 -31.80 -9.54 26.81
C VAL B 53 -33.13 -9.42 26.05
N GLU B 54 -33.32 -8.31 25.34
CA GLU B 54 -34.53 -8.09 24.56
C GLU B 54 -34.29 -8.26 23.05
N CYS B 55 -35.25 -8.90 22.38
CA CYS B 55 -35.16 -9.12 20.94
C CYS B 55 -36.24 -8.31 20.24
N VAL B 56 -35.91 -7.79 19.07
CA VAL B 56 -36.85 -7.02 18.27
C VAL B 56 -37.00 -7.81 16.98
N ILE B 57 -38.24 -8.12 16.61
CA ILE B 57 -38.51 -8.87 15.40
C ILE B 57 -39.08 -7.91 14.35
N SER B 58 -38.75 -8.13 13.09
CA SER B 58 -39.26 -7.31 12.01
C SER B 58 -40.81 -7.40 12.05
N ASP B 59 -41.50 -6.34 11.67
CA ASP B 59 -42.97 -6.35 11.66
C ASP B 59 -43.57 -7.39 10.70
N THR B 60 -42.87 -7.66 9.60
CA THR B 60 -43.33 -8.62 8.59
C THR B 60 -42.14 -9.46 8.16
N CYS B 61 -42.40 -10.47 7.35
CA CYS B 61 -41.31 -11.28 6.81
C CYS B 61 -40.67 -10.40 5.70
N ILE B 62 -39.36 -10.57 5.50
CA ILE B 62 -38.65 -9.78 4.52
C ILE B 62 -38.41 -10.59 3.26
N ALA B 63 -38.87 -10.09 2.13
CA ALA B 63 -38.70 -10.79 0.86
C ALA B 63 -38.03 -9.93 -0.20
N GLY B 64 -37.88 -8.64 0.10
CA GLY B 64 -37.24 -7.76 -0.87
C GLY B 64 -36.71 -6.51 -0.18
N MET B 65 -36.29 -5.55 -0.99
CA MET B 65 -35.75 -4.30 -0.48
C MET B 65 -36.70 -3.38 0.26
N ALA B 66 -37.97 -3.32 -0.16
CA ALA B 66 -38.96 -2.47 0.51
C ALA B 66 -39.14 -2.93 1.95
N GLU B 67 -39.35 -4.24 2.14
CA GLU B 67 -39.52 -4.81 3.48
C GLU B 67 -38.23 -4.74 4.30
N ALA B 68 -37.09 -4.98 3.64
CA ALA B 68 -35.80 -4.93 4.32
C ALA B 68 -35.58 -3.52 4.87
N ALA B 69 -35.97 -2.51 4.09
CA ALA B 69 -35.83 -1.11 4.48
C ALA B 69 -36.71 -0.79 5.67
N ALA B 70 -37.93 -1.33 5.66
CA ALA B 70 -38.87 -1.09 6.75
C ALA B 70 -38.28 -1.62 8.05
N CYS B 71 -37.78 -2.85 7.99
CA CYS B 71 -37.17 -3.51 9.14
C CYS B 71 -36.02 -2.69 9.71
N GLU B 72 -35.19 -2.16 8.81
CA GLU B 72 -34.05 -1.37 9.19
C GLU B 72 -34.47 -0.14 9.94
N GLU B 73 -35.53 0.51 9.49
CA GLU B 73 -36.05 1.70 10.14
C GLU B 73 -36.46 1.37 11.58
N LYS B 74 -37.16 0.26 11.74
CA LYS B 74 -37.60 -0.18 13.05
C LYS B 74 -36.42 -0.48 13.97
N PHE B 75 -35.43 -1.19 13.44
CA PHE B 75 -34.26 -1.55 14.23
C PHE B 75 -33.43 -0.35 14.72
N SER B 76 -33.13 0.56 13.81
CA SER B 76 -32.30 1.73 14.12
C SER B 76 -32.84 2.61 15.27
N SER B 77 -34.15 2.61 15.47
CA SER B 77 -34.75 3.39 16.55
C SER B 77 -34.87 2.58 17.84
N GLN B 78 -34.60 1.27 17.77
CA GLN B 78 -34.70 0.36 18.90
C GLN B 78 -33.33 -0.03 19.47
N ASN B 79 -32.28 0.59 18.96
CA ASN B 79 -30.93 0.30 19.41
C ASN B 79 -30.51 -1.16 19.28
N VAL B 80 -30.73 -1.79 18.13
CA VAL B 80 -30.31 -3.19 17.98
C VAL B 80 -28.82 -3.18 17.60
N GLY B 81 -28.04 -4.02 18.27
CA GLY B 81 -26.61 -4.05 18.04
C GLY B 81 -26.09 -5.20 17.21
N LEU B 82 -26.94 -6.19 16.98
CA LEU B 82 -26.57 -7.35 16.20
C LEU B 82 -27.83 -7.97 15.65
N THR B 83 -27.70 -8.61 14.49
CA THR B 83 -28.86 -9.23 13.88
C THR B 83 -28.67 -10.70 13.56
N ILE B 84 -29.77 -11.45 13.62
CA ILE B 84 -29.80 -12.86 13.26
C ILE B 84 -30.92 -12.96 12.22
N THR B 85 -30.59 -13.38 11.01
CA THR B 85 -31.58 -13.54 9.93
C THR B 85 -31.90 -15.03 9.88
N VAL B 86 -33.20 -15.35 9.91
CA VAL B 86 -33.63 -16.75 9.92
C VAL B 86 -34.54 -17.08 8.73
N THR B 87 -34.49 -18.31 8.25
CA THR B 87 -35.34 -18.70 7.14
C THR B 87 -35.35 -20.19 6.90
N PRO B 88 -36.51 -20.72 6.49
CA PRO B 88 -36.71 -22.15 6.18
C PRO B 88 -36.82 -22.38 4.66
N CYS B 89 -36.62 -21.33 3.86
CA CYS B 89 -36.76 -21.49 2.42
C CYS B 89 -35.73 -20.71 1.61
N TRP B 90 -35.91 -20.73 0.29
CA TRP B 90 -35.06 -20.00 -0.63
C TRP B 90 -35.54 -18.55 -0.61
N CYS B 91 -34.61 -17.60 -0.63
CA CYS B 91 -34.93 -16.18 -0.64
C CYS B 91 -33.95 -15.47 -1.59
N TYR B 92 -34.24 -14.21 -1.93
CA TYR B 92 -33.42 -13.45 -2.87
C TYR B 92 -32.20 -12.77 -2.28
N GLY B 93 -31.15 -13.58 -2.12
CA GLY B 93 -29.88 -13.17 -1.57
C GLY B 93 -29.61 -11.71 -1.24
N SER B 94 -29.00 -11.00 -2.18
CA SER B 94 -28.62 -9.61 -1.98
C SER B 94 -29.74 -8.62 -1.70
N GLU B 95 -30.97 -8.99 -2.04
CA GLU B 95 -32.11 -8.12 -1.80
C GLU B 95 -32.60 -8.23 -0.35
N THR B 96 -32.18 -9.27 0.36
CA THR B 96 -32.65 -9.51 1.74
C THR B 96 -31.65 -9.45 2.89
N ILE B 97 -30.36 -9.48 2.59
CA ILE B 97 -29.33 -9.45 3.65
C ILE B 97 -29.17 -8.12 4.38
N ASP B 98 -28.65 -8.20 5.60
CA ASP B 98 -28.40 -7.03 6.42
C ASP B 98 -27.13 -6.37 5.88
N MET B 99 -27.26 -5.17 5.29
CA MET B 99 -26.14 -4.43 4.73
C MET B 99 -25.31 -3.58 5.70
N ASP B 100 -25.70 -3.52 6.97
CA ASP B 100 -24.96 -2.69 7.93
C ASP B 100 -23.54 -3.18 8.04
N PRO B 101 -22.56 -2.32 7.72
CA PRO B 101 -21.18 -2.80 7.81
C PRO B 101 -20.53 -3.06 9.18
N THR B 102 -21.06 -2.52 10.27
CA THR B 102 -20.42 -2.70 11.56
C THR B 102 -21.02 -3.67 12.56
N ARG B 103 -22.33 -3.84 12.57
CA ARG B 103 -22.93 -4.72 13.54
C ARG B 103 -22.70 -6.19 13.23
N PRO B 104 -22.51 -7.02 14.27
CA PRO B 104 -22.29 -8.47 14.11
C PRO B 104 -23.58 -9.04 13.50
N LYS B 105 -23.43 -9.93 12.51
CA LYS B 105 -24.58 -10.53 11.83
C LYS B 105 -24.46 -12.03 11.67
N ALA B 106 -25.56 -12.74 11.85
CA ALA B 106 -25.56 -14.19 11.67
C ALA B 106 -26.77 -14.56 10.82
N ILE B 107 -26.68 -15.71 10.15
CA ILE B 107 -27.79 -16.22 9.33
C ILE B 107 -28.00 -17.69 9.70
N TRP B 108 -29.23 -18.03 10.06
CA TRP B 108 -29.54 -19.42 10.39
C TRP B 108 -30.51 -19.96 9.34
N GLY B 109 -30.04 -20.92 8.56
CA GLY B 109 -30.90 -21.51 7.53
C GLY B 109 -31.35 -22.88 8.00
N PHE B 110 -32.67 -23.06 8.11
CA PHE B 110 -33.24 -24.33 8.55
C PHE B 110 -32.71 -25.47 7.66
N ASN B 111 -32.26 -26.56 8.26
CA ASN B 111 -31.75 -27.68 7.47
C ASN B 111 -32.85 -28.70 7.13
N GLY B 112 -33.65 -28.37 6.12
CA GLY B 112 -34.74 -29.25 5.67
C GLY B 112 -34.69 -29.45 4.16
N THR B 113 -35.49 -30.40 3.66
CA THR B 113 -35.53 -30.69 2.21
C THR B 113 -36.65 -29.93 1.48
N GLU B 114 -37.86 -29.99 2.03
CA GLU B 114 -39.00 -29.27 1.44
C GLU B 114 -38.71 -27.81 1.78
N ARG B 115 -37.94 -27.66 2.86
CA ARG B 115 -37.52 -26.38 3.41
C ARG B 115 -36.01 -26.18 3.16
N PRO B 116 -35.62 -25.76 1.94
CA PRO B 116 -34.21 -25.53 1.55
C PRO B 116 -33.58 -24.23 2.10
N GLY B 117 -33.69 -24.02 3.41
CA GLY B 117 -33.14 -22.84 4.04
C GLY B 117 -31.62 -22.74 3.94
N ALA B 118 -30.97 -23.89 3.94
CA ALA B 118 -29.51 -23.96 3.82
C ALA B 118 -29.04 -23.46 2.46
N VAL B 119 -29.91 -23.53 1.46
CA VAL B 119 -29.54 -23.07 0.12
C VAL B 119 -29.48 -21.54 0.13
N TYR B 120 -30.39 -20.89 0.86
CA TYR B 120 -30.38 -19.43 0.97
C TYR B 120 -29.14 -19.01 1.77
N LEU B 121 -28.87 -19.73 2.86
CA LEU B 121 -27.72 -19.50 3.74
C LEU B 121 -26.45 -19.33 2.92
N ALA B 122 -26.15 -20.34 2.11
CA ALA B 122 -24.95 -20.31 1.27
C ALA B 122 -24.94 -19.17 0.27
N ALA B 123 -26.10 -18.85 -0.28
CA ALA B 123 -26.22 -17.75 -1.25
C ALA B 123 -26.01 -16.39 -0.57
N ALA B 124 -26.65 -16.21 0.58
CA ALA B 124 -26.58 -14.95 1.33
C ALA B 124 -25.15 -14.73 1.80
N LEU B 125 -24.53 -15.81 2.29
CA LEU B 125 -23.16 -15.72 2.77
C LEU B 125 -22.24 -15.31 1.62
N ALA B 126 -22.46 -15.88 0.44
CA ALA B 126 -21.65 -15.54 -0.72
C ALA B 126 -21.82 -14.03 -1.04
N ALA B 127 -23.03 -13.50 -0.90
CA ALA B 127 -23.28 -12.10 -1.16
C ALA B 127 -22.55 -11.26 -0.09
N HIS B 128 -22.61 -11.69 1.17
CA HIS B 128 -21.93 -10.97 2.25
C HIS B 128 -20.44 -10.87 1.97
N SER B 129 -19.81 -11.99 1.62
CA SER B 129 -18.37 -12.01 1.33
C SER B 129 -17.99 -11.23 0.07
N GLN B 130 -18.86 -11.22 -0.93
CA GLN B 130 -18.56 -10.49 -2.16
C GLN B 130 -18.66 -8.98 -1.90
N LYS B 131 -19.51 -8.62 -0.95
CA LYS B 131 -19.75 -7.23 -0.63
C LYS B 131 -18.96 -6.71 0.57
N GLY B 132 -18.03 -7.53 1.07
CA GLY B 132 -17.18 -7.13 2.16
C GLY B 132 -17.77 -6.91 3.54
N ILE B 133 -18.91 -7.54 3.82
CA ILE B 133 -19.57 -7.42 5.11
C ILE B 133 -19.78 -8.83 5.61
N PRO B 134 -18.74 -9.41 6.21
CA PRO B 134 -18.75 -10.78 6.75
C PRO B 134 -19.88 -11.08 7.71
N ALA B 135 -20.39 -12.30 7.63
CA ALA B 135 -21.47 -12.75 8.50
C ALA B 135 -21.23 -14.20 8.97
N PHE B 136 -21.80 -14.56 10.12
CA PHE B 136 -21.64 -15.92 10.67
C PHE B 136 -22.69 -16.85 10.12
N SER B 137 -22.35 -18.12 10.03
CA SER B 137 -23.24 -19.13 9.49
C SER B 137 -23.69 -20.10 10.57
N ILE B 138 -25.00 -20.34 10.60
CA ILE B 138 -25.57 -21.29 11.55
C ILE B 138 -26.31 -22.35 10.75
N TYR B 139 -25.66 -23.49 10.54
CA TYR B 139 -26.23 -24.62 9.79
C TYR B 139 -26.18 -25.88 10.66
N GLY B 140 -27.36 -26.45 10.93
CA GLY B 140 -27.44 -27.66 11.74
C GLY B 140 -26.91 -28.87 11.01
N HIS B 141 -26.43 -29.85 11.77
CA HIS B 141 -25.87 -31.09 11.21
C HIS B 141 -26.85 -32.06 10.57
N ASP B 142 -27.95 -32.32 11.29
CA ASP B 142 -28.95 -33.29 10.84
C ASP B 142 -30.21 -32.68 10.26
N VAL B 143 -30.72 -33.29 9.18
CA VAL B 143 -31.94 -32.81 8.51
C VAL B 143 -33.17 -32.88 9.42
N GLN B 144 -33.98 -31.83 9.42
CA GLN B 144 -35.20 -31.76 10.24
C GLN B 144 -36.46 -31.81 9.37
N ASP B 145 -37.56 -32.31 9.94
CA ASP B 145 -38.83 -32.38 9.20
C ASP B 145 -39.39 -30.98 9.14
N ALA B 146 -40.13 -30.68 8.09
CA ALA B 146 -40.73 -29.35 7.91
C ALA B 146 -41.62 -28.92 9.08
N ASP B 147 -42.16 -29.89 9.83
CA ASP B 147 -43.04 -29.57 10.96
C ASP B 147 -42.34 -29.50 12.31
N ASP B 148 -41.05 -29.85 12.33
CA ASP B 148 -40.25 -29.85 13.55
C ASP B 148 -39.95 -28.39 13.94
N THR B 149 -40.31 -28.00 15.16
CA THR B 149 -40.06 -26.63 15.60
C THR B 149 -38.98 -26.47 16.66
N SER B 150 -38.36 -27.57 17.07
CA SER B 150 -37.31 -27.48 18.08
C SER B 150 -36.02 -27.00 17.43
N ILE B 151 -35.12 -26.48 18.27
CA ILE B 151 -33.82 -25.97 17.84
C ILE B 151 -32.81 -27.01 18.32
N PRO B 152 -32.06 -27.67 17.40
CA PRO B 152 -31.08 -28.68 17.78
C PRO B 152 -29.97 -28.11 18.68
N ALA B 153 -29.33 -28.99 19.45
CA ALA B 153 -28.27 -28.59 20.37
C ALA B 153 -27.12 -27.87 19.68
N ASP B 154 -26.68 -28.39 18.55
CA ASP B 154 -25.58 -27.77 17.82
C ASP B 154 -25.94 -26.36 17.29
N VAL B 155 -27.20 -26.17 16.91
CA VAL B 155 -27.68 -24.87 16.42
C VAL B 155 -27.75 -23.91 17.60
N GLU B 156 -28.22 -24.41 18.73
CA GLU B 156 -28.32 -23.62 19.95
C GLU B 156 -26.96 -23.10 20.38
N GLU B 157 -25.97 -23.99 20.39
CA GLU B 157 -24.62 -23.60 20.79
C GLU B 157 -24.09 -22.45 19.93
N LYS B 158 -24.29 -22.53 18.61
CA LYS B 158 -23.81 -21.48 17.73
C LYS B 158 -24.60 -20.18 17.91
N LEU B 159 -25.90 -20.29 18.14
CA LEU B 159 -26.71 -19.08 18.35
C LEU B 159 -26.26 -18.34 19.60
N LEU B 160 -26.06 -19.09 20.67
CA LEU B 160 -25.64 -18.50 21.92
C LEU B 160 -24.22 -17.90 21.84
N ARG B 161 -23.26 -18.63 21.27
CA ARG B 161 -21.91 -18.12 21.13
C ARG B 161 -21.87 -16.83 20.33
N PHE B 162 -22.62 -16.79 19.22
CA PHE B 162 -22.68 -15.60 18.38
C PHE B 162 -23.29 -14.42 19.15
N ALA B 163 -24.42 -14.66 19.82
CA ALA B 163 -25.11 -13.61 20.57
C ALA B 163 -24.30 -13.06 21.75
N ARG B 164 -23.67 -13.96 22.49
CA ARG B 164 -22.86 -13.60 23.63
C ARG B 164 -21.70 -12.68 23.19
N ALA B 165 -21.00 -13.08 22.13
CA ALA B 165 -19.88 -12.31 21.60
C ALA B 165 -20.39 -11.01 21.01
N GLY B 166 -21.45 -11.11 20.22
CA GLY B 166 -22.05 -9.93 19.58
C GLY B 166 -22.52 -8.91 20.61
N LEU B 167 -23.08 -9.36 21.72
CA LEU B 167 -23.52 -8.46 22.77
C LEU B 167 -22.32 -7.74 23.38
N ALA B 168 -21.23 -8.47 23.58
CA ALA B 168 -20.02 -7.90 24.13
C ALA B 168 -19.58 -6.74 23.25
N VAL B 169 -19.57 -6.96 21.94
CA VAL B 169 -19.16 -5.90 21.01
C VAL B 169 -20.06 -4.66 21.13
N ALA B 170 -21.36 -4.90 21.10
CA ALA B 170 -22.36 -3.85 21.17
C ALA B 170 -22.34 -3.09 22.50
N SER B 171 -21.99 -3.78 23.58
CA SER B 171 -21.93 -3.16 24.90
C SER B 171 -20.78 -2.17 25.11
N MET B 172 -19.64 -2.44 24.48
CA MET B 172 -18.48 -1.56 24.61
C MET B 172 -18.62 -0.29 23.77
N LYS B 173 -19.33 -0.41 22.66
CA LYS B 173 -19.53 0.71 21.74
C LYS B 173 -20.04 1.96 22.45
N GLY B 174 -19.28 3.05 22.31
CA GLY B 174 -19.66 4.31 22.92
C GLY B 174 -19.20 4.57 24.36
N LYS B 175 -18.82 3.54 25.10
CA LYS B 175 -18.38 3.73 26.47
C LYS B 175 -16.94 4.24 26.55
N SER B 176 -16.54 4.69 27.74
CA SER B 176 -15.20 5.21 27.98
C SER B 176 -14.32 4.27 28.81
N TYR B 177 -13.02 4.49 28.68
CA TYR B 177 -12.01 3.79 29.46
C TYR B 177 -11.45 4.94 30.28
N LEU B 178 -11.48 4.83 31.60
CA LEU B 178 -10.96 5.89 32.44
C LEU B 178 -9.47 5.64 32.80
N SER B 179 -8.58 6.47 32.27
CA SER B 179 -7.18 6.36 32.58
C SER B 179 -6.91 7.26 33.81
N LEU B 180 -6.88 6.67 35.00
CA LEU B 180 -6.63 7.45 36.23
C LEU B 180 -5.13 7.46 36.42
N GLY B 181 -4.48 8.47 35.87
CA GLY B 181 -3.04 8.57 35.90
C GLY B 181 -2.51 8.28 34.50
N GLY B 182 -1.19 8.10 34.36
CA GLY B 182 -0.63 7.84 33.05
C GLY B 182 0.15 6.54 32.98
N VAL B 183 1.40 6.63 32.55
CA VAL B 183 2.28 5.48 32.43
C VAL B 183 2.79 5.05 33.83
N SER B 184 2.71 3.76 34.13
CA SER B 184 3.21 3.23 35.39
C SER B 184 4.50 2.43 35.18
N MET B 185 5.62 2.96 35.65
CA MET B 185 6.91 2.28 35.52
C MET B 185 7.30 1.79 34.11
N GLY B 186 7.10 2.63 33.11
CA GLY B 186 7.47 2.27 31.75
C GLY B 186 6.73 1.10 31.13
N ILE B 187 5.64 0.64 31.75
CA ILE B 187 4.85 -0.49 31.26
C ILE B 187 4.13 -0.08 29.97
N ALA B 188 4.45 -0.77 28.87
CA ALA B 188 3.87 -0.51 27.55
C ALA B 188 2.35 -0.41 27.54
N GLY B 189 1.67 -1.31 28.23
CA GLY B 189 0.22 -1.26 28.26
C GLY B 189 -0.34 -0.04 28.94
N SER B 190 0.48 0.63 29.76
CA SER B 190 0.02 1.85 30.43
C SER B 190 0.20 3.13 29.61
N ILE B 191 0.82 3.01 28.43
CA ILE B 191 0.96 4.15 27.51
C ILE B 191 -0.31 3.97 26.67
N VAL B 192 -1.42 4.48 27.20
CA VAL B 192 -2.73 4.33 26.59
C VAL B 192 -2.81 4.81 25.15
N ASP B 193 -3.24 3.89 24.28
CA ASP B 193 -3.40 4.13 22.85
C ASP B 193 -4.84 4.54 22.55
N HIS B 194 -5.09 5.84 22.45
CA HIS B 194 -6.42 6.36 22.18
C HIS B 194 -7.01 5.79 20.86
N ASN B 195 -6.18 5.72 19.83
CA ASN B 195 -6.66 5.20 18.56
C ASN B 195 -7.13 3.74 18.61
N PHE B 196 -6.46 2.93 19.40
CA PHE B 196 -6.85 1.53 19.52
C PHE B 196 -8.29 1.45 20.07
N PHE B 197 -8.56 2.18 21.16
CA PHE B 197 -9.87 2.16 21.76
C PHE B 197 -10.96 2.67 20.83
N GLU B 198 -10.66 3.75 20.14
CA GLU B 198 -11.61 4.38 19.22
C GLU B 198 -11.90 3.57 17.96
N SER B 199 -10.86 3.08 17.31
CA SER B 199 -11.02 2.34 16.07
C SER B 199 -11.44 0.90 16.15
N TRP B 200 -10.88 0.16 17.10
CA TRP B 200 -11.19 -1.26 17.22
C TRP B 200 -12.36 -1.57 18.10
N LEU B 201 -12.45 -0.85 19.22
CA LEU B 201 -13.50 -1.09 20.18
C LEU B 201 -14.63 -0.08 20.15
N GLY B 202 -14.41 1.03 19.45
CA GLY B 202 -15.44 2.06 19.39
C GLY B 202 -15.69 2.73 20.72
N MET B 203 -14.63 2.85 21.54
CA MET B 203 -14.73 3.49 22.84
C MET B 203 -13.98 4.82 22.83
N LYS B 204 -14.12 5.57 23.92
CA LYS B 204 -13.44 6.85 24.08
C LYS B 204 -12.52 6.70 25.29
N VAL B 205 -11.48 7.52 25.34
CA VAL B 205 -10.57 7.48 26.47
C VAL B 205 -10.65 8.82 27.25
N GLN B 206 -10.90 8.71 28.55
CA GLN B 206 -10.92 9.88 29.43
C GLN B 206 -9.67 9.78 30.31
N ALA B 207 -8.81 10.79 30.18
CA ALA B 207 -7.59 10.86 30.98
C ALA B 207 -7.82 11.82 32.15
N VAL B 208 -7.44 11.39 33.35
CA VAL B 208 -7.58 12.16 34.57
C VAL B 208 -6.29 11.98 35.38
N ASP B 209 -5.66 13.08 35.74
CA ASP B 209 -4.43 13.05 36.52
C ASP B 209 -4.81 12.59 37.94
N MET B 210 -3.91 11.88 38.61
CA MET B 210 -4.20 11.37 39.94
C MET B 210 -4.41 12.43 41.02
N THR B 211 -4.01 13.67 40.76
CA THR B 211 -4.25 14.74 41.73
C THR B 211 -5.75 14.90 41.92
N GLU B 212 -6.52 14.50 40.92
CA GLU B 212 -7.97 14.56 41.03
C GLU B 212 -8.52 13.61 42.10
N LEU B 213 -7.88 12.45 42.29
CA LEU B 213 -8.33 11.51 43.31
C LEU B 213 -8.01 12.16 44.67
N ARG B 214 -6.86 12.79 44.73
CA ARG B 214 -6.41 13.47 45.94
C ARG B 214 -7.42 14.57 46.31
N ARG B 215 -7.88 15.31 45.29
CA ARG B 215 -8.84 16.38 45.52
C ARG B 215 -10.18 15.90 46.04
N ARG B 216 -10.68 14.77 45.52
CA ARG B 216 -11.96 14.23 45.98
C ARG B 216 -11.84 13.82 47.44
N ILE B 217 -10.69 13.24 47.81
CA ILE B 217 -10.47 12.81 49.18
C ILE B 217 -10.33 13.99 50.15
N ASP B 218 -9.42 14.91 49.83
CA ASP B 218 -9.18 16.08 50.67
C ASP B 218 -10.37 17.06 50.81
N GLN B 219 -11.13 17.27 49.74
CA GLN B 219 -12.27 18.20 49.75
C GLN B 219 -13.60 17.52 50.03
N LYS B 220 -13.54 16.30 50.56
CA LYS B 220 -14.74 15.53 50.88
C LYS B 220 -15.79 15.44 49.77
N ILE B 221 -15.34 15.16 48.54
CA ILE B 221 -16.26 15.01 47.42
C ILE B 221 -16.65 13.53 47.34
N TYR B 222 -17.43 13.08 48.32
CA TYR B 222 -17.87 11.68 48.41
C TYR B 222 -19.00 11.60 49.43
N ASP B 223 -19.62 10.42 49.54
CA ASP B 223 -20.71 10.20 50.49
C ASP B 223 -20.15 9.84 51.89
N GLU B 224 -20.13 10.81 52.81
CA GLU B 224 -19.62 10.61 54.17
C GLU B 224 -20.34 9.51 54.94
N ALA B 225 -21.64 9.40 54.70
CA ALA B 225 -22.45 8.39 55.36
C ALA B 225 -21.93 7.00 54.94
N GLU B 226 -21.82 6.81 53.62
CA GLU B 226 -21.35 5.55 53.07
C GLU B 226 -20.00 5.12 53.65
N LEU B 227 -19.08 6.07 53.81
CA LEU B 227 -17.77 5.74 54.35
C LEU B 227 -17.88 5.13 55.72
N GLU B 228 -18.76 5.70 56.57
CA GLU B 228 -18.99 5.20 57.92
C GLU B 228 -19.40 3.73 57.79
N MET B 229 -20.31 3.46 56.85
CA MET B 229 -20.79 2.11 56.60
C MET B 229 -19.68 1.17 56.09
N ALA B 230 -18.81 1.68 55.22
CA ALA B 230 -17.72 0.87 54.67
C ALA B 230 -16.78 0.43 55.77
N LEU B 231 -16.42 1.38 56.64
CA LEU B 231 -15.51 1.10 57.77
C LEU B 231 -16.11 0.06 58.73
N ALA B 232 -17.40 0.20 59.02
CA ALA B 232 -18.09 -0.74 59.90
C ALA B 232 -17.96 -2.14 59.31
N TRP B 233 -18.26 -2.24 58.02
CA TRP B 233 -18.18 -3.50 57.28
C TRP B 233 -16.76 -4.06 57.34
N ALA B 234 -15.76 -3.20 57.13
CA ALA B 234 -14.38 -3.65 57.18
C ALA B 234 -14.03 -4.16 58.58
N ASP B 235 -14.36 -3.39 59.63
CA ASP B 235 -14.07 -3.76 61.01
C ASP B 235 -14.65 -5.11 61.37
N LYS B 236 -15.90 -5.31 60.96
CA LYS B 236 -16.61 -6.54 61.24
C LYS B 236 -16.17 -7.78 60.41
N ASN B 237 -15.62 -7.57 59.21
CA ASN B 237 -15.25 -8.68 58.35
C ASN B 237 -13.78 -8.94 58.01
N PHE B 238 -12.95 -7.91 57.99
CA PHE B 238 -11.54 -8.07 57.63
C PHE B 238 -10.67 -8.91 58.57
N ARG B 239 -10.00 -9.92 58.00
CA ARG B 239 -9.08 -10.79 58.73
C ARG B 239 -7.70 -10.24 58.31
N TYR B 240 -6.87 -9.88 59.29
CA TYR B 240 -5.55 -9.30 58.97
C TYR B 240 -4.39 -10.30 59.04
N GLY B 241 -3.36 -10.08 58.21
CA GLY B 241 -2.20 -10.97 58.17
C GLY B 241 -0.96 -10.52 58.93
N GLU B 242 0.11 -11.31 58.89
CA GLU B 242 1.35 -10.97 59.59
C GLU B 242 1.97 -9.78 58.86
N ASP B 243 2.44 -8.79 59.61
CA ASP B 243 3.08 -7.61 59.03
C ASP B 243 4.53 -8.05 58.76
N GLU B 244 4.94 -8.05 57.49
CA GLU B 244 6.28 -8.48 57.09
C GLU B 244 7.28 -7.33 57.00
N ASN B 245 6.84 -6.12 57.30
CA ASN B 245 7.71 -4.93 57.21
C ASN B 245 8.80 -4.90 58.25
N ASN B 246 9.91 -4.24 57.91
CA ASN B 246 11.01 -4.07 58.84
C ASN B 246 10.42 -3.31 60.01
N LYS B 247 10.84 -3.62 61.23
CA LYS B 247 10.26 -2.97 62.40
C LYS B 247 10.21 -1.45 62.41
N GLN B 248 11.27 -0.78 61.99
CA GLN B 248 11.24 0.69 61.99
C GLN B 248 10.19 1.30 61.09
N TYR B 249 9.61 0.49 60.19
CA TYR B 249 8.60 0.95 59.26
C TYR B 249 7.22 0.48 59.62
N GLN B 250 7.13 -0.50 60.51
CA GLN B 250 5.82 -1.00 60.89
C GLN B 250 4.99 0.11 61.52
N ARG B 251 3.89 0.49 60.88
CA ARG B 251 3.07 1.54 61.46
C ARG B 251 2.01 0.85 62.31
N ASN B 252 1.59 1.48 63.40
CA ASN B 252 0.59 0.84 64.24
C ASN B 252 -0.51 1.73 64.75
N ALA B 253 -1.69 1.11 64.91
CA ALA B 253 -2.91 1.70 65.43
C ALA B 253 -3.52 2.88 64.67
N GLU B 254 -3.26 4.09 65.14
CA GLU B 254 -3.77 5.30 64.51
C GLU B 254 -3.45 5.30 63.02
N GLN B 255 -2.17 5.22 62.68
CA GLN B 255 -1.72 5.24 61.29
C GLN B 255 -2.38 4.17 60.42
N SER B 256 -2.50 2.96 60.98
CA SER B 256 -3.11 1.84 60.27
C SER B 256 -4.58 2.08 59.94
N ARG B 257 -5.29 2.72 60.86
CA ARG B 257 -6.70 3.02 60.66
C ARG B 257 -6.81 4.06 59.54
N ALA B 258 -5.84 4.98 59.50
CA ALA B 258 -5.80 6.04 58.51
C ALA B 258 -5.58 5.49 57.09
N VAL B 259 -4.73 4.46 56.99
CA VAL B 259 -4.41 3.80 55.72
C VAL B 259 -5.67 3.05 55.24
N LEU B 260 -6.35 2.36 56.16
CA LEU B 260 -7.57 1.62 55.82
C LEU B 260 -8.66 2.59 55.36
N ARG B 261 -8.84 3.65 56.12
CA ARG B 261 -9.84 4.64 55.81
C ARG B 261 -9.64 5.22 54.41
N GLU B 262 -8.40 5.61 54.10
CA GLU B 262 -8.10 6.17 52.80
C GLU B 262 -8.24 5.15 51.66
N SER B 263 -7.86 3.89 51.92
CA SER B 263 -7.96 2.81 50.93
C SER B 263 -9.40 2.60 50.48
N LEU B 264 -10.33 2.59 51.44
CA LEU B 264 -11.76 2.42 51.16
C LEU B 264 -12.31 3.63 50.39
N LEU B 265 -11.83 4.83 50.73
CA LEU B 265 -12.24 6.05 50.04
C LEU B 265 -11.82 6.01 48.57
N MET B 266 -10.62 5.51 48.33
CA MET B 266 -10.13 5.37 46.96
C MET B 266 -11.10 4.53 46.13
N ALA B 267 -11.57 3.42 46.71
CA ALA B 267 -12.52 2.53 46.05
C ALA B 267 -13.80 3.29 45.71
N MET B 268 -14.32 4.04 46.67
CA MET B 268 -15.54 4.82 46.50
C MET B 268 -15.41 5.89 45.42
N CYS B 269 -14.36 6.68 45.47
CA CYS B 269 -14.18 7.74 44.50
C CYS B 269 -13.96 7.25 43.08
N ILE B 270 -13.19 6.16 42.94
CA ILE B 270 -12.90 5.59 41.64
C ILE B 270 -14.21 5.11 41.06
N ARG B 271 -14.98 4.39 41.85
CA ARG B 271 -16.28 3.91 41.39
C ARG B 271 -17.15 5.10 40.95
N ASP B 272 -17.18 6.15 41.77
CA ASP B 272 -17.99 7.33 41.48
C ASP B 272 -17.53 7.98 40.18
N MET B 273 -16.23 7.96 39.92
CA MET B 273 -15.69 8.56 38.71
C MET B 273 -16.10 7.75 37.49
N MET B 274 -16.16 6.44 37.64
CA MET B 274 -16.53 5.58 36.53
C MET B 274 -18.02 5.67 36.13
N GLN B 275 -18.91 5.56 37.11
CA GLN B 275 -20.35 5.59 36.81
C GLN B 275 -21.17 6.77 37.37
N GLY B 276 -20.52 7.77 37.97
CA GLY B 276 -21.25 8.89 38.54
C GLY B 276 -21.89 8.49 39.87
N ASN B 277 -22.42 9.48 40.60
CA ASN B 277 -23.09 9.26 41.89
C ASN B 277 -23.95 10.47 42.20
N SER B 278 -25.27 10.29 42.22
CA SER B 278 -26.20 11.41 42.47
C SER B 278 -26.05 12.09 43.83
N LYS B 279 -25.61 11.33 44.84
CA LYS B 279 -25.42 11.89 46.18
C LYS B 279 -24.46 13.10 46.16
N LEU B 280 -23.50 13.10 45.22
CA LEU B 280 -22.56 14.21 45.13
C LEU B 280 -23.27 15.47 44.67
N ALA B 281 -24.34 15.29 43.90
CA ALA B 281 -25.14 16.41 43.37
C ALA B 281 -25.89 17.04 44.54
N ASP B 282 -26.27 16.21 45.51
CA ASP B 282 -26.95 16.70 46.71
C ASP B 282 -26.03 17.64 47.49
N ILE B 283 -24.75 17.30 47.59
CA ILE B 283 -23.81 18.14 48.35
C ILE B 283 -23.26 19.35 47.60
N GLY B 284 -23.84 19.66 46.45
CA GLY B 284 -23.38 20.80 45.69
C GLY B 284 -22.21 20.53 44.75
N ARG B 285 -21.87 19.27 44.55
CA ARG B 285 -20.76 18.92 43.67
C ARG B 285 -21.36 18.25 42.45
N VAL B 286 -22.13 19.04 41.69
CA VAL B 286 -22.85 18.55 40.51
C VAL B 286 -22.02 18.06 39.34
N GLU B 287 -20.98 18.79 38.94
CA GLU B 287 -20.14 18.35 37.82
C GLU B 287 -19.59 16.95 38.11
N GLU B 288 -19.02 16.78 39.30
CA GLU B 288 -18.46 15.50 39.74
C GLU B 288 -19.47 14.35 39.82
N SER B 289 -20.75 14.66 39.99
CA SER B 289 -21.76 13.61 40.14
C SER B 289 -22.06 12.86 38.87
N LEU B 290 -21.77 13.48 37.73
CA LEU B 290 -22.02 12.88 36.42
C LEU B 290 -21.20 11.61 36.11
N GLY B 291 -19.95 11.58 36.54
CA GLY B 291 -19.13 10.41 36.24
C GLY B 291 -18.58 10.55 34.84
N TYR B 292 -17.83 9.56 34.37
CA TYR B 292 -17.23 9.60 33.04
C TYR B 292 -17.74 8.54 32.06
N ASN B 293 -18.83 7.85 32.42
CA ASN B 293 -19.40 6.84 31.54
C ASN B 293 -18.34 5.76 31.21
N ALA B 294 -17.56 5.41 32.21
CA ALA B 294 -16.50 4.44 32.03
C ALA B 294 -16.97 3.03 32.33
N ILE B 295 -16.64 2.11 31.44
CA ILE B 295 -17.03 0.71 31.58
C ILE B 295 -15.81 -0.09 32.05
N ALA B 296 -14.66 0.55 32.06
CA ALA B 296 -13.41 -0.06 32.49
C ALA B 296 -12.46 1.10 32.85
N ALA B 297 -11.54 0.84 33.78
CA ALA B 297 -10.60 1.87 34.20
C ALA B 297 -9.26 1.27 34.60
N GLY B 298 -8.26 2.13 34.75
CA GLY B 298 -6.95 1.67 35.16
C GLY B 298 -6.45 2.70 36.13
N PHE B 299 -5.73 2.25 37.17
CA PHE B 299 -5.20 3.18 38.18
C PHE B 299 -3.68 3.08 38.14
N GLN B 300 -3.01 4.19 37.80
CA GLN B 300 -1.55 4.18 37.69
C GLN B 300 -0.84 3.70 38.93
N GLY B 301 -1.10 4.34 40.06
CA GLY B 301 -0.46 3.95 41.31
C GLY B 301 1.02 4.30 41.34
N GLN B 302 1.88 3.32 41.10
CA GLN B 302 3.33 3.51 41.11
C GLN B 302 3.77 4.32 39.92
N ARG B 303 4.80 5.15 40.08
CA ARG B 303 5.54 5.32 41.34
C ARG B 303 5.00 6.52 42.15
N HIS B 304 4.47 7.50 41.42
CA HIS B 304 4.06 8.79 41.96
C HIS B 304 3.01 8.93 43.04
N TRP B 305 2.02 8.06 43.05
CA TRP B 305 1.00 8.13 44.07
C TRP B 305 1.48 7.31 45.28
N THR B 306 1.92 6.08 45.01
CA THR B 306 2.38 5.14 46.04
C THR B 306 3.60 5.58 46.85
N ASP B 307 4.40 6.51 46.33
CA ASP B 307 5.58 7.02 47.05
C ASP B 307 5.15 8.00 48.15
N GLN B 308 3.85 8.25 48.30
CA GLN B 308 3.41 9.15 49.34
C GLN B 308 2.03 8.83 49.89
N TYR B 309 1.19 8.16 49.11
CA TYR B 309 -0.15 7.83 49.56
C TYR B 309 -0.39 6.33 49.55
N PRO B 310 -1.41 5.86 50.28
CA PRO B 310 -1.74 4.42 50.33
C PRO B 310 -1.91 3.87 48.89
N ASN B 311 -1.43 2.64 48.67
CA ASN B 311 -1.53 2.04 47.34
C ASN B 311 -2.95 1.62 47.00
N GLY B 312 -3.16 1.23 45.74
CA GLY B 312 -4.49 0.84 45.30
C GLY B 312 -4.93 -0.57 45.57
N ASP B 313 -4.15 -1.37 46.29
CA ASP B 313 -4.50 -2.77 46.55
C ASP B 313 -5.92 -3.01 47.01
N THR B 314 -6.33 -2.38 48.09
CA THR B 314 -7.68 -2.56 48.62
C THR B 314 -8.79 -2.10 47.66
N ALA B 315 -8.63 -0.92 47.05
CA ALA B 315 -9.62 -0.39 46.10
C ALA B 315 -9.78 -1.36 44.94
N GLU B 316 -8.67 -1.73 44.31
CA GLU B 316 -8.67 -2.66 43.20
C GLU B 316 -9.29 -4.02 43.55
N ALA B 317 -8.91 -4.59 44.70
CA ALA B 317 -9.46 -5.88 45.11
C ALA B 317 -10.97 -5.81 45.30
N ILE B 318 -11.44 -4.75 45.97
CA ILE B 318 -12.88 -4.59 46.23
C ILE B 318 -13.67 -4.30 44.94
N LEU B 319 -13.22 -3.30 44.18
CA LEU B 319 -13.91 -2.94 42.96
C LEU B 319 -14.03 -4.09 41.95
N ASN B 320 -13.00 -4.91 41.84
CA ASN B 320 -13.04 -6.03 40.90
C ASN B 320 -13.80 -7.24 41.43
N SER B 321 -14.19 -7.20 42.70
CA SER B 321 -14.95 -8.28 43.34
C SER B 321 -16.42 -8.12 43.04
N SER B 322 -17.22 -9.16 43.28
CA SER B 322 -18.67 -9.08 43.03
C SER B 322 -19.47 -8.61 44.25
N PHE B 323 -18.81 -7.95 45.19
CA PHE B 323 -19.48 -7.50 46.40
C PHE B 323 -18.65 -6.52 47.20
N ASP B 324 -19.31 -5.83 48.11
CA ASP B 324 -18.68 -4.88 49.01
C ASP B 324 -19.70 -4.59 50.10
N TRP B 325 -19.47 -3.53 50.89
CA TRP B 325 -20.38 -3.16 52.00
C TRP B 325 -21.87 -3.00 51.61
N ASN B 326 -22.14 -2.77 50.33
CA ASN B 326 -23.50 -2.60 49.83
C ASN B 326 -24.14 -3.89 49.31
N GLY B 327 -23.50 -5.04 49.52
CA GLY B 327 -24.05 -6.32 49.06
C GLY B 327 -23.41 -6.80 47.74
N VAL B 328 -23.96 -7.83 47.13
CA VAL B 328 -23.37 -8.32 45.88
C VAL B 328 -23.81 -7.40 44.76
N ARG B 329 -22.93 -7.23 43.77
CA ARG B 329 -23.21 -6.36 42.64
C ARG B 329 -22.33 -6.82 41.49
N GLU B 330 -22.49 -6.18 40.33
CA GLU B 330 -21.67 -6.51 39.17
C GLU B 330 -20.25 -6.03 39.47
N PRO B 331 -19.24 -6.86 39.21
CA PRO B 331 -17.87 -6.39 39.48
C PRO B 331 -17.46 -5.30 38.49
N PHE B 332 -16.57 -4.42 38.92
CA PHE B 332 -16.07 -3.36 38.06
C PHE B 332 -14.80 -3.90 37.39
N VAL B 333 -14.28 -3.19 36.40
CA VAL B 333 -13.08 -3.62 35.74
C VAL B 333 -12.02 -2.54 35.96
N VAL B 334 -11.15 -2.75 36.95
CA VAL B 334 -10.10 -1.80 37.27
C VAL B 334 -8.70 -2.43 37.14
N ALA B 335 -7.96 -1.99 36.14
CA ALA B 335 -6.63 -2.52 35.87
C ALA B 335 -5.54 -1.88 36.77
N THR B 336 -4.73 -2.73 37.39
CA THR B 336 -3.68 -2.21 38.25
C THR B 336 -2.56 -1.70 37.38
N GLU B 337 -1.84 -0.68 37.86
CA GLU B 337 -0.74 -0.08 37.13
C GLU B 337 -1.20 0.53 35.81
N ASN B 338 -2.49 0.86 35.75
CA ASN B 338 -3.12 1.42 34.55
C ASN B 338 -2.77 0.63 33.29
N ASP B 339 -2.69 -0.70 33.38
CA ASP B 339 -2.38 -1.51 32.22
C ASP B 339 -3.66 -1.70 31.40
N SER B 340 -3.92 -0.73 30.53
CA SER B 340 -5.11 -0.71 29.72
C SER B 340 -5.33 -1.96 28.91
N LEU B 341 -4.25 -2.56 28.39
CA LEU B 341 -4.35 -3.77 27.58
C LEU B 341 -4.83 -4.96 28.39
N ASN B 342 -4.48 -4.99 29.68
CA ASN B 342 -4.98 -6.04 30.55
C ASN B 342 -6.44 -5.66 30.88
N GLY B 343 -6.71 -4.36 30.95
CA GLY B 343 -8.06 -3.88 31.22
C GLY B 343 -9.00 -4.38 30.13
N VAL B 344 -8.56 -4.23 28.88
CA VAL B 344 -9.33 -4.67 27.72
C VAL B 344 -9.62 -6.18 27.80
N ALA B 345 -8.61 -6.97 28.17
CA ALA B 345 -8.79 -8.41 28.27
C ALA B 345 -9.81 -8.70 29.37
N MET B 346 -9.74 -7.95 30.46
CA MET B 346 -10.70 -8.10 31.57
C MET B 346 -12.11 -7.71 31.13
N LEU B 347 -12.20 -6.64 30.34
CA LEU B 347 -13.48 -6.13 29.83
C LEU B 347 -14.14 -7.21 28.98
N MET B 348 -13.39 -7.76 28.03
CA MET B 348 -13.88 -8.82 27.16
C MET B 348 -14.36 -10.01 28.00
N GLY B 349 -13.50 -10.48 28.91
CA GLY B 349 -13.86 -11.61 29.76
C GLY B 349 -15.13 -11.37 30.56
N HIS B 350 -15.24 -10.18 31.14
CA HIS B 350 -16.42 -9.86 31.93
C HIS B 350 -17.68 -9.76 31.08
N GLN B 351 -17.59 -9.12 29.91
CA GLN B 351 -18.75 -8.96 29.01
C GLN B 351 -19.22 -10.32 28.48
N LEU B 352 -18.28 -11.25 28.35
CA LEU B 352 -18.59 -12.58 27.85
C LEU B 352 -19.17 -13.51 28.91
N THR B 353 -18.77 -13.35 30.17
CA THR B 353 -19.24 -14.26 31.23
C THR B 353 -20.05 -13.65 32.35
N GLY B 354 -19.91 -12.33 32.53
CA GLY B 354 -20.60 -11.64 33.59
C GLY B 354 -19.97 -11.89 34.96
N THR B 355 -18.75 -12.44 34.98
CA THR B 355 -18.06 -12.76 36.22
C THR B 355 -16.88 -11.81 36.53
N ALA B 356 -16.32 -11.95 37.73
CA ALA B 356 -15.17 -11.14 38.19
C ALA B 356 -13.91 -11.61 37.49
N GLN B 357 -13.02 -10.70 37.16
CA GLN B 357 -11.81 -11.04 36.44
C GLN B 357 -10.56 -10.93 37.33
N VAL B 358 -9.64 -11.87 37.18
CA VAL B 358 -8.42 -11.87 37.97
C VAL B 358 -7.21 -11.28 37.20
N PHE B 359 -6.65 -10.19 37.75
CA PHE B 359 -5.48 -9.52 37.16
C PHE B 359 -4.29 -10.25 37.77
N ALA B 360 -3.30 -10.60 36.95
CA ALA B 360 -2.16 -11.33 37.46
C ALA B 360 -0.84 -11.02 36.80
N ASP B 361 0.23 -11.14 37.58
CA ASP B 361 1.58 -10.98 37.05
C ASP B 361 1.96 -12.42 36.75
N VAL B 362 2.51 -12.63 35.56
CA VAL B 362 2.93 -13.97 35.16
C VAL B 362 4.33 -13.99 35.74
N ARG B 363 4.43 -14.33 37.03
CA ARG B 363 5.71 -14.26 37.69
C ARG B 363 6.81 -15.28 37.52
N THR B 364 6.51 -16.55 37.67
CA THR B 364 7.56 -17.55 37.55
C THR B 364 7.12 -18.83 36.85
N TYR B 365 8.06 -19.42 36.11
CA TYR B 365 7.79 -20.69 35.50
C TYR B 365 8.62 -21.67 36.36
N TRP B 366 7.94 -22.64 36.96
CA TRP B 366 8.58 -23.64 37.80
C TRP B 366 8.64 -24.95 37.04
N SER B 367 9.84 -25.33 36.60
CA SER B 367 10.01 -26.58 35.88
C SER B 367 9.99 -27.71 36.90
N PRO B 368 9.63 -28.94 36.48
CA PRO B 368 9.62 -30.05 37.44
C PRO B 368 10.99 -30.25 38.11
N GLU B 369 12.08 -30.01 37.37
CA GLU B 369 13.44 -30.14 37.92
C GLU B 369 13.65 -29.11 39.04
N ALA B 370 13.21 -27.88 38.78
CA ALA B 370 13.33 -26.78 39.73
C ALA B 370 12.52 -27.06 40.99
N ILE B 371 11.32 -27.59 40.81
CA ILE B 371 10.47 -27.91 41.95
C ILE B 371 11.18 -28.95 42.78
N GLU B 372 11.61 -30.03 42.12
CA GLU B 372 12.29 -31.10 42.81
C GLU B 372 13.50 -30.59 43.57
N ARG B 373 14.32 -29.79 42.91
CA ARG B 373 15.52 -29.27 43.56
C ARG B 373 15.25 -28.49 44.83
N VAL B 374 14.31 -27.54 44.78
CA VAL B 374 14.03 -26.73 45.95
C VAL B 374 13.11 -27.32 47.03
N THR B 375 12.28 -28.30 46.68
CA THR B 375 11.35 -28.86 47.67
C THR B 375 11.46 -30.36 47.89
N GLY B 376 12.09 -31.07 46.96
CA GLY B 376 12.22 -32.50 47.10
C GLY B 376 11.07 -33.33 46.56
N HIS B 377 9.87 -32.75 46.45
CA HIS B 377 8.70 -33.49 45.94
C HIS B 377 8.67 -33.64 44.41
N LYS B 378 8.68 -34.88 43.92
CA LYS B 378 8.61 -35.16 42.48
C LYS B 378 7.11 -35.01 42.17
N LEU B 379 6.76 -34.14 41.24
CA LEU B 379 5.34 -33.87 40.91
C LEU B 379 4.62 -34.62 39.79
N ASP B 380 3.32 -34.85 40.03
CA ASP B 380 2.43 -35.54 39.08
C ASP B 380 1.08 -34.79 38.96
N GLY B 381 0.09 -35.42 38.34
CA GLY B 381 -1.22 -34.79 38.16
C GLY B 381 -1.13 -33.69 37.12
N LEU B 382 -1.96 -32.65 37.25
CA LEU B 382 -1.96 -31.52 36.33
C LEU B 382 -0.60 -30.79 36.32
N ALA B 383 0.04 -30.75 37.48
CA ALA B 383 1.33 -30.06 37.64
C ALA B 383 2.52 -30.88 37.17
N GLU B 384 2.26 -32.07 36.66
CA GLU B 384 3.32 -32.95 36.22
C GLU B 384 4.35 -32.37 35.24
N HIS B 385 3.93 -31.44 34.37
CA HIS B 385 4.83 -30.87 33.37
C HIS B 385 5.39 -29.49 33.63
N GLY B 386 5.14 -28.96 34.80
CA GLY B 386 5.63 -27.63 35.08
C GLY B 386 4.45 -26.82 35.55
N ILE B 387 4.72 -25.66 36.11
CA ILE B 387 3.65 -24.84 36.65
C ILE B 387 4.00 -23.36 36.51
N ILE B 388 2.98 -22.51 36.37
CA ILE B 388 3.22 -21.08 36.24
C ILE B 388 2.60 -20.35 37.43
N HIS B 389 3.42 -19.56 38.11
CA HIS B 389 2.97 -18.82 39.27
C HIS B 389 2.36 -17.49 38.88
N LEU B 390 1.05 -17.35 39.09
CA LEU B 390 0.33 -16.12 38.77
C LEU B 390 -0.02 -15.41 40.08
N ILE B 391 0.60 -14.26 40.31
CA ILE B 391 0.41 -13.46 41.52
C ILE B 391 0.37 -12.00 41.15
N ASN B 392 -0.74 -11.31 41.40
CA ASN B 392 -0.74 -9.87 41.12
C ASN B 392 -0.05 -9.18 42.31
N SER B 393 0.58 -8.04 42.05
CA SER B 393 1.30 -7.28 43.06
C SER B 393 0.47 -6.64 44.20
N GLY B 394 -0.43 -7.40 44.81
CA GLY B 394 -1.21 -6.88 45.92
C GLY B 394 -2.72 -6.97 45.89
N SER B 395 -3.31 -7.10 44.71
CA SER B 395 -4.76 -7.15 44.61
C SER B 395 -5.24 -8.20 43.63
N ALA B 396 -6.50 -8.60 43.79
CA ALA B 396 -7.15 -9.57 42.94
C ALA B 396 -8.59 -9.67 43.45
N ALA B 397 -9.54 -9.86 42.54
CA ALA B 397 -10.93 -9.98 42.89
C ALA B 397 -11.05 -11.09 43.93
N LEU B 398 -11.72 -10.82 45.03
CA LEU B 398 -11.85 -11.81 46.09
C LEU B 398 -12.54 -13.08 45.60
N ASP B 399 -13.35 -12.94 44.55
CA ASP B 399 -14.04 -14.09 43.97
C ASP B 399 -12.98 -15.12 43.56
N GLY B 400 -11.79 -14.62 43.24
CA GLY B 400 -10.70 -15.47 42.80
C GLY B 400 -10.28 -16.59 43.74
N SER B 401 -10.74 -16.53 44.98
CA SER B 401 -10.41 -17.57 45.97
C SER B 401 -11.09 -18.89 45.59
N CYS B 402 -12.15 -18.78 44.79
CA CYS B 402 -12.95 -19.92 44.33
C CYS B 402 -13.69 -20.60 45.48
N LYS B 403 -14.18 -19.78 46.41
CA LYS B 403 -14.93 -20.28 47.55
C LYS B 403 -16.42 -20.45 47.18
N GLN B 404 -16.84 -19.90 46.03
CA GLN B 404 -18.21 -20.05 45.56
C GLN B 404 -18.31 -21.49 45.05
N ARG B 405 -19.52 -22.03 45.00
CA ARG B 405 -19.71 -23.41 44.56
C ARG B 405 -20.80 -23.47 43.51
N ASP B 406 -20.68 -24.43 42.61
CA ASP B 406 -21.70 -24.61 41.59
C ASP B 406 -22.73 -25.65 42.07
N SER B 407 -23.68 -26.01 41.21
CA SER B 407 -24.71 -27.00 41.51
C SER B 407 -24.10 -28.30 42.07
N GLU B 408 -23.09 -28.82 41.38
CA GLU B 408 -22.41 -30.05 41.77
C GLU B 408 -21.47 -29.91 42.97
N GLY B 409 -21.42 -28.73 43.60
CA GLY B 409 -20.57 -28.54 44.75
C GLY B 409 -19.10 -28.22 44.50
N ASN B 410 -18.72 -28.03 43.24
CA ASN B 410 -17.33 -27.71 42.88
C ASN B 410 -16.95 -26.23 43.05
N PRO B 411 -15.67 -25.94 43.38
CA PRO B 411 -15.24 -24.54 43.55
C PRO B 411 -15.33 -23.82 42.18
N THR B 412 -15.83 -22.58 42.17
CA THR B 412 -16.02 -21.84 40.93
C THR B 412 -16.13 -20.32 41.15
N MET B 413 -16.42 -19.59 40.08
CA MET B 413 -16.62 -18.15 40.12
C MET B 413 -17.91 -18.01 39.32
N LYS B 414 -18.88 -17.29 39.87
CA LYS B 414 -20.17 -17.17 39.21
C LYS B 414 -20.59 -15.77 38.89
N PRO B 415 -21.59 -15.62 37.99
CA PRO B 415 -22.11 -14.30 37.60
C PRO B 415 -22.74 -13.76 38.88
N HIS B 416 -22.59 -12.47 39.13
CA HIS B 416 -23.12 -11.87 40.36
C HIS B 416 -24.56 -12.19 40.71
N TRP B 417 -25.41 -12.40 39.70
CA TRP B 417 -26.81 -12.70 39.96
C TRP B 417 -27.04 -14.09 40.55
N GLU B 418 -25.98 -14.91 40.58
CA GLU B 418 -26.02 -16.25 41.13
C GLU B 418 -25.21 -16.38 42.39
N ILE B 419 -24.69 -15.24 42.89
CA ILE B 419 -23.88 -15.26 44.10
C ILE B 419 -24.75 -14.90 45.28
N SER B 420 -24.75 -15.74 46.30
CA SER B 420 -25.52 -15.50 47.52
C SER B 420 -24.65 -14.77 48.55
N GLN B 421 -25.32 -14.10 49.48
CA GLN B 421 -24.60 -13.37 50.52
C GLN B 421 -23.67 -14.32 51.28
N GLN B 422 -24.10 -15.57 51.45
CA GLN B 422 -23.28 -16.55 52.16
C GLN B 422 -21.95 -16.80 51.46
N GLU B 423 -21.98 -16.85 50.13
CA GLU B 423 -20.77 -17.07 49.33
C GLU B 423 -19.85 -15.85 49.35
N ALA B 424 -20.46 -14.66 49.32
CA ALA B 424 -19.70 -13.41 49.37
C ALA B 424 -18.87 -13.38 50.66
N ASP B 425 -19.53 -13.68 51.79
CA ASP B 425 -18.86 -13.69 53.10
C ASP B 425 -17.77 -14.76 53.17
N ALA B 426 -18.01 -15.91 52.53
CA ALA B 426 -17.04 -17.01 52.48
C ALA B 426 -15.76 -16.57 51.77
N CYS B 427 -15.91 -15.79 50.70
CA CYS B 427 -14.74 -15.29 49.95
C CYS B 427 -13.94 -14.30 50.80
N LEU B 428 -14.65 -13.44 51.53
CA LEU B 428 -14.02 -12.47 52.40
C LEU B 428 -13.29 -13.20 53.54
N ALA B 429 -13.88 -14.28 54.03
CA ALA B 429 -13.28 -15.04 55.12
C ALA B 429 -12.02 -15.78 54.68
N ALA B 430 -11.89 -16.05 53.39
CA ALA B 430 -10.72 -16.74 52.84
C ALA B 430 -9.58 -15.76 52.50
N THR B 431 -9.82 -14.47 52.73
CA THR B 431 -8.84 -13.42 52.44
C THR B 431 -8.24 -12.81 53.72
N GLU B 432 -6.94 -12.55 53.69
CA GLU B 432 -6.27 -11.92 54.81
C GLU B 432 -5.69 -10.64 54.24
N TRP B 433 -5.87 -9.55 54.97
CA TRP B 433 -5.36 -8.27 54.53
C TRP B 433 -3.99 -8.00 55.16
N CYS B 434 -2.98 -7.89 54.32
CA CYS B 434 -1.62 -7.67 54.78
C CYS B 434 -1.06 -6.29 54.45
N PRO B 435 -0.36 -5.67 55.40
CA PRO B 435 0.22 -4.35 55.16
C PRO B 435 1.18 -4.39 53.97
N ALA B 436 1.17 -3.33 53.16
CA ALA B 436 2.05 -3.21 52.00
C ALA B 436 3.53 -3.05 52.44
N ILE B 437 4.45 -3.56 51.62
CA ILE B 437 5.88 -3.47 51.94
C ILE B 437 6.34 -2.03 51.67
N HIS B 438 6.68 -1.35 52.75
CA HIS B 438 7.11 0.05 52.76
C HIS B 438 8.09 0.60 51.69
N GLU B 439 9.22 -0.07 51.46
CA GLU B 439 10.19 0.42 50.48
C GLU B 439 9.61 0.52 49.07
N TYR B 440 8.61 -0.32 48.78
CA TYR B 440 7.96 -0.31 47.48
C TYR B 440 6.76 0.61 47.51
N PHE B 441 5.96 0.52 48.56
CA PHE B 441 4.77 1.33 48.71
C PHE B 441 4.90 2.16 50.00
N ARG B 442 5.63 3.27 49.90
CA ARG B 442 5.89 4.14 51.05
C ARG B 442 4.66 4.73 51.73
N GLY B 443 3.55 4.83 51.01
CA GLY B 443 2.35 5.38 51.62
C GLY B 443 1.55 4.34 52.38
N GLY B 444 1.95 3.07 52.27
CA GLY B 444 1.24 1.99 52.95
C GLY B 444 0.18 1.38 52.07
N GLY B 445 -0.61 0.49 52.64
CA GLY B 445 -1.68 -0.15 51.89
C GLY B 445 -2.00 -1.52 52.46
N TYR B 446 -3.04 -2.16 51.93
CA TYR B 446 -3.43 -3.49 52.39
C TYR B 446 -3.69 -4.41 51.21
N SER B 447 -2.88 -5.47 51.11
CA SER B 447 -2.97 -6.47 50.05
C SER B 447 -3.98 -7.56 50.41
N SER B 448 -4.66 -8.09 49.38
CA SER B 448 -5.64 -9.15 49.54
C SER B 448 -4.97 -10.50 49.25
N ARG B 449 -4.63 -11.23 50.31
CA ARG B 449 -4.00 -12.52 50.11
C ARG B 449 -5.00 -13.66 50.26
N PHE B 450 -4.99 -14.55 49.27
CA PHE B 450 -5.83 -15.73 49.27
C PHE B 450 -5.14 -16.71 48.34
N LEU B 451 -5.54 -17.97 48.40
CA LEU B 451 -4.98 -19.01 47.56
C LEU B 451 -6.14 -19.61 46.80
N THR B 452 -6.06 -19.55 45.47
CA THR B 452 -7.09 -20.12 44.62
C THR B 452 -7.11 -21.65 44.73
N GLU B 453 -8.30 -22.19 44.89
CA GLU B 453 -8.46 -23.65 45.00
C GLU B 453 -8.01 -24.33 43.71
N GLY B 454 -7.43 -25.51 43.86
CA GLY B 454 -6.96 -26.27 42.70
C GLY B 454 -8.07 -26.96 41.91
N GLY B 455 -7.71 -27.43 40.71
CA GLY B 455 -8.67 -28.14 39.87
C GLY B 455 -9.76 -27.34 39.18
N VAL B 456 -9.64 -26.02 39.15
CA VAL B 456 -10.65 -25.17 38.51
C VAL B 456 -10.19 -24.79 37.11
N PRO B 457 -11.06 -24.98 36.09
CA PRO B 457 -10.67 -24.63 34.73
C PRO B 457 -10.62 -23.10 34.57
N PHE B 458 -9.59 -22.62 33.92
CA PHE B 458 -9.42 -21.19 33.74
C PHE B 458 -8.92 -20.90 32.34
N THR B 459 -9.12 -19.67 31.89
CA THR B 459 -8.65 -19.25 30.59
C THR B 459 -7.85 -17.99 30.82
N MET B 460 -6.57 -18.04 30.46
CA MET B 460 -5.68 -16.90 30.60
C MET B 460 -5.58 -16.15 29.26
N THR B 461 -5.85 -14.85 29.27
CA THR B 461 -5.73 -14.07 28.05
C THR B 461 -4.88 -12.80 28.20
N ARG B 462 -4.58 -12.16 27.08
CA ARG B 462 -3.80 -10.94 27.03
C ARG B 462 -3.91 -10.32 25.64
N VAL B 463 -4.03 -9.01 25.59
CA VAL B 463 -4.07 -8.29 24.32
C VAL B 463 -2.77 -7.46 24.31
N ASN B 464 -2.08 -7.42 23.18
CA ASN B 464 -0.86 -6.64 23.05
C ASN B 464 -0.96 -5.88 21.76
N ILE B 465 -0.30 -4.74 21.70
CA ILE B 465 -0.30 -3.94 20.50
C ILE B 465 1.10 -4.08 19.91
N ILE B 466 1.16 -4.51 18.66
CA ILE B 466 2.42 -4.73 17.95
C ILE B 466 2.50 -3.71 16.83
N LYS B 467 3.49 -2.82 16.91
CA LYS B 467 3.61 -1.80 15.90
C LYS B 467 3.77 -2.42 14.52
N GLY B 468 2.97 -1.92 13.57
CA GLY B 468 3.02 -2.41 12.21
C GLY B 468 2.09 -3.61 11.96
N LEU B 469 1.43 -4.09 13.00
CA LEU B 469 0.55 -5.22 12.90
C LEU B 469 -0.77 -4.83 13.52
N GLY B 470 -0.70 -4.21 14.70
CA GLY B 470 -1.91 -3.78 15.40
C GLY B 470 -2.10 -4.64 16.62
N PRO B 471 -3.32 -4.72 17.16
CA PRO B 471 -3.53 -5.54 18.35
C PRO B 471 -3.58 -7.03 18.02
N VAL B 472 -3.23 -7.87 18.99
CA VAL B 472 -3.27 -9.32 18.84
C VAL B 472 -3.75 -9.88 20.16
N LEU B 473 -4.40 -11.04 20.12
CA LEU B 473 -4.91 -11.69 21.31
C LEU B 473 -4.18 -13.00 21.57
N GLN B 474 -3.93 -13.30 22.85
CA GLN B 474 -3.27 -14.52 23.28
C GLN B 474 -4.22 -15.24 24.21
N ILE B 475 -4.31 -16.56 24.07
CA ILE B 475 -5.19 -17.37 24.88
C ILE B 475 -4.46 -18.65 25.35
N ALA B 476 -4.71 -19.06 26.57
CA ALA B 476 -4.15 -20.26 27.12
C ALA B 476 -5.11 -20.84 28.16
N GLU B 477 -5.83 -21.88 27.77
CA GLU B 477 -6.76 -22.57 28.67
C GLU B 477 -5.94 -23.53 29.52
N GLY B 478 -6.38 -23.74 30.76
CA GLY B 478 -5.66 -24.63 31.65
C GLY B 478 -6.47 -24.80 32.92
N TRP B 479 -5.79 -25.11 34.02
CA TRP B 479 -6.45 -25.33 35.31
C TRP B 479 -5.56 -24.81 36.41
N SER B 480 -6.17 -24.44 37.54
CA SER B 480 -5.40 -24.01 38.70
C SER B 480 -5.03 -25.31 39.39
N VAL B 481 -3.86 -25.41 39.99
CA VAL B 481 -3.55 -26.65 40.64
C VAL B 481 -3.42 -26.46 42.14
N GLU B 482 -3.51 -27.56 42.88
CA GLU B 482 -3.35 -27.52 44.33
C GLU B 482 -2.07 -28.25 44.65
N LEU B 483 -1.15 -27.55 45.29
CA LEU B 483 0.12 -28.13 45.67
C LEU B 483 0.03 -28.55 47.14
N PRO B 484 0.74 -29.62 47.51
CA PRO B 484 0.70 -30.06 48.90
C PRO B 484 1.17 -28.93 49.82
N LYS B 485 0.48 -28.76 50.96
CA LYS B 485 0.78 -27.73 51.96
C LYS B 485 2.26 -27.40 52.16
N ASP B 486 3.11 -28.45 52.21
CA ASP B 486 4.55 -28.30 52.41
C ASP B 486 5.33 -27.60 51.28
N VAL B 487 4.98 -27.92 50.03
CA VAL B 487 5.60 -27.35 48.83
C VAL B 487 5.18 -25.88 48.58
N HIS B 488 3.88 -25.62 48.70
CA HIS B 488 3.34 -24.28 48.50
C HIS B 488 4.09 -23.26 49.38
N ASP B 489 4.30 -23.62 50.65
CA ASP B 489 4.99 -22.73 51.58
C ASP B 489 6.42 -22.40 51.18
N ILE B 490 7.15 -23.39 50.68
CA ILE B 490 8.54 -23.18 50.27
C ILE B 490 8.58 -22.13 49.16
N LEU B 491 7.77 -22.36 48.14
CA LEU B 491 7.71 -21.48 46.98
C LEU B 491 7.13 -20.10 47.29
N ASN B 492 6.07 -20.07 48.11
CA ASN B 492 5.42 -18.82 48.47
C ASN B 492 6.31 -17.89 49.31
N LYS B 493 7.04 -18.44 50.28
CA LYS B 493 7.91 -17.63 51.12
C LYS B 493 9.07 -17.07 50.30
N ARG B 494 9.48 -17.87 49.33
CA ARG B 494 10.59 -17.55 48.45
C ARG B 494 10.24 -16.46 47.45
N THR B 495 8.94 -16.23 47.25
CA THR B 495 8.47 -15.25 46.26
C THR B 495 7.88 -13.97 46.87
N ASN B 496 6.59 -13.97 47.17
CA ASN B 496 5.93 -12.82 47.75
C ASN B 496 4.70 -13.29 48.52
N SER B 497 4.97 -13.82 49.72
CA SER B 497 3.96 -14.38 50.62
C SER B 497 2.71 -13.56 50.98
N THR B 498 2.78 -12.24 50.81
CA THR B 498 1.65 -11.37 51.14
C THR B 498 0.70 -11.09 49.96
N TRP B 499 0.99 -11.68 48.79
CA TRP B 499 0.19 -11.49 47.59
C TRP B 499 -0.69 -12.70 47.22
N PRO B 500 -1.82 -12.45 46.54
CA PRO B 500 -2.73 -13.53 46.14
C PRO B 500 -2.08 -14.48 45.12
N THR B 501 -2.20 -15.79 45.35
CA THR B 501 -1.60 -16.78 44.45
C THR B 501 -2.55 -17.70 43.70
N THR B 502 -2.15 -18.04 42.48
CA THR B 502 -2.88 -18.97 41.61
C THR B 502 -1.81 -19.79 40.88
N TRP B 503 -1.78 -21.09 41.13
CA TRP B 503 -0.84 -21.98 40.47
C TRP B 503 -1.59 -22.42 39.22
N PHE B 504 -0.97 -22.21 38.07
CA PHE B 504 -1.63 -22.50 36.81
C PHE B 504 -0.91 -23.49 35.94
N ALA B 505 -1.66 -24.44 35.41
CA ALA B 505 -1.11 -25.47 34.50
C ALA B 505 -1.87 -25.38 33.16
N PRO B 506 -1.18 -24.97 32.07
CA PRO B 506 -1.83 -24.86 30.76
C PRO B 506 -1.96 -26.22 30.07
N ARG B 507 -3.04 -26.40 29.31
CA ARG B 507 -3.24 -27.66 28.59
C ARG B 507 -2.25 -27.69 27.44
N LEU B 508 -1.43 -28.73 27.39
CA LEU B 508 -0.48 -28.84 26.30
C LEU B 508 -1.07 -29.50 25.05
N THR B 509 -0.58 -29.10 23.87
CA THR B 509 -1.04 -29.65 22.60
C THR B 509 0.09 -30.40 21.88
N GLY B 510 1.34 -30.18 22.29
CA GLY B 510 2.47 -30.84 21.67
C GLY B 510 3.05 -30.06 20.49
N LYS B 511 2.33 -29.02 20.05
CA LYS B 511 2.78 -28.20 18.93
C LYS B 511 2.94 -26.72 19.29
N GLY B 512 3.87 -26.06 18.60
CA GLY B 512 4.10 -24.63 18.81
C GLY B 512 4.40 -24.25 20.24
N PRO B 513 3.87 -23.11 20.74
CA PRO B 513 4.08 -22.63 22.10
C PRO B 513 3.53 -23.59 23.17
N PHE B 514 2.72 -24.56 22.74
CA PHE B 514 2.13 -25.49 23.69
C PHE B 514 2.77 -26.84 23.68
N THR B 515 4.07 -26.86 23.39
CA THR B 515 4.88 -28.07 23.38
C THR B 515 5.10 -28.46 24.84
N ASP B 516 5.38 -27.46 25.67
CA ASP B 516 5.61 -27.66 27.10
C ASP B 516 5.24 -26.40 27.82
N VAL B 517 5.20 -26.47 29.14
CA VAL B 517 4.84 -25.31 29.94
C VAL B 517 5.82 -24.13 29.78
N TYR B 518 7.10 -24.44 29.61
CA TYR B 518 8.09 -23.40 29.45
C TYR B 518 7.78 -22.53 28.24
N SER B 519 7.38 -23.18 27.15
CA SER B 519 7.07 -22.49 25.90
C SER B 519 5.86 -21.58 26.02
N VAL B 520 4.89 -21.98 26.85
CA VAL B 520 3.71 -21.16 27.05
C VAL B 520 4.19 -19.84 27.72
N MET B 521 5.02 -19.97 28.74
CA MET B 521 5.55 -18.83 29.45
C MET B 521 6.41 -17.98 28.52
N ALA B 522 7.39 -18.61 27.87
CA ALA B 522 8.31 -17.91 26.98
C ALA B 522 7.65 -17.16 25.82
N ASN B 523 6.44 -17.57 25.45
CA ASN B 523 5.76 -16.91 24.35
C ASN B 523 4.66 -15.94 24.79
N TRP B 524 4.53 -15.71 26.09
CA TRP B 524 3.55 -14.75 26.58
C TRP B 524 4.11 -13.37 26.23
N GLY B 525 3.26 -12.51 25.65
CA GLY B 525 3.71 -11.20 25.20
C GLY B 525 3.76 -10.02 26.15
N ALA B 526 3.63 -10.27 27.46
CA ALA B 526 3.67 -9.22 28.45
C ALA B 526 3.92 -9.88 29.81
N ASN B 527 4.04 -9.08 30.86
CA ASN B 527 4.26 -9.60 32.21
C ASN B 527 2.93 -9.75 32.96
N HIS B 528 1.83 -9.41 32.28
CA HIS B 528 0.51 -9.53 32.89
C HIS B 528 -0.40 -10.42 32.06
N GLY B 529 -1.43 -10.92 32.71
CA GLY B 529 -2.40 -11.77 32.06
C GLY B 529 -3.68 -11.64 32.83
N VAL B 530 -4.77 -12.12 32.24
CA VAL B 530 -6.06 -12.09 32.88
C VAL B 530 -6.59 -13.51 32.97
N LEU B 531 -7.20 -13.83 34.11
CA LEU B 531 -7.79 -15.15 34.30
C LEU B 531 -9.31 -15.02 34.30
N THR B 532 -9.97 -15.80 33.44
CA THR B 532 -11.43 -15.83 33.37
C THR B 532 -11.81 -17.27 33.71
N ILE B 533 -12.85 -17.42 34.52
CA ILE B 533 -13.30 -18.76 34.93
C ILE B 533 -13.76 -19.61 33.75
N GLY B 534 -13.42 -20.90 33.81
CA GLY B 534 -13.81 -21.84 32.76
C GLY B 534 -12.92 -21.86 31.55
N HIS B 535 -13.29 -22.67 30.57
CA HIS B 535 -12.54 -22.76 29.33
C HIS B 535 -13.36 -22.01 28.28
N VAL B 536 -13.15 -20.70 28.22
CA VAL B 536 -13.88 -19.82 27.31
C VAL B 536 -13.09 -19.31 26.11
N GLY B 537 -12.04 -20.05 25.76
CA GLY B 537 -11.21 -19.68 24.63
C GLY B 537 -12.04 -19.53 23.36
N ALA B 538 -12.95 -20.45 23.12
CA ALA B 538 -13.80 -20.41 21.94
C ALA B 538 -14.57 -19.09 21.87
N ASP B 539 -15.02 -18.59 23.02
CA ASP B 539 -15.76 -17.32 23.03
C ASP B 539 -14.83 -16.16 22.70
N PHE B 540 -13.62 -16.21 23.25
CA PHE B 540 -12.64 -15.16 22.96
C PHE B 540 -12.28 -15.11 21.48
N ILE B 541 -12.17 -16.29 20.86
CA ILE B 541 -11.84 -16.40 19.44
C ILE B 541 -12.96 -15.83 18.56
N THR B 542 -14.22 -16.11 18.91
CA THR B 542 -15.34 -15.57 18.16
C THR B 542 -15.42 -14.06 18.31
N LEU B 543 -15.28 -13.58 19.56
CA LEU B 543 -15.31 -12.15 19.85
C LEU B 543 -14.22 -11.42 19.07
N ALA B 544 -13.02 -12.02 19.02
CA ALA B 544 -11.86 -11.41 18.35
C ALA B 544 -12.07 -11.27 16.87
N SER B 545 -12.76 -12.25 16.27
CA SER B 545 -13.01 -12.21 14.82
C SER B 545 -14.01 -11.10 14.50
N MET B 546 -14.93 -10.82 15.43
CA MET B 546 -15.91 -9.75 15.24
C MET B 546 -15.20 -8.40 15.29
N LEU B 547 -14.11 -8.32 16.07
CA LEU B 547 -13.33 -7.09 16.21
C LEU B 547 -12.10 -7.04 15.30
N ARG B 548 -11.87 -8.10 14.55
CA ARG B 548 -10.72 -8.22 13.64
C ARG B 548 -9.38 -8.14 14.34
N ILE B 549 -9.29 -8.80 15.49
CA ILE B 549 -8.03 -8.86 16.25
C ILE B 549 -7.47 -10.29 16.05
N PRO B 550 -6.32 -10.42 15.38
CA PRO B 550 -5.74 -11.75 15.15
C PRO B 550 -5.39 -12.46 16.46
N VAL B 551 -5.62 -13.77 16.53
CA VAL B 551 -5.28 -14.55 17.72
C VAL B 551 -3.92 -15.15 17.37
N CYS B 552 -2.86 -14.62 17.99
CA CYS B 552 -1.53 -15.05 17.67
C CYS B 552 -1.10 -16.28 18.42
N MET B 553 -1.90 -16.69 19.41
CA MET B 553 -1.55 -17.86 20.21
C MET B 553 -2.77 -18.38 20.95
N HIS B 554 -3.02 -19.68 20.88
CA HIS B 554 -4.15 -20.29 21.59
C HIS B 554 -4.00 -21.81 21.54
N ASN B 555 -4.70 -22.50 22.43
CA ASN B 555 -4.66 -23.97 22.49
C ASN B 555 -6.08 -24.54 22.44
N VAL B 556 -6.96 -23.85 21.75
CA VAL B 556 -8.36 -24.29 21.63
C VAL B 556 -8.47 -25.28 20.47
N GLU B 557 -9.33 -26.29 20.61
CA GLU B 557 -9.52 -27.27 19.54
C GLU B 557 -10.02 -26.62 18.25
N GLU B 558 -9.41 -27.02 17.15
CA GLU B 558 -9.74 -26.51 15.83
C GLU B 558 -11.24 -26.56 15.52
N THR B 559 -11.92 -27.60 15.99
CA THR B 559 -13.36 -27.75 15.74
C THR B 559 -14.19 -26.72 16.50
N LYS B 560 -13.62 -26.12 17.52
CA LYS B 560 -14.38 -25.14 18.27
C LYS B 560 -14.22 -23.69 17.78
N VAL B 561 -13.40 -23.45 16.76
CA VAL B 561 -13.26 -22.07 16.26
C VAL B 561 -14.41 -21.73 15.33
N TYR B 562 -15.12 -20.67 15.70
CA TYR B 562 -16.31 -20.21 15.01
C TYR B 562 -16.10 -18.74 14.63
N ARG B 563 -15.98 -18.48 13.33
CA ARG B 563 -15.74 -17.12 12.85
C ARG B 563 -16.67 -16.82 11.65
N PRO B 564 -16.69 -15.56 11.15
CA PRO B 564 -17.55 -15.27 10.01
C PRO B 564 -17.14 -16.19 8.86
N SER B 565 -18.09 -16.62 8.04
CA SER B 565 -17.76 -17.54 6.96
C SER B 565 -16.69 -17.03 5.98
N ALA B 566 -16.56 -15.71 5.83
CA ALA B 566 -15.58 -15.14 4.91
C ALA B 566 -14.14 -15.52 5.28
N TRP B 567 -13.92 -15.90 6.53
CA TRP B 567 -12.59 -16.28 6.95
C TRP B 567 -12.09 -17.48 6.14
N ALA B 568 -12.99 -18.44 5.88
CA ALA B 568 -12.64 -19.64 5.14
C ALA B 568 -12.14 -19.35 3.74
N ALA B 569 -12.64 -18.28 3.13
CA ALA B 569 -12.20 -17.91 1.80
C ALA B 569 -10.74 -17.46 1.82
N HIS B 570 -10.25 -17.15 3.01
CA HIS B 570 -8.87 -16.72 3.19
C HIS B 570 -7.95 -17.89 3.49
N GLY B 571 -8.49 -19.11 3.46
CA GLY B 571 -7.68 -20.28 3.69
C GLY B 571 -8.22 -21.31 4.66
N MET B 572 -7.72 -22.53 4.53
CA MET B 572 -8.09 -23.66 5.39
C MET B 572 -7.37 -23.56 6.72
N ASP B 573 -6.17 -22.96 6.71
CA ASP B 573 -5.37 -22.83 7.92
C ASP B 573 -6.00 -21.87 8.90
N ILE B 574 -6.27 -22.37 10.10
CA ILE B 574 -6.86 -21.59 11.20
C ILE B 574 -6.08 -20.31 11.52
N GLU B 575 -4.76 -20.32 11.37
CA GLU B 575 -3.99 -19.11 11.65
C GLU B 575 -3.87 -18.19 10.44
N GLY B 576 -3.46 -18.76 9.31
CA GLY B 576 -3.29 -17.99 8.08
C GLY B 576 -4.56 -17.28 7.66
N GLN B 577 -5.70 -17.96 7.74
CA GLN B 577 -6.99 -17.34 7.34
C GLN B 577 -7.26 -16.12 8.22
N ASP B 578 -6.86 -16.20 9.48
CA ASP B 578 -7.08 -15.13 10.46
C ASP B 578 -6.25 -13.90 10.18
N TYR B 579 -4.95 -14.07 10.02
CA TYR B 579 -4.12 -12.90 9.72
C TYR B 579 -4.51 -12.26 8.39
N ARG B 580 -4.83 -13.08 7.40
CA ARG B 580 -5.23 -12.58 6.08
C ARG B 580 -6.56 -11.81 6.15
N ALA B 581 -7.56 -12.39 6.81
CA ALA B 581 -8.86 -11.76 6.93
C ALA B 581 -8.81 -10.46 7.74
N CYS B 582 -8.11 -10.48 8.88
CA CYS B 582 -8.01 -9.30 9.73
C CYS B 582 -7.34 -8.15 9.01
N GLN B 583 -6.32 -8.46 8.22
CA GLN B 583 -5.63 -7.44 7.46
C GLN B 583 -6.58 -6.88 6.39
N ASN B 584 -7.36 -7.78 5.80
CA ASN B 584 -8.31 -7.40 4.75
C ASN B 584 -9.36 -6.43 5.31
N TYR B 585 -10.17 -6.90 6.23
CA TYR B 585 -11.22 -6.08 6.81
C TYR B 585 -10.83 -4.92 7.72
N GLY B 586 -9.75 -5.06 8.49
CA GLY B 586 -9.34 -3.98 9.36
C GLY B 586 -10.25 -3.71 10.56
N PRO B 587 -9.93 -2.67 11.36
CA PRO B 587 -10.74 -2.32 12.54
C PRO B 587 -12.17 -2.03 12.14
N LEU B 588 -13.07 -2.28 13.06
CA LEU B 588 -14.50 -2.15 12.86
C LEU B 588 -15.05 -0.73 12.68
N TYR B 589 -14.47 0.25 13.37
CA TYR B 589 -14.97 1.62 13.31
C TYR B 589 -14.24 2.62 12.41
N LYS B 590 -12.95 2.45 12.16
CA LYS B 590 -12.26 3.40 11.27
C LYS B 590 -10.83 3.04 10.86
N ARG B 591 -10.44 3.54 9.70
CA ARG B 591 -9.11 3.32 9.13
C ARG B 591 -8.84 1.84 8.89
N MET C 1 -15.42 -18.17 -39.67
CA MET C 1 -16.50 -18.84 -38.90
C MET C 1 -15.88 -20.13 -38.41
N LYS C 2 -15.86 -20.33 -37.09
CA LYS C 2 -15.27 -21.53 -36.49
C LYS C 2 -13.77 -21.53 -36.78
N LYS C 3 -13.01 -22.26 -35.97
CA LYS C 3 -11.56 -22.35 -36.13
C LYS C 3 -10.90 -20.99 -36.25
N ILE C 4 -11.52 -19.97 -35.66
CA ILE C 4 -11.00 -18.61 -35.69
C ILE C 4 -9.67 -18.51 -34.94
N SER C 5 -8.61 -18.98 -35.59
CA SER C 5 -7.27 -19.02 -35.04
C SER C 5 -7.16 -19.50 -33.61
N LEU C 6 -6.70 -20.74 -33.50
CA LEU C 6 -6.50 -21.39 -32.22
C LEU C 6 -5.10 -21.07 -31.77
N PRO C 7 -4.89 -20.97 -30.46
CA PRO C 7 -3.53 -20.67 -29.99
C PRO C 7 -2.58 -21.83 -30.27
N LYS C 8 -1.31 -21.51 -30.52
CA LYS C 8 -0.32 -22.54 -30.76
C LYS C 8 0.66 -22.63 -29.60
N ILE C 9 1.48 -23.66 -29.60
CA ILE C 9 2.49 -23.86 -28.58
C ILE C 9 3.85 -23.59 -29.21
N GLY C 10 4.63 -22.70 -28.60
CA GLY C 10 5.93 -22.37 -29.12
C GLY C 10 7.00 -23.16 -28.40
N ILE C 11 7.90 -23.79 -29.14
CA ILE C 11 8.97 -24.56 -28.53
C ILE C 11 10.29 -23.88 -28.85
N ARG C 12 11.02 -23.54 -27.79
CA ARG C 12 12.30 -22.81 -27.90
C ARG C 12 13.52 -23.63 -27.51
N PRO C 13 14.26 -24.13 -28.52
CA PRO C 13 15.46 -24.93 -28.25
C PRO C 13 16.59 -23.97 -27.92
N VAL C 14 17.08 -24.06 -26.70
CA VAL C 14 18.15 -23.19 -26.19
C VAL C 14 19.48 -23.94 -26.15
N ILE C 15 20.57 -23.24 -26.46
CA ILE C 15 21.87 -23.90 -26.53
C ILE C 15 23.07 -23.03 -26.11
N ASP C 16 24.17 -23.68 -25.74
CA ASP C 16 25.40 -22.98 -25.37
C ASP C 16 25.86 -22.27 -26.64
N GLY C 17 26.19 -21.00 -26.55
CA GLY C 17 26.57 -20.27 -27.75
C GLY C 17 27.97 -20.40 -28.28
N ARG C 18 28.88 -20.91 -27.47
CA ARG C 18 30.27 -21.01 -27.91
C ARG C 18 30.55 -22.09 -28.95
N ARG C 19 31.50 -21.81 -29.82
CA ARG C 19 31.82 -22.75 -30.87
C ARG C 19 33.00 -23.65 -30.55
N MET C 20 33.93 -23.71 -31.50
CA MET C 20 35.10 -24.55 -31.40
C MET C 20 34.64 -26.01 -31.27
N GLY C 21 33.49 -26.34 -31.82
CA GLY C 21 33.00 -27.70 -31.74
C GLY C 21 31.91 -27.92 -30.70
N VAL C 22 31.86 -27.09 -29.67
CA VAL C 22 30.87 -27.25 -28.61
C VAL C 22 29.41 -27.14 -29.08
N ARG C 23 29.03 -25.99 -29.61
CA ARG C 23 27.67 -25.79 -30.09
C ARG C 23 27.35 -26.76 -31.24
N GLU C 24 28.24 -26.83 -32.22
CA GLU C 24 28.01 -27.72 -33.34
C GLU C 24 27.80 -29.18 -32.96
N SER C 25 28.33 -29.61 -31.81
CA SER C 25 28.13 -31.00 -31.36
C SER C 25 26.79 -31.19 -30.62
N LEU C 26 26.21 -30.09 -30.13
CA LEU C 26 24.94 -30.11 -29.39
C LEU C 26 23.71 -29.77 -30.23
N GLU C 27 23.92 -29.18 -31.40
CA GLU C 27 22.81 -28.75 -32.28
C GLU C 27 21.72 -29.77 -32.59
N GLU C 28 22.14 -30.93 -33.07
CA GLU C 28 21.21 -31.97 -33.44
C GLU C 28 20.43 -32.48 -32.25
N GLN C 29 21.10 -32.80 -31.14
CA GLN C 29 20.40 -33.30 -29.97
C GLN C 29 19.37 -32.28 -29.42
N THR C 30 19.72 -31.00 -29.50
CA THR C 30 18.85 -29.94 -28.99
C THR C 30 17.59 -29.83 -29.84
N MET C 31 17.75 -29.78 -31.17
CA MET C 31 16.59 -29.73 -32.05
C MET C 31 15.73 -31.00 -31.97
N ASN C 32 16.35 -32.14 -31.70
CA ASN C 32 15.61 -33.40 -31.56
C ASN C 32 14.72 -33.35 -30.33
N MET C 33 15.25 -32.76 -29.27
CA MET C 33 14.52 -32.58 -28.03
C MET C 33 13.27 -31.75 -28.32
N ALA C 34 13.43 -30.67 -29.11
CA ALA C 34 12.32 -29.78 -29.49
C ALA C 34 11.27 -30.54 -30.30
N LYS C 35 11.73 -31.29 -31.30
CA LYS C 35 10.89 -32.09 -32.18
C LYS C 35 10.15 -33.19 -31.40
N ALA C 36 10.84 -33.85 -30.48
CA ALA C 36 10.23 -34.90 -29.69
C ALA C 36 9.14 -34.30 -28.81
N THR C 37 9.37 -33.06 -28.35
CA THR C 37 8.39 -32.39 -27.50
C THR C 37 7.16 -32.04 -28.32
N ALA C 38 7.39 -31.51 -29.52
CA ALA C 38 6.30 -31.14 -30.42
C ALA C 38 5.46 -32.36 -30.81
N ALA C 39 6.13 -33.47 -31.10
CA ALA C 39 5.47 -34.72 -31.49
C ALA C 39 4.55 -35.21 -30.39
N LEU C 40 5.06 -35.25 -29.17
CA LEU C 40 4.29 -35.71 -28.01
C LEU C 40 3.05 -34.86 -27.75
N LEU C 41 3.18 -33.55 -27.87
CA LEU C 41 2.06 -32.65 -27.62
C LEU C 41 0.96 -32.74 -28.66
N THR C 42 1.34 -32.71 -29.94
CA THR C 42 0.36 -32.76 -31.01
C THR C 42 -0.36 -34.12 -31.04
N GLU C 43 0.28 -35.14 -30.48
CA GLU C 43 -0.27 -36.48 -30.44
C GLU C 43 -1.22 -36.71 -29.27
N LYS C 44 -0.83 -36.26 -28.09
CA LYS C 44 -1.62 -36.46 -26.89
C LYS C 44 -2.63 -35.36 -26.54
N LEU C 45 -2.54 -34.19 -27.15
CA LEU C 45 -3.46 -33.09 -26.84
C LEU C 45 -4.38 -32.68 -27.95
N ARG C 46 -5.56 -32.19 -27.57
CA ARG C 46 -6.55 -31.70 -28.52
C ARG C 46 -7.15 -30.44 -27.89
N HIS C 47 -7.58 -29.49 -28.71
CA HIS C 47 -8.23 -28.29 -28.18
C HIS C 47 -9.59 -28.78 -27.72
N ALA C 48 -10.23 -28.06 -26.81
CA ALA C 48 -11.54 -28.48 -26.33
C ALA C 48 -12.55 -28.58 -27.46
N CYS C 49 -12.30 -27.83 -28.53
CA CYS C 49 -13.18 -27.84 -29.69
C CYS C 49 -12.94 -29.08 -30.57
N GLY C 50 -11.96 -29.90 -30.21
CA GLY C 50 -11.64 -31.11 -30.96
C GLY C 50 -10.48 -31.05 -31.93
N ALA C 51 -10.07 -29.85 -32.31
CA ALA C 51 -8.97 -29.66 -33.25
C ALA C 51 -7.64 -30.12 -32.68
N ALA C 52 -6.71 -30.49 -33.55
CA ALA C 52 -5.38 -30.93 -33.13
C ALA C 52 -4.60 -29.70 -32.71
N VAL C 53 -3.63 -29.89 -31.82
CA VAL C 53 -2.79 -28.79 -31.34
C VAL C 53 -1.58 -28.63 -32.23
N GLU C 54 -1.28 -27.40 -32.64
CA GLU C 54 -0.11 -27.15 -33.47
C GLU C 54 1.01 -26.50 -32.67
N CYS C 55 2.24 -26.90 -32.94
CA CYS C 55 3.42 -26.37 -32.27
C CYS C 55 4.28 -25.61 -33.29
N VAL C 56 4.93 -24.54 -32.86
CA VAL C 56 5.81 -23.78 -33.74
C VAL C 56 7.20 -23.88 -33.09
N ILE C 57 8.21 -24.25 -33.85
CA ILE C 57 9.57 -24.36 -33.31
C ILE C 57 10.39 -23.21 -33.86
N SER C 58 11.31 -22.71 -33.05
CA SER C 58 12.21 -21.63 -33.46
C SER C 58 12.95 -22.09 -34.72
N ASP C 59 13.25 -21.19 -35.66
CA ASP C 59 13.98 -21.59 -36.87
C ASP C 59 15.40 -22.09 -36.56
N THR C 60 15.98 -21.62 -35.47
CA THR C 60 17.33 -22.04 -35.08
C THR C 60 17.32 -22.26 -33.58
N CYS C 61 18.44 -22.76 -33.07
CA CYS C 61 18.59 -22.95 -31.64
C CYS C 61 18.90 -21.53 -31.13
N ILE C 62 18.49 -21.25 -29.90
CA ILE C 62 18.69 -19.95 -29.31
C ILE C 62 19.83 -19.97 -28.30
N ALA C 63 20.87 -19.17 -28.58
CA ALA C 63 22.01 -19.08 -27.69
C ALA C 63 22.19 -17.67 -27.09
N GLY C 64 21.45 -16.69 -27.61
CA GLY C 64 21.58 -15.33 -27.12
C GLY C 64 20.43 -14.45 -27.55
N MET C 65 20.59 -13.15 -27.35
CA MET C 65 19.54 -12.19 -27.67
C MET C 65 19.14 -12.03 -29.11
N ALA C 66 20.10 -12.06 -30.03
CA ALA C 66 19.77 -11.93 -31.46
C ALA C 66 18.84 -13.08 -31.89
N GLU C 67 19.18 -14.30 -31.51
CA GLU C 67 18.36 -15.46 -31.86
C GLU C 67 17.05 -15.49 -31.10
N ALA C 68 17.07 -15.07 -29.84
CA ALA C 68 15.86 -15.04 -29.02
C ALA C 68 14.87 -14.07 -29.66
N ALA C 69 15.40 -12.98 -30.19
CA ALA C 69 14.60 -11.94 -30.83
C ALA C 69 13.97 -12.44 -32.12
N ALA C 70 14.73 -13.20 -32.91
CA ALA C 70 14.24 -13.75 -34.16
C ALA C 70 13.09 -14.73 -33.88
N CYS C 71 13.26 -15.54 -32.84
CA CYS C 71 12.24 -16.51 -32.44
C CYS C 71 10.96 -15.77 -32.05
N GLU C 72 11.10 -14.73 -31.23
CA GLU C 72 9.96 -13.95 -30.77
C GLU C 72 9.18 -13.39 -31.96
N GLU C 73 9.89 -12.89 -32.96
CA GLU C 73 9.26 -12.35 -34.15
C GLU C 73 8.39 -13.42 -34.81
N LYS C 74 8.96 -14.61 -35.01
CA LYS C 74 8.24 -15.72 -35.62
C LYS C 74 7.00 -16.12 -34.80
N PHE C 75 7.15 -16.24 -33.49
CA PHE C 75 6.05 -16.64 -32.64
C PHE C 75 4.89 -15.67 -32.62
N SER C 76 5.19 -14.37 -32.52
CA SER C 76 4.15 -13.34 -32.44
C SER C 76 3.23 -13.28 -33.65
N SER C 77 3.71 -13.69 -34.82
CA SER C 77 2.87 -13.71 -36.02
C SER C 77 2.15 -15.05 -36.19
N GLN C 78 2.45 -16.02 -35.35
CA GLN C 78 1.88 -17.36 -35.43
C GLN C 78 0.90 -17.62 -34.30
N ASN C 79 0.58 -16.60 -33.53
CA ASN C 79 -0.37 -16.77 -32.43
C ASN C 79 -0.01 -17.81 -31.39
N VAL C 80 1.22 -17.82 -30.88
CA VAL C 80 1.57 -18.81 -29.85
C VAL C 80 1.12 -18.24 -28.51
N GLY C 81 0.43 -19.06 -27.72
CA GLY C 81 -0.07 -18.59 -26.43
C GLY C 81 0.64 -19.10 -25.21
N LEU C 82 1.63 -19.96 -25.42
CA LEU C 82 2.44 -20.53 -24.35
C LEU C 82 3.75 -21.11 -24.91
N THR C 83 4.83 -21.05 -24.16
CA THR C 83 6.09 -21.58 -24.64
C THR C 83 6.68 -22.60 -23.71
N ILE C 84 7.52 -23.45 -24.29
CA ILE C 84 8.25 -24.50 -23.59
C ILE C 84 9.67 -24.41 -24.13
N THR C 85 10.60 -24.08 -23.24
CA THR C 85 12.01 -23.96 -23.58
C THR C 85 12.68 -25.28 -23.21
N VAL C 86 13.39 -25.88 -24.15
CA VAL C 86 14.01 -27.17 -23.89
C VAL C 86 15.50 -27.09 -24.12
N THR C 87 16.27 -27.88 -23.36
CA THR C 87 17.73 -27.91 -23.51
C THR C 87 18.45 -29.06 -22.81
N PRO C 88 19.53 -29.56 -23.42
CA PRO C 88 20.32 -30.66 -22.86
C PRO C 88 21.69 -30.17 -22.34
N CYS C 89 21.91 -28.86 -22.32
CA CYS C 89 23.20 -28.33 -21.88
C CYS C 89 23.08 -27.02 -21.13
N TRP C 90 24.24 -26.45 -20.80
CA TRP C 90 24.31 -25.18 -20.10
C TRP C 90 24.11 -24.07 -21.13
N CYS C 91 23.29 -23.06 -20.79
CA CYS C 91 23.03 -21.92 -21.68
C CYS C 91 23.06 -20.65 -20.83
N TYR C 92 23.09 -19.50 -21.48
CA TYR C 92 23.19 -18.23 -20.81
C TYR C 92 21.88 -17.65 -20.32
N GLY C 93 21.47 -18.11 -19.14
CA GLY C 93 20.24 -17.69 -18.48
C GLY C 93 19.40 -16.51 -18.98
N SER C 94 19.68 -15.31 -18.47
CA SER C 94 18.91 -14.13 -18.84
C SER C 94 18.95 -13.73 -20.31
N GLU C 95 19.93 -14.21 -21.05
CA GLU C 95 20.04 -13.88 -22.47
C GLU C 95 19.13 -14.79 -23.35
N THR C 96 18.62 -15.88 -22.78
CA THR C 96 17.84 -16.86 -23.53
C THR C 96 16.40 -17.09 -23.08
N ILE C 97 16.03 -16.65 -21.89
CA ILE C 97 14.66 -16.87 -21.41
C ILE C 97 13.58 -16.08 -22.13
N ASP C 98 12.35 -16.58 -22.02
CA ASP C 98 11.21 -15.95 -22.64
C ASP C 98 10.76 -14.84 -21.69
N MET C 99 10.93 -13.61 -22.11
CA MET C 99 10.61 -12.44 -21.31
C MET C 99 9.14 -12.00 -21.29
N ASP C 100 8.30 -12.62 -22.13
CA ASP C 100 6.90 -12.23 -22.21
C ASP C 100 6.24 -12.32 -20.86
N PRO C 101 5.73 -11.19 -20.33
CA PRO C 101 5.11 -11.29 -19.01
C PRO C 101 3.77 -12.00 -18.86
N THR C 102 2.98 -12.14 -19.91
CA THR C 102 1.69 -12.79 -19.74
C THR C 102 1.50 -14.26 -20.13
N ARG C 103 2.19 -14.73 -21.16
CA ARG C 103 2.00 -16.13 -21.58
C ARG C 103 2.60 -17.16 -20.61
N PRO C 104 1.90 -18.29 -20.41
CA PRO C 104 2.39 -19.35 -19.52
C PRO C 104 3.71 -19.87 -20.12
N LYS C 105 4.71 -20.12 -19.28
CA LYS C 105 6.00 -20.60 -19.75
C LYS C 105 6.52 -21.75 -18.92
N ALA C 106 7.23 -22.67 -19.58
CA ALA C 106 7.82 -23.81 -18.89
C ALA C 106 9.20 -24.06 -19.45
N ILE C 107 10.05 -24.68 -18.64
CA ILE C 107 11.39 -25.00 -19.08
C ILE C 107 11.64 -26.44 -18.74
N TRP C 108 12.11 -27.19 -19.73
CA TRP C 108 12.43 -28.58 -19.54
C TRP C 108 13.93 -28.71 -19.80
N GLY C 109 14.67 -29.07 -18.74
CA GLY C 109 16.10 -29.29 -18.84
C GLY C 109 16.37 -30.79 -18.75
N PHE C 110 17.07 -31.32 -19.73
CA PHE C 110 17.40 -32.75 -19.77
C PHE C 110 18.19 -33.14 -18.50
N ASN C 111 17.77 -34.21 -17.82
CA ASN C 111 18.51 -34.63 -16.62
C ASN C 111 19.66 -35.59 -17.00
N GLY C 112 20.76 -35.03 -17.51
CA GLY C 112 21.93 -35.81 -17.91
C GLY C 112 23.21 -35.27 -17.27
N THR C 113 24.32 -36.03 -17.34
CA THR C 113 25.61 -35.61 -16.75
C THR C 113 26.53 -34.94 -17.77
N GLU C 114 26.68 -35.56 -18.93
CA GLU C 114 27.49 -34.95 -19.98
C GLU C 114 26.57 -33.88 -20.55
N ARG C 115 25.29 -34.02 -20.25
CA ARG C 115 24.24 -33.11 -20.67
C ARG C 115 23.61 -32.45 -19.43
N PRO C 116 24.26 -31.41 -18.85
CA PRO C 116 23.78 -30.69 -17.66
C PRO C 116 22.62 -29.70 -17.91
N GLY C 117 21.56 -30.20 -18.54
CA GLY C 117 20.39 -29.38 -18.86
C GLY C 117 19.66 -28.84 -17.65
N ALA C 118 19.68 -29.61 -16.57
CA ALA C 118 19.04 -29.23 -15.33
C ALA C 118 19.82 -28.07 -14.67
N VAL C 119 21.10 -27.89 -15.01
CA VAL C 119 21.87 -26.79 -14.42
C VAL C 119 21.32 -25.49 -15.03
N TYR C 120 21.04 -25.52 -16.34
CA TYR C 120 20.47 -24.36 -17.01
C TYR C 120 19.08 -24.09 -16.42
N LEU C 121 18.28 -25.15 -16.28
CA LEU C 121 16.93 -25.07 -15.73
C LEU C 121 16.90 -24.22 -14.45
N ALA C 122 17.74 -24.58 -13.48
CA ALA C 122 17.80 -23.89 -12.18
C ALA C 122 18.25 -22.43 -12.33
N ALA C 123 19.22 -22.17 -13.20
CA ALA C 123 19.70 -20.81 -13.46
C ALA C 123 18.61 -19.95 -14.13
N ALA C 124 17.97 -20.49 -15.15
CA ALA C 124 16.91 -19.80 -15.90
C ALA C 124 15.72 -19.49 -15.00
N LEU C 125 15.35 -20.45 -14.16
CA LEU C 125 14.24 -20.23 -13.25
C LEU C 125 14.60 -19.13 -12.25
N ALA C 126 15.84 -19.13 -11.77
CA ALA C 126 16.25 -18.08 -10.85
C ALA C 126 16.12 -16.70 -11.53
N ALA C 127 16.49 -16.60 -12.81
CA ALA C 127 16.36 -15.34 -13.56
C ALA C 127 14.87 -14.96 -13.72
N HIS C 128 14.00 -15.94 -13.97
CA HIS C 128 12.57 -15.71 -14.12
C HIS C 128 12.03 -15.12 -12.82
N SER C 129 12.39 -15.73 -11.70
CA SER C 129 11.92 -15.27 -10.39
C SER C 129 12.48 -13.91 -9.98
N GLN C 130 13.73 -13.64 -10.36
CA GLN C 130 14.35 -12.36 -10.06
C GLN C 130 13.70 -11.25 -10.89
N LYS C 131 13.25 -11.59 -12.10
CA LYS C 131 12.64 -10.63 -13.01
C LYS C 131 11.11 -10.56 -12.96
N GLY C 132 10.51 -11.24 -11.98
CA GLY C 132 9.07 -11.22 -11.81
C GLY C 132 8.20 -11.84 -12.90
N ILE C 133 8.76 -12.79 -13.64
CA ILE C 133 8.01 -13.49 -14.69
C ILE C 133 8.16 -15.00 -14.40
N PRO C 134 7.34 -15.52 -13.47
CA PRO C 134 7.33 -16.92 -13.05
C PRO C 134 7.20 -17.92 -14.21
N ALA C 135 7.91 -19.05 -14.11
CA ALA C 135 7.87 -20.10 -15.12
C ALA C 135 7.83 -21.44 -14.41
N PHE C 136 7.28 -22.46 -15.09
CA PHE C 136 7.20 -23.81 -14.55
C PHE C 136 8.47 -24.59 -14.81
N SER C 137 8.77 -25.51 -13.91
CA SER C 137 9.93 -26.34 -13.99
C SER C 137 9.58 -27.77 -14.41
N ILE C 138 10.31 -28.31 -15.38
CA ILE C 138 10.10 -29.71 -15.78
C ILE C 138 11.45 -30.41 -15.66
N TYR C 139 11.64 -31.11 -14.53
CA TYR C 139 12.88 -31.83 -14.23
C TYR C 139 12.57 -33.32 -13.95
N GLY C 140 13.17 -34.22 -14.73
CA GLY C 140 12.95 -35.63 -14.53
C GLY C 140 13.67 -36.18 -13.30
N HIS C 141 13.10 -37.19 -12.68
CA HIS C 141 13.67 -37.84 -11.50
C HIS C 141 14.99 -38.59 -11.72
N ASP C 142 15.04 -39.39 -12.78
CA ASP C 142 16.20 -40.23 -13.04
C ASP C 142 17.09 -39.73 -14.15
N VAL C 143 18.40 -39.86 -13.96
CA VAL C 143 19.38 -39.45 -14.95
C VAL C 143 19.25 -40.28 -16.24
N GLN C 144 19.36 -39.61 -17.38
CA GLN C 144 19.27 -40.28 -18.66
C GLN C 144 20.61 -40.23 -19.38
N ASP C 145 20.88 -41.19 -20.27
CA ASP C 145 22.14 -41.19 -21.01
C ASP C 145 22.05 -40.12 -22.09
N ALA C 146 23.21 -39.62 -22.49
CA ALA C 146 23.26 -38.57 -23.52
C ALA C 146 22.58 -38.96 -24.84
N ASP C 147 22.55 -40.26 -25.15
CA ASP C 147 21.97 -40.77 -26.40
C ASP C 147 20.50 -41.19 -26.29
N ASP C 148 19.94 -41.16 -25.09
CA ASP C 148 18.54 -41.51 -24.85
C ASP C 148 17.64 -40.39 -25.36
N THR C 149 16.69 -40.72 -26.23
CA THR C 149 15.78 -39.72 -26.81
C THR C 149 14.34 -39.84 -26.34
N SER C 150 14.08 -40.80 -25.46
CA SER C 150 12.72 -41.00 -24.97
C SER C 150 12.40 -39.97 -23.90
N ILE C 151 11.10 -39.76 -23.70
CA ILE C 151 10.61 -38.83 -22.71
C ILE C 151 10.05 -39.68 -21.54
N PRO C 152 10.67 -39.58 -20.37
CA PRO C 152 10.21 -40.35 -19.21
C PRO C 152 8.76 -40.03 -18.85
N ALA C 153 8.10 -40.98 -18.19
CA ALA C 153 6.71 -40.83 -17.79
C ALA C 153 6.45 -39.60 -16.96
N ASP C 154 7.28 -39.38 -15.95
CA ASP C 154 7.12 -38.23 -15.06
C ASP C 154 7.30 -36.88 -15.78
N VAL C 155 8.14 -36.85 -16.80
CA VAL C 155 8.37 -35.65 -17.59
C VAL C 155 7.16 -35.40 -18.50
N GLU C 156 6.63 -36.48 -19.06
CA GLU C 156 5.47 -36.43 -19.92
C GLU C 156 4.26 -35.89 -19.14
N GLU C 157 4.08 -36.37 -17.91
CA GLU C 157 2.96 -35.91 -17.11
C GLU C 157 3.00 -34.40 -16.86
N LYS C 158 4.17 -33.89 -16.53
CA LYS C 158 4.31 -32.47 -16.29
C LYS C 158 4.13 -31.68 -17.58
N LEU C 159 4.69 -32.17 -18.67
CA LEU C 159 4.55 -31.47 -19.96
C LEU C 159 3.07 -31.33 -20.35
N LEU C 160 2.34 -32.43 -20.20
CA LEU C 160 0.93 -32.43 -20.54
C LEU C 160 0.10 -31.58 -19.61
N ARG C 161 0.37 -31.65 -18.30
CA ARG C 161 -0.38 -30.84 -17.35
C ARG C 161 -0.15 -29.33 -17.59
N PHE C 162 1.09 -28.95 -17.87
CA PHE C 162 1.40 -27.55 -18.17
C PHE C 162 0.69 -27.10 -19.46
N ALA C 163 0.84 -27.88 -20.53
CA ALA C 163 0.24 -27.54 -21.83
C ALA C 163 -1.27 -27.46 -21.79
N ARG C 164 -1.89 -28.42 -21.12
CA ARG C 164 -3.33 -28.48 -20.98
C ARG C 164 -3.85 -27.20 -20.29
N ALA C 165 -3.23 -26.81 -19.18
CA ALA C 165 -3.64 -25.62 -18.45
C ALA C 165 -3.29 -24.34 -19.24
N GLY C 166 -2.13 -24.34 -19.87
CA GLY C 166 -1.72 -23.18 -20.64
C GLY C 166 -2.63 -22.92 -21.81
N LEU C 167 -3.15 -23.99 -22.40
CA LEU C 167 -4.05 -23.86 -23.55
C LEU C 167 -5.35 -23.27 -23.07
N ALA C 168 -5.82 -23.69 -21.89
CA ALA C 168 -7.05 -23.18 -21.33
C ALA C 168 -6.92 -21.66 -21.20
N VAL C 169 -5.80 -21.21 -20.65
CA VAL C 169 -5.55 -19.78 -20.46
C VAL C 169 -5.56 -19.06 -21.80
N ALA C 170 -4.80 -19.57 -22.76
CA ALA C 170 -4.70 -18.97 -24.08
C ALA C 170 -5.99 -18.93 -24.87
N SER C 171 -6.87 -19.91 -24.65
CA SER C 171 -8.17 -20.01 -25.32
C SER C 171 -9.21 -19.01 -24.84
N MET C 172 -9.16 -18.65 -23.56
CA MET C 172 -10.12 -17.69 -23.01
C MET C 172 -9.79 -16.25 -23.42
N LYS C 173 -8.50 -15.99 -23.60
CA LYS C 173 -8.04 -14.66 -23.93
C LYS C 173 -8.74 -14.08 -25.14
N GLY C 174 -9.34 -12.92 -24.98
CA GLY C 174 -10.00 -12.27 -26.11
C GLY C 174 -11.47 -12.62 -26.33
N LYS C 175 -11.97 -13.69 -25.74
CA LYS C 175 -13.37 -14.11 -25.93
C LYS C 175 -14.33 -13.37 -24.99
N SER C 176 -15.62 -13.56 -25.24
CA SER C 176 -16.68 -12.90 -24.47
C SER C 176 -17.47 -13.84 -23.59
N TYR C 177 -18.07 -13.26 -22.56
CA TYR C 177 -18.99 -13.97 -21.68
C TYR C 177 -20.28 -13.24 -22.04
N LEU C 178 -21.32 -13.99 -22.36
CA LEU C 178 -22.58 -13.38 -22.72
C LEU C 178 -23.53 -13.42 -21.54
N SER C 179 -23.81 -12.25 -21.01
CA SER C 179 -24.74 -12.13 -19.90
C SER C 179 -26.15 -11.88 -20.50
N LEU C 180 -26.98 -12.92 -20.58
CA LEU C 180 -28.33 -12.79 -21.12
C LEU C 180 -29.20 -12.57 -19.90
N GLY C 181 -29.48 -11.31 -19.63
CA GLY C 181 -30.26 -10.96 -18.46
C GLY C 181 -29.28 -10.31 -17.48
N GLY C 182 -29.74 -10.13 -16.24
CA GLY C 182 -28.89 -9.50 -15.24
C GLY C 182 -28.81 -10.33 -13.99
N VAL C 183 -29.22 -9.75 -12.88
CA VAL C 183 -29.15 -10.44 -11.61
C VAL C 183 -30.36 -11.36 -11.43
N SER C 184 -30.12 -12.61 -11.02
CA SER C 184 -31.20 -13.53 -10.80
C SER C 184 -31.39 -13.74 -9.30
N MET C 185 -32.52 -13.27 -8.77
CA MET C 185 -32.86 -13.42 -7.35
C MET C 185 -31.76 -13.09 -6.36
N GLY C 186 -31.11 -11.95 -6.57
CA GLY C 186 -30.04 -11.51 -5.70
C GLY C 186 -28.88 -12.46 -5.50
N ILE C 187 -28.65 -13.36 -6.45
CA ILE C 187 -27.54 -14.32 -6.39
C ILE C 187 -26.25 -13.55 -6.73
N ALA C 188 -25.31 -13.52 -5.78
CA ALA C 188 -24.06 -12.78 -5.95
C ALA C 188 -23.32 -12.99 -7.25
N GLY C 189 -23.19 -14.25 -7.67
CA GLY C 189 -22.49 -14.54 -8.91
C GLY C 189 -23.15 -13.98 -10.16
N SER C 190 -24.43 -13.62 -10.07
CA SER C 190 -25.13 -13.05 -11.23
C SER C 190 -24.95 -11.54 -11.32
N ILE C 191 -24.23 -10.96 -10.35
CA ILE C 191 -23.91 -9.55 -10.38
C ILE C 191 -22.55 -9.65 -11.08
N VAL C 192 -22.60 -9.78 -12.40
CA VAL C 192 -21.42 -9.92 -13.23
C VAL C 192 -20.39 -8.80 -13.02
N ASP C 193 -19.18 -9.23 -12.64
CA ASP C 193 -18.05 -8.35 -12.39
C ASP C 193 -17.22 -8.21 -13.67
N HIS C 194 -17.46 -7.15 -14.43
CA HIS C 194 -16.74 -6.92 -15.68
C HIS C 194 -15.23 -6.85 -15.48
N ASN C 195 -14.80 -6.30 -14.34
CA ASN C 195 -13.37 -6.17 -14.13
C ASN C 195 -12.68 -7.51 -13.95
N PHE C 196 -13.34 -8.42 -13.23
CA PHE C 196 -12.80 -9.76 -13.00
C PHE C 196 -12.51 -10.45 -14.36
N PHE C 197 -13.51 -10.47 -15.25
CA PHE C 197 -13.35 -11.09 -16.55
C PHE C 197 -12.23 -10.48 -17.35
N GLU C 198 -12.14 -9.15 -17.33
CA GLU C 198 -11.12 -8.43 -18.10
C GLU C 198 -9.69 -8.56 -17.56
N SER C 199 -9.52 -8.38 -16.26
CA SER C 199 -8.20 -8.42 -15.60
C SER C 199 -7.61 -9.80 -15.33
N TRP C 200 -8.44 -10.73 -14.86
CA TRP C 200 -7.96 -12.06 -14.56
C TRP C 200 -7.96 -13.03 -15.74
N LEU C 201 -9.07 -13.08 -16.48
CA LEU C 201 -9.21 -14.01 -17.61
C LEU C 201 -8.91 -13.42 -18.99
N GLY C 202 -8.82 -12.10 -19.10
CA GLY C 202 -8.57 -11.46 -20.38
C GLY C 202 -9.76 -11.53 -21.34
N MET C 203 -10.96 -11.64 -20.78
CA MET C 203 -12.20 -11.74 -21.55
C MET C 203 -12.96 -10.41 -21.54
N LYS C 204 -14.05 -10.35 -22.30
CA LYS C 204 -14.91 -9.16 -22.38
C LYS C 204 -16.29 -9.62 -21.93
N VAL C 205 -17.14 -8.69 -21.51
CA VAL C 205 -18.48 -9.06 -21.10
C VAL C 205 -19.50 -8.38 -22.00
N GLN C 206 -20.41 -9.16 -22.58
CA GLN C 206 -21.47 -8.60 -23.43
C GLN C 206 -22.76 -8.76 -22.68
N ALA C 207 -23.38 -7.65 -22.32
CA ALA C 207 -24.65 -7.73 -21.62
C ALA C 207 -25.77 -7.53 -22.64
N VAL C 208 -26.79 -8.37 -22.55
CA VAL C 208 -27.95 -8.32 -23.43
C VAL C 208 -29.19 -8.51 -22.57
N ASP C 209 -30.14 -7.59 -22.67
CA ASP C 209 -31.38 -7.70 -21.90
C ASP C 209 -32.17 -8.89 -22.47
N MET C 210 -32.95 -9.57 -21.62
CA MET C 210 -33.74 -10.72 -22.07
C MET C 210 -34.83 -10.41 -23.09
N THR C 211 -35.26 -9.15 -23.18
CA THR C 211 -36.25 -8.79 -24.18
C THR C 211 -35.67 -9.09 -25.57
N GLU C 212 -34.35 -9.21 -25.69
CA GLU C 212 -33.76 -9.52 -26.98
C GLU C 212 -34.04 -10.98 -27.38
N LEU C 213 -34.19 -11.87 -26.40
CA LEU C 213 -34.50 -13.27 -26.69
C LEU C 213 -35.93 -13.30 -27.23
N ARG C 214 -36.80 -12.54 -26.55
CA ARG C 214 -38.20 -12.43 -26.91
C ARG C 214 -38.35 -11.92 -28.35
N ARG C 215 -37.52 -10.95 -28.73
CA ARG C 215 -37.54 -10.40 -30.07
C ARG C 215 -37.18 -11.43 -31.12
N ARG C 216 -36.13 -12.21 -30.89
CA ARG C 216 -35.70 -13.21 -31.87
C ARG C 216 -36.81 -14.24 -32.09
N ILE C 217 -37.49 -14.62 -31.01
CA ILE C 217 -38.58 -15.59 -31.10
C ILE C 217 -39.82 -15.01 -31.79
N ASP C 218 -40.27 -13.84 -31.33
CA ASP C 218 -41.43 -13.18 -31.91
C ASP C 218 -41.25 -12.69 -33.34
N GLN C 219 -40.09 -12.16 -33.66
CA GLN C 219 -39.87 -11.68 -35.02
C GLN C 219 -39.26 -12.73 -35.94
N LYS C 220 -39.21 -13.98 -35.47
CA LYS C 220 -38.68 -15.09 -36.25
C LYS C 220 -37.25 -14.90 -36.72
N ILE C 221 -36.38 -14.49 -35.80
CA ILE C 221 -34.98 -14.31 -36.15
C ILE C 221 -34.25 -15.61 -35.79
N TYR C 222 -34.52 -16.64 -36.58
CA TYR C 222 -33.93 -17.96 -36.41
C TYR C 222 -34.18 -18.77 -37.70
N ASP C 223 -33.64 -19.99 -37.74
CA ASP C 223 -33.76 -20.87 -38.89
C ASP C 223 -35.05 -21.71 -38.78
N GLU C 224 -36.07 -21.35 -39.56
CA GLU C 224 -37.33 -22.09 -39.53
C GLU C 224 -37.17 -23.55 -39.98
N ALA C 225 -36.27 -23.80 -40.94
CA ALA C 225 -36.02 -25.18 -41.42
C ALA C 225 -35.49 -25.99 -40.24
N GLU C 226 -34.52 -25.42 -39.52
CA GLU C 226 -33.94 -26.07 -38.36
C GLU C 226 -34.94 -26.35 -37.23
N LEU C 227 -35.88 -25.43 -36.96
CA LEU C 227 -36.86 -25.65 -35.89
C LEU C 227 -37.71 -26.89 -36.15
N GLU C 228 -38.03 -27.08 -37.42
CA GLU C 228 -38.83 -28.21 -37.84
C GLU C 228 -38.10 -29.52 -37.45
N MET C 229 -36.80 -29.53 -37.76
CA MET C 229 -35.93 -30.65 -37.47
C MET C 229 -35.77 -30.91 -35.96
N ALA C 230 -35.68 -29.85 -35.18
CA ALA C 230 -35.55 -29.98 -33.73
C ALA C 230 -36.80 -30.64 -33.16
N LEU C 231 -37.97 -30.15 -33.57
CA LEU C 231 -39.24 -30.71 -33.10
C LEU C 231 -39.36 -32.18 -33.47
N ALA C 232 -39.00 -32.53 -34.71
CA ALA C 232 -39.06 -33.91 -35.16
C ALA C 232 -38.23 -34.79 -34.22
N TRP C 233 -37.01 -34.36 -33.97
CA TRP C 233 -36.08 -35.04 -33.07
C TRP C 233 -36.67 -35.17 -31.65
N ALA C 234 -37.26 -34.08 -31.13
CA ALA C 234 -37.85 -34.11 -29.81
C ALA C 234 -38.99 -35.14 -29.73
N ASP C 235 -39.90 -35.10 -30.70
CA ASP C 235 -41.05 -36.02 -30.77
C ASP C 235 -40.57 -37.46 -30.81
N LYS C 236 -39.59 -37.72 -31.66
CA LYS C 236 -39.00 -39.02 -31.84
C LYS C 236 -38.22 -39.56 -30.64
N ASN C 237 -37.62 -38.69 -29.82
CA ASN C 237 -36.79 -39.13 -28.70
C ASN C 237 -37.15 -38.82 -27.25
N PHE C 238 -37.88 -37.74 -27.01
CA PHE C 238 -38.24 -37.35 -25.65
C PHE C 238 -39.18 -38.26 -24.86
N ARG C 239 -38.71 -38.74 -23.73
CA ARG C 239 -39.51 -39.58 -22.84
C ARG C 239 -40.06 -38.60 -21.82
N TYR C 240 -41.37 -38.54 -21.63
CA TYR C 240 -41.96 -37.58 -20.68
C TYR C 240 -42.26 -38.11 -19.29
N GLY C 241 -42.07 -37.26 -18.29
CA GLY C 241 -42.31 -37.69 -16.93
C GLY C 241 -43.72 -37.33 -16.54
N GLU C 242 -44.12 -37.79 -15.36
CA GLU C 242 -45.45 -37.53 -14.81
C GLU C 242 -45.47 -36.06 -14.41
N ASP C 243 -46.61 -35.41 -14.67
CA ASP C 243 -46.81 -33.98 -14.35
C ASP C 243 -47.21 -34.00 -12.88
N GLU C 244 -46.82 -32.98 -12.12
CA GLU C 244 -47.18 -32.94 -10.71
C GLU C 244 -47.83 -31.64 -10.19
N ASN C 245 -48.75 -31.06 -10.97
CA ASN C 245 -49.40 -29.82 -10.56
C ASN C 245 -50.82 -30.02 -9.98
N ASN C 246 -50.94 -31.01 -9.09
CA ASN C 246 -52.19 -31.36 -8.43
C ASN C 246 -53.39 -31.33 -9.37
N LYS C 247 -53.28 -32.06 -10.47
CA LYS C 247 -54.32 -32.16 -11.51
C LYS C 247 -55.09 -30.86 -11.77
N GLN C 248 -54.40 -29.74 -11.66
CA GLN C 248 -55.02 -28.43 -11.87
C GLN C 248 -54.16 -27.61 -12.83
N TYR C 249 -52.94 -27.29 -12.43
CA TYR C 249 -52.03 -26.51 -13.25
C TYR C 249 -51.30 -27.35 -14.30
N GLN C 250 -52.08 -28.07 -15.10
CA GLN C 250 -51.55 -28.92 -16.16
C GLN C 250 -51.94 -28.26 -17.50
N ARG C 251 -51.45 -28.78 -18.63
CA ARG C 251 -51.75 -28.18 -19.95
C ARG C 251 -52.61 -29.02 -20.92
N ASN C 252 -53.83 -29.33 -20.48
CA ASN C 252 -54.76 -30.12 -21.27
C ASN C 252 -55.26 -29.39 -22.53
N ALA C 253 -55.08 -28.08 -22.57
CA ALA C 253 -55.53 -27.28 -23.71
C ALA C 253 -54.43 -27.15 -24.77
N GLU C 254 -53.42 -28.01 -24.65
CA GLU C 254 -52.28 -28.04 -25.59
C GLU C 254 -51.26 -26.92 -25.67
N GLN C 255 -51.15 -26.22 -24.54
CA GLN C 255 -50.18 -25.16 -24.37
C GLN C 255 -48.84 -25.91 -24.25
N SER C 256 -48.93 -27.21 -23.97
CA SER C 256 -47.77 -28.07 -23.82
C SER C 256 -46.86 -28.09 -25.04
N ARG C 257 -47.45 -28.20 -26.23
CA ARG C 257 -46.70 -28.22 -27.47
C ARG C 257 -46.04 -26.85 -27.70
N ALA C 258 -46.77 -25.78 -27.35
CA ALA C 258 -46.27 -24.39 -27.48
C ALA C 258 -45.01 -24.19 -26.62
N VAL C 259 -45.06 -24.70 -25.38
CA VAL C 259 -43.94 -24.64 -24.45
C VAL C 259 -42.70 -25.36 -25.00
N LEU C 260 -42.91 -26.56 -25.53
CA LEU C 260 -41.84 -27.35 -26.10
C LEU C 260 -41.18 -26.59 -27.25
N ARG C 261 -42.01 -26.07 -28.14
CA ARG C 261 -41.55 -25.33 -29.29
C ARG C 261 -40.73 -24.13 -28.89
N GLU C 262 -41.22 -23.39 -27.88
CA GLU C 262 -40.51 -22.22 -27.41
C GLU C 262 -39.21 -22.58 -26.72
N SER C 263 -39.24 -23.64 -25.91
CA SER C 263 -38.05 -24.10 -25.20
C SER C 263 -36.91 -24.44 -26.18
N LEU C 264 -37.23 -25.12 -27.28
CA LEU C 264 -36.22 -25.46 -28.28
C LEU C 264 -35.74 -24.22 -29.00
N LEU C 265 -36.65 -23.26 -29.23
CA LEU C 265 -36.26 -22.01 -29.88
C LEU C 265 -35.26 -21.25 -29.01
N MET C 266 -35.48 -21.25 -27.69
CA MET C 266 -34.56 -20.60 -26.76
C MET C 266 -33.15 -21.18 -26.93
N ALA C 267 -33.06 -22.51 -26.99
CA ALA C 267 -31.77 -23.17 -27.19
C ALA C 267 -31.13 -22.69 -28.50
N MET C 268 -31.90 -22.64 -29.57
CA MET C 268 -31.38 -22.20 -30.88
C MET C 268 -30.88 -20.74 -30.88
N CYS C 269 -31.69 -19.85 -30.33
CA CYS C 269 -31.35 -18.43 -30.30
C CYS C 269 -30.15 -18.13 -29.43
N ILE C 270 -30.12 -18.72 -28.23
CA ILE C 270 -28.99 -18.52 -27.31
C ILE C 270 -27.69 -18.95 -27.99
N ARG C 271 -27.73 -20.12 -28.61
CA ARG C 271 -26.58 -20.64 -29.34
C ARG C 271 -26.18 -19.68 -30.45
N ASP C 272 -27.16 -19.18 -31.20
CA ASP C 272 -26.88 -18.25 -32.29
C ASP C 272 -26.25 -16.97 -31.76
N MET C 273 -26.72 -16.50 -30.61
CA MET C 273 -26.16 -15.29 -30.01
C MET C 273 -24.69 -15.51 -29.64
N MET C 274 -24.39 -16.70 -29.10
CA MET C 274 -23.04 -17.03 -28.68
C MET C 274 -22.01 -17.10 -29.81
N GLN C 275 -22.31 -17.87 -30.84
CA GLN C 275 -21.35 -18.03 -31.92
C GLN C 275 -21.75 -17.49 -33.28
N GLY C 276 -22.95 -16.91 -33.39
CA GLY C 276 -23.42 -16.41 -34.67
C GLY C 276 -24.08 -17.50 -35.53
N ASN C 277 -24.69 -17.11 -36.64
CA ASN C 277 -25.33 -18.07 -37.54
C ASN C 277 -25.51 -17.43 -38.90
N SER C 278 -24.76 -17.88 -39.91
CA SER C 278 -24.88 -17.30 -41.25
C SER C 278 -26.30 -17.38 -41.87
N LYS C 279 -27.07 -18.38 -41.50
CA LYS C 279 -28.42 -18.51 -42.04
C LYS C 279 -29.26 -17.27 -41.74
N LEU C 280 -28.94 -16.56 -40.66
CA LEU C 280 -29.71 -15.37 -40.33
C LEU C 280 -29.54 -14.26 -41.38
N ALA C 281 -28.45 -14.31 -42.14
CA ALA C 281 -28.24 -13.33 -43.21
C ALA C 281 -29.26 -13.51 -44.33
N ASP C 282 -29.65 -14.76 -44.59
CA ASP C 282 -30.62 -15.12 -45.63
C ASP C 282 -31.96 -14.42 -45.42
N ILE C 283 -32.37 -14.30 -44.16
CA ILE C 283 -33.62 -13.65 -43.81
C ILE C 283 -33.47 -12.16 -43.43
N GLY C 284 -32.46 -11.48 -43.98
CA GLY C 284 -32.27 -10.07 -43.68
C GLY C 284 -31.70 -9.65 -42.33
N ARG C 285 -31.41 -10.59 -41.43
CA ARG C 285 -30.88 -10.19 -40.13
C ARG C 285 -29.35 -10.33 -40.10
N VAL C 286 -28.67 -9.48 -40.86
CA VAL C 286 -27.20 -9.54 -40.94
C VAL C 286 -26.47 -9.16 -39.66
N GLU C 287 -26.96 -8.15 -38.93
CA GLU C 287 -26.31 -7.77 -37.69
C GLU C 287 -26.38 -8.95 -36.73
N GLU C 288 -27.55 -9.56 -36.63
CA GLU C 288 -27.77 -10.70 -35.72
C GLU C 288 -26.97 -11.95 -36.09
N SER C 289 -26.59 -12.07 -37.37
CA SER C 289 -25.84 -13.25 -37.82
C SER C 289 -24.43 -13.36 -37.28
N LEU C 290 -23.85 -12.22 -36.88
CA LEU C 290 -22.48 -12.17 -36.37
C LEU C 290 -22.24 -12.84 -35.03
N GLY C 291 -23.20 -12.74 -34.12
CA GLY C 291 -23.02 -13.34 -32.81
C GLY C 291 -22.22 -12.42 -31.91
N TYR C 292 -21.90 -12.88 -30.70
CA TYR C 292 -21.15 -12.06 -29.77
C TYR C 292 -19.77 -12.60 -29.41
N ASN C 293 -19.31 -13.61 -30.15
CA ASN C 293 -18.01 -14.19 -29.90
C ASN C 293 -17.91 -14.71 -28.46
N ALA C 294 -19.00 -15.27 -27.96
CA ALA C 294 -19.04 -15.77 -26.59
C ALA C 294 -18.58 -17.21 -26.48
N ILE C 295 -17.78 -17.49 -25.46
CA ILE C 295 -17.23 -18.82 -25.23
C ILE C 295 -17.94 -19.43 -24.00
N ALA C 296 -18.80 -18.61 -23.37
CA ALA C 296 -19.56 -19.00 -22.18
C ALA C 296 -20.70 -17.98 -22.05
N ALA C 297 -21.82 -18.39 -21.45
CA ALA C 297 -22.96 -17.49 -21.30
C ALA C 297 -23.75 -17.79 -20.04
N GLY C 298 -24.63 -16.88 -19.66
CA GLY C 298 -25.46 -17.09 -18.51
C GLY C 298 -26.85 -16.62 -18.89
N PHE C 299 -27.88 -17.34 -18.45
CA PHE C 299 -29.25 -16.95 -18.76
C PHE C 299 -29.96 -16.65 -17.45
N GLN C 300 -30.30 -15.38 -17.22
CA GLN C 300 -30.94 -14.99 -15.96
C GLN C 300 -32.16 -15.81 -15.59
N GLY C 301 -33.15 -15.86 -16.48
CA GLY C 301 -34.35 -16.64 -16.23
C GLY C 301 -35.20 -16.00 -15.15
N GLN C 302 -35.19 -16.57 -13.95
CA GLN C 302 -35.96 -16.03 -12.85
C GLN C 302 -35.48 -14.64 -12.43
N ARG C 303 -36.40 -13.77 -11.99
CA ARG C 303 -37.85 -14.06 -11.86
C ARG C 303 -38.66 -13.58 -13.09
N HIS C 304 -38.18 -12.49 -13.67
CA HIS C 304 -38.80 -11.74 -14.77
C HIS C 304 -39.17 -12.43 -16.08
N TRP C 305 -38.37 -13.39 -16.50
CA TRP C 305 -38.66 -14.13 -17.72
C TRP C 305 -39.65 -15.25 -17.38
N THR C 306 -39.26 -16.08 -16.42
CA THR C 306 -40.03 -17.25 -15.98
C THR C 306 -41.44 -16.99 -15.42
N ASP C 307 -41.71 -15.75 -15.01
CA ASP C 307 -43.03 -15.42 -14.49
C ASP C 307 -44.04 -15.25 -15.63
N GLN C 308 -43.57 -15.36 -16.87
CA GLN C 308 -44.48 -15.20 -18.02
C GLN C 308 -44.14 -16.07 -19.22
N TYR C 309 -42.88 -16.50 -19.34
CA TYR C 309 -42.46 -17.32 -20.47
C TYR C 309 -41.86 -18.63 -19.98
N PRO C 310 -41.77 -19.64 -20.88
CA PRO C 310 -41.21 -20.96 -20.54
C PRO C 310 -39.80 -20.78 -19.97
N ASN C 311 -39.47 -21.57 -18.94
CA ASN C 311 -38.14 -21.46 -18.33
C ASN C 311 -36.99 -21.98 -19.21
N GLY C 312 -35.75 -21.75 -18.78
CA GLY C 312 -34.62 -22.19 -19.57
C GLY C 312 -34.13 -23.61 -19.34
N ASP C 313 -34.87 -24.44 -18.61
CA ASP C 313 -34.45 -25.83 -18.32
C ASP C 313 -34.05 -26.66 -19.57
N THR C 314 -34.91 -26.68 -20.58
CA THR C 314 -34.64 -27.45 -21.77
C THR C 314 -33.46 -26.92 -22.56
N ALA C 315 -33.44 -25.61 -22.80
CA ALA C 315 -32.33 -24.98 -23.55
C ALA C 315 -30.98 -25.22 -22.84
N GLU C 316 -30.94 -25.03 -21.53
CA GLU C 316 -29.73 -25.21 -20.76
C GLU C 316 -29.28 -26.66 -20.80
N ALA C 317 -30.20 -27.59 -20.64
CA ALA C 317 -29.85 -29.00 -20.66
C ALA C 317 -29.31 -29.43 -22.02
N ILE C 318 -29.93 -28.94 -23.08
CA ILE C 318 -29.47 -29.30 -24.42
C ILE C 318 -28.13 -28.66 -24.73
N LEU C 319 -28.04 -27.34 -24.57
CA LEU C 319 -26.83 -26.61 -24.88
C LEU C 319 -25.58 -27.10 -24.15
N ASN C 320 -25.74 -27.50 -22.89
CA ASN C 320 -24.63 -28.01 -22.09
C ASN C 320 -24.29 -29.47 -22.39
N SER C 321 -25.15 -30.15 -23.15
CA SER C 321 -24.92 -31.55 -23.51
C SER C 321 -24.01 -31.62 -24.73
N SER C 322 -23.45 -32.80 -24.97
CA SER C 322 -22.55 -33.00 -26.10
C SER C 322 -23.30 -33.37 -27.40
N PHE C 323 -24.61 -33.10 -27.46
CA PHE C 323 -25.40 -33.46 -28.65
C PHE C 323 -26.77 -32.83 -28.66
N ASP C 324 -27.37 -32.83 -29.84
CA ASP C 324 -28.71 -32.32 -30.04
C ASP C 324 -29.21 -32.86 -31.39
N TRP C 325 -30.29 -32.31 -31.92
CA TRP C 325 -30.84 -32.74 -33.22
C TRP C 325 -29.85 -32.76 -34.40
N ASN C 326 -28.74 -32.04 -34.28
CA ASN C 326 -27.73 -31.99 -35.33
C ASN C 326 -26.57 -32.98 -35.13
N GLY C 327 -26.68 -33.88 -34.14
CA GLY C 327 -25.64 -34.84 -33.89
C GLY C 327 -24.75 -34.45 -32.70
N VAL C 328 -23.63 -35.15 -32.50
CA VAL C 328 -22.75 -34.82 -31.39
C VAL C 328 -21.88 -33.64 -31.78
N ARG C 329 -21.61 -32.79 -30.79
CA ARG C 329 -20.81 -31.58 -31.00
C ARG C 329 -20.18 -31.21 -29.68
N GLU C 330 -19.37 -30.16 -29.71
CA GLU C 330 -18.75 -29.69 -28.49
C GLU C 330 -19.85 -29.08 -27.62
N PRO C 331 -19.89 -29.41 -26.31
CA PRO C 331 -20.93 -28.81 -25.49
C PRO C 331 -20.69 -27.30 -25.31
N PHE C 332 -21.75 -26.53 -25.08
CA PHE C 332 -21.60 -25.11 -24.84
C PHE C 332 -21.54 -24.92 -23.34
N VAL C 333 -21.21 -23.72 -22.89
CA VAL C 333 -21.18 -23.46 -21.45
C VAL C 333 -22.21 -22.38 -21.13
N VAL C 334 -23.38 -22.80 -20.64
CA VAL C 334 -24.45 -21.87 -20.32
C VAL C 334 -24.84 -22.02 -18.85
N ALA C 335 -24.56 -21.00 -18.06
CA ALA C 335 -24.85 -20.99 -16.64
C ALA C 335 -26.30 -20.61 -16.34
N THR C 336 -26.97 -21.46 -15.56
CA THR C 336 -28.34 -21.15 -15.21
C THR C 336 -28.33 -20.02 -14.17
N GLU C 337 -29.40 -19.23 -14.16
CA GLU C 337 -29.55 -18.11 -13.25
C GLU C 337 -28.46 -17.06 -13.45
N ASN C 338 -27.83 -17.10 -14.62
CA ASN C 338 -26.75 -16.18 -14.99
C ASN C 338 -25.65 -16.11 -13.93
N ASP C 339 -25.39 -17.23 -13.25
CA ASP C 339 -24.34 -17.26 -12.24
C ASP C 339 -23.00 -17.35 -12.96
N SER C 340 -22.47 -16.18 -13.37
CA SER C 340 -21.21 -16.11 -14.10
C SER C 340 -20.01 -16.81 -13.43
N LEU C 341 -19.99 -16.85 -12.10
CA LEU C 341 -18.89 -17.51 -11.39
C LEU C 341 -18.95 -19.03 -11.55
N ASN C 342 -20.16 -19.58 -11.62
CA ASN C 342 -20.27 -21.03 -11.86
C ASN C 342 -19.92 -21.24 -13.34
N GLY C 343 -20.30 -20.27 -14.18
CA GLY C 343 -19.99 -20.32 -15.60
C GLY C 343 -18.49 -20.39 -15.81
N VAL C 344 -17.74 -19.58 -15.04
CA VAL C 344 -16.28 -19.58 -15.14
C VAL C 344 -15.71 -20.94 -14.72
N ALA C 345 -16.24 -21.53 -13.65
CA ALA C 345 -15.78 -22.85 -13.20
C ALA C 345 -16.04 -23.85 -14.32
N MET C 346 -17.21 -23.76 -14.93
CA MET C 346 -17.58 -24.63 -16.06
C MET C 346 -16.64 -24.42 -17.24
N LEU C 347 -16.35 -23.17 -17.58
CA LEU C 347 -15.46 -22.84 -18.67
C LEU C 347 -14.10 -23.54 -18.46
N MET C 348 -13.56 -23.39 -17.25
CA MET C 348 -12.28 -23.96 -16.91
C MET C 348 -12.30 -25.48 -17.05
N GLY C 349 -13.33 -26.10 -16.47
CA GLY C 349 -13.47 -27.54 -16.54
C GLY C 349 -13.56 -28.01 -17.99
N HIS C 350 -14.32 -27.31 -18.79
CA HIS C 350 -14.47 -27.67 -20.18
C HIS C 350 -13.17 -27.49 -20.96
N GLN C 351 -12.47 -26.37 -20.75
CA GLN C 351 -11.24 -26.13 -21.48
C GLN C 351 -10.16 -27.13 -21.08
N LEU C 352 -10.24 -27.66 -19.87
CA LEU C 352 -9.27 -28.63 -19.40
C LEU C 352 -9.56 -30.08 -19.81
N THR C 353 -10.84 -30.42 -19.93
CA THR C 353 -11.19 -31.80 -20.28
C THR C 353 -11.86 -32.01 -21.64
N GLY C 354 -12.49 -30.97 -22.16
CA GLY C 354 -13.19 -31.10 -23.44
C GLY C 354 -14.57 -31.75 -23.22
N THR C 355 -14.95 -31.96 -21.97
CA THR C 355 -16.22 -32.61 -21.65
C THR C 355 -17.36 -31.69 -21.23
N ALA C 356 -18.56 -32.25 -21.12
CA ALA C 356 -19.74 -31.50 -20.69
C ALA C 356 -19.60 -31.28 -19.20
N GLN C 357 -20.13 -30.15 -18.73
CA GLN C 357 -20.05 -29.78 -17.33
C GLN C 357 -21.43 -29.82 -16.69
N VAL C 358 -21.48 -30.27 -15.44
CA VAL C 358 -22.74 -30.34 -14.70
C VAL C 358 -22.93 -29.20 -13.69
N PHE C 359 -23.96 -28.38 -13.91
CA PHE C 359 -24.28 -27.26 -13.04
C PHE C 359 -25.13 -27.85 -11.91
N ALA C 360 -24.83 -27.53 -10.66
CA ALA C 360 -25.59 -28.09 -9.55
C ALA C 360 -25.80 -27.16 -8.37
N ASP C 361 -26.92 -27.38 -7.69
CA ASP C 361 -27.23 -26.65 -6.47
C ASP C 361 -26.75 -27.61 -5.39
N VAL C 362 -25.97 -27.10 -4.45
CA VAL C 362 -25.47 -27.91 -3.35
C VAL C 362 -26.63 -27.83 -2.38
N ARG C 363 -27.60 -28.73 -2.53
CA ARG C 363 -28.80 -28.66 -1.71
C ARG C 363 -28.86 -29.18 -0.29
N THR C 364 -28.49 -30.42 -0.07
CA THR C 364 -28.62 -30.97 1.28
C THR C 364 -27.46 -31.83 1.71
N TYR C 365 -27.11 -31.70 2.98
CA TYR C 365 -26.05 -32.53 3.53
C TYR C 365 -26.83 -33.57 4.32
N TRP C 366 -26.62 -34.83 4.00
CA TRP C 366 -27.31 -35.91 4.71
C TRP C 366 -26.31 -36.63 5.59
N SER C 367 -26.46 -36.45 6.89
CA SER C 367 -25.57 -37.10 7.85
C SER C 367 -26.04 -38.55 8.00
N PRO C 368 -25.13 -39.48 8.35
CA PRO C 368 -25.56 -40.87 8.49
C PRO C 368 -26.71 -41.05 9.51
N GLU C 369 -26.73 -40.21 10.54
CA GLU C 369 -27.80 -40.25 11.54
C GLU C 369 -29.13 -39.85 10.88
N ALA C 370 -29.12 -38.78 10.09
CA ALA C 370 -30.31 -38.30 9.40
C ALA C 370 -30.84 -39.36 8.41
N ILE C 371 -29.93 -40.02 7.70
CA ILE C 371 -30.30 -41.06 6.74
C ILE C 371 -31.04 -42.18 7.50
N GLU C 372 -30.41 -42.69 8.57
CA GLU C 372 -31.02 -43.77 9.34
C GLU C 372 -32.37 -43.38 9.90
N ARG C 373 -32.47 -42.16 10.43
CA ARG C 373 -33.73 -41.73 11.00
C ARG C 373 -34.87 -41.75 9.97
N VAL C 374 -34.64 -41.19 8.79
CA VAL C 374 -35.70 -41.14 7.77
C VAL C 374 -35.93 -42.36 6.90
N THR C 375 -34.92 -43.20 6.72
CA THR C 375 -35.09 -44.38 5.86
C THR C 375 -34.81 -45.72 6.53
N GLY C 376 -34.16 -45.69 7.69
CA GLY C 376 -33.84 -46.94 8.37
C GLY C 376 -32.53 -47.61 7.98
N HIS C 377 -32.06 -47.39 6.76
CA HIS C 377 -30.80 -47.99 6.34
C HIS C 377 -29.59 -47.29 6.96
N LYS C 378 -28.66 -48.08 7.51
CA LYS C 378 -27.43 -47.56 8.08
C LYS C 378 -26.52 -47.70 6.87
N LEU C 379 -26.13 -46.58 6.27
CA LEU C 379 -25.30 -46.62 5.06
C LEU C 379 -23.82 -46.95 5.20
N ASP C 380 -23.27 -47.60 4.17
CA ASP C 380 -21.88 -48.02 4.14
C ASP C 380 -21.26 -47.72 2.77
N GLY C 381 -20.01 -48.13 2.58
CA GLY C 381 -19.34 -47.89 1.31
C GLY C 381 -18.87 -46.44 1.26
N LEU C 382 -18.88 -45.84 0.06
CA LEU C 382 -18.46 -44.44 -0.10
C LEU C 382 -19.34 -43.50 0.73
N ALA C 383 -20.62 -43.83 0.84
CA ALA C 383 -21.59 -42.99 1.57
C ALA C 383 -21.55 -43.16 3.07
N GLU C 384 -20.65 -44.00 3.56
CA GLU C 384 -20.54 -44.27 4.99
C GLU C 384 -20.44 -43.06 5.93
N HIS C 385 -19.80 -41.99 5.48
CA HIS C 385 -19.60 -40.79 6.30
C HIS C 385 -20.56 -39.64 6.08
N GLY C 386 -21.55 -39.84 5.21
CA GLY C 386 -22.51 -38.78 4.96
C GLY C 386 -22.52 -38.61 3.46
N ILE C 387 -23.44 -37.78 2.99
CA ILE C 387 -23.56 -37.61 1.56
C ILE C 387 -24.11 -36.20 1.24
N ILE C 388 -23.74 -35.65 0.09
CA ILE C 388 -24.24 -34.34 -0.31
C ILE C 388 -25.14 -34.45 -1.54
N HIS C 389 -26.33 -33.87 -1.46
CA HIS C 389 -27.26 -33.91 -2.57
C HIS C 389 -27.06 -32.75 -3.54
N LEU C 390 -26.65 -33.08 -4.76
CA LEU C 390 -26.43 -32.08 -5.80
C LEU C 390 -27.55 -32.19 -6.85
N ILE C 391 -28.40 -31.17 -6.93
CA ILE C 391 -29.54 -31.14 -7.86
C ILE C 391 -29.65 -29.74 -8.40
N ASN C 392 -29.50 -29.54 -9.70
CA ASN C 392 -29.68 -28.19 -10.24
C ASN C 392 -31.20 -28.02 -10.35
N SER C 393 -31.67 -26.78 -10.30
CA SER C 393 -33.10 -26.48 -10.37
C SER C 393 -33.82 -26.72 -11.72
N GLY C 394 -33.63 -27.90 -12.31
CA GLY C 394 -34.30 -28.23 -13.55
C GLY C 394 -33.48 -28.63 -14.77
N SER C 395 -32.21 -28.24 -14.83
CA SER C 395 -31.37 -28.57 -15.98
C SER C 395 -29.99 -29.11 -15.61
N ALA C 396 -29.40 -29.88 -16.51
CA ALA C 396 -28.08 -30.47 -16.32
C ALA C 396 -27.75 -31.15 -17.64
N ALA C 397 -26.49 -31.10 -18.04
CA ALA C 397 -26.04 -31.73 -19.27
C ALA C 397 -26.47 -33.20 -19.23
N LEU C 398 -27.14 -33.65 -20.27
CA LEU C 398 -27.60 -35.04 -20.33
C LEU C 398 -26.44 -36.02 -20.20
N ASP C 399 -25.23 -35.59 -20.55
CA ASP C 399 -24.04 -36.45 -20.42
C ASP C 399 -23.90 -36.85 -18.96
N GLY C 400 -24.47 -36.03 -18.08
CA GLY C 400 -24.38 -36.27 -16.65
C GLY C 400 -24.97 -37.56 -16.13
N SER C 401 -25.78 -38.21 -16.95
CA SER C 401 -26.39 -39.47 -16.55
C SER C 401 -25.32 -40.57 -16.42
N CYS C 402 -24.18 -40.36 -17.09
CA CYS C 402 -23.07 -41.31 -17.07
C CYS C 402 -23.42 -42.62 -17.75
N LYS C 403 -24.11 -42.50 -18.89
CA LYS C 403 -24.49 -43.66 -19.67
C LYS C 403 -23.41 -43.97 -20.68
N GLN C 404 -22.47 -43.04 -20.88
CA GLN C 404 -21.38 -43.29 -21.80
C GLN C 404 -20.47 -44.27 -21.09
N ARG C 405 -19.65 -45.00 -21.85
CA ARG C 405 -18.75 -46.00 -21.25
C ARG C 405 -17.34 -45.82 -21.79
N ASP C 406 -16.36 -46.14 -20.95
CA ASP C 406 -14.97 -46.04 -21.37
C ASP C 406 -14.52 -47.39 -21.91
N SER C 407 -13.23 -47.53 -22.22
CA SER C 407 -12.67 -48.77 -22.72
C SER C 407 -12.98 -49.97 -21.82
N GLU C 408 -12.79 -49.79 -20.50
CA GLU C 408 -13.06 -50.85 -19.53
C GLU C 408 -14.53 -51.10 -19.21
N GLY C 409 -15.43 -50.38 -19.90
CA GLY C 409 -16.85 -50.56 -19.68
C GLY C 409 -17.51 -49.81 -18.53
N ASN C 410 -16.74 -48.95 -17.85
CA ASN C 410 -17.24 -48.15 -16.72
C ASN C 410 -18.05 -46.92 -17.14
N PRO C 411 -19.03 -46.49 -16.30
CA PRO C 411 -19.84 -45.31 -16.64
C PRO C 411 -18.93 -44.07 -16.58
N THR C 412 -19.06 -43.16 -17.53
CA THR C 412 -18.18 -42.00 -17.57
C THR C 412 -18.77 -40.86 -18.39
N MET C 413 -17.99 -39.80 -18.60
CA MET C 413 -18.39 -38.66 -19.43
C MET C 413 -17.15 -38.47 -20.28
N LYS C 414 -17.32 -38.37 -21.59
CA LYS C 414 -16.17 -38.27 -22.48
C LYS C 414 -16.14 -37.03 -23.35
N PRO C 415 -14.98 -36.73 -23.94
CA PRO C 415 -14.86 -35.57 -24.83
C PRO C 415 -15.78 -35.89 -26.01
N HIS C 416 -16.41 -34.88 -26.61
CA HIS C 416 -17.32 -35.11 -27.73
C HIS C 416 -16.77 -35.91 -28.92
N TRP C 417 -15.47 -35.84 -29.17
CA TRP C 417 -14.87 -36.58 -30.29
C TRP C 417 -14.77 -38.09 -30.05
N GLU C 418 -15.12 -38.53 -28.85
CA GLU C 418 -15.10 -39.93 -28.50
C GLU C 418 -16.51 -40.42 -28.21
N ILE C 419 -17.49 -39.55 -28.33
CA ILE C 419 -18.87 -39.96 -28.08
C ILE C 419 -19.50 -40.45 -29.38
N SER C 420 -20.10 -41.64 -29.34
CA SER C 420 -20.75 -42.21 -30.50
C SER C 420 -22.24 -41.88 -30.49
N GLN C 421 -22.88 -41.93 -31.66
CA GLN C 421 -24.30 -41.65 -31.78
C GLN C 421 -25.14 -42.53 -30.82
N GLN C 422 -24.70 -43.77 -30.64
CA GLN C 422 -25.36 -44.72 -29.76
C GLN C 422 -25.37 -44.22 -28.32
N GLU C 423 -24.22 -43.72 -27.88
CA GLU C 423 -24.07 -43.20 -26.51
C GLU C 423 -24.94 -41.96 -26.29
N ALA C 424 -25.00 -41.08 -27.28
CA ALA C 424 -25.83 -39.89 -27.21
C ALA C 424 -27.27 -40.31 -26.98
N ASP C 425 -27.75 -41.25 -27.81
CA ASP C 425 -29.12 -41.76 -27.71
C ASP C 425 -29.39 -42.42 -26.35
N ALA C 426 -28.41 -43.15 -25.85
CA ALA C 426 -28.55 -43.81 -24.55
C ALA C 426 -28.76 -42.77 -23.43
N CYS C 427 -28.08 -41.63 -23.54
CA CYS C 427 -28.20 -40.55 -22.55
C CYS C 427 -29.58 -39.93 -22.60
N LEU C 428 -30.09 -39.76 -23.81
CA LEU C 428 -31.41 -39.18 -24.01
C LEU C 428 -32.47 -40.12 -23.45
N ALA C 429 -32.24 -41.43 -23.61
CA ALA C 429 -33.16 -42.45 -23.15
C ALA C 429 -33.18 -42.57 -21.63
N ALA C 430 -32.10 -42.12 -20.98
CA ALA C 430 -32.04 -42.17 -19.52
C ALA C 430 -32.64 -40.92 -18.89
N THR C 431 -33.14 -40.00 -19.72
CA THR C 431 -33.72 -38.74 -19.26
C THR C 431 -35.21 -38.66 -19.48
N GLU C 432 -35.91 -38.10 -18.50
CA GLU C 432 -37.36 -37.91 -18.58
C GLU C 432 -37.62 -36.41 -18.46
N TRP C 433 -38.43 -35.88 -19.36
CA TRP C 433 -38.75 -34.46 -19.37
C TRP C 433 -40.04 -34.23 -18.59
N CYS C 434 -39.93 -33.51 -17.48
CA CYS C 434 -41.06 -33.24 -16.63
C CYS C 434 -41.46 -31.79 -16.69
N PRO C 435 -42.77 -31.51 -16.66
CA PRO C 435 -43.29 -30.14 -16.72
C PRO C 435 -42.83 -29.37 -15.49
N ALA C 436 -42.50 -28.10 -15.69
CA ALA C 436 -42.03 -27.21 -14.63
C ALA C 436 -43.15 -26.93 -13.63
N ILE C 437 -42.79 -26.76 -12.36
CA ILE C 437 -43.77 -26.47 -11.30
C ILE C 437 -44.29 -25.04 -11.50
N HIS C 438 -45.58 -24.92 -11.83
CA HIS C 438 -46.22 -23.63 -12.11
C HIS C 438 -45.97 -22.48 -11.13
N GLU C 439 -46.16 -22.71 -9.83
CA GLU C 439 -45.98 -21.66 -8.81
C GLU C 439 -44.61 -20.95 -8.87
N TYR C 440 -43.58 -21.70 -9.27
CA TYR C 440 -42.22 -21.15 -9.39
C TYR C 440 -41.95 -20.66 -10.80
N PHE C 441 -42.38 -21.46 -11.78
CA PHE C 441 -42.19 -21.16 -13.21
C PHE C 441 -43.54 -21.07 -13.89
N ARG C 442 -44.16 -19.90 -13.76
CA ARG C 442 -45.48 -19.66 -14.33
C ARG C 442 -45.57 -19.79 -15.85
N GLY C 443 -44.45 -19.62 -16.53
CA GLY C 443 -44.44 -19.73 -17.97
C GLY C 443 -44.29 -21.16 -18.45
N GLY C 444 -44.15 -22.09 -17.51
CA GLY C 444 -43.99 -23.50 -17.85
C GLY C 444 -42.56 -23.86 -18.21
N GLY C 445 -42.39 -25.07 -18.71
CA GLY C 445 -41.08 -25.54 -19.11
C GLY C 445 -40.91 -27.04 -18.89
N TYR C 446 -39.77 -27.56 -19.32
CA TYR C 446 -39.48 -28.99 -19.17
C TYR C 446 -38.12 -29.27 -18.56
N SER C 447 -38.13 -29.86 -17.38
CA SER C 447 -36.91 -30.21 -16.67
C SER C 447 -36.35 -31.55 -17.13
N SER C 448 -35.03 -31.68 -17.06
CA SER C 448 -34.35 -32.90 -17.47
C SER C 448 -34.05 -33.74 -16.23
N ARG C 449 -34.83 -34.78 -16.01
CA ARG C 449 -34.57 -35.62 -14.87
C ARG C 449 -33.83 -36.90 -15.23
N PHE C 450 -32.73 -37.13 -14.53
CA PHE C 450 -31.93 -38.34 -14.69
C PHE C 450 -31.25 -38.58 -13.35
N LEU C 451 -30.70 -39.77 -13.18
CA LEU C 451 -29.97 -40.12 -11.95
C LEU C 451 -28.57 -40.51 -12.38
N THR C 452 -27.56 -39.81 -11.86
CA THR C 452 -26.18 -40.12 -12.19
C THR C 452 -25.76 -41.48 -11.59
N GLU C 453 -25.09 -42.32 -12.40
CA GLU C 453 -24.63 -43.63 -11.94
C GLU C 453 -23.62 -43.48 -10.79
N GLY C 454 -23.67 -44.39 -9.82
CA GLY C 454 -22.76 -44.34 -8.69
C GLY C 454 -21.36 -44.84 -9.01
N GLY C 455 -20.41 -44.53 -8.11
CA GLY C 455 -19.03 -44.93 -8.28
C GLY C 455 -18.19 -44.21 -9.30
N VAL C 456 -18.63 -43.05 -9.78
CA VAL C 456 -17.88 -42.30 -10.77
C VAL C 456 -17.05 -41.19 -10.09
N PRO C 457 -15.75 -41.11 -10.38
CA PRO C 457 -14.94 -40.06 -9.76
C PRO C 457 -15.29 -38.69 -10.34
N PHE C 458 -15.49 -37.71 -9.46
CA PHE C 458 -15.84 -36.37 -9.89
C PHE C 458 -15.07 -35.34 -9.12
N THR C 459 -15.00 -34.15 -9.71
CA THR C 459 -14.32 -33.03 -9.07
C THR C 459 -15.33 -31.89 -9.01
N MET C 460 -15.65 -31.46 -7.81
CA MET C 460 -16.57 -30.34 -7.70
C MET C 460 -15.76 -29.06 -7.47
N THR C 461 -16.08 -27.99 -8.20
CA THR C 461 -15.38 -26.73 -8.04
C THR C 461 -16.32 -25.55 -7.98
N ARG C 462 -15.78 -24.39 -7.61
CA ARG C 462 -16.54 -23.15 -7.51
C ARG C 462 -15.55 -21.98 -7.41
N VAL C 463 -15.86 -20.88 -8.10
CA VAL C 463 -15.04 -19.68 -8.04
C VAL C 463 -15.89 -18.65 -7.34
N ASN C 464 -15.32 -17.95 -6.35
CA ASN C 464 -16.07 -16.93 -5.62
C ASN C 464 -15.25 -15.65 -5.61
N ILE C 465 -15.91 -14.50 -5.54
CA ILE C 465 -15.19 -13.24 -5.48
C ILE C 465 -15.32 -12.69 -4.06
N ILE C 466 -14.19 -12.49 -3.40
CA ILE C 466 -14.17 -11.99 -2.04
C ILE C 466 -13.66 -10.57 -2.06
N LYS C 467 -14.49 -9.62 -1.65
CA LYS C 467 -14.06 -8.23 -1.68
C LYS C 467 -12.87 -8.07 -0.75
N GLY C 468 -11.84 -7.38 -1.23
CA GLY C 468 -10.64 -7.16 -0.45
C GLY C 468 -9.58 -8.22 -0.68
N LEU C 469 -9.96 -9.32 -1.35
CA LEU C 469 -9.04 -10.43 -1.62
C LEU C 469 -9.01 -10.69 -3.12
N GLY C 470 -10.20 -10.72 -3.73
CA GLY C 470 -10.34 -10.96 -5.15
C GLY C 470 -10.97 -12.32 -5.33
N PRO C 471 -10.75 -12.96 -6.48
CA PRO C 471 -11.33 -14.28 -6.72
C PRO C 471 -10.58 -15.41 -6.00
N VAL C 472 -11.28 -16.47 -5.61
CA VAL C 472 -10.67 -17.65 -4.98
C VAL C 472 -11.30 -18.89 -5.62
N LEU C 473 -10.60 -20.01 -5.57
CA LEU C 473 -11.10 -21.27 -6.13
C LEU C 473 -11.25 -22.35 -5.07
N GLN C 474 -12.35 -23.10 -5.13
CA GLN C 474 -12.62 -24.20 -4.20
C GLN C 474 -12.69 -25.48 -5.03
N ILE C 475 -12.06 -26.54 -4.53
CA ILE C 475 -12.04 -27.83 -5.18
C ILE C 475 -12.37 -28.94 -4.17
N ALA C 476 -13.15 -29.91 -4.59
CA ALA C 476 -13.48 -31.05 -3.75
C ALA C 476 -13.65 -32.31 -4.63
N GLU C 477 -12.64 -33.17 -4.62
CA GLU C 477 -12.68 -34.42 -5.38
C GLU C 477 -13.47 -35.47 -4.58
N GLY C 478 -14.19 -36.32 -5.29
CA GLY C 478 -14.99 -37.33 -4.62
C GLY C 478 -15.58 -38.27 -5.64
N TRP C 479 -16.68 -38.92 -5.29
CA TRP C 479 -17.33 -39.86 -6.19
C TRP C 479 -18.83 -39.72 -6.10
N SER C 480 -19.54 -40.15 -7.15
CA SER C 480 -21.00 -40.14 -7.12
C SER C 480 -21.30 -41.47 -6.47
N VAL C 481 -22.33 -41.55 -5.65
CA VAL C 481 -22.64 -42.83 -5.04
C VAL C 481 -24.00 -43.34 -5.50
N GLU C 482 -24.19 -44.65 -5.35
CA GLU C 482 -25.44 -45.25 -5.72
C GLU C 482 -26.11 -45.69 -4.45
N LEU C 483 -27.32 -45.18 -4.23
CA LEU C 483 -28.09 -45.54 -3.04
C LEU C 483 -29.10 -46.63 -3.40
N PRO C 484 -29.37 -47.55 -2.45
CA PRO C 484 -30.35 -48.61 -2.76
C PRO C 484 -31.70 -47.99 -3.13
N LYS C 485 -32.39 -48.57 -4.11
CA LYS C 485 -33.69 -48.07 -4.59
C LYS C 485 -34.68 -47.55 -3.52
N ASP C 486 -34.89 -48.30 -2.42
CA ASP C 486 -35.80 -47.90 -1.35
C ASP C 486 -35.43 -46.55 -0.73
N VAL C 487 -34.12 -46.33 -0.51
CA VAL C 487 -33.59 -45.10 0.10
C VAL C 487 -33.68 -43.87 -0.81
N HIS C 488 -33.20 -44.02 -2.05
CA HIS C 488 -33.21 -42.93 -3.03
C HIS C 488 -34.61 -42.29 -3.17
N ASP C 489 -35.64 -43.13 -3.26
CA ASP C 489 -37.01 -42.65 -3.41
C ASP C 489 -37.50 -41.84 -2.22
N ILE C 490 -37.16 -42.26 -1.01
CA ILE C 490 -37.58 -41.54 0.19
C ILE C 490 -37.04 -40.11 0.15
N LEU C 491 -35.72 -40.01 -0.05
CA LEU C 491 -35.02 -38.73 -0.10
C LEU C 491 -35.42 -37.87 -1.31
N ASN C 492 -35.55 -38.50 -2.48
CA ASN C 492 -35.90 -37.79 -3.70
C ASN C 492 -37.28 -37.16 -3.67
N LYS C 493 -38.29 -37.92 -3.22
CA LYS C 493 -39.66 -37.41 -3.16
C LYS C 493 -39.77 -36.27 -2.15
N ARG C 494 -38.96 -36.38 -1.10
CA ARG C 494 -38.89 -35.42 0.00
C ARG C 494 -38.24 -34.09 -0.43
N THR C 495 -37.47 -34.13 -1.52
CA THR C 495 -36.75 -32.95 -2.00
C THR C 495 -37.34 -32.31 -3.28
N ASN C 496 -36.96 -32.80 -4.45
CA ASN C 496 -37.47 -32.28 -5.72
C ASN C 496 -37.32 -33.34 -6.80
N SER C 497 -38.22 -34.31 -6.74
CA SER C 497 -38.26 -35.46 -7.64
C SER C 497 -38.21 -35.22 -9.14
N THR C 498 -38.52 -34.02 -9.59
CA THR C 498 -38.50 -33.73 -11.02
C THR C 498 -37.17 -33.18 -11.52
N TRP C 499 -36.20 -33.06 -10.61
CA TRP C 499 -34.89 -32.51 -10.94
C TRP C 499 -33.79 -33.57 -11.02
N PRO C 500 -32.76 -33.32 -11.86
CA PRO C 500 -31.65 -34.27 -12.03
C PRO C 500 -30.85 -34.41 -10.71
N THR C 501 -30.53 -35.65 -10.32
CA THR C 501 -29.83 -35.90 -9.07
C THR C 501 -28.45 -36.56 -9.21
N THR C 502 -27.56 -36.18 -8.30
CA THR C 502 -26.22 -36.72 -8.19
C THR C 502 -25.91 -36.77 -6.69
N TRP C 503 -25.69 -37.97 -6.15
CA TRP C 503 -25.35 -38.15 -4.73
C TRP C 503 -23.85 -38.13 -4.73
N PHE C 504 -23.28 -37.23 -3.94
CA PHE C 504 -21.83 -37.01 -3.90
C PHE C 504 -21.16 -37.28 -2.56
N ALA C 505 -20.03 -37.99 -2.60
CA ALA C 505 -19.24 -38.27 -1.40
C ALA C 505 -17.82 -37.74 -1.65
N PRO C 506 -17.41 -36.71 -0.88
CA PRO C 506 -16.07 -36.13 -1.04
C PRO C 506 -15.02 -36.97 -0.32
N ARG C 507 -13.82 -37.02 -0.87
CA ARG C 507 -12.75 -37.77 -0.24
C ARG C 507 -12.30 -36.97 0.99
N LEU C 508 -12.32 -37.62 2.15
CA LEU C 508 -11.89 -36.96 3.38
C LEU C 508 -10.39 -37.12 3.60
N THR C 509 -9.80 -36.12 4.26
CA THR C 509 -8.36 -36.11 4.55
C THR C 509 -8.13 -36.10 6.06
N GLY C 510 -9.16 -35.76 6.81
CA GLY C 510 -9.06 -35.72 8.26
C GLY C 510 -8.64 -34.35 8.78
N LYS C 511 -8.26 -33.46 7.86
CA LYS C 511 -7.82 -32.11 8.23
C LYS C 511 -8.65 -31.00 7.59
N GLY C 512 -8.82 -29.90 8.33
CA GLY C 512 -9.55 -28.75 7.82
C GLY C 512 -10.98 -28.99 7.42
N PRO C 513 -11.43 -28.41 6.30
CA PRO C 513 -12.81 -28.57 5.82
C PRO C 513 -13.08 -30.04 5.42
N PHE C 514 -12.03 -30.86 5.34
CA PHE C 514 -12.18 -32.24 4.94
C PHE C 514 -12.04 -33.20 6.11
N THR C 515 -12.48 -32.75 7.28
CA THR C 515 -12.46 -33.58 8.47
C THR C 515 -13.62 -34.56 8.36
N ASP C 516 -14.75 -34.07 7.86
CA ASP C 516 -15.95 -34.87 7.66
C ASP C 516 -16.78 -34.23 6.55
N VAL C 517 -17.77 -34.98 6.06
CA VAL C 517 -18.62 -34.49 4.99
C VAL C 517 -19.36 -33.19 5.33
N TYR C 518 -19.80 -33.04 6.59
CA TYR C 518 -20.48 -31.81 6.99
C TYR C 518 -19.61 -30.56 6.77
N SER C 519 -18.32 -30.66 7.09
CA SER C 519 -17.38 -29.55 6.96
C SER C 519 -17.17 -29.14 5.50
N VAL C 520 -17.19 -30.11 4.60
CA VAL C 520 -17.04 -29.83 3.19
C VAL C 520 -18.22 -28.94 2.76
N MET C 521 -19.43 -29.32 3.17
CA MET C 521 -20.64 -28.57 2.87
C MET C 521 -20.58 -27.20 3.51
N ALA C 522 -20.30 -27.19 4.82
CA ALA C 522 -20.25 -25.97 5.61
C ALA C 522 -19.25 -24.94 5.13
N ASN C 523 -18.20 -25.40 4.46
CA ASN C 523 -17.18 -24.47 3.94
C ASN C 523 -17.33 -24.11 2.47
N TRP C 524 -18.35 -24.62 1.80
CA TRP C 524 -18.54 -24.28 0.39
C TRP C 524 -18.96 -22.78 0.39
N GLY C 525 -18.40 -22.00 -0.52
CA GLY C 525 -18.68 -20.57 -0.54
C GLY C 525 -19.87 -20.02 -1.32
N ALA C 526 -20.75 -20.90 -1.78
CA ALA C 526 -21.92 -20.49 -2.55
C ALA C 526 -22.89 -21.65 -2.53
N ASN C 527 -24.06 -21.46 -3.13
CA ASN C 527 -25.08 -22.50 -3.19
C ASN C 527 -24.95 -23.34 -4.47
N HIS C 528 -23.98 -23.02 -5.31
CA HIS C 528 -23.76 -23.72 -6.57
C HIS C 528 -22.37 -24.29 -6.66
N GLY C 529 -22.24 -25.32 -7.50
CA GLY C 529 -20.98 -25.96 -7.70
C GLY C 529 -21.01 -26.45 -9.12
N VAL C 530 -19.86 -26.93 -9.60
CA VAL C 530 -19.72 -27.46 -10.92
C VAL C 530 -19.02 -28.82 -10.78
N LEU C 531 -19.55 -29.82 -11.48
CA LEU C 531 -18.99 -31.16 -11.45
C LEU C 531 -18.29 -31.41 -12.77
N THR C 532 -17.03 -31.83 -12.68
CA THR C 532 -16.24 -32.16 -13.85
C THR C 532 -15.85 -33.63 -13.67
N ILE C 533 -15.97 -34.41 -14.73
CA ILE C 533 -15.65 -35.83 -14.68
C ILE C 533 -14.19 -36.11 -14.29
N GLY C 534 -14.00 -37.14 -13.48
CA GLY C 534 -12.66 -37.50 -13.06
C GLY C 534 -12.15 -36.71 -11.86
N HIS C 535 -10.90 -36.98 -11.49
CA HIS C 535 -10.26 -36.29 -10.38
C HIS C 535 -9.24 -35.41 -11.05
N VAL C 536 -9.69 -34.20 -11.38
CA VAL C 536 -8.87 -33.23 -12.08
C VAL C 536 -8.48 -32.03 -11.22
N GLY C 537 -8.49 -32.20 -9.91
CA GLY C 537 -8.11 -31.12 -9.00
C GLY C 537 -6.72 -30.55 -9.33
N ALA C 538 -5.76 -31.44 -9.59
CA ALA C 538 -4.41 -31.03 -9.93
C ALA C 538 -4.36 -30.10 -11.14
N ASP C 539 -5.22 -30.33 -12.12
CA ASP C 539 -5.22 -29.50 -13.32
C ASP C 539 -5.81 -28.13 -12.99
N PHE C 540 -6.81 -28.12 -12.12
CA PHE C 540 -7.44 -26.89 -11.70
C PHE C 540 -6.43 -26.08 -10.90
N ILE C 541 -5.65 -26.75 -10.06
CA ILE C 541 -4.63 -26.08 -9.24
C ILE C 541 -3.55 -25.44 -10.13
N THR C 542 -3.08 -26.16 -11.15
CA THR C 542 -2.08 -25.60 -12.07
C THR C 542 -2.66 -24.42 -12.84
N LEU C 543 -3.89 -24.57 -13.33
CA LEU C 543 -4.55 -23.50 -14.08
C LEU C 543 -4.70 -22.25 -13.20
N ALA C 544 -5.12 -22.44 -11.95
CA ALA C 544 -5.33 -21.33 -11.00
C ALA C 544 -4.03 -20.57 -10.75
N SER C 545 -2.93 -21.28 -10.66
CA SER C 545 -1.65 -20.63 -10.41
C SER C 545 -1.27 -19.77 -11.63
N MET C 546 -1.62 -20.21 -12.84
CA MET C 546 -1.30 -19.42 -14.04
C MET C 546 -2.11 -18.11 -14.08
N LEU C 547 -3.31 -18.13 -13.50
CA LEU C 547 -4.21 -16.97 -13.47
C LEU C 547 -4.12 -16.20 -12.14
N ARG C 548 -3.27 -16.67 -11.23
CA ARG C 548 -3.07 -16.09 -9.90
C ARG C 548 -4.34 -16.03 -9.04
N ILE C 549 -5.13 -17.09 -9.09
CA ILE C 549 -6.33 -17.17 -8.27
C ILE C 549 -5.96 -18.12 -7.15
N PRO C 550 -6.05 -17.67 -5.88
CA PRO C 550 -5.72 -18.52 -4.73
C PRO C 550 -6.71 -19.67 -4.58
N VAL C 551 -6.22 -20.84 -4.20
CA VAL C 551 -7.06 -22.01 -3.98
C VAL C 551 -7.30 -22.05 -2.47
N CYS C 552 -8.46 -21.58 -2.03
CA CYS C 552 -8.78 -21.52 -0.61
C CYS C 552 -9.18 -22.84 0.04
N MET C 553 -9.45 -23.86 -0.77
CA MET C 553 -9.88 -25.13 -0.22
C MET C 553 -9.70 -26.21 -1.29
N HIS C 554 -9.17 -27.35 -0.88
CA HIS C 554 -8.98 -28.47 -1.81
C HIS C 554 -8.51 -29.66 -1.02
N ASN C 555 -8.66 -30.85 -1.61
CA ASN C 555 -8.27 -32.13 -1.00
C ASN C 555 -7.36 -32.94 -1.90
N VAL C 556 -6.58 -32.23 -2.70
CA VAL C 556 -5.63 -32.85 -3.60
C VAL C 556 -4.31 -33.14 -2.86
N GLU C 557 -3.66 -34.27 -3.19
CA GLU C 557 -2.40 -34.63 -2.53
C GLU C 557 -1.33 -33.60 -2.77
N GLU C 558 -0.62 -33.26 -1.72
CA GLU C 558 0.45 -32.28 -1.80
C GLU C 558 1.47 -32.55 -2.91
N THR C 559 1.72 -33.82 -3.20
CA THR C 559 2.70 -34.17 -4.22
C THR C 559 2.22 -33.88 -5.61
N LYS C 560 0.91 -33.77 -5.76
CA LYS C 560 0.38 -33.49 -7.08
C LYS C 560 0.26 -32.02 -7.43
N VAL C 561 0.50 -31.10 -6.47
CA VAL C 561 0.42 -29.67 -6.80
C VAL C 561 1.63 -29.22 -7.60
N TYR C 562 1.36 -28.69 -8.77
CA TYR C 562 2.38 -28.25 -9.71
C TYR C 562 2.13 -26.76 -10.06
N ARG C 563 3.04 -25.87 -9.65
CA ARG C 563 2.88 -24.43 -9.91
C ARG C 563 4.20 -23.85 -10.38
N PRO C 564 4.22 -22.55 -10.79
CA PRO C 564 5.47 -21.95 -11.25
C PRO C 564 6.50 -22.09 -10.12
N SER C 565 7.79 -22.17 -10.47
CA SER C 565 8.80 -22.35 -9.42
C SER C 565 8.88 -21.21 -8.42
N ALA C 566 8.45 -20.02 -8.84
CA ALA C 566 8.48 -18.86 -7.95
C ALA C 566 7.63 -19.06 -6.71
N TRP C 567 6.63 -19.92 -6.80
CA TRP C 567 5.78 -20.13 -5.64
C TRP C 567 6.56 -20.65 -4.42
N ALA C 568 7.54 -21.51 -4.66
CA ALA C 568 8.32 -22.08 -3.56
C ALA C 568 9.09 -21.02 -2.78
N ALA C 569 9.52 -19.97 -3.48
CA ALA C 569 10.27 -18.89 -2.84
C ALA C 569 9.38 -18.19 -1.80
N HIS C 570 8.06 -18.35 -1.94
CA HIS C 570 7.08 -17.75 -1.04
C HIS C 570 6.74 -18.63 0.14
N GLY C 571 7.41 -19.77 0.25
CA GLY C 571 7.16 -20.66 1.38
C GLY C 571 7.03 -22.13 1.05
N MET C 572 7.26 -22.99 2.05
CA MET C 572 7.14 -24.45 1.91
C MET C 572 5.67 -24.85 2.05
N ASP C 573 4.89 -24.03 2.75
CA ASP C 573 3.48 -24.32 2.96
C ASP C 573 2.72 -24.12 1.65
N ILE C 574 1.97 -25.16 1.26
CA ILE C 574 1.17 -25.18 0.02
C ILE C 574 0.13 -24.05 -0.05
N GLU C 575 -0.44 -23.66 1.09
CA GLU C 575 -1.44 -22.59 1.11
C GLU C 575 -0.80 -21.22 1.21
N GLY C 576 0.10 -21.07 2.19
CA GLY C 576 0.79 -19.82 2.42
C GLY C 576 1.55 -19.32 1.21
N GLN C 577 2.25 -20.23 0.52
CA GLN C 577 3.01 -19.81 -0.66
C GLN C 577 2.08 -19.28 -1.75
N ASP C 578 0.86 -19.83 -1.79
CA ASP C 578 -0.13 -19.47 -2.80
C ASP C 578 -0.71 -18.08 -2.55
N TYR C 579 -1.18 -17.84 -1.34
CA TYR C 579 -1.74 -16.54 -1.02
C TYR C 579 -0.69 -15.44 -1.20
N ARG C 580 0.53 -15.72 -0.75
CA ARG C 580 1.61 -14.75 -0.87
C ARG C 580 1.97 -14.48 -2.32
N ALA C 581 2.18 -15.54 -3.09
CA ALA C 581 2.54 -15.39 -4.51
C ALA C 581 1.46 -14.72 -5.32
N CYS C 582 0.20 -15.05 -5.06
CA CYS C 582 -0.89 -14.46 -5.83
C CYS C 582 -1.00 -12.98 -5.54
N GLN C 583 -0.81 -12.60 -4.28
CA GLN C 583 -0.89 -11.20 -3.90
C GLN C 583 0.26 -10.42 -4.52
N ASN C 584 1.39 -11.10 -4.67
CA ASN C 584 2.59 -10.50 -5.23
C ASN C 584 2.38 -10.20 -6.70
N TYR C 585 2.16 -11.24 -7.50
CA TYR C 585 1.99 -11.11 -8.95
C TYR C 585 0.70 -10.47 -9.45
N GLY C 586 -0.41 -10.72 -8.76
CA GLY C 586 -1.70 -10.15 -9.16
C GLY C 586 -2.29 -10.69 -10.44
N PRO C 587 -3.43 -10.12 -10.90
CA PRO C 587 -4.08 -10.59 -12.14
C PRO C 587 -3.12 -10.50 -13.31
N LEU C 588 -3.28 -11.41 -14.25
CA LEU C 588 -2.43 -11.52 -15.42
C LEU C 588 -2.48 -10.35 -16.43
N TYR C 589 -3.65 -9.78 -16.65
CA TYR C 589 -3.77 -8.72 -17.66
C TYR C 589 -3.70 -7.25 -17.20
N LYS C 590 -4.13 -6.94 -15.98
CA LYS C 590 -4.06 -5.55 -15.52
C LYS C 590 -4.34 -5.31 -14.04
N ARG C 591 -3.77 -4.23 -13.53
CA ARG C 591 -3.90 -3.82 -12.12
C ARG C 591 -3.37 -4.88 -11.16
N MET D 1 27.10 15.52 32.24
CA MET D 1 26.98 16.51 33.35
C MET D 1 27.18 17.86 32.67
N LYS D 2 26.16 18.32 31.95
CA LYS D 2 26.23 19.56 31.19
C LYS D 2 27.23 19.33 30.07
N LYS D 3 27.10 20.07 28.96
CA LYS D 3 27.97 19.90 27.81
C LYS D 3 27.97 18.42 27.40
N ILE D 4 26.83 17.77 27.62
CA ILE D 4 26.66 16.35 27.32
C ILE D 4 26.85 16.07 25.82
N SER D 5 28.11 16.01 25.41
CA SER D 5 28.51 15.75 24.03
C SER D 5 27.58 16.34 22.99
N LEU D 6 27.89 17.58 22.62
CA LEU D 6 27.13 18.30 21.63
C LEU D 6 27.47 17.71 20.28
N PRO D 7 26.52 17.71 19.35
CA PRO D 7 26.84 17.14 18.03
C PRO D 7 27.87 17.99 17.31
N LYS D 8 28.65 17.37 16.42
CA LYS D 8 29.66 18.09 15.66
C LYS D 8 29.34 18.06 14.17
N ILE D 9 30.01 18.90 13.41
CA ILE D 9 29.78 18.97 11.97
C ILE D 9 30.96 18.33 11.30
N GLY D 10 30.72 17.32 10.46
CA GLY D 10 31.79 16.66 9.75
C GLY D 10 32.00 17.27 8.38
N ILE D 11 33.24 17.57 8.04
CA ILE D 11 33.53 18.14 6.74
C ILE D 11 34.35 17.11 5.96
N ARG D 12 33.85 16.81 4.75
CA ARG D 12 34.46 15.80 3.91
C ARG D 12 35.05 16.35 2.62
N PRO D 13 36.37 16.58 2.59
CA PRO D 13 36.97 17.10 1.36
C PRO D 13 37.12 15.93 0.36
N VAL D 14 36.47 16.05 -0.79
CA VAL D 14 36.47 15.02 -1.81
C VAL D 14 37.34 15.44 -3.01
N ILE D 15 38.01 14.47 -3.64
CA ILE D 15 38.94 14.81 -4.73
C ILE D 15 39.07 13.71 -5.79
N ASP D 16 39.53 14.11 -6.98
CA ASP D 16 39.75 13.17 -8.07
C ASP D 16 40.86 12.23 -7.55
N GLY D 17 40.68 10.92 -7.69
CA GLY D 17 41.68 10.00 -7.17
C GLY D 17 42.92 9.73 -7.99
N ARG D 18 42.92 10.11 -9.25
CA ARG D 18 44.07 9.83 -10.10
C ARG D 18 45.33 10.67 -9.80
N ARG D 19 46.47 10.00 -9.69
CA ARG D 19 47.74 10.66 -9.39
C ARG D 19 48.45 11.10 -10.68
N MET D 20 49.79 11.05 -10.70
CA MET D 20 50.57 11.43 -11.89
C MET D 20 50.39 12.93 -12.23
N GLY D 21 49.79 13.68 -11.30
CA GLY D 21 49.61 15.08 -11.56
C GLY D 21 48.30 15.71 -11.18
N VAL D 22 47.20 14.99 -11.35
CA VAL D 22 45.88 15.55 -11.06
C VAL D 22 45.59 15.72 -9.57
N ARG D 23 45.57 14.64 -8.80
CA ARG D 23 45.26 14.74 -7.39
C ARG D 23 46.22 15.66 -6.64
N GLU D 24 47.51 15.47 -6.88
CA GLU D 24 48.50 16.24 -6.16
C GLU D 24 48.40 17.76 -6.37
N SER D 25 47.98 18.18 -7.56
CA SER D 25 47.84 19.62 -7.77
C SER D 25 46.51 20.18 -7.20
N LEU D 26 45.60 19.31 -6.77
CA LEU D 26 44.32 19.75 -6.21
C LEU D 26 44.22 19.63 -4.69
N GLU D 27 45.09 18.81 -4.10
CA GLU D 27 45.10 18.56 -2.66
C GLU D 27 45.02 19.78 -1.75
N GLU D 28 45.89 20.76 -1.97
CA GLU D 28 45.92 21.94 -1.14
C GLU D 28 44.62 22.75 -1.21
N GLN D 29 44.19 23.06 -2.42
CA GLN D 29 42.96 23.81 -2.60
C GLN D 29 41.73 23.15 -1.99
N THR D 30 41.63 21.83 -2.13
CA THR D 30 40.52 21.07 -1.59
C THR D 30 40.51 21.12 -0.06
N MET D 31 41.66 20.90 0.58
CA MET D 31 41.72 20.98 2.05
C MET D 31 41.46 22.39 2.56
N ASN D 32 41.86 23.40 1.77
CA ASN D 32 41.66 24.80 2.12
C ASN D 32 40.17 25.09 2.12
N MET D 33 39.48 24.53 1.14
CA MET D 33 38.05 24.68 1.02
C MET D 33 37.43 24.11 2.30
N ALA D 34 37.89 22.93 2.73
CA ALA D 34 37.39 22.29 3.93
C ALA D 34 37.66 23.17 5.16
N LYS D 35 38.88 23.69 5.27
CA LYS D 35 39.28 24.56 6.38
C LYS D 35 38.45 25.85 6.41
N ALA D 36 38.25 26.45 5.23
CA ALA D 36 37.49 27.70 5.11
C ALA D 36 36.06 27.49 5.59
N THR D 37 35.49 26.33 5.25
CA THR D 37 34.14 25.98 5.63
C THR D 37 34.03 25.84 7.14
N ALA D 38 34.99 25.16 7.73
CA ALA D 38 35.01 24.95 9.17
C ALA D 38 35.14 26.29 9.90
N ALA D 39 36.02 27.15 9.40
CA ALA D 39 36.28 28.46 9.99
C ALA D 39 35.00 29.30 10.01
N LEU D 40 34.31 29.34 8.87
CA LEU D 40 33.07 30.11 8.78
C LEU D 40 32.00 29.61 9.74
N LEU D 41 31.84 28.29 9.82
CA LEU D 41 30.82 27.70 10.69
C LEU D 41 31.04 27.93 12.18
N THR D 42 32.27 27.68 12.66
CA THR D 42 32.61 27.86 14.08
C THR D 42 32.56 29.34 14.50
N GLU D 43 32.75 30.22 13.52
CA GLU D 43 32.71 31.65 13.76
C GLU D 43 31.29 32.21 13.77
N LYS D 44 30.47 31.83 12.79
CA LYS D 44 29.10 32.32 12.69
C LYS D 44 28.00 31.53 13.42
N LEU D 45 28.30 30.33 13.92
CA LEU D 45 27.29 29.53 14.59
C LEU D 45 27.55 29.21 16.05
N ARG D 46 26.47 29.00 16.80
CA ARG D 46 26.54 28.66 18.23
C ARG D 46 25.39 27.68 18.48
N HIS D 47 25.59 26.75 19.41
CA HIS D 47 24.54 25.79 19.77
C HIS D 47 23.52 26.64 20.49
N ALA D 48 22.27 26.21 20.56
CA ALA D 48 21.26 27.00 21.24
C ALA D 48 21.62 27.19 22.71
N CYS D 49 22.48 26.32 23.25
CA CYS D 49 22.90 26.42 24.65
C CYS D 49 24.03 27.44 24.85
N GLY D 50 24.50 28.03 23.76
CA GLY D 50 25.55 29.03 23.83
C GLY D 50 26.95 28.57 23.46
N ALA D 51 27.19 27.26 23.53
CA ALA D 51 28.50 26.72 23.20
C ALA D 51 28.87 26.97 21.74
N ALA D 52 30.17 26.97 21.45
CA ALA D 52 30.65 27.17 20.09
C ALA D 52 30.47 25.85 19.36
N VAL D 53 30.37 25.91 18.04
CA VAL D 53 30.19 24.72 17.23
C VAL D 53 31.55 24.18 16.79
N GLU D 54 31.76 22.87 16.94
CA GLU D 54 33.03 22.26 16.53
C GLU D 54 32.87 21.48 15.23
N CYS D 55 33.88 21.56 14.38
CA CYS D 55 33.88 20.86 13.11
C CYS D 55 34.96 19.81 13.15
N VAL D 56 34.73 18.68 12.48
CA VAL D 56 35.72 17.60 12.40
C VAL D 56 35.94 17.42 10.89
N ILE D 57 37.20 17.46 10.47
CA ILE D 57 37.55 17.30 9.06
C ILE D 57 38.19 15.91 8.88
N SER D 58 38.06 15.36 7.70
CA SER D 58 38.62 14.06 7.37
C SER D 58 40.14 14.18 7.50
N ASP D 59 40.82 13.12 7.92
CA ASP D 59 42.29 13.14 8.01
C ASP D 59 42.94 13.35 6.65
N THR D 60 42.27 12.90 5.58
CA THR D 60 42.80 13.04 4.23
C THR D 60 41.66 13.39 3.30
N CYS D 61 41.99 13.73 2.07
CA CYS D 61 40.99 14.01 1.08
C CYS D 61 40.43 12.64 0.72
N ILE D 62 39.16 12.58 0.32
CA ILE D 62 38.47 11.34 -0.01
C ILE D 62 38.29 11.18 -1.52
N ALA D 63 38.92 10.16 -2.08
CA ALA D 63 38.82 9.91 -3.52
C ALA D 63 38.17 8.56 -3.82
N GLY D 64 37.90 7.76 -2.80
CA GLY D 64 37.33 6.45 -3.02
C GLY D 64 36.76 5.83 -1.77
N MET D 65 36.41 4.55 -1.84
CA MET D 65 35.80 3.85 -0.71
C MET D 65 36.67 3.61 0.49
N ALA D 66 37.94 3.33 0.26
CA ALA D 66 38.90 3.12 1.34
C ALA D 66 38.99 4.39 2.23
N GLU D 67 39.19 5.54 1.60
CA GLU D 67 39.30 6.82 2.31
C GLU D 67 37.96 7.25 2.89
N ALA D 68 36.88 6.96 2.18
CA ALA D 68 35.54 7.29 2.65
C ALA D 68 35.25 6.53 3.94
N ALA D 69 35.67 5.27 3.97
CA ALA D 69 35.47 4.40 5.12
C ALA D 69 36.27 4.87 6.33
N ALA D 70 37.49 5.33 6.08
CA ALA D 70 38.35 5.83 7.13
C ALA D 70 37.70 7.07 7.78
N CYS D 71 37.23 7.98 6.95
CA CYS D 71 36.58 9.20 7.42
C CYS D 71 35.39 8.86 8.29
N GLU D 72 34.59 7.88 7.84
CA GLU D 72 33.40 7.46 8.56
C GLU D 72 33.73 6.92 9.93
N GLU D 73 34.86 6.22 10.03
CA GLU D 73 35.30 5.65 11.30
C GLU D 73 35.62 6.80 12.25
N LYS D 74 36.34 7.79 11.74
CA LYS D 74 36.70 8.96 12.52
C LYS D 74 35.46 9.73 12.98
N PHE D 75 34.51 9.96 12.09
CA PHE D 75 33.30 10.70 12.42
C PHE D 75 32.42 10.04 13.48
N SER D 76 32.20 8.73 13.34
CA SER D 76 31.34 7.99 14.26
C SER D 76 31.78 8.02 15.72
N SER D 77 33.07 8.19 15.96
CA SER D 77 33.56 8.24 17.34
C SER D 77 33.63 9.69 17.88
N GLN D 78 33.35 10.66 17.01
CA GLN D 78 33.39 12.10 17.32
C GLN D 78 32.00 12.71 17.42
N ASN D 79 30.96 11.89 17.33
CA ASN D 79 29.59 12.35 17.43
C ASN D 79 29.18 13.38 16.37
N VAL D 80 29.52 13.15 15.09
CA VAL D 80 29.13 14.11 14.06
C VAL D 80 27.68 13.86 13.71
N GLY D 81 26.88 14.92 13.69
CA GLY D 81 25.46 14.80 13.43
C GLY D 81 25.01 15.25 12.06
N LEU D 82 25.92 15.85 11.29
CA LEU D 82 25.64 16.31 9.94
C LEU D 82 26.95 16.48 9.18
N THR D 83 26.92 16.26 7.88
CA THR D 83 28.14 16.38 7.08
C THR D 83 28.00 17.33 5.92
N ILE D 84 29.11 17.94 5.54
CA ILE D 84 29.16 18.84 4.42
C ILE D 84 30.34 18.33 3.60
N THR D 85 30.08 17.95 2.35
CA THR D 85 31.10 17.44 1.47
C THR D 85 31.48 18.59 0.53
N VAL D 86 32.76 18.88 0.42
CA VAL D 86 33.21 19.99 -0.43
C VAL D 86 34.24 19.56 -1.45
N THR D 87 34.25 20.22 -2.61
CA THR D 87 35.22 19.90 -3.64
C THR D 87 35.27 20.94 -4.75
N PRO D 88 36.45 21.12 -5.33
CA PRO D 88 36.63 22.07 -6.42
C PRO D 88 36.81 21.33 -7.77
N CYS D 89 36.69 20.01 -7.78
CA CYS D 89 36.94 19.25 -9.02
C CYS D 89 36.01 18.07 -9.17
N TRP D 90 36.22 17.31 -10.24
CA TRP D 90 35.44 16.11 -10.53
C TRP D 90 35.88 14.98 -9.61
N CYS D 91 34.93 14.22 -9.06
CA CYS D 91 35.27 13.09 -8.20
C CYS D 91 34.33 11.95 -8.58
N TYR D 92 34.60 10.77 -8.05
CA TYR D 92 33.83 9.56 -8.40
C TYR D 92 32.55 9.34 -7.59
N GLY D 93 31.50 10.04 -8.00
CA GLY D 93 30.19 9.99 -7.37
C GLY D 93 29.90 9.04 -6.22
N SER D 94 29.27 7.92 -6.56
CA SER D 94 28.86 6.92 -5.58
C SER D 94 29.96 6.34 -4.71
N GLU D 95 31.22 6.46 -5.14
CA GLU D 95 32.35 5.95 -4.36
C GLU D 95 32.75 6.93 -3.23
N THR D 96 32.34 8.20 -3.35
CA THR D 96 32.69 9.22 -2.38
C THR D 96 31.59 9.82 -1.51
N ILE D 97 30.33 9.61 -1.84
CA ILE D 97 29.23 10.20 -1.06
C ILE D 97 29.01 9.63 0.33
N ASP D 98 28.39 10.43 1.20
CA ASP D 98 28.10 10.01 2.55
C ASP D 98 26.83 9.14 2.44
N MET D 99 26.98 7.88 2.79
CA MET D 99 25.87 6.95 2.71
C MET D 99 24.98 6.85 3.94
N ASP D 100 25.32 7.55 5.02
CA ASP D 100 24.50 7.48 6.22
C ASP D 100 23.07 7.91 5.90
N PRO D 101 22.10 7.04 6.14
CA PRO D 101 20.72 7.43 5.82
C PRO D 101 19.98 8.44 6.69
N THR D 102 20.43 8.68 7.92
CA THR D 102 19.69 9.61 8.77
C THR D 102 20.24 11.03 8.97
N ARG D 103 21.54 11.18 9.01
CA ARG D 103 22.12 12.50 9.24
C ARG D 103 21.92 13.45 8.05
N PRO D 104 21.64 14.74 8.32
CA PRO D 104 21.45 15.74 7.28
C PRO D 104 22.78 15.86 6.52
N LYS D 105 22.75 15.95 5.20
CA LYS D 105 23.97 16.06 4.41
C LYS D 105 23.84 17.12 3.35
N ALA D 106 24.95 17.81 3.07
CA ALA D 106 24.98 18.85 2.05
C ALA D 106 26.26 18.67 1.26
N ILE D 107 26.29 19.18 0.04
CA ILE D 107 27.47 19.09 -0.82
C ILE D 107 27.68 20.47 -1.41
N TRP D 108 28.90 20.99 -1.28
CA TRP D 108 29.22 22.30 -1.85
C TRP D 108 30.27 22.09 -2.93
N GLY D 109 29.90 22.42 -4.17
CA GLY D 109 30.81 22.27 -5.27
C GLY D 109 31.25 23.66 -5.71
N PHE D 110 32.56 23.88 -5.71
CA PHE D 110 33.12 25.17 -6.10
C PHE D 110 32.67 25.52 -7.52
N ASN D 111 32.20 26.75 -7.73
CA ASN D 111 31.77 27.14 -9.07
C ASN D 111 32.93 27.77 -9.86
N GLY D 112 33.77 26.92 -10.48
CA GLY D 112 34.90 27.39 -11.28
C GLY D 112 34.96 26.62 -12.58
N THR D 113 35.82 27.02 -13.51
CA THR D 113 35.93 26.36 -14.81
C THR D 113 37.06 25.32 -14.88
N GLU D 114 38.25 25.70 -14.43
CA GLU D 114 39.38 24.78 -14.40
C GLU D 114 39.02 23.84 -13.28
N ARG D 115 38.23 24.39 -12.35
CA ARG D 115 37.73 23.71 -11.15
C ARG D 115 36.24 23.36 -11.31
N PRO D 116 35.92 22.26 -12.05
CA PRO D 116 34.54 21.80 -12.29
C PRO D 116 33.86 21.10 -11.10
N GLY D 117 33.84 21.78 -9.95
CA GLY D 117 33.24 21.22 -8.75
C GLY D 117 31.74 21.04 -8.86
N ALA D 118 31.11 21.87 -9.69
CA ALA D 118 29.66 21.83 -9.90
C ALA D 118 29.25 20.55 -10.64
N VAL D 119 30.14 20.07 -11.50
CA VAL D 119 29.88 18.83 -12.25
C VAL D 119 29.82 17.63 -11.28
N TYR D 120 30.66 17.62 -10.25
CA TYR D 120 30.62 16.55 -9.27
C TYR D 120 29.33 16.69 -8.45
N LEU D 121 29.01 17.94 -8.06
CA LEU D 121 27.81 18.23 -7.26
C LEU D 121 26.58 17.56 -7.86
N ALA D 122 26.35 17.82 -9.15
CA ALA D 122 25.22 17.27 -9.89
C ALA D 122 25.26 15.74 -9.93
N ALA D 123 26.43 15.18 -10.22
CA ALA D 123 26.61 13.74 -10.23
C ALA D 123 26.33 13.11 -8.85
N ALA D 124 26.94 13.67 -7.81
CA ALA D 124 26.76 13.17 -6.46
C ALA D 124 25.32 13.27 -5.99
N LEU D 125 24.65 14.38 -6.34
CA LEU D 125 23.26 14.53 -5.93
C LEU D 125 22.40 13.48 -6.65
N ALA D 126 22.72 13.23 -7.93
CA ALA D 126 21.98 12.24 -8.70
C ALA D 126 22.12 10.87 -8.01
N ALA D 127 23.33 10.57 -7.55
CA ALA D 127 23.56 9.31 -6.84
C ALA D 127 22.75 9.28 -5.54
N HIS D 128 22.73 10.39 -4.80
CA HIS D 128 21.98 10.45 -3.56
C HIS D 128 20.50 10.14 -3.77
N SER D 129 19.90 10.77 -4.78
CA SER D 129 18.50 10.59 -5.12
C SER D 129 18.19 9.20 -5.65
N GLN D 130 19.12 8.62 -6.42
CA GLN D 130 18.91 7.28 -6.94
C GLN D 130 18.98 6.24 -5.84
N LYS D 131 19.72 6.57 -4.77
CA LYS D 131 19.89 5.65 -3.65
C LYS D 131 19.02 5.95 -2.44
N GLY D 132 18.10 6.89 -2.59
CA GLY D 132 17.17 7.19 -1.52
C GLY D 132 17.69 7.87 -0.27
N ILE D 133 18.76 8.64 -0.40
CA ILE D 133 19.35 9.35 0.74
C ILE D 133 19.55 10.77 0.26
N PRO D 134 18.49 11.59 0.32
CA PRO D 134 18.48 13.00 -0.09
C PRO D 134 19.58 13.87 0.57
N ALA D 135 20.12 14.79 -0.21
CA ALA D 135 21.18 15.68 0.24
C ALA D 135 20.94 17.08 -0.31
N PHE D 136 21.41 18.10 0.40
CA PHE D 136 21.24 19.48 -0.03
C PHE D 136 22.32 19.90 -1.00
N SER D 137 21.99 20.87 -1.84
CA SER D 137 22.92 21.37 -2.82
C SER D 137 23.35 22.80 -2.48
N ILE D 138 24.64 23.07 -2.58
CA ILE D 138 25.16 24.41 -2.35
C ILE D 138 25.97 24.75 -3.58
N TYR D 139 25.40 25.56 -4.46
CA TYR D 139 26.05 25.98 -5.71
C TYR D 139 26.01 27.51 -5.81
N GLY D 140 27.18 28.14 -5.97
CA GLY D 140 27.23 29.58 -6.06
C GLY D 140 26.77 30.10 -7.43
N HIS D 141 26.23 31.31 -7.44
CA HIS D 141 25.72 31.93 -8.66
C HIS D 141 26.78 32.34 -9.66
N ASP D 142 27.82 32.98 -9.16
CA ASP D 142 28.88 33.48 -10.04
C ASP D 142 30.15 32.64 -10.05
N VAL D 143 30.77 32.54 -11.23
CA VAL D 143 32.01 31.79 -11.41
C VAL D 143 33.16 32.44 -10.64
N GLN D 144 33.96 31.63 -9.94
CA GLN D 144 35.12 32.11 -9.20
C GLN D 144 36.43 31.64 -9.84
N ASP D 145 37.49 32.41 -9.63
CA ASP D 145 38.79 32.06 -10.18
C ASP D 145 39.35 30.93 -9.32
N ALA D 146 40.19 30.08 -9.91
CA ALA D 146 40.75 28.95 -9.19
C ALA D 146 41.51 29.34 -7.92
N ASP D 147 42.09 30.54 -7.91
CA ASP D 147 42.87 31.01 -6.77
C ASP D 147 42.05 31.76 -5.70
N ASP D 148 40.78 32.03 -6.00
CA ASP D 148 39.92 32.75 -5.07
C ASP D 148 39.58 31.82 -3.91
N THR D 149 39.81 32.29 -2.69
CA THR D 149 39.50 31.46 -1.53
C THR D 149 38.36 31.97 -0.66
N SER D 150 37.71 33.06 -1.08
CA SER D 150 36.61 33.60 -0.30
C SER D 150 35.32 32.82 -0.56
N ILE D 151 34.40 32.90 0.39
CA ILE D 151 33.11 32.22 0.28
C ILE D 151 32.06 33.30 -0.05
N PRO D 152 31.47 33.23 -1.24
CA PRO D 152 30.46 34.23 -1.63
C PRO D 152 29.31 34.28 -0.62
N ALA D 153 28.62 35.41 -0.60
CA ALA D 153 27.50 35.62 0.29
C ALA D 153 26.35 34.61 0.10
N ASP D 154 26.01 34.32 -1.16
CA ASP D 154 24.94 33.36 -1.46
C ASP D 154 25.29 31.93 -0.98
N VAL D 155 26.57 31.56 -1.11
CA VAL D 155 27.04 30.27 -0.65
C VAL D 155 27.02 30.25 0.88
N GLU D 156 27.45 31.36 1.50
CA GLU D 156 27.47 31.48 2.95
C GLU D 156 26.07 31.33 3.56
N GLU D 157 25.09 31.97 2.95
CA GLU D 157 23.72 31.89 3.44
C GLU D 157 23.25 30.44 3.41
N LYS D 158 23.50 29.71 2.31
CA LYS D 158 23.09 28.30 2.21
C LYS D 158 23.80 27.39 3.21
N LEU D 159 25.08 27.61 3.42
CA LEU D 159 25.83 26.81 4.37
C LEU D 159 25.28 27.03 5.77
N LEU D 160 25.02 28.28 6.11
CA LEU D 160 24.52 28.59 7.44
C LEU D 160 23.12 28.07 7.66
N ARG D 161 22.25 28.23 6.66
CA ARG D 161 20.89 27.73 6.80
C ARG D 161 20.88 26.20 6.94
N PHE D 162 21.73 25.52 6.18
CA PHE D 162 21.80 24.07 6.27
C PHE D 162 22.26 23.63 7.67
N ALA D 163 23.39 24.20 8.09
CA ALA D 163 23.99 23.86 9.38
C ALA D 163 23.09 24.17 10.57
N ARG D 164 22.46 25.33 10.56
CA ARG D 164 21.56 25.75 11.64
C ARG D 164 20.42 24.72 11.78
N ALA D 165 19.80 24.34 10.66
CA ALA D 165 18.71 23.36 10.68
C ALA D 165 19.25 21.97 11.04
N GLY D 166 20.40 21.61 10.45
CA GLY D 166 21.03 20.33 10.74
C GLY D 166 21.37 20.12 12.22
N LEU D 167 21.82 21.21 12.89
CA LEU D 167 22.14 21.16 14.30
C LEU D 167 20.90 20.95 15.13
N ALA D 168 19.80 21.61 14.74
CA ALA D 168 18.54 21.45 15.45
C ALA D 168 18.12 19.96 15.44
N VAL D 169 18.22 19.33 14.27
CA VAL D 169 17.87 17.90 14.13
C VAL D 169 18.76 17.05 15.04
N ALA D 170 20.07 17.25 14.94
CA ALA D 170 21.04 16.49 15.73
C ALA D 170 20.94 16.70 17.22
N SER D 171 20.47 17.87 17.63
CA SER D 171 20.33 18.17 19.05
C SER D 171 19.13 17.53 19.73
N MET D 172 18.06 17.30 18.97
CA MET D 172 16.87 16.67 19.54
C MET D 172 17.04 15.16 19.70
N LYS D 173 17.80 14.58 18.78
CA LYS D 173 18.04 13.16 18.77
C LYS D 173 18.48 12.61 20.12
N GLY D 174 17.68 11.71 20.68
CA GLY D 174 18.04 11.08 21.93
C GLY D 174 17.54 11.71 23.20
N LYS D 175 17.05 12.94 23.11
CA LYS D 175 16.55 13.65 24.28
C LYS D 175 15.12 13.27 24.59
N SER D 176 14.65 13.69 25.76
CA SER D 176 13.30 13.41 26.20
C SER D 176 12.35 14.61 26.21
N TYR D 177 11.06 14.30 26.17
CA TYR D 177 10.01 15.30 26.27
C TYR D 177 9.37 14.88 27.60
N LEU D 178 9.30 15.82 28.54
CA LEU D 178 8.71 15.51 29.84
C LEU D 178 7.25 15.93 29.92
N SER D 179 6.38 14.93 29.96
CA SER D 179 4.95 15.13 30.05
C SER D 179 4.61 15.16 31.53
N LEU D 180 4.49 16.36 32.09
CA LEU D 180 4.12 16.49 33.51
C LEU D 180 2.58 16.59 33.53
N GLY D 181 1.92 15.46 33.78
CA GLY D 181 0.47 15.42 33.75
C GLY D 181 0.06 14.71 32.47
N GLY D 182 -1.24 14.69 32.18
CA GLY D 182 -1.70 14.04 30.97
C GLY D 182 -2.39 15.01 30.01
N VAL D 183 -3.65 14.71 29.71
CA VAL D 183 -4.47 15.50 28.81
C VAL D 183 -5.07 16.64 29.58
N SER D 184 -4.98 17.84 29.02
CA SER D 184 -5.55 19.01 29.66
C SER D 184 -6.80 19.41 28.88
N MET D 185 -7.96 19.30 29.53
CA MET D 185 -9.26 19.69 28.95
C MET D 185 -9.52 19.24 27.51
N GLY D 186 -9.28 17.95 27.24
CA GLY D 186 -9.47 17.41 25.91
C GLY D 186 -8.69 18.04 24.77
N ILE D 187 -7.60 18.75 25.05
CA ILE D 187 -6.79 19.38 24.00
C ILE D 187 -6.00 18.30 23.25
N ALA D 188 -6.21 18.19 21.95
CA ALA D 188 -5.58 17.16 21.15
C ALA D 188 -4.06 17.07 21.29
N GLY D 189 -3.40 18.22 21.31
CA GLY D 189 -1.96 18.25 21.45
C GLY D 189 -1.50 17.67 22.78
N SER D 190 -2.35 17.66 23.80
CA SER D 190 -1.97 17.12 25.10
C SER D 190 -2.17 15.61 25.18
N ILE D 191 -2.62 15.00 24.10
CA ILE D 191 -2.75 13.53 24.06
C ILE D 191 -1.41 13.23 23.38
N VAL D 192 -0.37 13.11 24.19
CA VAL D 192 0.98 12.92 23.71
C VAL D 192 1.15 11.67 22.90
N ASP D 193 1.65 11.85 21.68
CA ASP D 193 1.86 10.75 20.74
C ASP D 193 3.31 10.28 20.86
N HIS D 194 3.53 9.19 21.60
CA HIS D 194 4.89 8.69 21.79
C HIS D 194 5.58 8.32 20.49
N ASN D 195 4.80 7.76 19.57
CA ASN D 195 5.38 7.37 18.29
C ASN D 195 5.88 8.54 17.46
N PHE D 196 5.21 9.68 17.56
CA PHE D 196 5.61 10.85 16.78
C PHE D 196 7.00 11.30 17.23
N PHE D 197 7.16 11.39 18.55
CA PHE D 197 8.43 11.81 19.12
C PHE D 197 9.56 10.87 18.73
N GLU D 198 9.31 9.57 18.90
CA GLU D 198 10.31 8.54 18.60
C GLU D 198 10.68 8.42 17.12
N SER D 199 9.67 8.33 16.25
CA SER D 199 9.90 8.17 14.83
C SER D 199 10.37 9.38 14.04
N TRP D 200 9.72 10.51 14.25
CA TRP D 200 10.06 11.72 13.52
C TRP D 200 11.21 12.55 14.09
N LEU D 201 11.20 12.72 15.42
CA LEU D 201 12.19 13.55 16.10
C LEU D 201 13.32 12.75 16.76
N GLY D 202 13.11 11.46 16.92
CA GLY D 202 14.12 10.61 17.52
C GLY D 202 14.26 10.87 19.00
N MET D 203 13.17 11.24 19.65
CA MET D 203 13.19 11.56 21.08
C MET D 203 12.41 10.49 21.84
N LYS D 204 12.49 10.54 23.18
CA LYS D 204 11.75 9.60 24.01
C LYS D 204 10.76 10.44 24.79
N VAL D 205 9.74 9.81 25.36
CA VAL D 205 8.74 10.54 26.12
C VAL D 205 8.70 10.00 27.53
N GLN D 206 8.82 10.88 28.51
CA GLN D 206 8.74 10.48 29.92
C GLN D 206 7.46 11.04 30.51
N ALA D 207 6.57 10.17 30.93
CA ALA D 207 5.34 10.63 31.52
C ALA D 207 5.47 10.58 33.03
N VAL D 208 5.05 11.66 33.68
CA VAL D 208 5.08 11.81 35.14
C VAL D 208 3.74 12.41 35.58
N ASP D 209 3.09 11.74 36.51
CA ASP D 209 1.81 12.22 37.03
C ASP D 209 2.10 13.46 37.87
N MET D 210 1.15 14.37 37.93
CA MET D 210 1.33 15.61 38.69
C MET D 210 1.48 15.47 40.21
N THR D 211 1.04 14.35 40.76
CA THR D 211 1.21 14.12 42.18
C THR D 211 2.71 14.13 42.54
N GLU D 212 3.58 13.91 41.54
CA GLU D 212 5.01 13.91 41.78
C GLU D 212 5.50 15.33 42.04
N LEU D 213 4.85 16.33 41.47
CA LEU D 213 5.24 17.72 41.69
C LEU D 213 4.82 18.05 43.12
N ARG D 214 3.65 17.55 43.50
CA ARG D 214 3.12 17.75 44.84
C ARG D 214 4.07 17.14 45.87
N ARG D 215 4.60 15.95 45.59
CA ARG D 215 5.53 15.27 46.48
C ARG D 215 6.83 16.04 46.68
N ARG D 216 7.42 16.53 45.58
CA ARG D 216 8.68 17.29 45.68
C ARG D 216 8.48 18.50 46.59
N ILE D 217 7.35 19.19 46.42
CA ILE D 217 7.05 20.38 47.22
C ILE D 217 6.78 20.06 48.70
N ASP D 218 5.86 19.12 48.96
CA ASP D 218 5.52 18.71 50.34
C ASP D 218 6.66 18.05 51.10
N GLN D 219 7.53 17.33 50.40
CA GLN D 219 8.63 16.65 51.07
C GLN D 219 9.97 17.35 50.95
N LYS D 220 9.93 18.64 50.66
CA LYS D 220 11.13 19.47 50.56
C LYS D 220 12.22 18.97 49.65
N ILE D 221 11.83 18.32 48.57
CA ILE D 221 12.80 17.80 47.60
C ILE D 221 13.22 18.94 46.65
N TYR D 222 13.94 19.91 47.20
CA TYR D 222 14.45 21.06 46.45
C TYR D 222 15.53 21.76 47.26
N ASP D 223 16.25 22.68 46.63
CA ASP D 223 17.33 23.44 47.26
C ASP D 223 16.75 24.58 48.11
N GLU D 224 16.75 24.43 49.43
CA GLU D 224 16.19 25.47 50.28
C GLU D 224 16.88 26.82 50.18
N ALA D 225 18.17 26.83 49.87
CA ALA D 225 18.88 28.08 49.73
C ALA D 225 18.38 28.84 48.52
N GLU D 226 18.15 28.11 47.43
CA GLU D 226 17.68 28.70 46.20
C GLU D 226 16.31 29.35 46.39
N LEU D 227 15.40 28.67 47.08
CA LEU D 227 14.09 29.25 47.34
C LEU D 227 14.20 30.60 48.09
N GLU D 228 15.00 30.63 49.18
CA GLU D 228 15.22 31.85 49.99
C GLU D 228 15.61 32.93 49.00
N MET D 229 16.56 32.61 48.14
CA MET D 229 17.06 33.52 47.11
C MET D 229 16.00 33.91 46.05
N ALA D 230 15.19 32.95 45.64
CA ALA D 230 14.15 33.19 44.64
C ALA D 230 13.12 34.22 45.15
N LEU D 231 12.68 34.03 46.40
CA LEU D 231 11.72 34.93 47.06
C LEU D 231 12.30 36.34 47.21
N ALA D 232 13.55 36.43 47.66
CA ALA D 232 14.19 37.74 47.81
C ALA D 232 14.13 38.47 46.48
N TRP D 233 14.47 37.77 45.41
CA TRP D 233 14.45 38.32 44.06
C TRP D 233 13.04 38.76 43.66
N ALA D 234 12.04 37.95 44.00
CA ALA D 234 10.65 38.30 43.66
C ALA D 234 10.21 39.57 44.41
N ASP D 235 10.46 39.61 45.71
CA ASP D 235 10.10 40.77 46.55
C ASP D 235 10.73 42.05 46.00
N LYS D 236 11.99 41.94 45.61
CA LYS D 236 12.81 43.02 45.08
C LYS D 236 12.49 43.47 43.63
N ASN D 237 11.84 42.62 42.83
CA ASN D 237 11.59 42.98 41.44
C ASN D 237 10.17 42.92 40.91
N PHE D 238 9.31 42.12 41.54
CA PHE D 238 7.92 41.94 41.07
C PHE D 238 7.01 43.14 41.22
N ARG D 239 6.43 43.58 40.12
CA ARG D 239 5.51 44.70 40.14
C ARG D 239 4.13 44.02 40.04
N TYR D 240 3.26 44.25 41.02
CA TYR D 240 1.93 43.62 41.03
C TYR D 240 0.77 44.37 40.34
N GLY D 241 0.00 43.61 39.57
CA GLY D 241 -1.11 44.20 38.86
C GLY D 241 -2.36 44.20 39.73
N GLU D 242 -3.16 45.26 39.63
CA GLU D 242 -4.39 45.38 40.40
C GLU D 242 -5.36 44.24 40.07
N ASP D 243 -6.13 43.83 41.06
CA ASP D 243 -7.10 42.74 40.90
C ASP D 243 -8.20 43.12 39.92
N GLU D 244 -7.90 43.04 38.63
CA GLU D 244 -8.86 43.36 37.57
C GLU D 244 -9.99 42.33 37.60
N ASN D 245 -9.70 41.18 38.18
CA ASN D 245 -10.66 40.08 38.29
C ASN D 245 -11.94 40.52 38.99
N ASN D 246 -12.89 41.02 38.22
CA ASN D 246 -14.19 41.46 38.73
C ASN D 246 -14.11 42.52 39.82
N LYS D 247 -12.91 43.00 40.12
CA LYS D 247 -12.69 44.03 41.15
C LYS D 247 -13.33 43.68 42.49
N GLN D 248 -13.41 42.39 42.81
CA GLN D 248 -14.03 41.94 44.06
C GLN D 248 -13.21 40.86 44.75
N TYR D 249 -12.01 41.22 45.18
CA TYR D 249 -11.11 40.30 45.87
C TYR D 249 -10.28 41.06 46.90
N GLN D 250 -10.44 40.72 48.17
CA GLN D 250 -9.69 41.36 49.24
C GLN D 250 -8.56 40.46 49.75
N ARG D 251 -8.50 39.25 49.19
CA ARG D 251 -7.48 38.27 49.56
C ARG D 251 -6.07 38.84 49.49
N ASN D 252 -5.26 38.53 50.50
CA ASN D 252 -3.88 39.02 50.56
C ASN D 252 -3.08 38.37 51.68
N ALA D 253 -3.45 38.71 52.92
CA ALA D 253 -2.77 38.20 54.11
C ALA D 253 -2.53 36.69 54.08
N GLU D 254 -1.25 36.32 53.99
CA GLU D 254 -0.82 34.92 53.95
C GLU D 254 -1.19 34.17 52.66
N GLN D 255 -2.47 34.22 52.30
CA GLN D 255 -2.99 33.55 51.11
C GLN D 255 -2.09 33.77 49.90
N SER D 256 -1.96 35.03 49.47
CA SER D 256 -1.15 35.39 48.31
C SER D 256 0.33 35.07 48.51
N ARG D 257 0.80 35.14 49.76
CA ARG D 257 2.21 34.88 50.07
C ARG D 257 2.60 33.43 49.77
N ALA D 258 1.90 32.48 50.39
CA ALA D 258 2.19 31.06 50.20
C ALA D 258 2.08 30.67 48.72
N VAL D 259 1.23 31.40 48.00
CA VAL D 259 1.00 31.21 46.57
C VAL D 259 2.25 31.54 45.75
N LEU D 260 2.82 32.71 46.01
CA LEU D 260 4.03 33.14 45.31
C LEU D 260 5.14 32.13 45.62
N ARG D 261 5.16 31.67 46.87
CA ARG D 261 6.12 30.69 47.36
C ARG D 261 5.99 29.41 46.55
N GLU D 262 4.77 28.91 46.50
CA GLU D 262 4.50 27.69 45.78
C GLU D 262 4.77 27.82 44.29
N SER D 263 4.36 28.95 43.71
CA SER D 263 4.59 29.20 42.28
C SER D 263 6.07 29.14 41.90
N LEU D 264 6.92 29.72 42.74
CA LEU D 264 8.35 29.71 42.50
C LEU D 264 8.93 28.29 42.69
N LEU D 265 8.41 27.56 43.67
CA LEU D 265 8.86 26.18 43.89
C LEU D 265 8.56 25.33 42.66
N MET D 266 7.40 25.55 42.03
CA MET D 266 6.99 24.80 40.84
C MET D 266 8.02 25.01 39.74
N ALA D 267 8.46 26.25 39.53
CA ALA D 267 9.47 26.52 38.51
C ALA D 267 10.77 25.76 38.86
N MET D 268 11.13 25.75 40.12
CA MET D 268 12.34 25.06 40.56
C MET D 268 12.28 23.56 40.34
N CYS D 269 11.21 22.93 40.80
CA CYS D 269 11.04 21.50 40.67
C CYS D 269 10.92 21.03 39.24
N ILE D 270 10.18 21.77 38.43
CA ILE D 270 10.03 21.39 37.04
C ILE D 270 11.41 21.45 36.36
N ARG D 271 12.16 22.52 36.60
CA ARG D 271 13.50 22.66 36.02
C ARG D 271 14.38 21.48 36.46
N ASP D 272 14.31 21.10 37.74
CA ASP D 272 15.10 19.99 38.29
C ASP D 272 14.71 18.66 37.65
N MET D 273 13.42 18.50 37.36
CA MET D 273 12.96 17.28 36.71
C MET D 273 13.49 17.20 35.27
N MET D 274 13.54 18.34 34.58
CA MET D 274 14.04 18.37 33.21
C MET D 274 15.52 18.07 33.06
N GLN D 275 16.35 18.75 33.84
CA GLN D 275 17.80 18.58 33.70
C GLN D 275 18.55 18.02 34.90
N GLY D 276 17.86 17.67 35.97
CA GLY D 276 18.55 17.13 37.13
C GLY D 276 19.17 18.25 37.98
N ASN D 277 19.58 17.92 39.19
CA ASN D 277 20.17 18.88 40.12
C ASN D 277 20.96 18.12 41.16
N SER D 278 22.29 18.25 41.13
CA SER D 278 23.16 17.56 42.11
C SER D 278 22.91 17.92 43.59
N LYS D 279 22.40 19.12 43.88
CA LYS D 279 22.09 19.55 45.25
C LYS D 279 21.07 18.60 45.91
N LEU D 280 20.24 17.96 45.11
CA LEU D 280 19.25 17.05 45.66
C LEU D 280 19.95 15.81 46.19
N ALA D 281 21.08 15.49 45.60
CA ALA D 281 21.87 14.33 46.02
C ALA D 281 22.43 14.62 47.42
N ASP D 282 22.95 15.83 47.61
CA ASP D 282 23.50 16.29 48.88
C ASP D 282 22.52 16.06 50.04
N ILE D 283 21.24 16.31 49.82
CA ILE D 283 20.24 16.13 50.89
C ILE D 283 19.69 14.69 50.98
N GLY D 284 20.28 13.80 50.19
CA GLY D 284 19.88 12.39 50.19
C GLY D 284 18.79 11.96 49.22
N ARG D 285 18.44 12.85 48.30
CA ARG D 285 17.39 12.55 47.32
C ARG D 285 18.12 12.21 45.99
N VAL D 286 18.89 11.12 45.99
CA VAL D 286 19.70 10.76 44.83
C VAL D 286 18.96 10.43 43.54
N GLU D 287 17.93 9.60 43.61
CA GLU D 287 17.18 9.22 42.42
C GLU D 287 16.67 10.48 41.71
N GLU D 288 16.03 11.33 42.50
CA GLU D 288 15.45 12.59 42.02
C GLU D 288 16.47 13.53 41.44
N SER D 289 17.71 13.40 41.87
CA SER D 289 18.75 14.31 41.42
C SER D 289 19.16 14.13 39.97
N LEU D 290 18.86 12.96 39.41
CA LEU D 290 19.27 12.65 38.05
C LEU D 290 18.58 13.42 36.95
N GLY D 291 17.30 13.68 37.13
CA GLY D 291 16.54 14.39 36.12
C GLY D 291 16.06 13.38 35.09
N TYR D 292 15.39 13.86 34.05
CA TYR D 292 14.89 12.98 33.02
C TYR D 292 15.48 13.24 31.64
N ASN D 293 16.54 14.05 31.57
CA ASN D 293 17.19 14.35 30.31
C ASN D 293 16.21 14.99 29.29
N ALA D 294 15.32 15.83 29.79
CA ALA D 294 14.30 16.48 28.97
C ALA D 294 14.79 17.77 28.34
N ILE D 295 14.57 17.92 27.04
CA ILE D 295 14.99 19.12 26.32
C ILE D 295 13.74 20.02 26.13
N ALA D 296 12.57 19.49 26.50
CA ALA D 296 11.29 20.21 26.42
C ALA D 296 10.31 19.51 27.34
N ALA D 297 9.31 20.23 27.83
CA ALA D 297 8.33 19.63 28.74
C ALA D 297 6.99 20.32 28.60
N GLY D 298 6.00 19.73 29.24
CA GLY D 298 4.67 20.28 29.23
C GLY D 298 4.11 20.09 30.63
N PHE D 299 3.30 21.04 31.08
CA PHE D 299 2.70 20.97 32.39
C PHE D 299 1.19 21.00 32.17
N GLN D 300 0.49 19.91 32.47
CA GLN D 300 -0.95 19.83 32.26
C GLN D 300 -1.72 20.97 32.90
N GLY D 301 -1.57 21.14 34.22
CA GLY D 301 -2.25 22.19 34.94
C GLY D 301 -3.73 21.89 35.09
N GLN D 302 -4.55 22.51 34.22
CA GLN D 302 -6.00 22.32 34.23
C GLN D 302 -6.41 20.90 33.82
N ARG D 303 -7.45 20.33 34.43
CA ARG D 303 -8.29 20.96 35.47
C ARG D 303 -7.88 20.55 36.88
N HIS D 304 -7.38 19.32 36.98
CA HIS D 304 -7.01 18.64 38.22
C HIS D 304 -6.01 19.24 39.20
N TRP D 305 -5.00 19.93 38.68
CA TRP D 305 -4.05 20.56 39.57
C TRP D 305 -4.60 21.91 40.02
N THR D 306 -4.93 22.75 39.03
CA THR D 306 -5.45 24.10 39.25
C THR D 306 -6.75 24.25 40.09
N ASP D 307 -7.54 23.19 40.18
CA ASP D 307 -8.77 23.22 40.97
C ASP D 307 -8.46 23.17 42.47
N GLN D 308 -7.18 23.06 42.83
CA GLN D 308 -6.81 22.98 44.23
C GLN D 308 -5.46 23.58 44.58
N TYR D 309 -4.58 23.71 43.61
CA TYR D 309 -3.25 24.26 43.87
C TYR D 309 -2.98 25.40 42.92
N PRO D 310 -1.99 26.26 43.23
CA PRO D 310 -1.61 27.42 42.41
C PRO D 310 -1.31 27.02 40.97
N ASN D 311 -1.75 27.81 40.00
CA ASN D 311 -1.54 27.46 38.61
C ASN D 311 -0.09 27.58 38.17
N GLY D 312 0.17 27.19 36.93
CA GLY D 312 1.53 27.23 36.43
C GLY D 312 1.97 28.50 35.72
N ASP D 313 1.17 29.56 35.79
CA ASP D 313 1.53 30.80 35.09
C ASP D 313 2.94 31.30 35.41
N THR D 314 3.23 31.48 36.70
CA THR D 314 4.52 32.01 37.11
C THR D 314 5.68 31.11 36.68
N ALA D 315 5.55 29.81 36.97
CA ALA D 315 6.58 28.84 36.61
C ALA D 315 6.90 28.86 35.11
N GLU D 316 5.83 28.78 34.31
CA GLU D 316 5.92 28.79 32.85
C GLU D 316 6.55 30.08 32.33
N ALA D 317 6.09 31.22 32.83
CA ALA D 317 6.63 32.49 32.40
C ALA D 317 8.13 32.59 32.73
N ILE D 318 8.52 32.20 33.94
CA ILE D 318 9.92 32.25 34.34
C ILE D 318 10.78 31.28 33.56
N LEU D 319 10.42 29.99 33.56
CA LEU D 319 11.19 28.96 32.85
C LEU D 319 11.37 29.25 31.37
N ASN D 320 10.33 29.78 30.72
CA ASN D 320 10.45 30.13 29.30
C ASN D 320 11.22 31.42 29.03
N SER D 321 11.55 32.18 30.08
CA SER D 321 12.29 33.44 29.92
C SER D 321 13.77 33.15 29.88
N SER D 322 14.55 34.13 29.45
CA SER D 322 16.00 33.96 29.39
C SER D 322 16.70 34.36 30.69
N PHE D 323 15.97 34.39 31.80
CA PHE D 323 16.57 34.81 33.07
C PHE D 323 15.67 34.53 34.25
N ASP D 324 16.26 34.54 35.43
CA ASP D 324 15.56 34.34 36.69
C ASP D 324 16.49 34.81 37.82
N TRP D 325 16.18 34.43 39.06
CA TRP D 325 17.01 34.83 40.20
C TRP D 325 18.50 34.53 40.10
N ASN D 326 18.86 33.58 39.27
CA ASN D 326 20.27 33.18 39.08
C ASN D 326 20.95 33.90 37.91
N GLY D 327 20.33 34.92 37.35
CA GLY D 327 20.94 35.62 36.21
C GLY D 327 20.40 35.15 34.85
N VAL D 328 20.98 35.65 33.76
CA VAL D 328 20.52 35.21 32.45
C VAL D 328 21.03 33.80 32.12
N ARG D 329 20.19 33.03 31.43
CA ARG D 329 20.50 31.66 31.08
C ARG D 329 19.71 31.31 29.84
N GLU D 330 19.97 30.13 29.32
CA GLU D 330 19.23 29.65 28.16
C GLU D 330 17.78 29.40 28.63
N PRO D 331 16.80 29.87 27.85
CA PRO D 331 15.42 29.64 28.27
C PRO D 331 15.06 28.18 28.12
N PHE D 332 14.15 27.70 28.96
CA PHE D 332 13.68 26.31 28.86
C PHE D 332 12.47 26.28 27.95
N VAL D 333 11.99 25.10 27.61
CA VAL D 333 10.81 25.00 26.76
C VAL D 333 9.73 24.24 27.52
N VAL D 334 8.80 24.98 28.10
CA VAL D 334 7.72 24.37 28.86
C VAL D 334 6.38 24.80 28.26
N ALA D 335 5.63 23.83 27.74
CA ALA D 335 4.35 24.10 27.10
C ALA D 335 3.22 24.12 28.10
N THR D 336 2.42 25.17 28.06
CA THR D 336 1.29 25.25 28.99
C THR D 336 0.19 24.28 28.51
N GLU D 337 -0.56 23.75 29.47
CA GLU D 337 -1.64 22.78 29.20
C GLU D 337 -1.09 21.49 28.61
N ASN D 338 0.22 21.27 28.74
CA ASN D 338 0.89 20.08 28.21
C ASN D 338 0.64 19.89 26.71
N ASP D 339 0.55 20.99 25.97
CA ASP D 339 0.33 20.90 24.53
C ASP D 339 1.66 20.59 23.90
N SER D 340 1.99 19.29 23.85
CA SER D 340 3.24 18.82 23.27
C SER D 340 3.51 19.29 21.85
N LEU D 341 2.44 19.46 21.05
CA LEU D 341 2.64 19.89 19.67
C LEU D 341 3.10 21.33 19.60
N ASN D 342 2.68 22.13 20.59
CA ASN D 342 3.12 23.54 20.67
C ASN D 342 4.52 23.51 21.26
N GLY D 343 4.78 22.56 22.14
CA GLY D 343 6.11 22.38 22.71
C GLY D 343 7.12 22.07 21.60
N VAL D 344 6.73 21.22 20.64
CA VAL D 344 7.59 20.84 19.53
C VAL D 344 7.93 22.04 18.65
N ALA D 345 6.92 22.86 18.37
CA ALA D 345 7.14 24.08 17.58
C ALA D 345 8.11 25.03 18.35
N MET D 346 7.94 25.11 19.69
CA MET D 346 8.81 25.93 20.54
C MET D 346 10.25 25.38 20.52
N LEU D 347 10.39 24.07 20.62
CA LEU D 347 11.68 23.39 20.59
C LEU D 347 12.41 23.77 19.31
N MET D 348 11.73 23.63 18.18
CA MET D 348 12.30 23.94 16.86
C MET D 348 12.73 25.42 16.77
N GLY D 349 11.84 26.33 17.18
CA GLY D 349 12.12 27.76 17.17
C GLY D 349 13.34 28.07 18.03
N HIS D 350 13.38 27.49 19.23
CA HIS D 350 14.50 27.68 20.11
C HIS D 350 15.82 27.10 19.57
N GLN D 351 15.81 25.88 19.03
CA GLN D 351 17.03 25.29 18.52
C GLN D 351 17.53 26.05 17.30
N LEU D 352 16.63 26.70 16.58
CA LEU D 352 17.03 27.43 15.37
C LEU D 352 17.55 28.83 15.65
N THR D 353 17.03 29.47 16.70
CA THR D 353 17.43 30.84 17.03
C THR D 353 18.18 31.06 18.37
N GLY D 354 18.00 30.15 19.31
CA GLY D 354 18.64 30.29 20.59
C GLY D 354 17.90 31.29 21.46
N THR D 355 16.69 31.69 21.05
CA THR D 355 15.90 32.68 21.80
C THR D 355 14.72 32.10 22.58
N ALA D 356 14.07 32.96 23.38
CA ALA D 356 12.90 32.55 24.17
C ALA D 356 11.72 32.42 23.22
N GLN D 357 10.81 31.50 23.52
CA GLN D 357 9.65 31.27 22.66
C GLN D 357 8.32 31.69 23.29
N VAL D 358 7.46 32.37 22.53
CA VAL D 358 6.18 32.81 23.08
C VAL D 358 5.01 31.87 22.79
N PHE D 359 4.44 31.31 23.85
CA PHE D 359 3.28 30.41 23.73
C PHE D 359 2.05 31.31 23.67
N ALA D 360 1.18 31.07 22.70
CA ALA D 360 -0.02 31.92 22.55
C ALA D 360 -1.30 31.23 22.13
N ASP D 361 -2.41 31.71 22.66
CA ASP D 361 -3.72 31.22 22.26
C ASP D 361 -4.06 32.20 21.12
N VAL D 362 -4.55 31.66 20.00
CA VAL D 362 -4.95 32.48 18.84
C VAL D 362 -6.40 32.79 19.21
N ARG D 363 -6.61 33.87 19.97
CA ARG D 363 -7.95 34.15 20.47
C ARG D 363 -9.00 34.83 19.64
N THR D 364 -8.63 35.91 18.96
CA THR D 364 -9.65 36.63 18.21
C THR D 364 -9.15 37.24 16.94
N TYR D 365 -10.01 37.22 15.94
CA TYR D 365 -9.67 37.86 14.69
C TYR D 365 -10.54 39.12 14.72
N TRP D 366 -9.89 40.27 14.59
CA TRP D 366 -10.56 41.58 14.60
C TRP D 366 -10.54 42.14 13.20
N SER D 367 -11.70 42.15 12.58
CA SER D 367 -11.81 42.68 11.23
C SER D 367 -11.81 44.21 11.34
N PRO D 368 -11.42 44.92 10.26
CA PRO D 368 -11.42 46.38 10.34
C PRO D 368 -12.82 46.94 10.66
N GLU D 369 -13.86 46.28 10.16
CA GLU D 369 -15.23 46.68 10.44
C GLU D 369 -15.54 46.53 11.94
N ALA D 370 -15.14 45.40 12.52
CA ALA D 370 -15.39 45.14 13.94
C ALA D 370 -14.65 46.16 14.81
N ILE D 371 -13.44 46.52 14.41
CA ILE D 371 -12.63 47.48 15.16
C ILE D 371 -13.37 48.82 15.21
N GLU D 372 -13.70 49.36 14.03
CA GLU D 372 -14.41 50.63 13.90
C GLU D 372 -15.71 50.62 14.69
N ARG D 373 -16.47 49.53 14.59
CA ARG D 373 -17.72 49.46 15.32
C ARG D 373 -17.52 49.62 16.82
N VAL D 374 -16.62 48.86 17.42
CA VAL D 374 -16.45 48.94 18.87
C VAL D 374 -15.58 50.08 19.39
N THR D 375 -14.70 50.62 18.57
CA THR D 375 -13.84 51.69 19.06
C THR D 375 -13.91 53.01 18.27
N GLY D 376 -14.50 52.98 17.09
CA GLY D 376 -14.62 54.17 16.28
C GLY D 376 -13.39 54.48 15.44
N HIS D 377 -12.27 53.83 15.72
CA HIS D 377 -11.05 54.08 14.95
C HIS D 377 -10.97 53.33 13.62
N LYS D 378 -10.31 53.96 12.65
CA LYS D 378 -10.10 53.36 11.33
C LYS D 378 -8.67 52.80 11.41
N LEU D 379 -8.51 51.56 10.98
CA LEU D 379 -7.21 50.90 10.99
C LEU D 379 -6.35 51.22 9.78
N ASP D 380 -5.09 51.52 10.03
CA ASP D 380 -4.17 51.82 8.93
C ASP D 380 -2.82 51.18 9.25
N GLY D 381 -1.84 51.38 8.36
CA GLY D 381 -0.52 50.79 8.59
C GLY D 381 -0.60 49.28 8.50
N LEU D 382 0.21 48.58 9.28
CA LEU D 382 0.22 47.12 9.27
C LEU D 382 -1.14 46.53 9.62
N ALA D 383 -1.86 47.18 10.53
CA ALA D 383 -3.17 46.70 10.99
C ALA D 383 -4.29 47.04 10.05
N GLU D 384 -3.95 47.63 8.92
CA GLU D 384 -4.96 48.03 7.96
C GLU D 384 -5.96 46.99 7.49
N HIS D 385 -5.53 45.72 7.41
CA HIS D 385 -6.38 44.64 6.92
C HIS D 385 -7.02 43.72 7.95
N GLY D 386 -6.84 44.02 9.22
CA GLY D 386 -7.41 43.17 10.25
C GLY D 386 -6.25 42.84 11.18
N ILE D 387 -6.56 42.22 12.30
CA ILE D 387 -5.52 41.94 13.26
C ILE D 387 -5.91 40.67 14.06
N ILE D 388 -4.92 39.91 14.53
CA ILE D 388 -5.19 38.70 15.31
C ILE D 388 -4.68 38.90 16.73
N HIS D 389 -5.55 38.66 17.70
CA HIS D 389 -5.18 38.82 19.09
C HIS D 389 -4.60 37.54 19.69
N LEU D 390 -3.30 37.56 19.97
CA LEU D 390 -2.59 36.43 20.56
C LEU D 390 -2.38 36.72 22.06
N ILE D 391 -2.94 35.86 22.91
CA ILE D 391 -2.84 36.01 24.36
C ILE D 391 -2.80 34.63 24.98
N ASN D 392 -1.72 34.26 25.66
CA ASN D 392 -1.73 32.97 26.32
C ASN D 392 -2.54 33.14 27.62
N SER D 393 -3.21 32.09 28.06
CA SER D 393 -4.02 32.13 29.27
C SER D 393 -3.27 32.31 30.60
N GLY D 394 -2.38 33.31 30.67
CA GLY D 394 -1.65 33.58 31.90
C GLY D 394 -0.13 33.64 31.92
N SER D 395 0.55 33.01 30.97
CA SER D 395 2.01 33.00 30.95
C SER D 395 2.60 33.24 29.58
N ALA D 396 3.82 33.71 29.56
CA ALA D 396 4.55 33.97 28.34
C ALA D 396 5.95 34.42 28.76
N ALA D 397 6.95 33.99 28.00
CA ALA D 397 8.32 34.37 28.28
C ALA D 397 8.38 35.90 28.44
N LEU D 398 8.96 36.39 29.54
CA LEU D 398 9.05 37.83 29.77
C LEU D 398 9.81 38.53 28.65
N ASP D 399 10.68 37.81 27.96
CA ASP D 399 11.44 38.36 26.81
C ASP D 399 10.44 38.87 25.78
N GLY D 400 9.23 38.29 25.80
CA GLY D 400 8.17 38.65 24.88
C GLY D 400 7.74 40.10 24.90
N SER D 401 8.10 40.82 25.96
CA SER D 401 7.76 42.23 26.06
C SER D 401 8.51 43.04 24.99
N CYS D 402 9.62 42.49 24.48
CA CYS D 402 10.46 43.15 23.46
C CYS D 402 11.14 44.42 23.97
N LYS D 403 11.54 44.38 25.24
CA LYS D 403 12.24 45.49 25.87
C LYS D 403 13.73 45.42 25.58
N GLN D 404 14.21 44.30 25.02
CA GLN D 404 15.62 44.16 24.66
C GLN D 404 15.80 44.98 23.38
N ARG D 405 17.04 45.39 23.08
CA ARG D 405 17.29 46.22 21.89
C ARG D 405 18.44 45.66 21.07
N ASP D 406 18.38 45.84 19.76
CA ASP D 406 19.47 45.36 18.93
C ASP D 406 20.48 46.50 18.75
N SER D 407 21.48 46.29 17.89
CA SER D 407 22.53 47.27 17.62
C SER D 407 21.92 48.62 17.19
N GLU D 408 20.95 48.56 16.29
CA GLU D 408 20.29 49.78 15.81
C GLU D 408 19.27 50.41 16.78
N GLY D 409 19.09 49.84 17.97
CA GLY D 409 18.13 50.39 18.93
C GLY D 409 16.67 49.95 18.85
N ASN D 410 16.37 49.04 17.93
CA ASN D 410 15.02 48.53 17.74
C ASN D 410 14.61 47.47 18.76
N PRO D 411 13.31 47.41 19.11
CA PRO D 411 12.87 46.40 20.08
C PRO D 411 13.06 45.00 19.44
N THR D 412 13.47 44.03 20.25
CA THR D 412 13.73 42.68 19.73
C THR D 412 13.81 41.64 20.86
N MET D 413 14.12 40.40 20.50
CA MET D 413 14.32 39.29 21.45
C MET D 413 15.64 38.72 20.99
N LYS D 414 16.57 38.52 21.92
CA LYS D 414 17.91 38.04 21.54
C LYS D 414 18.32 36.74 22.17
N PRO D 415 19.37 36.10 21.61
CA PRO D 415 19.87 34.83 22.15
C PRO D 415 20.41 35.19 23.56
N HIS D 416 20.22 34.30 24.55
CA HIS D 416 20.65 34.59 25.90
C HIS D 416 22.10 35.07 26.10
N TRP D 417 23.00 34.71 25.18
CA TRP D 417 24.39 35.15 25.31
C TRP D 417 24.62 36.61 24.89
N GLU D 418 23.56 37.26 24.43
CA GLU D 418 23.63 38.67 24.01
C GLU D 418 22.73 39.53 24.87
N ILE D 419 22.17 38.93 25.92
CA ILE D 419 21.28 39.63 26.82
C ILE D 419 22.06 40.09 28.06
N SER D 420 22.04 41.39 28.31
CA SER D 420 22.74 41.96 29.46
C SER D 420 21.80 41.95 30.68
N GLN D 421 22.38 41.95 31.88
CA GLN D 421 21.59 41.96 33.10
C GLN D 421 20.59 43.12 33.12
N GLN D 422 20.94 44.22 32.46
CA GLN D 422 20.07 45.40 32.38
C GLN D 422 18.79 45.04 31.64
N GLU D 423 18.95 44.51 30.42
CA GLU D 423 17.82 44.12 29.56
C GLU D 423 16.92 43.15 30.28
N ALA D 424 17.51 42.25 31.06
CA ALA D 424 16.72 41.29 31.82
C ALA D 424 15.81 42.05 32.81
N ASP D 425 16.40 42.98 33.56
CA ASP D 425 15.65 43.79 34.55
C ASP D 425 14.56 44.62 33.87
N ALA D 426 14.89 45.15 32.69
CA ALA D 426 13.97 45.95 31.90
C ALA D 426 12.72 45.15 31.50
N CYS D 427 12.91 43.86 31.19
CA CYS D 427 11.79 42.98 30.82
C CYS D 427 10.92 42.69 32.04
N LEU D 428 11.58 42.55 33.19
CA LEU D 428 10.87 42.30 34.44
C LEU D 428 10.04 43.52 34.84
N ALA D 429 10.60 44.70 34.62
CA ALA D 429 9.95 45.97 34.94
C ALA D 429 8.73 46.26 34.06
N ALA D 430 8.71 45.67 32.87
CA ALA D 430 7.60 45.84 31.93
C ALA D 430 6.47 44.84 32.18
N THR D 431 6.66 43.96 33.16
CA THR D 431 5.68 42.94 33.51
C THR D 431 5.01 43.23 34.84
N GLU D 432 3.71 42.95 34.90
CA GLU D 432 2.94 43.12 36.13
C GLU D 432 2.36 41.74 36.45
N TRP D 433 2.46 41.33 37.70
CA TRP D 433 1.96 40.04 38.12
C TRP D 433 0.57 40.21 38.70
N CYS D 434 -0.41 39.62 38.03
CA CYS D 434 -1.80 39.72 38.45
C CYS D 434 -2.34 38.40 39.01
N PRO D 435 -3.17 38.48 40.06
CA PRO D 435 -3.75 37.28 40.66
C PRO D 435 -4.62 36.52 39.64
N ALA D 436 -4.59 35.21 39.73
CA ALA D 436 -5.37 34.36 38.83
C ALA D 436 -6.87 34.52 39.15
N ILE D 437 -7.72 34.34 38.15
CA ILE D 437 -9.17 34.44 38.30
C ILE D 437 -9.69 33.18 38.98
N HIS D 438 -10.33 33.39 40.12
CA HIS D 438 -10.86 32.32 40.95
C HIS D 438 -11.86 31.34 40.29
N GLU D 439 -12.67 31.82 39.35
CA GLU D 439 -13.67 30.97 38.68
C GLU D 439 -13.02 29.83 37.89
N TYR D 440 -11.82 30.11 37.38
CA TYR D 440 -11.04 29.20 36.55
C TYR D 440 -9.90 28.50 37.27
N PHE D 441 -9.18 29.26 38.09
CA PHE D 441 -8.03 28.75 38.84
C PHE D 441 -8.27 28.89 40.34
N ARG D 442 -8.99 27.91 40.90
CA ARG D 442 -9.32 27.89 42.33
C ARG D 442 -8.13 27.86 43.28
N GLY D 443 -6.98 27.36 42.82
CA GLY D 443 -5.81 27.32 43.68
C GLY D 443 -5.05 28.64 43.66
N GLY D 444 -5.45 29.57 42.80
CA GLY D 444 -4.76 30.85 42.71
C GLY D 444 -3.61 30.82 41.72
N GLY D 445 -2.78 31.86 41.75
CA GLY D 445 -1.63 31.99 40.87
C GLY D 445 -1.32 33.42 40.50
N TYR D 446 -0.30 33.63 39.69
CA TYR D 446 0.10 34.96 39.25
C TYR D 446 0.44 34.96 37.77
N SER D 447 -0.34 35.73 37.00
CA SER D 447 -0.17 35.86 35.56
C SER D 447 0.84 36.94 35.22
N SER D 448 1.59 36.73 34.16
CA SER D 448 2.58 37.70 33.73
C SER D 448 1.97 38.59 32.65
N ARG D 449 1.59 39.80 33.02
CA ARG D 449 1.01 40.69 32.03
C ARG D 449 2.01 41.68 31.47
N PHE D 450 2.10 41.74 30.14
CA PHE D 450 2.95 42.68 29.43
C PHE D 450 2.35 42.88 28.03
N LEU D 451 2.74 43.94 27.36
CA LEU D 451 2.24 44.23 26.02
C LEU D 451 3.46 44.27 25.12
N THR D 452 3.48 43.40 24.11
CA THR D 452 4.59 43.34 23.18
C THR D 452 4.65 44.61 22.34
N GLU D 453 5.85 45.14 22.18
CA GLU D 453 6.05 46.35 21.36
C GLU D 453 5.65 46.10 19.91
N GLY D 454 5.08 47.11 19.25
CA GLY D 454 4.67 46.96 17.86
C GLY D 454 5.84 47.09 16.92
N GLY D 455 5.60 46.74 15.65
CA GLY D 455 6.63 46.83 14.60
C GLY D 455 7.75 45.78 14.61
N VAL D 456 7.60 44.73 15.42
CA VAL D 456 8.59 43.67 15.50
C VAL D 456 8.22 42.47 14.58
N PRO D 457 9.15 42.07 13.69
CA PRO D 457 8.87 40.95 12.79
C PRO D 457 8.82 39.65 13.61
N PHE D 458 7.78 38.86 13.38
CA PHE D 458 7.58 37.60 14.08
C PHE D 458 7.20 36.48 13.11
N THR D 459 7.42 35.24 13.54
CA THR D 459 7.04 34.08 12.73
C THR D 459 6.17 33.20 13.65
N MET D 460 4.93 32.98 13.24
CA MET D 460 4.05 32.14 14.04
C MET D 460 4.02 30.76 13.40
N THR D 461 4.13 29.73 14.24
CA THR D 461 4.13 28.36 13.76
C THR D 461 3.27 27.44 14.62
N ARG D 462 3.02 26.24 14.11
CA ARG D 462 2.22 25.23 14.79
C ARG D 462 2.43 23.90 14.08
N VAL D 463 2.51 22.82 14.85
CA VAL D 463 2.67 21.49 14.30
C VAL D 463 1.41 20.79 14.74
N ASN D 464 0.79 20.07 13.81
CA ASN D 464 -0.45 19.34 14.11
C ASN D 464 -0.27 17.92 13.58
N ILE D 465 -0.96 16.97 14.22
CA ILE D 465 -0.92 15.59 13.77
C ILE D 465 -2.28 15.26 13.15
N ILE D 466 -2.27 14.97 11.85
CA ILE D 466 -3.48 14.65 11.08
C ILE D 466 -3.50 13.14 10.84
N LYS D 467 -4.47 12.43 11.43
CA LYS D 467 -4.54 10.99 11.23
C LYS D 467 -4.63 10.65 9.73
N GLY D 468 -3.79 9.71 9.28
CA GLY D 468 -3.78 9.28 7.88
C GLY D 468 -2.82 10.06 7.00
N LEU D 469 -2.20 11.09 7.58
CA LEU D 469 -1.25 11.94 6.90
C LEU D 469 0.01 12.03 7.77
N GLY D 470 -0.17 12.19 9.08
CA GLY D 470 0.98 12.34 9.96
C GLY D 470 1.10 13.79 10.41
N PRO D 471 2.30 14.24 10.82
CA PRO D 471 2.44 15.63 11.25
C PRO D 471 2.57 16.59 10.08
N VAL D 472 2.07 17.81 10.29
CA VAL D 472 2.18 18.87 9.29
C VAL D 472 2.59 20.14 10.03
N LEU D 473 3.23 21.07 9.30
CA LEU D 473 3.69 22.35 9.87
C LEU D 473 3.03 23.54 9.20
N GLN D 474 2.62 24.51 10.02
CA GLN D 474 2.02 25.77 9.56
C GLN D 474 2.96 26.93 9.93
N ILE D 475 3.13 27.87 9.03
CA ILE D 475 3.99 29.02 9.29
C ILE D 475 3.24 30.26 8.81
N ALA D 476 3.42 31.37 9.53
CA ALA D 476 2.81 32.65 9.15
C ALA D 476 3.70 33.78 9.68
N GLU D 477 4.48 34.37 8.79
CA GLU D 477 5.35 35.48 9.14
C GLU D 477 4.50 36.74 9.17
N GLY D 478 4.89 37.67 10.02
CA GLY D 478 4.13 38.91 10.12
C GLY D 478 4.83 39.87 11.05
N TRP D 479 4.05 40.73 11.68
CA TRP D 479 4.61 41.71 12.59
C TRP D 479 3.67 41.96 13.75
N SER D 480 4.23 42.38 14.88
CA SER D 480 3.39 42.75 16.02
C SER D 480 3.03 44.20 15.70
N VAL D 481 1.82 44.64 16.02
CA VAL D 481 1.46 46.02 15.74
C VAL D 481 1.17 46.74 17.03
N GLU D 482 1.30 48.06 16.98
CA GLU D 482 1.03 48.87 18.14
C GLU D 482 -0.27 49.61 17.87
N LEU D 483 -1.24 49.44 18.77
CA LEU D 483 -2.54 50.11 18.65
C LEU D 483 -2.55 51.37 19.53
N PRO D 484 -3.24 52.43 19.08
CA PRO D 484 -3.29 53.64 19.91
C PRO D 484 -3.90 53.30 21.29
N LYS D 485 -3.24 53.78 22.34
CA LYS D 485 -3.64 53.56 23.73
C LYS D 485 -5.11 53.23 24.09
N ASP D 486 -6.04 54.10 23.73
CA ASP D 486 -7.46 53.90 24.05
C ASP D 486 -8.09 52.70 23.32
N VAL D 487 -7.74 52.50 22.04
CA VAL D 487 -8.26 51.36 21.28
C VAL D 487 -7.83 50.06 21.98
N HIS D 488 -6.55 49.99 22.33
CA HIS D 488 -6.01 48.82 23.02
C HIS D 488 -6.81 48.55 24.30
N ASP D 489 -7.14 49.59 25.04
CA ASP D 489 -7.88 49.45 26.28
C ASP D 489 -9.28 48.90 26.08
N ILE D 490 -9.95 49.36 25.04
CA ILE D 490 -11.30 48.90 24.75
C ILE D 490 -11.28 47.39 24.52
N LEU D 491 -10.41 46.98 23.61
CA LEU D 491 -10.27 45.58 23.24
C LEU D 491 -9.76 44.70 24.39
N ASN D 492 -8.76 45.18 25.10
CA ASN D 492 -8.16 44.43 26.21
C ASN D 492 -9.12 44.20 27.38
N LYS D 493 -9.88 45.24 27.74
CA LYS D 493 -10.83 45.15 28.85
C LYS D 493 -12.00 44.23 28.49
N ARG D 494 -12.27 44.11 27.20
CA ARG D 494 -13.36 43.28 26.65
C ARG D 494 -12.97 41.79 26.56
N THR D 495 -11.67 41.52 26.56
CA THR D 495 -11.18 40.15 26.42
C THR D 495 -10.67 39.55 27.75
N ASN D 496 -9.39 39.76 28.05
CA ASN D 496 -8.77 39.22 29.27
C ASN D 496 -7.58 40.10 29.62
N SER D 497 -7.89 41.23 30.23
CA SER D 497 -6.93 42.24 30.65
C SER D 497 -5.72 41.81 31.51
N THR D 498 -5.82 40.68 32.21
CA THR D 498 -4.74 40.21 33.08
C THR D 498 -3.75 39.28 32.40
N TRP D 499 -3.90 39.08 31.09
CA TRP D 499 -3.03 38.18 30.33
C TRP D 499 -2.13 38.94 29.35
N PRO D 500 -0.96 38.36 29.03
CA PRO D 500 -0.01 38.99 28.11
C PRO D 500 -0.59 39.12 26.68
N THR D 501 -0.44 40.29 26.06
CA THR D 501 -0.98 40.51 24.72
C THR D 501 0.02 40.83 23.63
N THR D 502 -0.28 40.33 22.44
CA THR D 502 0.52 40.58 21.26
C THR D 502 -0.49 40.73 20.13
N TRP D 503 -0.52 41.90 19.48
CA TRP D 503 -1.41 42.14 18.35
C TRP D 503 -0.58 41.75 17.14
N PHE D 504 -1.11 40.83 16.33
CA PHE D 504 -0.36 40.31 15.19
C PHE D 504 -1.00 40.53 13.82
N ALA D 505 -0.20 40.98 12.88
CA ALA D 505 -0.67 41.21 11.51
C ALA D 505 0.20 40.34 10.59
N PRO D 506 -0.39 39.31 9.95
CA PRO D 506 0.35 38.42 9.04
C PRO D 506 0.57 39.06 7.69
N ARG D 507 1.71 38.79 7.07
CA ARG D 507 1.97 39.35 5.74
C ARG D 507 1.05 38.61 4.75
N LEU D 508 0.28 39.35 3.97
CA LEU D 508 -0.65 38.74 3.00
C LEU D 508 -0.01 38.53 1.64
N THR D 509 -0.42 37.48 0.93
CA THR D 509 0.12 37.17 -0.39
C THR D 509 -0.92 37.30 -1.52
N GLY D 510 -2.18 37.37 -1.12
CA GLY D 510 -3.28 37.49 -2.07
C GLY D 510 -3.77 36.14 -2.53
N LYS D 511 -3.04 35.08 -2.19
CA LYS D 511 -3.39 33.74 -2.58
C LYS D 511 -3.60 32.81 -1.39
N GLY D 512 -4.52 31.86 -1.57
CA GLY D 512 -4.79 30.85 -0.55
C GLY D 512 -5.21 31.37 0.80
N PRO D 513 -4.71 30.77 1.88
CA PRO D 513 -5.06 31.21 3.23
C PRO D 513 -4.57 32.63 3.52
N PHE D 514 -3.68 33.16 2.66
CA PHE D 514 -3.14 34.49 2.85
C PHE D 514 -3.78 35.55 1.96
N THR D 515 -5.06 35.35 1.67
CA THR D 515 -5.85 36.26 0.84
C THR D 515 -6.17 37.46 1.72
N ASP D 516 -6.54 37.17 2.96
CA ASP D 516 -6.85 38.21 3.92
C ASP D 516 -6.55 37.68 5.31
N VAL D 517 -6.62 38.55 6.32
CA VAL D 517 -6.31 38.15 7.68
C VAL D 517 -7.29 37.11 8.23
N TYR D 518 -8.54 37.21 7.84
CA TYR D 518 -9.52 36.25 8.31
C TYR D 518 -9.14 34.83 7.87
N SER D 519 -8.66 34.69 6.64
CA SER D 519 -8.29 33.39 6.10
C SER D 519 -7.13 32.76 6.86
N VAL D 520 -6.17 33.57 7.29
CA VAL D 520 -5.04 33.08 8.07
C VAL D 520 -5.57 32.45 9.38
N MET D 521 -6.46 33.14 10.06
CA MET D 521 -7.06 32.66 11.30
C MET D 521 -7.89 31.40 11.06
N ALA D 522 -8.78 31.48 10.07
CA ALA D 522 -9.68 30.39 9.71
C ALA D 522 -8.98 29.10 9.29
N ASN D 523 -7.74 29.20 8.82
CA ASN D 523 -6.96 28.04 8.41
C ASN D 523 -5.94 27.58 9.44
N TRP D 524 -5.93 28.18 10.63
CA TRP D 524 -4.97 27.73 11.63
C TRP D 524 -5.53 26.39 12.15
N GLY D 525 -4.64 25.42 12.36
CA GLY D 525 -5.05 24.08 12.75
C GLY D 525 -5.22 23.76 14.21
N ALA D 526 -5.17 24.75 15.07
CA ALA D 526 -5.34 24.52 16.50
C ALA D 526 -5.60 25.87 17.12
N ASN D 527 -5.87 25.88 18.43
CA ASN D 527 -6.14 27.14 19.14
C ASN D 527 -4.84 27.79 19.69
N HIS D 528 -3.71 27.13 19.49
CA HIS D 528 -2.42 27.63 19.97
C HIS D 528 -1.44 27.85 18.83
N GLY D 529 -0.47 28.70 19.10
CA GLY D 529 0.55 28.99 18.14
C GLY D 529 1.79 29.34 18.91
N VAL D 530 2.89 29.48 18.21
CA VAL D 530 4.15 29.81 18.81
C VAL D 530 4.70 30.98 18.02
N LEU D 531 5.27 31.94 18.74
CA LEU D 531 5.85 33.11 18.12
C LEU D 531 7.35 33.03 18.30
N THR D 532 8.08 33.23 17.21
CA THR D 532 9.54 33.19 17.23
C THR D 532 9.95 34.52 16.62
N ILE D 533 10.91 35.19 17.25
CA ILE D 533 11.39 36.48 16.78
C ILE D 533 11.98 36.41 15.35
N GLY D 534 11.72 37.45 14.57
CA GLY D 534 12.23 37.50 13.21
C GLY D 534 11.36 36.75 12.20
N HIS D 535 11.76 36.86 10.95
CA HIS D 535 11.08 36.18 9.87
C HIS D 535 11.96 34.97 9.58
N VAL D 536 11.70 33.89 10.32
CA VAL D 536 12.46 32.66 10.20
C VAL D 536 11.73 31.52 9.52
N GLY D 537 10.73 31.85 8.71
CA GLY D 537 9.97 30.83 7.99
C GLY D 537 10.87 29.92 7.14
N ALA D 538 11.81 30.52 6.41
CA ALA D 538 12.72 29.78 5.57
C ALA D 538 13.49 28.72 6.34
N ASP D 539 13.85 29.03 7.59
CA ASP D 539 14.59 28.10 8.45
C ASP D 539 13.66 26.97 8.87
N PHE D 540 12.41 27.30 9.18
CA PHE D 540 11.44 26.28 9.57
C PHE D 540 11.18 25.35 8.39
N ILE D 541 11.16 25.89 7.19
CA ILE D 541 10.92 25.10 5.97
C ILE D 541 12.07 24.12 5.73
N THR D 542 13.30 24.59 5.87
CA THR D 542 14.45 23.72 5.68
C THR D 542 14.47 22.62 6.75
N LEU D 543 14.17 22.98 8.00
CA LEU D 543 14.18 22.02 9.09
C LEU D 543 13.10 20.97 8.89
N ALA D 544 11.94 21.40 8.43
CA ALA D 544 10.84 20.48 8.20
C ALA D 544 11.17 19.45 7.09
N SER D 545 11.88 19.88 6.05
CA SER D 545 12.23 18.96 4.97
C SER D 545 13.24 17.91 5.47
N MET D 546 14.04 18.27 6.47
CA MET D 546 15.03 17.34 7.04
C MET D 546 14.32 16.28 7.89
N LEU D 547 13.17 16.65 8.45
CA LEU D 547 12.38 15.75 9.29
C LEU D 547 11.22 15.15 8.51
N ARG D 548 11.09 15.52 7.23
CA ARG D 548 9.99 15.04 6.39
C ARG D 548 8.60 15.35 6.92
N ILE D 549 8.42 16.57 7.43
CA ILE D 549 7.11 17.01 7.90
C ILE D 549 6.64 17.99 6.79
N PRO D 550 5.51 17.70 6.14
CA PRO D 550 5.03 18.61 5.08
C PRO D 550 4.58 19.96 5.64
N VAL D 551 4.83 21.03 4.90
CA VAL D 551 4.41 22.36 5.32
C VAL D 551 3.07 22.62 4.64
N CYS D 552 1.98 22.47 5.39
CA CYS D 552 0.65 22.65 4.80
C CYS D 552 0.22 24.07 4.59
N MET D 553 0.98 25.02 5.14
CA MET D 553 0.61 26.44 5.05
C MET D 553 1.79 27.35 5.38
N HIS D 554 2.05 28.34 4.54
CA HIS D 554 3.15 29.28 4.78
C HIS D 554 3.05 30.44 3.82
N ASN D 555 3.69 31.56 4.15
CA ASN D 555 3.69 32.76 3.30
C ASN D 555 5.10 33.20 2.97
N VAL D 556 6.02 32.24 2.90
CA VAL D 556 7.40 32.52 2.59
C VAL D 556 7.60 32.56 1.10
N GLU D 557 8.48 33.46 0.64
CA GLU D 557 8.79 33.60 -0.78
C GLU D 557 9.36 32.31 -1.38
N GLU D 558 8.83 31.95 -2.54
CA GLU D 558 9.25 30.75 -3.23
C GLU D 558 10.75 30.66 -3.39
N THR D 559 11.42 31.78 -3.65
CA THR D 559 12.88 31.77 -3.86
C THR D 559 13.66 31.45 -2.61
N LYS D 560 13.03 31.57 -1.46
CA LYS D 560 13.72 31.29 -0.20
C LYS D 560 13.56 29.86 0.30
N VAL D 561 12.76 29.03 -0.39
CA VAL D 561 12.63 27.65 0.10
C VAL D 561 13.83 26.84 -0.36
N TYR D 562 14.49 26.24 0.63
CA TYR D 562 15.72 25.46 0.45
C TYR D 562 15.47 24.07 1.04
N ARG D 563 15.51 23.04 0.20
CA ARG D 563 15.26 21.66 0.65
C ARG D 563 16.24 20.74 -0.06
N PRO D 564 16.29 19.43 0.32
CA PRO D 564 17.22 18.51 -0.35
C PRO D 564 16.92 18.53 -1.86
N SER D 565 17.92 18.28 -2.69
CA SER D 565 17.68 18.37 -4.13
C SER D 565 16.64 17.39 -4.67
N ALA D 566 16.43 16.29 -3.96
CA ALA D 566 15.49 15.26 -4.39
C ALA D 566 14.05 15.76 -4.45
N TRP D 567 13.72 16.78 -3.67
CA TRP D 567 12.37 17.34 -3.67
C TRP D 567 11.97 17.82 -5.07
N ALA D 568 12.92 18.37 -5.82
CA ALA D 568 12.63 18.86 -7.16
C ALA D 568 12.19 17.75 -8.13
N ALA D 569 12.74 16.55 -7.94
CA ALA D 569 12.39 15.41 -8.77
C ALA D 569 10.91 15.06 -8.59
N HIS D 570 10.35 15.47 -7.46
CA HIS D 570 8.94 15.24 -7.13
C HIS D 570 8.03 16.36 -7.66
N GLY D 571 8.59 17.28 -8.45
CA GLY D 571 7.78 18.32 -9.03
C GLY D 571 8.30 19.74 -8.91
N MET D 572 7.83 20.62 -9.80
CA MET D 572 8.18 22.03 -9.78
C MET D 572 7.35 22.75 -8.75
N ASP D 573 6.17 22.24 -8.45
CA ASP D 573 5.30 22.87 -7.47
C ASP D 573 5.85 22.74 -6.05
N ILE D 574 5.93 23.88 -5.36
CA ILE D 574 6.46 23.96 -4.00
C ILE D 574 5.68 23.14 -3.00
N GLU D 575 4.38 22.98 -3.22
CA GLU D 575 3.60 22.20 -2.28
C GLU D 575 3.54 20.74 -2.69
N GLY D 576 3.32 20.50 -3.98
CA GLY D 576 3.21 19.13 -4.49
C GLY D 576 4.50 18.33 -4.29
N GLN D 577 5.65 18.93 -4.58
CA GLN D 577 6.94 18.25 -4.41
C GLN D 577 7.11 17.83 -2.95
N ASP D 578 6.62 18.68 -2.06
CA ASP D 578 6.73 18.44 -0.62
C ASP D 578 5.86 17.27 -0.11
N TYR D 579 4.59 17.24 -0.46
CA TYR D 579 3.74 16.14 0.00
C TYR D 579 4.16 14.83 -0.62
N ARG D 580 4.59 14.90 -1.88
CA ARG D 580 5.04 13.70 -2.56
C ARG D 580 6.35 13.19 -1.95
N ALA D 581 7.33 14.06 -1.77
CA ALA D 581 8.61 13.65 -1.20
C ALA D 581 8.49 13.17 0.25
N CYS D 582 7.67 13.82 1.05
CA CYS D 582 7.53 13.39 2.44
C CYS D 582 6.92 12.03 2.55
N GLN D 583 5.91 11.77 1.71
CA GLN D 583 5.25 10.48 1.69
C GLN D 583 6.24 9.41 1.22
N ASN D 584 7.13 9.78 0.30
CA ASN D 584 8.13 8.84 -0.21
C ASN D 584 9.13 8.41 0.87
N TYR D 585 9.89 9.37 1.41
CA TYR D 585 10.93 9.10 2.41
C TYR D 585 10.46 8.76 3.82
N GLY D 586 9.35 9.34 4.25
CA GLY D 586 8.83 9.02 5.58
C GLY D 586 9.65 9.52 6.77
N PRO D 587 9.24 9.19 8.00
CA PRO D 587 9.98 9.64 9.17
C PRO D 587 11.42 9.18 9.12
N LEU D 588 12.29 10.00 9.70
CA LEU D 588 13.72 9.80 9.72
C LEU D 588 14.21 8.58 10.48
N TYR D 589 13.61 8.27 11.62
CA TYR D 589 14.06 7.14 12.44
C TYR D 589 13.37 5.76 12.30
N LYS D 590 12.10 5.72 11.91
CA LYS D 590 11.44 4.42 11.76
C LYS D 590 10.06 4.43 11.13
N ARG D 591 9.72 3.31 10.50
CA ARG D 591 8.44 3.11 9.84
C ARG D 591 8.23 4.12 8.71
N MET E 1 17.15 -9.71 -40.32
CA MET E 1 18.37 -9.33 -41.09
C MET E 1 18.04 -7.97 -41.66
N LYS E 2 18.07 -6.94 -40.81
CA LYS E 2 17.71 -5.59 -41.21
C LYS E 2 16.22 -5.60 -41.53
N LYS E 3 15.56 -4.45 -41.40
CA LYS E 3 14.11 -4.37 -41.63
C LYS E 3 13.42 -5.43 -40.78
N ILE E 4 14.01 -5.72 -39.62
CA ILE E 4 13.49 -6.73 -38.69
C ILE E 4 12.09 -6.39 -38.20
N SER E 5 11.10 -6.62 -39.06
CA SER E 5 9.70 -6.34 -38.77
C SER E 5 9.44 -5.08 -37.97
N LEU E 6 9.34 -3.97 -38.70
CA LEU E 6 9.05 -2.68 -38.12
C LEU E 6 7.59 -2.70 -37.66
N PRO E 7 7.28 -1.99 -36.56
CA PRO E 7 5.89 -1.98 -36.09
C PRO E 7 4.98 -1.23 -37.09
N LYS E 8 3.72 -1.61 -37.11
CA LYS E 8 2.77 -0.98 -38.02
C LYS E 8 1.69 -0.29 -37.21
N ILE E 9 0.93 0.56 -37.89
CA ILE E 9 -0.15 1.30 -37.26
C ILE E 9 -1.47 0.67 -37.69
N GLY E 10 -2.29 0.30 -36.73
CA GLY E 10 -3.58 -0.31 -37.01
C GLY E 10 -4.68 0.72 -36.99
N ILE E 11 -5.51 0.76 -38.03
CA ILE E 11 -6.58 1.72 -38.10
C ILE E 11 -7.89 0.99 -37.99
N ARG E 12 -8.67 1.35 -36.98
CA ARG E 12 -9.94 0.68 -36.71
C ARG E 12 -11.18 1.54 -37.01
N PRO E 13 -11.84 1.32 -38.17
CA PRO E 13 -13.04 2.08 -38.52
C PRO E 13 -14.23 1.51 -37.77
N VAL E 14 -14.82 2.32 -36.90
CA VAL E 14 -15.94 1.92 -36.05
C VAL E 14 -17.26 2.49 -36.56
N ILE E 15 -18.36 1.76 -36.37
CA ILE E 15 -19.62 2.20 -36.93
C ILE E 15 -20.83 1.74 -36.15
N ASP E 16 -21.96 2.42 -36.36
CA ASP E 16 -23.24 2.08 -35.72
C ASP E 16 -23.64 0.70 -36.29
N GLY E 17 -23.96 -0.24 -35.44
CA GLY E 17 -24.28 -1.56 -35.93
C GLY E 17 -25.60 -1.80 -36.60
N ARG E 18 -26.59 -0.94 -36.34
CA ARG E 18 -27.91 -1.14 -36.89
C ARG E 18 -28.05 -0.93 -38.40
N ARG E 19 -28.66 -1.92 -39.03
CA ARG E 19 -28.89 -1.93 -40.48
C ARG E 19 -30.17 -1.15 -40.81
N MET E 20 -30.91 -1.64 -41.81
CA MET E 20 -32.16 -0.99 -42.19
C MET E 20 -31.87 0.44 -42.66
N GLY E 21 -30.69 0.65 -43.24
CA GLY E 21 -30.35 1.97 -43.74
C GLY E 21 -29.23 2.70 -43.02
N VAL E 22 -29.33 2.77 -41.70
CA VAL E 22 -28.33 3.45 -40.89
C VAL E 22 -26.89 3.06 -41.19
N ARG E 23 -26.54 1.82 -40.90
CA ARG E 23 -25.17 1.37 -41.13
C ARG E 23 -24.73 1.44 -42.57
N GLU E 24 -25.62 1.09 -43.49
CA GLU E 24 -25.23 1.10 -44.90
C GLU E 24 -24.96 2.48 -45.50
N SER E 25 -25.61 3.48 -44.94
CA SER E 25 -25.39 4.85 -45.41
C SER E 25 -24.11 5.47 -44.84
N LEU E 26 -23.58 4.85 -43.78
CA LEU E 26 -22.36 5.32 -43.14
C LEU E 26 -21.08 4.59 -43.55
N GLU E 27 -21.22 3.38 -44.10
CA GLU E 27 -20.08 2.55 -44.49
C GLU E 27 -18.98 3.21 -45.32
N GLU E 28 -19.35 3.85 -46.41
CA GLU E 28 -18.38 4.47 -47.29
C GLU E 28 -17.61 5.60 -46.61
N GLN E 29 -18.32 6.49 -45.94
CA GLN E 29 -17.65 7.60 -45.25
C GLN E 29 -16.67 7.18 -44.14
N THR E 30 -17.06 6.17 -43.36
CA THR E 30 -16.24 5.64 -42.28
C THR E 30 -14.95 5.02 -42.82
N MET E 31 -15.04 4.18 -43.84
CA MET E 31 -13.84 3.58 -44.45
C MET E 31 -12.98 4.64 -45.12
N ASN E 32 -13.58 5.71 -45.61
CA ASN E 32 -12.83 6.78 -46.25
C ASN E 32 -11.99 7.51 -45.19
N MET E 33 -12.60 7.70 -44.03
CA MET E 33 -11.94 8.32 -42.89
C MET E 33 -10.69 7.48 -42.53
N ALA E 34 -10.84 6.15 -42.48
CA ALA E 34 -9.73 5.24 -42.21
C ALA E 34 -8.66 5.36 -43.28
N LYS E 35 -9.08 5.36 -44.55
CA LYS E 35 -8.15 5.45 -45.68
C LYS E 35 -7.41 6.78 -45.72
N ALA E 36 -8.12 7.85 -45.39
CA ALA E 36 -7.53 9.20 -45.37
C ALA E 36 -6.47 9.26 -44.27
N THR E 37 -6.79 8.68 -43.11
CA THR E 37 -5.88 8.64 -41.98
C THR E 37 -4.59 7.87 -42.33
N ALA E 38 -4.76 6.72 -42.99
CA ALA E 38 -3.63 5.89 -43.40
C ALA E 38 -2.74 6.64 -44.39
N ALA E 39 -3.37 7.29 -45.36
CA ALA E 39 -2.65 8.03 -46.38
C ALA E 39 -1.78 9.12 -45.79
N LEU E 40 -2.35 9.89 -44.87
CA LEU E 40 -1.63 10.98 -44.22
C LEU E 40 -0.43 10.45 -43.45
N LEU E 41 -0.66 9.40 -42.66
CA LEU E 41 0.41 8.83 -41.87
C LEU E 41 1.59 8.31 -42.69
N THR E 42 1.30 7.51 -43.72
CA THR E 42 2.37 6.94 -44.54
C THR E 42 3.08 8.01 -45.34
N GLU E 43 2.39 9.11 -45.56
CA GLU E 43 2.98 10.19 -46.32
C GLU E 43 3.85 11.11 -45.46
N LYS E 44 3.36 11.46 -44.28
CA LYS E 44 4.08 12.37 -43.38
C LYS E 44 5.07 11.73 -42.37
N LEU E 45 4.98 10.42 -42.14
CA LEU E 45 5.87 9.75 -41.17
C LEU E 45 6.89 8.79 -41.76
N ARG E 46 7.99 8.61 -41.05
CA ARG E 46 9.06 7.68 -41.43
C ARG E 46 9.58 7.09 -40.14
N HIS E 47 10.04 5.84 -40.16
CA HIS E 47 10.62 5.23 -38.97
C HIS E 47 11.97 5.94 -38.81
N ALA E 48 12.54 5.94 -37.61
CA ALA E 48 13.83 6.61 -37.39
C ALA E 48 14.92 6.01 -38.31
N CYS E 49 14.73 4.76 -38.69
CA CYS E 49 15.68 4.08 -39.58
C CYS E 49 15.54 4.50 -41.04
N GLY E 50 14.56 5.34 -41.34
CA GLY E 50 14.35 5.84 -42.70
C GLY E 50 13.22 5.18 -43.49
N ALA E 51 12.81 3.98 -43.08
CA ALA E 51 11.76 3.25 -43.77
C ALA E 51 10.41 3.94 -43.69
N ALA E 52 9.56 3.67 -44.67
CA ALA E 52 8.22 4.27 -44.68
C ALA E 52 7.37 3.57 -43.64
N VAL E 53 6.36 4.25 -43.13
CA VAL E 53 5.46 3.65 -42.12
C VAL E 53 4.27 2.96 -42.82
N GLU E 54 3.95 1.72 -42.41
CA GLU E 54 2.83 0.99 -42.99
C GLU E 54 1.65 0.96 -42.05
N CYS E 55 0.44 1.06 -42.61
CA CYS E 55 -0.77 1.01 -41.82
C CYS E 55 -1.56 -0.23 -42.23
N VAL E 56 -2.31 -0.78 -41.28
CA VAL E 56 -3.14 -1.95 -41.52
C VAL E 56 -4.55 -1.52 -41.13
N ILE E 57 -5.51 -1.70 -42.03
CA ILE E 57 -6.91 -1.33 -41.78
C ILE E 57 -7.73 -2.59 -41.54
N SER E 58 -8.73 -2.48 -40.69
CA SER E 58 -9.60 -3.61 -40.40
C SER E 58 -10.23 -4.05 -41.73
N ASP E 59 -10.47 -5.34 -41.91
CA ASP E 59 -11.10 -5.82 -43.15
C ASP E 59 -12.50 -5.23 -43.31
N THR E 60 -13.18 -4.99 -42.20
CA THR E 60 -14.53 -4.42 -42.22
C THR E 60 -14.68 -3.34 -41.16
N CYS E 61 -15.79 -2.62 -41.19
CA CYS E 61 -16.05 -1.62 -40.17
C CYS E 61 -16.42 -2.44 -38.94
N ILE E 62 -16.12 -1.91 -37.77
CA ILE E 62 -16.37 -2.61 -36.52
C ILE E 62 -17.55 -1.99 -35.81
N ALA E 63 -18.55 -2.81 -35.53
CA ALA E 63 -19.75 -2.35 -34.86
C ALA E 63 -20.05 -3.14 -33.58
N GLY E 64 -19.29 -4.21 -33.33
CA GLY E 64 -19.53 -5.01 -32.15
C GLY E 64 -18.36 -5.92 -31.89
N MET E 65 -18.53 -6.82 -30.93
CA MET E 65 -17.48 -7.70 -30.54
C MET E 65 -16.95 -8.68 -31.55
N ALA E 66 -17.82 -9.27 -32.36
CA ALA E 66 -17.41 -10.23 -33.38
C ALA E 66 -16.43 -9.58 -34.36
N GLU E 67 -16.80 -8.40 -34.85
CA GLU E 67 -15.95 -7.69 -35.79
C GLU E 67 -14.67 -7.18 -35.11
N ALA E 68 -14.80 -6.73 -33.88
CA ALA E 68 -13.65 -6.25 -33.12
C ALA E 68 -12.64 -7.39 -32.95
N ALA E 69 -13.15 -8.60 -32.65
CA ALA E 69 -12.30 -9.76 -32.49
C ALA E 69 -11.59 -10.14 -33.80
N ALA E 70 -12.30 -10.02 -34.92
CA ALA E 70 -11.72 -10.31 -36.23
C ALA E 70 -10.58 -9.34 -36.50
N CYS E 71 -10.82 -8.06 -36.26
CA CYS E 71 -9.80 -7.04 -36.45
C CYS E 71 -8.55 -7.35 -35.60
N GLU E 72 -8.76 -7.68 -34.35
CA GLU E 72 -7.66 -8.02 -33.44
C GLU E 72 -6.81 -9.19 -33.96
N GLU E 73 -7.46 -10.21 -34.48
CA GLU E 73 -6.78 -11.37 -35.03
C GLU E 73 -5.88 -10.91 -36.18
N LYS E 74 -6.42 -10.07 -37.06
CA LYS E 74 -5.65 -9.55 -38.19
C LYS E 74 -4.45 -8.70 -37.73
N PHE E 75 -4.67 -7.84 -36.73
CA PHE E 75 -3.62 -6.97 -36.21
C PHE E 75 -2.47 -7.72 -35.55
N SER E 76 -2.80 -8.65 -34.66
CA SER E 76 -1.80 -9.43 -33.93
C SER E 76 -0.78 -10.19 -34.80
N SER E 77 -1.16 -10.55 -36.03
CA SER E 77 -0.26 -11.26 -36.93
C SER E 77 0.47 -10.32 -37.87
N GLN E 78 0.12 -9.03 -37.82
CA GLN E 78 0.71 -8.00 -38.66
C GLN E 78 1.65 -7.06 -37.88
N ASN E 79 1.96 -7.42 -36.63
CA ASN E 79 2.83 -6.62 -35.79
C ASN E 79 2.39 -5.15 -35.62
N VAL E 80 1.13 -4.89 -35.32
CA VAL E 80 0.74 -3.49 -35.14
C VAL E 80 1.10 -3.08 -33.71
N GLY E 81 1.75 -1.92 -33.58
CA GLY E 81 2.15 -1.46 -32.27
C GLY E 81 1.31 -0.39 -31.63
N LEU E 82 0.44 0.25 -32.42
CA LEU E 82 -0.45 1.29 -31.91
C LEU E 82 -1.69 1.35 -32.79
N THR E 83 -2.81 1.73 -32.20
CA THR E 83 -4.04 1.81 -32.97
C THR E 83 -4.71 3.17 -32.92
N ILE E 84 -5.42 3.50 -33.99
CA ILE E 84 -6.16 4.74 -34.09
C ILE E 84 -7.51 4.26 -34.55
N THR E 85 -8.52 4.54 -33.74
CA THR E 85 -9.90 4.19 -34.01
C THR E 85 -10.59 5.45 -34.56
N VAL E 86 -11.22 5.35 -35.73
CA VAL E 86 -11.89 6.49 -36.37
C VAL E 86 -13.39 6.23 -36.57
N THR E 87 -14.19 7.29 -36.52
CA THR E 87 -15.64 7.16 -36.73
C THR E 87 -16.33 8.51 -36.91
N PRO E 88 -17.33 8.55 -37.80
CA PRO E 88 -18.11 9.76 -38.08
C PRO E 88 -19.51 9.65 -37.45
N CYS E 89 -19.74 8.63 -36.62
CA CYS E 89 -21.06 8.45 -36.01
C CYS E 89 -21.03 7.89 -34.62
N TRP E 90 -22.21 7.62 -34.09
CA TRP E 90 -22.36 7.03 -32.77
C TRP E 90 -22.11 5.52 -32.93
N CYS E 91 -21.39 4.93 -31.98
CA CYS E 91 -21.11 3.50 -32.01
C CYS E 91 -21.26 2.99 -30.57
N TYR E 92 -21.23 1.68 -30.38
CA TYR E 92 -21.44 1.10 -29.06
C TYR E 92 -20.20 0.98 -28.17
N GLY E 93 -19.85 2.08 -27.53
CA GLY E 93 -18.70 2.16 -26.64
C GLY E 93 -17.81 0.97 -26.33
N SER E 94 -18.13 0.28 -25.24
CA SER E 94 -17.32 -0.84 -24.79
C SER E 94 -17.27 -2.07 -25.70
N GLU E 95 -18.19 -2.17 -26.63
CA GLU E 95 -18.21 -3.29 -27.57
C GLU E 95 -17.25 -3.05 -28.74
N THR E 96 -16.78 -1.83 -28.91
CA THR E 96 -15.92 -1.49 -30.03
C THR E 96 -14.49 -0.99 -29.72
N ILE E 97 -14.22 -0.63 -28.47
CA ILE E 97 -12.88 -0.13 -28.13
C ILE E 97 -11.77 -1.18 -28.13
N ASP E 98 -10.55 -0.72 -28.36
CA ASP E 98 -9.36 -1.58 -28.35
C ASP E 98 -9.02 -1.85 -26.88
N MET E 99 -9.22 -3.07 -26.44
CA MET E 99 -8.96 -3.48 -25.06
C MET E 99 -7.51 -3.82 -24.74
N ASP E 100 -6.63 -3.79 -25.70
CA ASP E 100 -5.24 -4.14 -25.42
C ASP E 100 -4.67 -3.21 -24.35
N PRO E 101 -4.17 -3.76 -23.24
CA PRO E 101 -3.64 -2.87 -22.22
C PRO E 101 -2.30 -2.18 -22.43
N THR E 102 -1.46 -2.70 -23.31
CA THR E 102 -0.16 -2.04 -23.48
C THR E 102 0.07 -1.09 -24.67
N ARG E 103 -0.52 -1.36 -25.82
CA ARG E 103 -0.26 -0.51 -26.98
C ARG E 103 -0.88 0.90 -26.92
N PRO E 104 -0.17 1.91 -27.45
CA PRO E 104 -0.69 3.27 -27.46
C PRO E 104 -1.96 3.30 -28.34
N LYS E 105 -3.02 3.94 -27.85
CA LYS E 105 -4.27 4.00 -28.58
C LYS E 105 -4.83 5.41 -28.63
N ALA E 106 -5.45 5.74 -29.77
CA ALA E 106 -6.06 7.05 -29.98
C ALA E 106 -7.41 6.86 -30.66
N ILE E 107 -8.31 7.81 -30.44
CA ILE E 107 -9.64 7.77 -31.04
C ILE E 107 -9.91 9.13 -31.66
N TRP E 108 -10.25 9.12 -32.94
CA TRP E 108 -10.57 10.34 -33.68
C TRP E 108 -12.03 10.32 -34.02
N GLY E 109 -12.77 11.24 -33.41
CA GLY E 109 -14.19 11.36 -33.69
C GLY E 109 -14.42 12.54 -34.62
N PHE E 110 -15.04 12.32 -35.77
CA PHE E 110 -15.32 13.39 -36.73
C PHE E 110 -16.19 14.45 -36.03
N ASN E 111 -15.83 15.71 -36.17
CA ASN E 111 -16.63 16.77 -35.55
C ASN E 111 -17.71 17.27 -36.51
N GLY E 112 -18.82 16.54 -36.60
CA GLY E 112 -19.94 16.92 -37.48
C GLY E 112 -21.26 16.89 -36.72
N THR E 113 -22.35 17.36 -37.33
CA THR E 113 -23.66 17.37 -36.65
C THR E 113 -24.50 16.18 -37.05
N GLU E 114 -24.62 15.96 -38.37
CA GLU E 114 -25.36 14.80 -38.87
C GLU E 114 -24.47 13.62 -38.53
N ARG E 115 -23.18 13.92 -38.44
CA ARG E 115 -22.12 12.97 -38.12
C ARG E 115 -21.59 13.18 -36.67
N PRO E 116 -22.33 12.69 -35.63
CA PRO E 116 -21.97 12.83 -34.21
C PRO E 116 -20.80 11.95 -33.72
N GLY E 117 -19.67 12.01 -34.43
CA GLY E 117 -18.51 11.21 -34.08
C GLY E 117 -17.95 11.58 -32.72
N ALA E 118 -18.02 12.86 -32.40
CA ALA E 118 -17.54 13.38 -31.12
C ALA E 118 -18.29 12.78 -29.94
N VAL E 119 -19.54 12.39 -30.16
CA VAL E 119 -20.35 11.80 -29.09
C VAL E 119 -19.82 10.41 -28.75
N TYR E 120 -19.37 9.68 -29.78
CA TYR E 120 -18.80 8.35 -29.54
C TYR E 120 -17.45 8.53 -28.82
N LEU E 121 -16.63 9.43 -29.34
CA LEU E 121 -15.31 9.75 -28.79
C LEU E 121 -15.41 9.83 -27.28
N ALA E 122 -16.27 10.73 -26.79
CA ALA E 122 -16.45 10.94 -25.38
C ALA E 122 -16.90 9.68 -24.64
N ALA E 123 -17.78 8.91 -25.24
CA ALA E 123 -18.29 7.68 -24.63
C ALA E 123 -17.20 6.58 -24.59
N ALA E 124 -16.46 6.44 -25.69
CA ALA E 124 -15.38 5.45 -25.79
C ALA E 124 -14.29 5.77 -24.77
N LEU E 125 -13.93 7.06 -24.66
CA LEU E 125 -12.89 7.49 -23.72
C LEU E 125 -13.31 7.22 -22.27
N ALA E 126 -14.59 7.43 -21.97
CA ALA E 126 -15.09 7.17 -20.63
C ALA E 126 -14.93 5.67 -20.34
N ALA E 127 -15.24 4.82 -21.32
CA ALA E 127 -15.10 3.37 -21.15
C ALA E 127 -13.62 2.99 -20.92
N HIS E 128 -12.72 3.61 -21.69
CA HIS E 128 -11.28 3.41 -21.55
C HIS E 128 -10.83 3.76 -20.13
N SER E 129 -11.27 4.91 -19.62
CA SER E 129 -10.90 5.36 -18.28
C SER E 129 -11.52 4.54 -17.17
N GLN E 130 -12.73 4.05 -17.39
CA GLN E 130 -13.38 3.24 -16.39
C GLN E 130 -12.75 1.86 -16.32
N LYS E 131 -12.21 1.41 -17.45
CA LYS E 131 -11.58 0.08 -17.53
C LYS E 131 -10.06 0.08 -17.36
N GLY E 132 -9.49 1.24 -17.04
CA GLY E 132 -8.07 1.34 -16.80
C GLY E 132 -7.12 1.22 -17.97
N ILE E 133 -7.59 1.54 -19.17
CA ILE E 133 -6.75 1.48 -20.36
C ILE E 133 -6.88 2.82 -21.05
N PRO E 134 -6.08 3.82 -20.61
CA PRO E 134 -6.08 5.19 -21.14
C PRO E 134 -5.87 5.30 -22.65
N ALA E 135 -6.62 6.21 -23.29
CA ALA E 135 -6.49 6.42 -24.73
C ALA E 135 -6.45 7.93 -25.01
N PHE E 136 -5.84 8.29 -26.12
CA PHE E 136 -5.72 9.70 -26.52
C PHE E 136 -6.97 10.13 -27.27
N SER E 137 -7.27 11.42 -27.21
CA SER E 137 -8.44 11.98 -27.82
C SER E 137 -8.07 12.91 -28.96
N ILE E 138 -8.71 12.75 -30.11
CA ILE E 138 -8.46 13.60 -31.27
C ILE E 138 -9.81 14.20 -31.70
N TYR E 139 -10.05 15.45 -31.32
CA TYR E 139 -11.30 16.15 -31.62
C TYR E 139 -10.97 17.48 -32.27
N GLY E 140 -11.49 17.68 -33.49
CA GLY E 140 -11.26 18.92 -34.20
C GLY E 140 -12.00 20.10 -33.58
N HIS E 141 -11.44 21.29 -33.72
CA HIS E 141 -12.05 22.51 -33.17
C HIS E 141 -13.32 22.99 -33.86
N ASP E 142 -13.28 23.00 -35.19
CA ASP E 142 -14.41 23.49 -35.98
C ASP E 142 -15.25 22.40 -36.62
N VAL E 143 -16.56 22.60 -36.61
CA VAL E 143 -17.52 21.66 -37.20
C VAL E 143 -17.28 21.52 -38.73
N GLN E 144 -17.35 20.27 -39.21
CA GLN E 144 -17.18 19.96 -40.64
C GLN E 144 -18.48 19.45 -41.26
N ASP E 145 -18.61 19.62 -42.58
CA ASP E 145 -19.80 19.16 -43.29
C ASP E 145 -19.67 17.67 -43.49
N ALA E 146 -20.78 16.96 -43.49
CA ALA E 146 -20.77 15.51 -43.66
C ALA E 146 -20.02 15.04 -44.91
N ASP E 147 -19.95 15.88 -45.93
CA ASP E 147 -19.28 15.52 -47.18
C ASP E 147 -17.80 15.95 -47.26
N ASP E 148 -17.35 16.68 -46.25
CA ASP E 148 -15.97 17.17 -46.23
C ASP E 148 -15.05 16.00 -45.89
N THR E 149 -14.04 15.76 -46.71
CA THR E 149 -13.12 14.65 -46.49
C THR E 149 -11.69 15.05 -46.10
N SER E 150 -11.44 16.35 -46.01
CA SER E 150 -10.12 16.81 -45.63
C SER E 150 -9.92 16.67 -44.12
N ILE E 151 -8.64 16.66 -43.72
CA ILE E 151 -8.24 16.54 -42.31
C ILE E 151 -7.71 17.91 -41.90
N PRO E 152 -8.41 18.57 -40.98
CA PRO E 152 -7.98 19.89 -40.52
C PRO E 152 -6.57 19.87 -39.94
N ALA E 153 -5.90 21.03 -39.99
CA ALA E 153 -4.55 21.17 -39.47
C ALA E 153 -4.40 20.73 -38.01
N ASP E 154 -5.33 21.15 -37.15
CA ASP E 154 -5.27 20.80 -35.73
C ASP E 154 -5.43 19.29 -35.49
N VAL E 155 -6.23 18.64 -36.33
CA VAL E 155 -6.44 17.20 -36.22
C VAL E 155 -5.17 16.51 -36.72
N GLU E 156 -4.60 17.03 -37.80
CA GLU E 156 -3.38 16.48 -38.36
C GLU E 156 -2.24 16.51 -37.35
N GLU E 157 -2.08 17.63 -36.67
CA GLU E 157 -1.02 17.79 -35.69
C GLU E 157 -1.11 16.75 -34.59
N LYS E 158 -2.32 16.54 -34.06
CA LYS E 158 -2.54 15.55 -33.00
C LYS E 158 -2.30 14.12 -33.46
N LEU E 159 -2.71 13.81 -34.70
CA LEU E 159 -2.52 12.47 -35.26
C LEU E 159 -1.03 12.20 -35.41
N LEU E 160 -0.31 13.17 -35.94
CA LEU E 160 1.12 13.01 -36.13
C LEU E 160 1.84 12.90 -34.79
N ARG E 161 1.45 13.73 -33.82
CA ARG E 161 2.10 13.67 -32.53
C ARG E 161 1.87 12.32 -31.83
N PHE E 162 0.64 11.81 -31.89
CA PHE E 162 0.34 10.55 -31.25
C PHE E 162 1.10 9.42 -31.93
N ALA E 163 1.11 9.41 -33.25
CA ALA E 163 1.78 8.38 -34.03
C ALA E 163 3.30 8.38 -33.84
N ARG E 164 3.91 9.55 -33.90
CA ARG E 164 5.35 9.71 -33.72
C ARG E 164 5.79 9.12 -32.36
N ALA E 165 5.08 9.50 -31.29
CA ALA E 165 5.38 8.98 -29.97
C ALA E 165 5.05 7.48 -29.85
N GLY E 166 3.89 7.08 -30.37
CA GLY E 166 3.49 5.68 -30.34
C GLY E 166 4.50 4.79 -31.07
N LEU E 167 5.02 5.25 -32.20
CA LEU E 167 6.02 4.46 -32.92
C LEU E 167 7.29 4.31 -32.07
N ALA E 168 7.71 5.37 -31.39
CA ALA E 168 8.91 5.32 -30.54
C ALA E 168 8.72 4.21 -29.50
N VAL E 169 7.56 4.18 -28.86
CA VAL E 169 7.27 3.17 -27.85
C VAL E 169 7.39 1.77 -28.46
N ALA E 170 6.70 1.59 -29.58
CA ALA E 170 6.68 0.31 -30.28
C ALA E 170 8.06 -0.14 -30.79
N SER E 171 8.91 0.80 -31.17
CA SER E 171 10.23 0.47 -31.68
C SER E 171 11.23 0.00 -30.64
N MET E 172 11.07 0.46 -29.41
CA MET E 172 11.98 0.07 -28.34
C MET E 172 11.64 -1.31 -27.83
N LYS E 173 10.34 -1.63 -27.78
CA LYS E 173 9.88 -2.91 -27.27
C LYS E 173 10.64 -4.11 -27.87
N GLY E 174 11.24 -4.92 -26.99
CA GLY E 174 11.95 -6.10 -27.43
C GLY E 174 13.43 -5.95 -27.75
N LYS E 175 13.93 -4.73 -27.92
CA LYS E 175 15.34 -4.54 -28.23
C LYS E 175 16.20 -4.54 -26.98
N SER E 176 17.51 -4.49 -27.19
CA SER E 176 18.49 -4.49 -26.09
C SER E 176 19.25 -3.18 -25.88
N TYR E 177 19.74 -3.00 -24.67
CA TYR E 177 20.61 -1.89 -24.36
C TYR E 177 21.94 -2.63 -24.14
N LEU E 178 22.99 -2.26 -24.88
CA LEU E 178 24.27 -2.92 -24.69
C LEU E 178 25.18 -2.16 -23.68
N SER E 179 25.40 -2.76 -22.52
CA SER E 179 26.25 -2.18 -21.49
C SER E 179 27.66 -2.67 -21.71
N LEU E 180 28.48 -1.90 -22.45
CA LEU E 180 29.87 -2.27 -22.70
C LEU E 180 30.69 -1.69 -21.53
N GLY E 181 30.84 -2.49 -20.47
CA GLY E 181 31.55 -2.08 -19.28
C GLY E 181 30.53 -1.97 -18.16
N GLY E 182 30.91 -1.44 -17.00
CA GLY E 182 29.97 -1.33 -15.89
C GLY E 182 29.80 0.11 -15.45
N VAL E 183 30.07 0.38 -14.18
CA VAL E 183 29.97 1.72 -13.61
C VAL E 183 31.21 2.53 -13.99
N SER E 184 31.00 3.78 -14.40
CA SER E 184 32.10 4.67 -14.75
C SER E 184 32.20 5.78 -13.69
N MET E 185 33.30 5.77 -12.93
CA MET E 185 33.54 6.78 -11.89
C MET E 185 32.37 7.06 -10.96
N GLY E 186 31.72 6.02 -10.46
CA GLY E 186 30.60 6.22 -9.55
C GLY E 186 29.39 7.00 -10.08
N ILE E 187 29.28 7.17 -11.40
CA ILE E 187 28.15 7.88 -12.01
C ILE E 187 26.87 7.05 -11.92
N ALA E 188 25.90 7.53 -11.16
CA ALA E 188 24.64 6.82 -10.93
C ALA E 188 24.00 6.19 -12.18
N GLY E 189 23.89 6.99 -13.25
CA GLY E 189 23.29 6.47 -14.46
C GLY E 189 24.01 5.28 -15.07
N SER E 190 25.28 5.06 -14.70
CA SER E 190 26.05 3.94 -15.23
C SER E 190 25.83 2.69 -14.39
N ILE E 191 25.10 2.81 -13.29
CA ILE E 191 24.76 1.64 -12.48
C ILE E 191 23.44 1.22 -13.13
N VAL E 192 23.57 0.56 -14.28
CA VAL E 192 22.43 0.11 -15.10
C VAL E 192 21.34 -0.66 -14.35
N ASP E 193 20.14 -0.09 -14.36
CA ASP E 193 18.99 -0.68 -13.71
C ASP E 193 18.24 -1.60 -14.71
N HIS E 194 18.46 -2.90 -14.62
CA HIS E 194 17.83 -3.86 -15.52
C HIS E 194 16.33 -3.79 -15.44
N ASN E 195 15.80 -3.66 -14.23
CA ASN E 195 14.35 -3.58 -14.07
C ASN E 195 13.70 -2.38 -14.77
N PHE E 196 14.36 -1.22 -14.75
CA PHE E 196 13.80 -0.06 -15.39
C PHE E 196 13.60 -0.34 -16.89
N PHE E 197 14.66 -0.86 -17.53
CA PHE E 197 14.60 -1.18 -18.95
C PHE E 197 13.51 -2.20 -19.27
N GLU E 198 13.39 -3.22 -18.45
CA GLU E 198 12.41 -4.26 -18.67
C GLU E 198 10.96 -3.83 -18.43
N SER E 199 10.72 -3.19 -17.29
CA SER E 199 9.36 -2.78 -16.94
C SER E 199 8.77 -1.55 -17.59
N TRP E 200 9.59 -0.53 -17.78
CA TRP E 200 9.10 0.71 -18.38
C TRP E 200 9.23 0.77 -19.87
N LEU E 201 10.39 0.36 -20.39
CA LEU E 201 10.64 0.43 -21.81
C LEU E 201 10.46 -0.87 -22.56
N GLY E 202 10.29 -1.97 -21.84
CA GLY E 202 10.13 -3.26 -22.50
C GLY E 202 11.37 -3.76 -23.23
N MET E 203 12.54 -3.36 -22.76
CA MET E 203 13.82 -3.74 -23.38
C MET E 203 14.56 -4.76 -22.53
N LYS E 204 15.68 -5.25 -23.04
CA LYS E 204 16.52 -6.20 -22.32
C LYS E 204 17.87 -5.55 -22.21
N VAL E 205 18.65 -5.98 -21.22
CA VAL E 205 19.98 -5.44 -21.03
C VAL E 205 21.00 -6.57 -21.23
N GLN E 206 22.01 -6.28 -22.04
CA GLN E 206 23.07 -7.23 -22.31
C GLN E 206 24.31 -6.59 -21.75
N ALA E 207 24.89 -7.22 -20.74
CA ALA E 207 26.13 -6.75 -20.15
C ALA E 207 27.34 -7.47 -20.78
N VAL E 208 28.37 -6.71 -21.15
CA VAL E 208 29.59 -7.24 -21.73
C VAL E 208 30.79 -6.51 -21.12
N ASP E 209 31.74 -7.26 -20.56
CA ASP E 209 32.92 -6.67 -19.96
C ASP E 209 33.80 -6.13 -21.09
N MET E 210 34.51 -5.04 -20.82
CA MET E 210 35.33 -4.41 -21.84
C MET E 210 36.46 -5.26 -22.37
N THR E 211 36.83 -6.29 -21.65
CA THR E 211 37.90 -7.17 -22.11
C THR E 211 37.45 -7.74 -23.44
N GLU E 212 36.15 -7.84 -23.65
CA GLU E 212 35.63 -8.34 -24.93
C GLU E 212 35.99 -7.43 -26.11
N LEU E 213 36.08 -6.12 -25.88
CA LEU E 213 36.44 -5.17 -26.95
C LEU E 213 37.92 -5.41 -27.25
N ARG E 214 38.70 -5.58 -26.20
CA ARG E 214 40.13 -5.85 -26.32
C ARG E 214 40.34 -7.14 -27.13
N ARG E 215 39.50 -8.15 -26.91
CA ARG E 215 39.59 -9.42 -27.62
C ARG E 215 39.30 -9.30 -29.11
N ARG E 216 38.25 -8.55 -29.48
CA ARG E 216 37.93 -8.39 -30.90
C ARG E 216 39.07 -7.66 -31.60
N ILE E 217 39.69 -6.70 -30.93
CA ILE E 217 40.79 -5.94 -31.56
C ILE E 217 42.08 -6.79 -31.69
N ASP E 218 42.46 -7.42 -30.60
CA ASP E 218 43.66 -8.22 -30.60
C ASP E 218 43.56 -9.46 -31.48
N GLN E 219 42.39 -10.06 -31.55
CA GLN E 219 42.25 -11.28 -32.36
C GLN E 219 41.75 -11.08 -33.77
N LYS E 220 41.74 -9.83 -34.23
CA LYS E 220 41.29 -9.50 -35.57
C LYS E 220 39.83 -9.92 -35.89
N ILE E 221 38.94 -9.76 -34.92
CA ILE E 221 37.54 -10.10 -35.12
C ILE E 221 36.83 -8.87 -35.68
N TYR E 222 37.13 -8.56 -36.93
CA TYR E 222 36.55 -7.40 -37.59
C TYR E 222 36.92 -7.48 -39.04
N ASP E 223 36.33 -6.59 -39.84
CA ASP E 223 36.56 -6.54 -41.28
C ASP E 223 37.87 -5.80 -41.59
N GLU E 224 38.89 -6.50 -42.07
CA GLU E 224 40.17 -5.87 -42.38
C GLU E 224 40.07 -4.88 -43.52
N ALA E 225 39.24 -5.20 -44.50
CA ALA E 225 39.04 -4.32 -45.66
C ALA E 225 38.42 -2.98 -45.24
N GLU E 226 37.51 -3.03 -44.28
CA GLU E 226 36.87 -1.81 -43.82
C GLU E 226 37.87 -0.94 -43.08
N LEU E 227 38.77 -1.57 -42.33
CA LEU E 227 39.76 -0.82 -41.60
C LEU E 227 40.60 -0.01 -42.59
N GLU E 228 41.09 -0.67 -43.64
CA GLU E 228 41.89 -0.01 -44.66
C GLU E 228 41.12 1.22 -45.12
N MET E 229 39.86 1.00 -45.45
CA MET E 229 38.99 2.06 -45.94
C MET E 229 38.74 3.19 -44.95
N ALA E 230 38.59 2.84 -43.68
CA ALA E 230 38.35 3.82 -42.62
C ALA E 230 39.54 4.73 -42.45
N LEU E 231 40.75 4.15 -42.42
CA LEU E 231 41.97 4.92 -42.30
C LEU E 231 42.14 5.84 -43.49
N ALA E 232 41.85 5.35 -44.69
CA ALA E 232 41.97 6.18 -45.91
C ALA E 232 41.10 7.41 -45.76
N TRP E 233 39.87 7.17 -45.33
CA TRP E 233 38.90 8.22 -45.10
C TRP E 233 39.40 9.22 -44.05
N ALA E 234 39.96 8.71 -42.96
CA ALA E 234 40.47 9.58 -41.90
C ALA E 234 41.63 10.43 -42.39
N ASP E 235 42.60 9.80 -43.05
CA ASP E 235 43.75 10.51 -43.59
C ASP E 235 43.32 11.62 -44.54
N LYS E 236 42.34 11.29 -45.39
CA LYS E 236 41.79 12.21 -46.39
C LYS E 236 40.90 13.34 -45.85
N ASN E 237 40.33 13.17 -44.67
CA ASN E 237 39.40 14.19 -44.15
C ASN E 237 39.65 14.82 -42.77
N PHE E 238 40.38 14.14 -41.90
CA PHE E 238 40.61 14.65 -40.56
C PHE E 238 41.49 15.88 -40.43
N ARG E 239 40.97 16.94 -39.82
CA ARG E 239 41.72 18.16 -39.58
C ARG E 239 42.17 18.03 -38.13
N TYR E 240 43.47 18.05 -37.90
CA TYR E 240 43.99 17.91 -36.53
C TYR E 240 44.23 19.21 -35.77
N GLY E 241 44.10 19.15 -34.44
CA GLY E 241 44.30 20.32 -33.61
C GLY E 241 45.66 20.32 -32.91
N GLU E 242 46.02 21.45 -32.27
CA GLU E 242 47.28 21.57 -31.55
C GLU E 242 47.24 20.64 -30.34
N ASP E 243 48.34 19.93 -30.14
CA ASP E 243 48.50 18.99 -29.03
C ASP E 243 48.81 19.84 -27.80
N GLU E 244 47.94 19.80 -26.80
CA GLU E 244 48.13 20.60 -25.61
C GLU E 244 48.78 19.90 -24.43
N ASN E 245 49.42 18.76 -24.68
CA ASN E 245 50.05 18.02 -23.59
C ASN E 245 51.39 18.61 -23.12
N ASN E 246 51.78 18.31 -21.88
CA ASN E 246 53.05 18.77 -21.32
C ASN E 246 54.12 18.23 -22.29
N LYS E 247 55.27 18.91 -22.34
CA LYS E 247 56.35 18.53 -23.25
C LYS E 247 56.67 17.03 -23.37
N GLN E 248 56.86 16.37 -22.23
CA GLN E 248 57.22 14.94 -22.20
C GLN E 248 56.15 13.90 -22.53
N TYR E 249 54.88 14.28 -22.47
CA TYR E 249 53.80 13.32 -22.72
C TYR E 249 53.29 13.17 -24.14
N GLN E 250 53.77 13.99 -25.06
CA GLN E 250 53.34 13.94 -26.45
C GLN E 250 53.93 12.74 -27.17
N ARG E 251 53.16 12.11 -28.05
CA ARG E 251 53.64 10.95 -28.81
C ARG E 251 53.69 11.31 -30.29
N ASN E 252 54.55 10.67 -31.11
CA ASN E 252 54.61 11.03 -32.53
C ASN E 252 55.21 10.06 -33.53
N ALA E 253 56.44 9.63 -33.31
CA ALA E 253 57.13 8.70 -34.21
C ALA E 253 56.20 7.54 -34.57
N GLU E 254 55.31 7.81 -35.52
CA GLU E 254 54.31 6.86 -35.98
C GLU E 254 53.47 6.34 -34.82
N GLN E 255 53.45 7.04 -33.69
CA GLN E 255 52.68 6.57 -32.51
C GLN E 255 51.23 7.01 -32.42
N SER E 256 50.94 8.20 -32.94
CA SER E 256 49.58 8.70 -32.91
C SER E 256 48.74 7.91 -33.86
N ARG E 257 49.37 7.40 -34.92
CA ARG E 257 48.68 6.61 -35.94
C ARG E 257 48.06 5.41 -35.26
N ALA E 258 48.80 4.85 -34.31
CA ALA E 258 48.33 3.68 -33.57
C ALA E 258 47.10 4.04 -32.72
N VAL E 259 47.06 5.23 -32.14
CA VAL E 259 45.88 5.68 -31.36
C VAL E 259 44.66 5.82 -32.30
N LEU E 260 44.90 6.44 -33.45
CA LEU E 260 43.88 6.66 -34.47
C LEU E 260 43.32 5.33 -34.96
N ARG E 261 44.21 4.44 -35.35
CA ARG E 261 43.87 3.11 -35.85
C ARG E 261 42.99 2.35 -34.85
N GLU E 262 43.42 2.32 -33.60
CA GLU E 262 42.66 1.62 -32.57
C GLU E 262 41.33 2.31 -32.33
N SER E 263 41.33 3.65 -32.37
CA SER E 263 40.11 4.41 -32.14
C SER E 263 39.06 4.05 -33.18
N LEU E 264 39.48 4.00 -34.44
CA LEU E 264 38.56 3.63 -35.51
C LEU E 264 38.07 2.18 -35.35
N LEU E 265 38.97 1.28 -34.96
CA LEU E 265 38.60 -0.11 -34.72
C LEU E 265 37.53 -0.20 -33.63
N MET E 266 37.66 0.64 -32.60
CA MET E 266 36.68 0.67 -31.51
C MET E 266 35.26 0.99 -32.03
N ALA E 267 35.18 1.91 -32.98
CA ALA E 267 33.90 2.28 -33.57
C ALA E 267 33.32 1.08 -34.31
N MET E 268 34.15 0.42 -35.10
CA MET E 268 33.73 -0.74 -35.89
C MET E 268 33.22 -1.87 -35.01
N CYS E 269 34.03 -2.27 -34.03
CA CYS E 269 33.66 -3.36 -33.14
C CYS E 269 32.42 -3.08 -32.32
N ILE E 270 32.28 -1.85 -31.83
CA ILE E 270 31.09 -1.49 -31.02
C ILE E 270 29.86 -1.58 -31.92
N ARG E 271 29.96 -1.06 -33.14
CA ARG E 271 28.85 -1.09 -34.09
C ARG E 271 28.47 -2.54 -34.36
N ASP E 272 29.50 -3.37 -34.57
CA ASP E 272 29.32 -4.79 -34.86
C ASP E 272 28.65 -5.52 -33.72
N MET E 273 28.96 -5.11 -32.49
CA MET E 273 28.36 -5.74 -31.31
C MET E 273 26.89 -5.38 -31.19
N MET E 274 26.56 -4.15 -31.57
CA MET E 274 25.20 -3.68 -31.49
C MET E 274 24.25 -4.33 -32.48
N GLN E 275 24.62 -4.30 -33.76
CA GLN E 275 23.75 -4.83 -34.80
C GLN E 275 24.24 -6.08 -35.52
N GLY E 276 25.43 -6.58 -35.18
CA GLY E 276 25.96 -7.76 -35.85
C GLY E 276 26.64 -7.41 -37.16
N ASN E 277 27.33 -8.38 -37.75
CA ASN E 277 28.04 -8.17 -39.02
C ASN E 277 28.32 -9.52 -39.70
N SER E 278 27.66 -9.78 -40.82
CA SER E 278 27.85 -11.04 -41.51
C SER E 278 29.29 -11.33 -41.95
N LYS E 279 30.08 -10.29 -42.20
CA LYS E 279 31.45 -10.47 -42.64
C LYS E 279 32.25 -11.25 -41.61
N LEU E 280 31.87 -11.16 -40.34
CA LEU E 280 32.59 -11.88 -39.29
C LEU E 280 32.38 -13.38 -39.43
N ALA E 281 31.25 -13.77 -39.98
CA ALA E 281 30.98 -15.20 -40.19
C ALA E 281 31.93 -15.76 -41.26
N ASP E 282 32.25 -14.93 -42.26
CA ASP E 282 33.15 -15.30 -43.35
C ASP E 282 34.55 -15.62 -42.88
N ILE E 283 35.02 -14.95 -41.83
CA ILE E 283 36.35 -15.25 -41.32
C ILE E 283 36.29 -16.25 -40.18
N GLY E 284 35.16 -16.94 -40.05
CA GLY E 284 34.99 -17.95 -39.01
C GLY E 284 34.55 -17.52 -37.61
N ARG E 285 34.15 -16.26 -37.48
CA ARG E 285 33.70 -15.74 -36.20
C ARG E 285 32.14 -15.70 -36.19
N VAL E 286 31.50 -16.88 -36.22
CA VAL E 286 30.03 -16.95 -36.30
C VAL E 286 29.22 -16.51 -35.12
N GLU E 287 29.63 -16.86 -33.91
CA GLU E 287 28.91 -16.44 -32.72
C GLU E 287 28.91 -14.90 -32.67
N GLU E 288 30.09 -14.31 -32.92
CA GLU E 288 30.29 -12.86 -32.90
C GLU E 288 29.51 -12.12 -33.99
N SER E 289 29.33 -12.76 -35.13
CA SER E 289 28.64 -12.12 -36.22
C SER E 289 27.20 -11.73 -35.91
N LEU E 290 26.55 -12.46 -35.02
CA LEU E 290 25.16 -12.23 -34.66
C LEU E 290 24.81 -10.87 -34.04
N GLY E 291 25.70 -10.34 -33.21
CA GLY E 291 25.43 -9.07 -32.56
C GLY E 291 24.55 -9.30 -31.34
N TYR E 292 24.10 -8.22 -30.71
CA TYR E 292 23.26 -8.30 -29.51
C TYR E 292 21.87 -7.69 -29.64
N ASN E 293 21.48 -7.31 -30.86
CA ASN E 293 20.16 -6.71 -31.11
C ASN E 293 19.98 -5.44 -30.28
N ALA E 294 21.04 -4.65 -30.17
CA ALA E 294 21.02 -3.43 -29.37
C ALA E 294 20.60 -2.22 -30.19
N ILE E 295 19.69 -1.44 -29.63
CA ILE E 295 19.18 -0.26 -30.27
C ILE E 295 19.83 0.98 -29.62
N ALA E 296 20.62 0.75 -28.58
CA ALA E 296 21.34 1.79 -27.86
C ALA E 296 22.46 1.11 -27.04
N ALA E 297 23.56 1.80 -26.79
CA ALA E 297 24.66 1.22 -26.03
C ALA E 297 25.35 2.27 -25.20
N GLY E 298 26.22 1.80 -24.32
CA GLY E 298 27.00 2.68 -23.48
C GLY E 298 28.40 2.09 -23.38
N PHE E 299 29.42 2.94 -23.41
CA PHE E 299 30.79 2.45 -23.28
C PHE E 299 31.40 3.06 -22.02
N GLN E 300 31.63 2.23 -20.99
CA GLN E 300 32.19 2.70 -19.72
C GLN E 300 33.43 3.58 -19.86
N GLY E 301 34.47 3.09 -20.54
CA GLY E 301 35.68 3.87 -20.73
C GLY E 301 36.49 4.09 -19.46
N GLN E 302 36.31 5.23 -18.79
CA GLN E 302 37.04 5.53 -17.55
C GLN E 302 36.52 4.69 -16.41
N ARG E 303 37.38 4.30 -15.48
CA ARG E 303 38.81 4.62 -15.48
C ARG E 303 39.64 3.52 -16.13
N HIS E 304 39.20 2.28 -15.93
CA HIS E 304 39.87 1.04 -16.33
C HIS E 304 40.35 0.80 -17.73
N TRP E 305 39.59 1.25 -18.71
CA TRP E 305 40.00 1.08 -20.09
C TRP E 305 40.97 2.21 -20.43
N THR E 306 40.52 3.45 -20.20
CA THR E 306 41.30 4.65 -20.52
C THR E 306 42.66 4.80 -19.82
N ASP E 307 42.86 4.10 -18.70
CA ASP E 307 44.13 4.17 -18.00
C ASP E 307 45.21 3.39 -18.74
N GLN E 308 44.83 2.76 -19.85
CA GLN E 308 45.79 1.96 -20.60
C GLN E 308 45.58 1.94 -22.09
N TYR E 309 44.34 2.12 -22.55
CA TYR E 309 44.03 2.06 -23.98
C TYR E 309 43.42 3.35 -24.46
N PRO E 310 43.42 3.58 -25.79
CA PRO E 310 42.86 4.80 -26.38
C PRO E 310 41.42 4.97 -25.90
N ASN E 311 41.03 6.22 -25.60
CA ASN E 311 39.67 6.48 -25.11
C ASN E 311 38.62 6.34 -26.21
N GLY E 312 37.34 6.45 -25.82
CA GLY E 312 36.28 6.32 -26.78
C GLY E 312 35.80 7.58 -27.49
N ASP E 313 36.56 8.66 -27.41
CA ASP E 313 36.14 9.92 -28.04
C ASP E 313 35.80 9.80 -29.51
N THR E 314 36.74 9.26 -30.28
CA THR E 314 36.54 9.11 -31.71
C THR E 314 35.39 8.16 -32.05
N ALA E 315 35.36 6.99 -31.42
CA ALA E 315 34.31 6.00 -31.67
C ALA E 315 32.92 6.60 -31.42
N GLU E 316 32.74 7.21 -30.25
CA GLU E 316 31.47 7.83 -29.84
C GLU E 316 31.09 8.97 -30.77
N ALA E 317 32.06 9.78 -31.13
CA ALA E 317 31.77 10.89 -32.01
C ALA E 317 31.29 10.39 -33.36
N ILE E 318 32.00 9.40 -33.93
CA ILE E 318 31.64 8.86 -35.23
C ILE E 318 30.31 8.08 -35.19
N LEU E 319 30.16 7.19 -34.22
CA LEU E 319 28.96 6.38 -34.14
C LEU E 319 27.69 7.19 -33.96
N ASN E 320 27.78 8.25 -33.18
CA ASN E 320 26.62 9.10 -32.93
C ASN E 320 26.30 10.04 -34.07
N SER E 321 27.24 10.18 -35.02
CA SER E 321 27.07 11.04 -36.19
C SER E 321 26.17 10.36 -37.23
N SER E 322 25.77 11.11 -38.24
CA SER E 322 24.93 10.57 -39.30
C SER E 322 25.77 10.10 -40.49
N PHE E 323 27.07 9.88 -40.28
CA PHE E 323 27.94 9.45 -41.39
C PHE E 323 29.29 8.95 -40.94
N ASP E 324 29.97 8.25 -41.85
CA ASP E 324 31.31 7.75 -41.62
C ASP E 324 31.89 7.36 -42.97
N TRP E 325 32.97 6.61 -42.96
CA TRP E 325 33.64 6.20 -44.20
C TRP E 325 32.73 5.52 -45.23
N ASN E 326 31.61 4.99 -44.76
CA ASN E 326 30.64 4.29 -45.61
C ASN E 326 29.51 5.20 -46.14
N GLY E 327 29.61 6.51 -45.91
CA GLY E 327 28.56 7.41 -46.37
C GLY E 327 27.57 7.77 -45.28
N VAL E 328 26.47 8.43 -45.63
CA VAL E 328 25.51 8.81 -44.59
C VAL E 328 24.64 7.61 -44.21
N ARG E 329 24.29 7.54 -42.93
CA ARG E 329 23.49 6.45 -42.39
C ARG E 329 22.75 6.94 -41.16
N GLU E 330 21.91 6.08 -40.60
CA GLU E 330 21.19 6.44 -39.39
C GLU E 330 22.22 6.51 -38.26
N PRO E 331 22.20 7.57 -37.44
CA PRO E 331 23.18 7.62 -36.36
C PRO E 331 22.89 6.55 -35.31
N PHE E 332 23.91 6.09 -34.60
CA PHE E 332 23.73 5.10 -33.53
C PHE E 332 23.56 5.86 -32.21
N VAL E 333 23.15 5.18 -31.15
CA VAL E 333 23.00 5.86 -29.85
C VAL E 333 24.00 5.20 -28.91
N VAL E 334 25.14 5.85 -28.69
CA VAL E 334 26.19 5.33 -27.81
C VAL E 334 26.46 6.36 -26.73
N ALA E 335 26.12 6.01 -25.50
CA ALA E 335 26.31 6.88 -24.37
C ALA E 335 27.74 6.82 -23.79
N THR E 336 28.37 7.97 -23.64
CA THR E 336 29.70 7.98 -23.06
C THR E 336 29.60 7.71 -21.55
N GLU E 337 30.66 7.15 -20.99
CA GLU E 337 30.71 6.80 -19.56
C GLU E 337 29.60 5.82 -19.17
N ASN E 338 29.09 5.11 -20.16
CA ASN E 338 28.00 4.15 -19.95
C ASN E 338 26.83 4.75 -19.15
N ASP E 339 26.54 6.04 -19.37
CA ASP E 339 25.43 6.66 -18.65
C ASP E 339 24.15 6.24 -19.37
N SER E 340 23.59 5.10 -18.96
CA SER E 340 22.39 4.53 -19.56
C SER E 340 21.18 5.45 -19.54
N LEU E 341 21.05 6.27 -18.50
CA LEU E 341 19.92 7.19 -18.39
C LEU E 341 20.03 8.29 -19.46
N ASN E 342 21.25 8.67 -19.82
CA ASN E 342 21.42 9.68 -20.87
C ASN E 342 21.18 8.96 -22.20
N GLY E 343 21.56 7.67 -22.24
CA GLY E 343 21.36 6.86 -23.44
C GLY E 343 19.86 6.73 -23.74
N VAL E 344 19.05 6.54 -22.70
CA VAL E 344 17.60 6.44 -22.86
C VAL E 344 17.05 7.78 -23.39
N ALA E 345 17.54 8.91 -22.90
CA ALA E 345 17.07 10.21 -23.36
C ALA E 345 17.45 10.38 -24.83
N MET E 346 18.66 9.91 -25.20
CA MET E 346 19.13 9.95 -26.60
C MET E 346 18.27 9.02 -27.50
N LEU E 347 17.88 7.87 -26.97
CA LEU E 347 17.04 6.91 -27.70
C LEU E 347 15.68 7.54 -28.02
N MET E 348 15.09 8.17 -27.02
CA MET E 348 13.80 8.84 -27.17
C MET E 348 13.91 9.96 -28.21
N GLY E 349 14.93 10.81 -28.07
CA GLY E 349 15.12 11.91 -29.01
C GLY E 349 15.33 11.43 -30.44
N HIS E 350 16.10 10.36 -30.59
CA HIS E 350 16.34 9.81 -31.91
C HIS E 350 15.10 9.12 -32.49
N GLN E 351 14.38 8.37 -31.68
CA GLN E 351 13.19 7.71 -32.18
C GLN E 351 12.13 8.73 -32.59
N LEU E 352 12.08 9.87 -31.90
CA LEU E 352 11.11 10.92 -32.20
C LEU E 352 11.45 11.82 -33.39
N THR E 353 12.73 12.03 -33.62
CA THR E 353 13.13 12.92 -34.71
C THR E 353 13.92 12.31 -35.84
N GLY E 354 14.51 11.14 -35.60
CA GLY E 354 15.33 10.48 -36.61
C GLY E 354 16.67 11.17 -36.79
N THR E 355 17.02 12.07 -35.87
CA THR E 355 18.27 12.81 -35.96
C THR E 355 19.36 12.39 -34.97
N ALA E 356 20.58 12.86 -35.21
CA ALA E 356 21.72 12.57 -34.33
C ALA E 356 21.49 13.30 -33.01
N GLN E 357 21.94 12.70 -31.90
CA GLN E 357 21.77 13.28 -30.56
C GLN E 357 23.10 13.76 -29.94
N VAL E 358 23.06 14.88 -29.24
CA VAL E 358 24.27 15.43 -28.63
C VAL E 358 24.37 15.15 -27.14
N PHE E 359 25.40 14.40 -26.77
CA PHE E 359 25.66 14.05 -25.37
C PHE E 359 26.45 15.22 -24.77
N ALA E 360 26.03 15.72 -23.62
CA ALA E 360 26.74 16.83 -23.03
C ALA E 360 26.84 16.84 -21.52
N ASP E 361 27.93 17.43 -21.02
CA ASP E 361 28.14 17.62 -19.60
C ASP E 361 27.62 19.04 -19.38
N VAL E 362 26.78 19.21 -18.36
CA VAL E 362 26.24 20.53 -18.03
C VAL E 362 27.34 21.10 -17.14
N ARG E 363 28.36 21.70 -17.77
CA ARG E 363 29.50 22.18 -17.01
C ARG E 363 29.50 23.45 -16.20
N THR E 364 29.02 24.54 -16.77
CA THR E 364 29.07 25.79 -16.04
C THR E 364 27.91 26.72 -16.30
N TYR E 365 27.48 27.40 -15.26
CA TYR E 365 26.46 28.42 -15.38
C TYR E 365 27.23 29.75 -15.34
N TRP E 366 27.11 30.54 -16.39
CA TRP E 366 27.77 31.83 -16.46
C TRP E 366 26.73 32.91 -16.27
N SER E 367 26.77 33.58 -15.13
CA SER E 367 25.82 34.65 -14.86
C SER E 367 26.29 35.89 -15.61
N PRO E 368 25.38 36.82 -15.92
CA PRO E 368 25.82 38.02 -16.64
C PRO E 368 26.89 38.80 -15.86
N GLU E 369 26.84 38.77 -14.52
CA GLU E 369 27.85 39.44 -13.69
C GLU E 369 29.23 38.77 -13.86
N ALA E 370 29.23 37.43 -13.88
CA ALA E 370 30.47 36.66 -14.05
C ALA E 370 31.08 36.88 -15.43
N ILE E 371 30.24 36.97 -16.46
CA ILE E 371 30.71 37.20 -17.82
C ILE E 371 31.44 38.55 -17.92
N GLU E 372 30.80 39.60 -17.42
CA GLU E 372 31.39 40.94 -17.47
C GLU E 372 32.69 40.96 -16.68
N ARG E 373 32.67 40.41 -15.47
CA ARG E 373 33.88 40.40 -14.67
C ARG E 373 35.08 39.82 -15.41
N VAL E 374 34.94 38.64 -16.02
CA VAL E 374 36.07 37.99 -16.70
C VAL E 374 36.35 38.43 -18.14
N THR E 375 35.36 38.98 -18.83
CA THR E 375 35.59 39.38 -20.22
C THR E 375 35.31 40.86 -20.52
N GLY E 376 34.61 41.54 -19.62
CA GLY E 376 34.31 42.94 -19.83
C GLY E 376 33.09 43.20 -20.69
N HIS E 377 32.72 42.24 -21.55
CA HIS E 377 31.55 42.41 -22.41
C HIS E 377 30.20 42.30 -21.68
N LYS E 378 29.21 43.05 -22.17
CA LYS E 378 27.86 43.06 -21.62
C LYS E 378 27.06 42.18 -22.57
N LEU E 379 26.45 41.14 -22.02
CA LEU E 379 25.67 40.15 -22.80
C LEU E 379 24.25 40.57 -23.19
N ASP E 380 23.98 40.60 -24.49
CA ASP E 380 22.66 40.96 -24.99
C ASP E 380 22.04 39.82 -25.79
N GLY E 381 20.79 40.01 -26.20
CA GLY E 381 20.14 38.98 -26.98
C GLY E 381 19.71 37.81 -26.15
N LEU E 382 19.77 36.61 -26.74
CA LEU E 382 19.38 35.40 -26.04
C LEU E 382 20.17 35.18 -24.77
N ALA E 383 21.44 35.58 -24.80
CA ALA E 383 22.35 35.39 -23.67
C ALA E 383 22.21 36.42 -22.57
N GLU E 384 21.28 37.35 -22.75
CA GLU E 384 21.06 38.41 -21.80
C GLU E 384 20.90 38.02 -20.33
N HIS E 385 20.29 36.87 -20.07
CA HIS E 385 20.04 36.45 -18.70
C HIS E 385 20.98 35.42 -18.10
N GLY E 386 22.04 35.10 -18.82
CA GLY E 386 22.97 34.11 -18.32
C GLY E 386 23.07 33.05 -19.39
N ILE E 387 24.05 32.18 -19.27
CA ILE E 387 24.25 31.16 -20.28
C ILE E 387 24.77 29.88 -19.61
N ILE E 388 24.50 28.73 -20.21
CA ILE E 388 24.96 27.44 -19.67
C ILE E 388 25.93 26.82 -20.64
N HIS E 389 27.11 26.43 -20.15
CA HIS E 389 28.13 25.81 -20.98
C HIS E 389 27.95 24.29 -21.03
N LEU E 390 27.62 23.76 -22.21
CA LEU E 390 27.43 22.33 -22.44
C LEU E 390 28.63 21.84 -23.25
N ILE E 391 29.45 20.97 -22.65
CA ILE E 391 30.65 20.42 -23.29
C ILE E 391 30.76 18.98 -22.87
N ASN E 392 30.71 18.03 -23.79
CA ASN E 392 30.91 16.64 -23.38
C ASN E 392 32.42 16.46 -23.27
N SER E 393 32.86 15.58 -22.38
CA SER E 393 34.28 15.33 -22.18
C SER E 393 35.08 14.70 -23.33
N GLY E 394 34.90 15.21 -24.56
CA GLY E 394 35.66 14.71 -25.69
C GLY E 394 34.96 14.32 -26.99
N SER E 395 33.69 13.92 -26.91
CA SER E 395 32.95 13.49 -28.10
C SER E 395 31.57 14.10 -28.19
N ALA E 396 31.04 14.15 -29.40
CA ALA E 396 29.71 14.68 -29.67
C ALA E 396 29.48 14.42 -31.12
N ALA E 397 28.24 14.11 -31.47
CA ALA E 397 27.90 13.84 -32.86
C ALA E 397 28.37 15.02 -33.71
N LEU E 398 29.12 14.77 -34.77
CA LEU E 398 29.63 15.84 -35.61
C LEU E 398 28.50 16.69 -36.21
N ASP E 399 27.30 16.11 -36.29
CA ASP E 399 26.13 16.84 -36.81
C ASP E 399 25.90 18.05 -35.90
N GLY E 400 26.35 17.91 -34.66
CA GLY E 400 26.21 18.95 -33.65
C GLY E 400 26.83 20.28 -33.99
N SER E 401 27.70 20.31 -34.99
CA SER E 401 28.31 21.55 -35.41
C SER E 401 27.25 22.48 -36.05
N CYS E 402 26.15 21.90 -36.53
CA CYS E 402 25.04 22.59 -37.18
C CYS E 402 25.43 23.23 -38.51
N LYS E 403 26.24 22.50 -39.27
CA LYS E 403 26.68 22.97 -40.58
C LYS E 403 25.69 22.58 -41.65
N GLN E 404 24.73 21.72 -41.29
CA GLN E 404 23.70 21.32 -42.25
C GLN E 404 22.75 22.52 -42.35
N ARG E 405 22.01 22.61 -43.45
CA ARG E 405 21.10 23.73 -43.66
C ARG E 405 19.72 23.24 -44.04
N ASP E 406 18.71 23.99 -43.63
CA ASP E 406 17.34 23.63 -43.98
C ASP E 406 16.96 24.34 -45.28
N SER E 407 15.69 24.24 -45.67
CA SER E 407 15.20 24.87 -46.89
C SER E 407 15.47 26.39 -46.91
N GLU E 408 15.18 27.06 -45.80
CA GLU E 408 15.40 28.49 -45.68
C GLU E 408 16.87 28.91 -45.52
N GLY E 409 17.80 27.96 -45.53
CA GLY E 409 19.22 28.28 -45.38
C GLY E 409 19.78 28.39 -43.96
N ASN E 410 18.94 28.13 -42.94
CA ASN E 410 19.35 28.21 -41.53
C ASN E 410 20.15 26.99 -41.04
N PRO E 411 21.08 27.19 -40.08
CA PRO E 411 21.87 26.05 -39.56
C PRO E 411 20.93 25.10 -38.82
N THR E 412 21.09 23.80 -39.05
CA THR E 412 20.20 22.82 -38.43
C THR E 412 20.83 21.41 -38.35
N MET E 413 20.04 20.45 -37.90
CA MET E 413 20.44 19.05 -37.78
C MET E 413 19.24 18.35 -38.37
N LYS E 414 19.47 17.50 -39.36
CA LYS E 414 18.40 16.83 -40.08
C LYS E 414 18.41 15.32 -40.00
N PRO E 415 17.27 14.68 -40.33
CA PRO E 415 17.18 13.22 -40.29
C PRO E 415 18.17 12.75 -41.38
N HIS E 416 18.87 11.64 -41.16
CA HIS E 416 19.85 11.16 -42.11
C HIS E 416 19.40 11.04 -43.58
N TRP E 417 18.10 10.87 -43.82
CA TRP E 417 17.63 10.73 -45.20
C TRP E 417 17.58 12.06 -45.98
N GLU E 418 17.78 13.16 -45.27
CA GLU E 418 17.79 14.49 -45.89
C GLU E 418 19.19 15.09 -45.88
N ILE E 419 20.18 14.32 -45.43
CA ILE E 419 21.55 14.80 -45.36
C ILE E 419 22.33 14.40 -46.62
N SER E 420 22.94 15.37 -47.30
CA SER E 420 23.69 15.09 -48.52
C SER E 420 25.16 14.87 -48.18
N GLN E 421 25.88 14.18 -49.05
CA GLN E 421 27.30 13.94 -48.84
C GLN E 421 28.05 15.27 -48.63
N GLN E 422 27.60 16.32 -49.31
CA GLN E 422 28.22 17.63 -49.18
C GLN E 422 28.12 18.16 -47.75
N GLU E 423 26.94 18.01 -47.15
CA GLU E 423 26.70 18.45 -45.77
C GLU E 423 27.49 17.60 -44.77
N ALA E 424 27.64 16.31 -45.07
CA ALA E 424 28.42 15.42 -44.21
C ALA E 424 29.86 15.94 -44.19
N ASP E 425 30.44 16.17 -45.37
CA ASP E 425 31.81 16.68 -45.49
C ASP E 425 31.99 18.04 -44.80
N ALA E 426 30.98 18.89 -44.89
CA ALA E 426 31.02 20.20 -44.25
C ALA E 426 31.12 20.05 -42.73
N CYS E 427 30.40 19.09 -42.16
CA CYS E 427 30.43 18.84 -40.71
C CYS E 427 31.82 18.33 -40.27
N LEU E 428 32.41 17.49 -41.10
CA LEU E 428 33.74 16.97 -40.81
C LEU E 428 34.78 18.09 -40.90
N ALA E 429 34.63 18.98 -41.88
CA ALA E 429 35.57 20.09 -42.05
C ALA E 429 35.50 21.09 -40.89
N ALA E 430 34.37 21.13 -40.19
CA ALA E 430 34.20 22.04 -39.05
C ALA E 430 34.70 21.45 -37.76
N THR E 431 35.23 20.23 -37.84
CA THR E 431 35.73 19.53 -36.68
C THR E 431 37.25 19.38 -36.72
N GLU E 432 37.86 19.54 -35.55
CA GLU E 432 39.29 19.39 -35.38
C GLU E 432 39.51 18.30 -34.34
N TRP E 433 40.36 17.34 -34.68
CA TRP E 433 40.64 16.23 -33.79
C TRP E 433 41.86 16.55 -32.95
N CYS E 434 41.67 16.60 -31.64
CA CYS E 434 42.75 16.94 -30.72
C CYS E 434 43.13 15.79 -29.82
N PRO E 435 44.45 15.63 -29.58
CA PRO E 435 44.96 14.56 -28.71
C PRO E 435 44.38 14.66 -27.32
N ALA E 436 44.03 13.52 -26.74
CA ALA E 436 43.46 13.47 -25.40
C ALA E 436 44.49 13.91 -24.38
N ILE E 437 44.03 14.53 -23.30
CA ILE E 437 44.94 14.98 -22.22
C ILE E 437 45.44 13.78 -21.45
N HIS E 438 46.74 13.52 -21.58
CA HIS E 438 47.40 12.38 -20.98
C HIS E 438 47.07 12.08 -19.53
N GLU E 439 47.13 13.08 -18.67
CA GLU E 439 46.85 12.89 -17.26
C GLU E 439 45.52 12.17 -16.96
N TYR E 440 44.52 12.44 -17.80
CA TYR E 440 43.20 11.86 -17.62
C TYR E 440 42.98 10.61 -18.44
N PHE E 441 43.56 10.61 -19.64
CA PHE E 441 43.43 9.50 -20.58
C PHE E 441 44.83 9.02 -20.98
N ARG E 442 45.42 8.23 -20.11
CA ARG E 442 46.76 7.68 -20.32
C ARG E 442 46.93 6.88 -21.62
N GLY E 443 45.85 6.30 -22.13
CA GLY E 443 45.98 5.51 -23.35
C GLY E 443 45.91 6.34 -24.62
N GLY E 444 45.62 7.63 -24.46
CA GLY E 444 45.51 8.54 -25.59
C GLY E 444 44.11 8.61 -26.16
N GLY E 445 43.99 9.22 -27.33
CA GLY E 445 42.70 9.35 -27.98
C GLY E 445 42.60 10.63 -28.78
N TYR E 446 41.49 10.83 -29.48
CA TYR E 446 41.26 12.04 -30.27
C TYR E 446 39.86 12.61 -30.06
N SER E 447 39.80 13.82 -29.49
CA SER E 447 38.56 14.54 -29.21
C SER E 447 38.07 15.26 -30.44
N SER E 448 36.75 15.31 -30.59
CA SER E 448 36.12 15.98 -31.72
C SER E 448 35.75 17.38 -31.26
N ARG E 449 36.53 18.38 -31.66
CA ARG E 449 36.23 19.75 -31.28
C ARG E 449 35.55 20.54 -32.37
N PHE E 450 34.40 21.12 -32.02
CA PHE E 450 33.64 21.96 -32.93
C PHE E 450 32.85 22.94 -32.06
N LEU E 451 32.30 23.98 -32.68
CA LEU E 451 31.52 24.98 -31.99
C LEU E 451 30.16 25.01 -32.65
N THR E 452 29.13 24.72 -31.90
CA THR E 452 27.78 24.74 -32.44
C THR E 452 27.37 26.17 -32.78
N GLU E 453 26.79 26.36 -33.96
CA GLU E 453 26.33 27.67 -34.43
C GLU E 453 25.25 28.20 -33.52
N GLY E 454 25.20 29.53 -33.34
CA GLY E 454 24.21 30.13 -32.50
C GLY E 454 22.85 30.29 -33.18
N GLY E 455 21.84 30.62 -32.38
CA GLY E 455 20.49 30.83 -32.88
C GLY E 455 19.69 29.60 -33.28
N VAL E 456 20.13 28.42 -32.87
CA VAL E 456 19.43 27.20 -33.24
C VAL E 456 18.58 26.74 -32.06
N PRO E 457 17.29 26.42 -32.32
CA PRO E 457 16.43 25.97 -31.24
C PRO E 457 16.79 24.53 -30.86
N PHE E 458 16.87 24.25 -29.56
CA PHE E 458 17.23 22.94 -29.05
C PHE E 458 16.36 22.59 -27.87
N THR E 459 16.29 21.30 -27.57
CA THR E 459 15.55 20.80 -26.41
C THR E 459 16.54 19.94 -25.62
N MET E 460 16.76 20.30 -24.36
CA MET E 460 17.65 19.55 -23.51
C MET E 460 16.79 18.67 -22.61
N THR E 461 17.16 17.40 -22.51
CA THR E 461 16.41 16.45 -21.68
C THR E 461 17.33 15.55 -20.85
N ARG E 462 16.73 14.88 -19.88
CA ARG E 462 17.45 13.96 -19.03
C ARG E 462 16.41 13.10 -18.30
N VAL E 463 16.72 11.83 -18.10
CA VAL E 463 15.86 10.89 -17.38
C VAL E 463 16.68 10.54 -16.14
N ASN E 464 16.03 10.46 -15.00
CA ASN E 464 16.75 10.14 -13.78
C ASN E 464 15.91 9.13 -13.03
N ILE E 465 16.54 8.29 -12.23
CA ILE E 465 15.82 7.32 -11.42
C ILE E 465 15.87 7.79 -9.97
N ILE E 466 14.70 7.98 -9.37
CA ILE E 466 14.58 8.45 -8.00
C ILE E 466 14.03 7.32 -7.16
N LYS E 467 14.80 6.87 -6.18
CA LYS E 467 14.33 5.76 -5.35
C LYS E 467 13.06 6.14 -4.63
N GLY E 468 12.06 5.27 -4.72
CA GLY E 468 10.78 5.50 -4.07
C GLY E 468 9.77 6.18 -4.98
N LEU E 469 10.22 6.65 -6.15
CA LEU E 469 9.35 7.36 -7.10
C LEU E 469 9.39 6.66 -8.44
N GLY E 470 10.61 6.34 -8.87
CA GLY E 470 10.79 5.68 -10.15
C GLY E 470 11.47 6.67 -11.08
N PRO E 471 11.37 6.48 -12.39
CA PRO E 471 12.01 7.39 -13.35
C PRO E 471 11.24 8.70 -13.53
N VAL E 472 11.94 9.78 -13.85
CA VAL E 472 11.31 11.08 -14.07
C VAL E 472 12.04 11.69 -15.24
N LEU E 473 11.33 12.56 -15.97
CA LEU E 473 11.91 13.21 -17.14
C LEU E 473 12.01 14.75 -16.96
N GLN E 474 13.12 15.33 -17.41
CA GLN E 474 13.35 16.76 -17.33
C GLN E 474 13.51 17.28 -18.72
N ILE E 475 12.89 18.41 -19.00
CA ILE E 475 12.97 19.02 -20.32
C ILE E 475 13.28 20.50 -20.15
N ALA E 476 14.05 21.05 -21.07
CA ALA E 476 14.37 22.47 -21.07
C ALA E 476 14.57 22.94 -22.50
N GLU E 477 13.59 23.63 -23.06
CA GLU E 477 13.72 24.14 -24.44
C GLU E 477 14.50 25.45 -24.38
N GLY E 478 15.27 25.70 -25.43
CA GLY E 478 16.05 26.92 -25.48
C GLY E 478 16.70 27.08 -26.83
N TRP E 479 17.81 27.81 -26.88
CA TRP E 479 18.54 28.05 -28.11
C TRP E 479 20.04 28.06 -27.84
N SER E 480 20.83 27.77 -28.88
CA SER E 480 22.27 27.83 -28.76
C SER E 480 22.56 29.31 -29.07
N VAL E 481 23.53 29.90 -28.38
CA VAL E 481 23.83 31.29 -28.63
C VAL E 481 25.23 31.45 -29.20
N GLU E 482 25.44 32.54 -29.92
CA GLU E 482 26.73 32.81 -30.49
C GLU E 482 27.34 33.96 -29.71
N LEU E 483 28.51 33.70 -29.15
CA LEU E 483 29.24 34.70 -28.38
C LEU E 483 30.30 35.35 -29.28
N PRO E 484 30.57 36.67 -29.09
CA PRO E 484 31.59 37.33 -29.90
C PRO E 484 32.94 36.64 -29.73
N LYS E 485 33.59 36.38 -30.85
CA LYS E 485 34.89 35.72 -30.96
C LYS E 485 35.86 35.80 -29.76
N ASP E 486 36.16 36.99 -29.29
CA ASP E 486 37.08 37.12 -28.17
C ASP E 486 36.52 36.62 -26.83
N VAL E 487 35.22 36.80 -26.58
CA VAL E 487 34.60 36.35 -25.32
C VAL E 487 34.64 34.82 -25.25
N HIS E 488 34.26 34.19 -26.37
CA HIS E 488 34.26 32.73 -26.46
C HIS E 488 35.66 32.19 -26.13
N ASP E 489 36.69 32.85 -26.62
CA ASP E 489 38.08 32.43 -26.38
C ASP E 489 38.49 32.49 -24.91
N ILE E 490 38.09 33.55 -24.22
CA ILE E 490 38.41 33.73 -22.80
C ILE E 490 37.79 32.56 -22.01
N LEU E 491 36.50 32.34 -22.23
CA LEU E 491 35.78 31.28 -21.54
C LEU E 491 36.26 29.88 -21.92
N ASN E 492 36.53 29.67 -23.20
CA ASN E 492 36.96 28.38 -23.70
C ASN E 492 38.33 27.93 -23.19
N LYS E 493 39.34 28.79 -23.27
CA LYS E 493 40.68 28.42 -22.79
C LYS E 493 40.65 28.19 -21.26
N ARG E 494 39.76 28.89 -20.58
CA ARG E 494 39.58 28.82 -19.13
C ARG E 494 38.91 27.52 -18.68
N THR E 495 38.23 26.84 -19.60
CA THR E 495 37.51 25.60 -19.29
C THR E 495 38.16 24.34 -19.87
N ASN E 496 37.83 23.99 -21.11
CA ASN E 496 38.42 22.82 -21.75
C ASN E 496 38.40 23.04 -23.25
N SER E 497 39.39 23.80 -23.74
CA SER E 497 39.49 24.16 -25.16
C SER E 497 39.52 23.06 -26.22
N THR E 498 39.81 21.82 -25.83
CA THR E 498 39.86 20.69 -26.77
C THR E 498 38.55 19.89 -26.90
N TRP E 499 37.52 20.33 -26.19
CA TRP E 499 36.21 19.66 -26.22
C TRP E 499 35.15 20.45 -27.01
N PRO E 500 34.13 19.75 -27.59
CA PRO E 500 33.05 20.40 -28.36
C PRO E 500 32.18 21.29 -27.46
N THR E 501 31.93 22.51 -27.90
CA THR E 501 31.13 23.45 -27.11
C THR E 501 29.80 23.86 -27.74
N THR E 502 28.82 24.11 -26.86
CA THR E 502 27.50 24.57 -27.24
C THR E 502 27.10 25.51 -26.10
N TRP E 503 26.85 26.78 -26.42
CA TRP E 503 26.44 27.77 -25.42
C TRP E 503 24.92 27.70 -25.46
N PHE E 504 24.29 27.46 -24.32
CA PHE E 504 22.84 27.29 -24.27
C PHE E 504 22.09 28.31 -23.41
N ALA E 505 20.98 28.80 -23.95
CA ALA E 505 20.15 29.76 -23.23
C ALA E 505 18.75 29.16 -23.18
N PRO E 506 18.26 28.80 -21.99
CA PRO E 506 16.93 28.22 -21.85
C PRO E 506 15.85 29.30 -21.86
N ARG E 507 14.68 28.98 -22.44
CA ARG E 507 13.57 29.94 -22.46
C ARG E 507 13.01 30.06 -21.04
N LEU E 508 12.96 31.28 -20.49
CA LEU E 508 12.45 31.48 -19.13
C LEU E 508 10.95 31.68 -19.09
N THR E 509 10.33 31.29 -17.99
CA THR E 509 8.88 31.43 -17.87
C THR E 509 8.53 32.33 -16.71
N GLY E 510 9.51 32.62 -15.87
CA GLY E 510 9.27 33.46 -14.71
C GLY E 510 8.77 32.67 -13.51
N LYS E 511 8.47 31.38 -13.70
CA LYS E 511 7.97 30.56 -12.59
C LYS E 511 8.79 29.30 -12.39
N GLY E 512 8.82 28.84 -11.14
CA GLY E 512 9.54 27.65 -10.77
C GLY E 512 11.00 27.66 -11.16
N PRO E 513 11.53 26.52 -11.64
CA PRO E 513 12.94 26.42 -12.05
C PRO E 513 13.27 27.31 -13.22
N PHE E 514 12.24 27.88 -13.88
CA PHE E 514 12.49 28.73 -15.04
C PHE E 514 12.34 30.22 -14.76
N THR E 515 12.65 30.57 -13.51
CA THR E 515 12.61 31.94 -13.04
C THR E 515 13.81 32.65 -13.68
N ASP E 516 14.96 31.97 -13.67
CA ASP E 516 16.18 32.52 -14.25
C ASP E 516 17.08 31.37 -14.70
N VAL E 517 18.13 31.68 -15.45
CA VAL E 517 19.04 30.65 -15.95
C VAL E 517 19.74 29.88 -14.84
N TYR E 518 20.01 30.53 -13.71
CA TYR E 518 20.67 29.84 -12.61
C TYR E 518 19.80 28.70 -12.10
N SER E 519 18.50 28.95 -11.97
CA SER E 519 17.55 27.97 -11.47
C SER E 519 17.38 26.73 -12.35
N VAL E 520 17.56 26.91 -13.66
CA VAL E 520 17.44 25.81 -14.60
C VAL E 520 18.61 24.85 -14.31
N MET E 521 19.81 25.41 -14.21
CA MET E 521 21.02 24.64 -13.89
C MET E 521 20.87 23.99 -12.51
N ALA E 522 20.56 24.80 -11.50
CA ALA E 522 20.41 24.34 -10.12
C ALA E 522 19.40 23.23 -9.94
N ASN E 523 18.39 23.15 -10.82
CA ASN E 523 17.40 22.10 -10.71
C ASN E 523 17.60 20.90 -11.65
N TRP E 524 18.68 20.89 -12.43
CA TRP E 524 18.94 19.76 -13.33
C TRP E 524 19.30 18.60 -12.40
N GLY E 525 18.84 17.41 -12.73
CA GLY E 525 19.06 16.24 -11.90
C GLY E 525 20.27 15.35 -12.10
N ALA E 526 21.22 15.76 -12.94
CA ALA E 526 22.44 14.99 -13.20
C ALA E 526 23.47 15.95 -13.75
N ASN E 527 24.67 15.46 -14.05
CA ASN E 527 25.71 16.29 -14.62
C ASN E 527 25.71 16.18 -16.15
N HIS E 528 24.76 15.40 -16.68
CA HIS E 528 24.66 15.19 -18.11
C HIS E 528 23.29 15.54 -18.61
N GLY E 529 23.22 15.82 -19.90
CA GLY E 529 21.98 16.13 -20.54
C GLY E 529 22.08 15.74 -22.00
N VAL E 530 20.94 15.75 -22.68
CA VAL E 530 20.91 15.40 -24.09
C VAL E 530 20.27 16.58 -24.84
N LEU E 531 20.86 16.91 -25.98
CA LEU E 531 20.36 17.98 -26.82
C LEU E 531 19.74 17.39 -28.10
N THR E 532 18.48 17.68 -28.34
CA THR E 532 17.78 17.22 -29.54
C THR E 532 17.41 18.49 -30.30
N ILE E 533 17.63 18.48 -31.61
CA ILE E 533 17.35 19.63 -32.46
C ILE E 533 15.88 20.03 -32.40
N GLY E 534 15.64 21.35 -32.43
CA GLY E 534 14.28 21.87 -32.41
C GLY E 534 13.64 21.97 -31.05
N HIS E 535 12.42 22.45 -31.04
CA HIS E 535 11.67 22.56 -29.80
C HIS E 535 10.67 21.41 -29.82
N VAL E 536 11.12 20.26 -29.31
CA VAL E 536 10.35 19.03 -29.28
C VAL E 536 9.88 18.61 -27.89
N GLY E 537 9.76 19.55 -26.97
CA GLY E 537 9.31 19.22 -25.63
C GLY E 537 7.93 18.58 -25.64
N ALA E 538 7.04 19.09 -26.48
CA ALA E 538 5.68 18.55 -26.57
C ALA E 538 5.66 17.06 -26.93
N ASP E 539 6.56 16.65 -27.83
CA ASP E 539 6.70 15.24 -28.24
C ASP E 539 7.21 14.38 -27.07
N PHE E 540 8.19 14.89 -26.33
CA PHE E 540 8.74 14.20 -25.16
C PHE E 540 7.67 14.02 -24.10
N ILE E 541 6.84 15.04 -23.90
CA ILE E 541 5.76 14.99 -22.91
C ILE E 541 4.73 13.93 -23.28
N THR E 542 4.42 13.82 -24.58
CA THR E 542 3.45 12.83 -25.03
C THR E 542 4.01 11.42 -24.88
N LEU E 543 5.26 11.26 -25.27
CA LEU E 543 5.95 9.98 -25.16
C LEU E 543 6.03 9.55 -23.70
N ALA E 544 6.33 10.48 -22.81
CA ALA E 544 6.46 10.15 -21.39
C ALA E 544 5.16 9.69 -20.80
N SER E 545 4.05 10.32 -21.20
CA SER E 545 2.76 9.91 -20.69
C SER E 545 2.44 8.47 -21.15
N MET E 546 2.87 8.07 -22.36
CA MET E 546 2.61 6.71 -22.85
C MET E 546 3.42 5.69 -22.04
N LEU E 547 4.55 6.13 -21.51
CA LEU E 547 5.44 5.27 -20.72
C LEU E 547 5.23 5.44 -19.22
N ARG E 548 4.35 6.36 -18.85
CA ARG E 548 4.05 6.67 -17.45
C ARG E 548 5.26 7.16 -16.65
N ILE E 549 6.05 8.03 -17.26
CA ILE E 549 7.21 8.60 -16.61
C ILE E 549 6.82 10.06 -16.33
N PRO E 550 6.73 10.46 -15.04
CA PRO E 550 6.36 11.84 -14.69
C PRO E 550 7.38 12.84 -15.20
N VAL E 551 6.91 13.99 -15.64
CA VAL E 551 7.80 15.06 -16.11
C VAL E 551 7.94 15.99 -14.91
N CYS E 552 9.07 15.92 -14.23
CA CYS E 552 9.28 16.73 -13.00
C CYS E 552 9.64 18.18 -13.27
N MET E 553 10.05 18.48 -14.50
CA MET E 553 10.45 19.82 -14.86
C MET E 553 10.36 20.04 -16.38
N HIS E 554 9.75 21.13 -16.81
CA HIS E 554 9.67 21.49 -18.24
C HIS E 554 9.21 22.96 -18.39
N ASN E 555 9.46 23.54 -19.58
CA ASN E 555 9.06 24.91 -19.87
C ASN E 555 8.18 24.97 -21.12
N VAL E 556 7.42 23.91 -21.35
CA VAL E 556 6.54 23.83 -22.51
C VAL E 556 5.20 24.47 -22.18
N GLU E 557 4.62 25.16 -23.17
CA GLU E 557 3.33 25.82 -22.99
C GLU E 557 2.24 24.81 -22.65
N GLU E 558 1.45 25.14 -21.64
CA GLU E 558 0.36 24.29 -21.17
C GLU E 558 -0.60 23.83 -22.28
N THR E 559 -0.83 24.68 -23.27
CA THR E 559 -1.73 24.34 -24.35
C THR E 559 -1.14 23.27 -25.26
N LYS E 560 0.17 23.08 -25.19
CA LYS E 560 0.80 22.07 -26.03
C LYS E 560 0.92 20.70 -25.38
N VAL E 561 0.54 20.55 -24.10
CA VAL E 561 0.66 19.22 -23.50
C VAL E 561 -0.52 18.35 -23.93
N TYR E 562 -0.17 17.22 -24.54
CA TYR E 562 -1.12 16.26 -25.09
C TYR E 562 -0.86 14.88 -24.47
N ARG E 563 -1.83 14.39 -23.68
CA ARG E 563 -1.69 13.11 -23.00
C ARG E 563 -3.01 12.30 -23.09
N PRO E 564 -3.03 11.04 -22.61
CA PRO E 564 -4.28 10.28 -22.69
C PRO E 564 -5.35 11.07 -21.95
N SER E 565 -6.59 10.96 -22.40
CA SER E 565 -7.66 11.71 -21.75
C SER E 565 -7.83 11.44 -20.25
N ALA E 566 -7.45 10.25 -19.80
CA ALA E 566 -7.57 9.88 -18.39
C ALA E 566 -6.75 10.77 -17.44
N TRP E 567 -5.72 11.43 -17.97
CA TRP E 567 -4.92 12.29 -17.13
C TRP E 567 -5.75 13.41 -16.54
N ALA E 568 -6.69 13.93 -17.33
CA ALA E 568 -7.55 15.02 -16.88
C ALA E 568 -8.43 14.66 -15.67
N ALA E 569 -8.83 13.40 -15.55
CA ALA E 569 -9.66 12.98 -14.41
C ALA E 569 -8.86 13.06 -13.12
N HIS E 570 -7.52 13.10 -13.26
CA HIS E 570 -6.62 13.17 -12.12
C HIS E 570 -6.30 14.61 -11.73
N GLY E 571 -7.00 15.55 -12.37
CA GLY E 571 -6.82 16.95 -12.06
C GLY E 571 -6.60 17.92 -13.21
N MET E 572 -6.91 19.20 -12.95
CA MET E 572 -6.70 20.27 -13.93
C MET E 572 -5.23 20.70 -13.95
N ASP E 573 -4.54 20.50 -12.84
CA ASP E 573 -3.13 20.88 -12.75
C ASP E 573 -2.28 19.96 -13.63
N ILE E 574 -1.51 20.56 -14.53
CA ILE E 574 -0.66 19.84 -15.45
C ILE E 574 0.37 18.97 -14.73
N GLU E 575 0.86 19.38 -13.57
CA GLU E 575 1.82 18.54 -12.86
C GLU E 575 1.12 17.50 -11.95
N GLY E 576 0.15 17.95 -11.18
CA GLY E 576 -0.54 17.06 -10.27
C GLY E 576 -1.23 15.89 -10.96
N GLN E 577 -1.87 16.18 -12.08
CA GLN E 577 -2.56 15.13 -12.83
C GLN E 577 -1.55 14.07 -13.27
N ASP E 578 -0.34 14.51 -13.63
CA ASP E 578 0.72 13.62 -14.11
C ASP E 578 1.28 12.69 -13.04
N TYR E 579 1.66 13.23 -11.88
CA TYR E 579 2.17 12.37 -10.81
C TYR E 579 1.09 11.42 -10.32
N ARG E 580 -0.16 11.90 -10.23
CA ARG E 580 -1.24 11.04 -9.77
C ARG E 580 -1.55 9.90 -10.76
N ALA E 581 -1.61 10.25 -12.04
CA ALA E 581 -1.89 9.28 -13.10
C ALA E 581 -0.77 8.25 -13.23
N CYS E 582 0.48 8.70 -13.28
CA CYS E 582 1.60 7.78 -13.40
C CYS E 582 1.67 6.81 -12.22
N GLN E 583 1.32 7.27 -11.03
CA GLN E 583 1.35 6.39 -9.88
C GLN E 583 0.22 5.41 -9.98
N ASN E 584 -0.87 5.82 -10.59
CA ASN E 584 -2.04 4.96 -10.74
C ASN E 584 -1.76 3.82 -11.70
N TYR E 585 -1.47 4.16 -12.95
CA TYR E 585 -1.23 3.18 -14.00
C TYR E 585 0.08 2.37 -13.93
N GLY E 586 1.18 3.00 -13.48
CA GLY E 586 2.45 2.32 -13.34
C GLY E 586 3.17 2.03 -14.64
N PRO E 587 4.30 1.30 -14.58
CA PRO E 587 5.06 0.97 -15.79
C PRO E 587 4.19 0.13 -16.71
N LEU E 588 4.41 0.32 -18.00
CA LEU E 588 3.66 -0.33 -19.06
C LEU E 588 3.72 -1.87 -19.12
N TYR E 589 4.92 -2.45 -18.95
CA TYR E 589 5.07 -3.92 -19.05
C TYR E 589 4.96 -4.78 -17.78
N LYS E 590 5.29 -4.26 -16.60
CA LYS E 590 5.17 -5.07 -15.38
C LYS E 590 5.33 -4.36 -14.05
N ARG E 591 4.69 -4.90 -13.02
CA ARG E 591 4.72 -4.39 -11.65
C ARG E 591 4.16 -2.97 -11.57
N MET F 1 -44.45 4.17 4.62
CA MET F 1 -45.61 4.44 3.71
C MET F 1 -45.58 5.94 3.52
N LYS F 2 -44.64 6.41 2.71
CA LYS F 2 -44.45 7.85 2.48
C LYS F 2 -43.97 8.45 3.79
N LYS F 3 -43.25 9.56 3.74
CA LYS F 3 -42.70 10.19 4.94
C LYS F 3 -41.91 9.15 5.72
N ILE F 4 -41.31 8.20 5.00
CA ILE F 4 -40.54 7.12 5.59
C ILE F 4 -39.33 7.64 6.37
N SER F 5 -39.62 8.12 7.59
CA SER F 5 -38.62 8.69 8.49
C SER F 5 -37.51 9.46 7.82
N LEU F 6 -37.77 10.75 7.65
CA LEU F 6 -36.81 11.67 7.04
C LEU F 6 -35.70 11.92 8.06
N PRO F 7 -34.46 12.13 7.57
CA PRO F 7 -33.38 12.37 8.52
C PRO F 7 -33.58 13.71 9.24
N LYS F 8 -33.11 13.79 10.47
CA LYS F 8 -33.22 15.00 11.27
C LYS F 8 -31.85 15.62 11.53
N ILE F 9 -31.84 16.89 11.89
CA ILE F 9 -30.60 17.58 12.20
C ILE F 9 -30.44 17.65 13.71
N GLY F 10 -29.32 17.15 14.23
CA GLY F 10 -29.08 17.17 15.66
C GLY F 10 -28.27 18.40 16.02
N ILE F 11 -28.68 19.10 17.08
CA ILE F 11 -27.98 20.29 17.51
C ILE F 11 -27.40 20.01 18.91
N ARG F 12 -26.08 20.17 19.05
CA ARG F 12 -25.41 19.89 20.30
C ARG F 12 -24.83 21.12 20.97
N PRO F 13 -25.51 21.64 22.01
CA PRO F 13 -25.00 22.84 22.71
C PRO F 13 -23.90 22.39 23.69
N VAL F 14 -22.68 22.87 23.46
CA VAL F 14 -21.52 22.51 24.26
C VAL F 14 -21.14 23.65 25.20
N ILE F 15 -20.69 23.28 26.40
CA ILE F 15 -20.38 24.28 27.42
C ILE F 15 -19.23 23.93 28.39
N ASP F 16 -18.60 24.96 28.98
CA ASP F 16 -17.53 24.78 29.96
C ASP F 16 -18.18 24.00 31.12
N GLY F 17 -17.54 22.93 31.57
CA GLY F 17 -18.11 22.11 32.63
C GLY F 17 -18.04 22.61 34.07
N ARG F 18 -17.20 23.60 34.35
CA ARG F 18 -17.04 24.08 35.72
C ARG F 18 -18.13 24.99 36.31
N ARG F 19 -18.48 24.71 37.57
CA ARG F 19 -19.49 25.47 38.33
C ARG F 19 -18.88 26.69 39.06
N MET F 20 -19.29 26.94 40.30
CA MET F 20 -18.79 28.07 41.07
C MET F 20 -19.16 29.43 40.45
N GLY F 21 -19.89 29.40 39.33
CA GLY F 21 -20.30 30.62 38.67
C GLY F 21 -20.23 30.53 37.16
N VAL F 22 -19.15 29.94 36.66
CA VAL F 22 -18.93 29.81 35.21
C VAL F 22 -20.03 29.16 34.37
N ARG F 23 -20.26 27.87 34.54
CA ARG F 23 -21.29 27.17 33.76
C ARG F 23 -22.70 27.78 33.85
N GLU F 24 -23.19 28.02 35.07
CA GLU F 24 -24.53 28.59 35.29
C GLU F 24 -24.83 29.93 34.58
N SER F 25 -23.79 30.75 34.37
CA SER F 25 -23.98 32.04 33.69
C SER F 25 -23.97 31.93 32.14
N LEU F 26 -23.52 30.79 31.64
CA LEU F 26 -23.44 30.52 30.20
C LEU F 26 -24.59 29.64 29.66
N GLU F 27 -25.26 28.90 30.56
CA GLU F 27 -26.36 28.00 30.20
C GLU F 27 -27.43 28.57 29.27
N GLU F 28 -28.00 29.72 29.66
CA GLU F 28 -29.04 30.33 28.86
C GLU F 28 -28.56 30.74 27.48
N GLN F 29 -27.42 31.44 27.40
CA GLN F 29 -26.91 31.88 26.10
C GLN F 29 -26.61 30.74 25.13
N THR F 30 -26.03 29.66 25.67
CA THR F 30 -25.68 28.50 24.88
C THR F 30 -26.93 27.82 24.32
N MET F 31 -27.95 27.59 25.16
CA MET F 31 -29.19 26.97 24.69
C MET F 31 -29.91 27.90 23.69
N ASN F 32 -29.78 29.21 23.86
CA ASN F 32 -30.40 30.15 22.93
C ASN F 32 -29.76 30.04 21.56
N MET F 33 -28.44 29.87 21.56
CA MET F 33 -27.67 29.70 20.34
C MET F 33 -28.20 28.45 19.62
N ALA F 34 -28.43 27.38 20.38
CA ALA F 34 -28.94 26.15 19.85
C ALA F 34 -30.34 26.37 19.24
N LYS F 35 -31.22 27.03 19.98
CA LYS F 35 -32.59 27.31 19.56
C LYS F 35 -32.64 28.20 18.34
N ALA F 36 -31.75 29.17 18.31
CA ALA F 36 -31.70 30.08 17.18
C ALA F 36 -31.27 29.32 15.94
N THR F 37 -30.36 28.37 16.10
CA THR F 37 -29.86 27.58 14.98
C THR F 37 -30.97 26.67 14.43
N ALA F 38 -31.73 26.07 15.33
CA ALA F 38 -32.82 25.20 14.96
C ALA F 38 -33.90 25.98 14.20
N ALA F 39 -34.19 27.18 14.71
CA ALA F 39 -35.20 28.04 14.11
C ALA F 39 -34.85 28.43 12.67
N LEU F 40 -33.61 28.84 12.46
CA LEU F 40 -33.13 29.23 11.14
C LEU F 40 -33.22 28.07 10.16
N LEU F 41 -32.80 26.89 10.58
CA LEU F 41 -32.83 25.73 9.70
C LEU F 41 -34.24 25.25 9.32
N THR F 42 -35.14 25.12 10.29
CA THR F 42 -36.49 24.65 9.99
C THR F 42 -37.25 25.68 9.13
N GLU F 43 -36.84 26.93 9.25
CA GLU F 43 -37.48 27.99 8.49
C GLU F 43 -36.97 28.08 7.05
N LYS F 44 -35.66 28.11 6.86
CA LYS F 44 -35.06 28.24 5.52
C LYS F 44 -34.83 26.93 4.73
N LEU F 45 -34.99 25.76 5.33
CA LEU F 45 -34.76 24.51 4.60
C LEU F 45 -35.98 23.62 4.49
N ARG F 46 -36.01 22.82 3.42
CA ARG F 46 -37.08 21.86 3.17
C ARG F 46 -36.39 20.63 2.57
N HIS F 47 -36.93 19.44 2.84
CA HIS F 47 -36.38 18.22 2.25
C HIS F 47 -36.74 18.32 0.78
N ALA F 48 -36.03 17.60 -0.09
CA ALA F 48 -36.33 17.66 -1.52
C ALA F 48 -37.78 17.20 -1.83
N CYS F 49 -38.35 16.40 -0.93
CA CYS F 49 -39.71 15.92 -1.10
C CYS F 49 -40.76 16.96 -0.69
N GLY F 50 -40.31 18.12 -0.20
CA GLY F 50 -41.23 19.16 0.22
C GLY F 50 -41.42 19.30 1.72
N ALA F 51 -41.27 18.23 2.47
CA ALA F 51 -41.44 18.30 3.92
C ALA F 51 -40.51 19.31 4.64
N ALA F 52 -40.94 19.77 5.81
CA ALA F 52 -40.15 20.72 6.60
C ALA F 52 -39.04 19.93 7.31
N VAL F 53 -37.92 20.58 7.58
CA VAL F 53 -36.80 19.93 8.26
C VAL F 53 -36.94 20.02 9.78
N GLU F 54 -36.79 18.90 10.48
CA GLU F 54 -36.88 18.89 11.95
C GLU F 54 -35.50 18.83 12.62
N CYS F 55 -35.35 19.58 13.70
CA CYS F 55 -34.11 19.61 14.46
C CYS F 55 -34.33 18.97 15.80
N VAL F 56 -33.31 18.30 16.33
CA VAL F 56 -33.39 17.67 17.64
C VAL F 56 -32.27 18.28 18.45
N ILE F 57 -32.60 18.82 19.61
CA ILE F 57 -31.61 19.46 20.48
C ILE F 57 -31.35 18.54 21.69
N SER F 58 -30.11 18.55 22.16
CA SER F 58 -29.72 17.76 23.31
C SER F 58 -30.59 18.17 24.51
N ASP F 59 -30.93 17.24 25.40
CA ASP F 59 -31.74 17.57 26.58
C ASP F 59 -31.04 18.56 27.51
N THR F 60 -29.71 18.52 27.53
CA THR F 60 -28.93 19.43 28.36
C THR F 60 -27.72 19.91 27.56
N CYS F 61 -27.01 20.87 28.12
CA CYS F 61 -25.81 21.36 27.49
C CYS F 61 -24.79 20.24 27.75
N ILE F 62 -23.85 20.07 26.82
CA ILE F 62 -22.84 19.02 26.91
C ILE F 62 -21.51 19.61 27.36
N ALA F 63 -21.01 19.13 28.52
CA ALA F 63 -19.75 19.60 29.08
C ALA F 63 -18.72 18.50 29.27
N GLY F 64 -19.16 17.25 29.09
CA GLY F 64 -18.26 16.13 29.24
C GLY F 64 -18.81 14.89 28.57
N MET F 65 -18.18 13.75 28.84
CA MET F 65 -18.58 12.47 28.26
C MET F 65 -19.92 11.92 28.66
N ALA F 66 -20.29 12.08 29.93
CA ALA F 66 -21.58 11.59 30.41
C ALA F 66 -22.71 12.28 29.64
N GLU F 67 -22.62 13.61 29.52
CA GLU F 67 -23.65 14.34 28.79
C GLU F 67 -23.60 14.08 27.29
N ALA F 68 -22.40 13.95 26.75
CA ALA F 68 -22.23 13.67 25.33
C ALA F 68 -22.87 12.32 25.00
N ALA F 69 -22.72 11.35 25.92
CA ALA F 69 -23.27 10.01 25.73
C ALA F 69 -24.81 10.03 25.78
N ALA F 70 -25.36 10.85 26.67
CA ALA F 70 -26.81 10.98 26.81
C ALA F 70 -27.39 11.52 25.50
N CYS F 71 -26.74 12.56 24.99
CA CYS F 71 -27.15 13.20 23.76
C CYS F 71 -27.18 12.18 22.64
N GLU F 72 -26.11 11.40 22.55
CA GLU F 72 -25.97 10.37 21.51
C GLU F 72 -27.11 9.36 21.57
N GLU F 73 -27.47 8.96 22.77
CA GLU F 73 -28.55 8.01 22.95
C GLU F 73 -29.82 8.61 22.34
N LYS F 74 -30.11 9.86 22.69
CA LYS F 74 -31.28 10.57 22.18
C LYS F 74 -31.29 10.70 20.65
N PHE F 75 -30.16 11.08 20.09
CA PHE F 75 -30.06 11.26 18.65
C PHE F 75 -30.26 9.97 17.85
N SER F 76 -29.59 8.90 18.26
CA SER F 76 -29.66 7.62 17.55
C SER F 76 -31.07 7.07 17.40
N SER F 77 -31.96 7.37 18.34
CA SER F 77 -33.33 6.87 18.25
C SER F 77 -34.27 7.82 17.49
N GLN F 78 -33.76 9.01 17.17
CA GLN F 78 -34.50 10.07 16.46
C GLN F 78 -34.09 10.21 15.00
N ASN F 79 -33.26 9.30 14.54
CA ASN F 79 -32.80 9.33 13.16
C ASN F 79 -32.10 10.61 12.74
N VAL F 80 -31.16 11.11 13.55
CA VAL F 80 -30.45 12.32 13.13
C VAL F 80 -29.34 11.92 12.14
N GLY F 81 -29.27 12.61 10.99
CA GLY F 81 -28.30 12.29 9.98
C GLY F 81 -27.10 13.20 9.89
N LEU F 82 -27.13 14.30 10.64
CA LEU F 82 -26.04 15.25 10.66
C LEU F 82 -26.14 16.05 11.95
N THR F 83 -24.99 16.52 12.44
CA THR F 83 -24.96 17.31 13.66
C THR F 83 -24.26 18.66 13.52
N ILE F 84 -24.74 19.64 14.30
CA ILE F 84 -24.16 20.97 14.35
C ILE F 84 -23.96 21.21 15.85
N THR F 85 -22.71 21.42 16.23
CA THR F 85 -22.33 21.67 17.61
C THR F 85 -22.13 23.19 17.72
N VAL F 86 -22.77 23.81 18.70
CA VAL F 86 -22.67 25.25 18.89
C VAL F 86 -22.18 25.63 20.30
N THR F 87 -21.44 26.73 20.40
CA THR F 87 -20.94 27.18 21.70
C THR F 87 -20.42 28.60 21.65
N PRO F 88 -20.61 29.34 22.76
CA PRO F 88 -20.15 30.73 22.89
C PRO F 88 -18.94 30.82 23.85
N CYS F 89 -18.42 29.68 24.31
CA CYS F 89 -17.31 29.71 25.25
C CYS F 89 -16.28 28.61 25.03
N TRP F 90 -15.37 28.48 25.98
CA TRP F 90 -14.36 27.44 25.93
C TRP F 90 -14.96 26.15 26.50
N CYS F 91 -14.67 25.02 25.87
CA CYS F 91 -15.19 23.73 26.30
C CYS F 91 -14.06 22.71 26.15
N TYR F 92 -14.26 21.52 26.71
CA TYR F 92 -13.23 20.49 26.69
C TYR F 92 -13.17 19.62 25.44
N GLY F 93 -12.49 20.14 24.41
CA GLY F 93 -12.31 19.50 23.12
C GLY F 93 -12.78 18.08 22.87
N SER F 94 -11.86 17.13 23.00
CA SER F 94 -12.16 15.72 22.75
C SER F 94 -13.24 15.06 23.62
N GLU F 95 -13.55 15.64 24.78
CA GLU F 95 -14.58 15.08 25.65
C GLU F 95 -15.99 15.50 25.17
N THR F 96 -16.06 16.49 24.27
CA THR F 96 -17.34 17.00 23.82
C THR F 96 -17.69 16.84 22.34
N ILE F 97 -16.70 16.53 21.51
CA ILE F 97 -16.96 16.37 20.08
C ILE F 97 -17.77 15.15 19.71
N ASP F 98 -18.47 15.26 18.59
CA ASP F 98 -19.27 14.17 18.04
C ASP F 98 -18.29 13.16 17.42
N MET F 99 -18.23 11.97 17.99
CA MET F 99 -17.30 10.92 17.53
C MET F 99 -17.77 10.03 16.39
N ASP F 100 -19.04 10.14 16.00
CA ASP F 100 -19.58 9.31 14.92
C ASP F 100 -18.76 9.50 13.64
N PRO F 101 -18.19 8.42 13.10
CA PRO F 101 -17.38 8.56 11.89
C PRO F 101 -18.05 8.80 10.55
N THR F 102 -19.34 8.55 10.41
CA THR F 102 -19.98 8.73 9.11
C THR F 102 -20.86 9.94 8.87
N ARG F 103 -21.60 10.38 9.87
CA ARG F 103 -22.49 11.51 9.67
C ARG F 103 -21.74 12.84 9.52
N PRO F 104 -22.21 13.72 8.62
CA PRO F 104 -21.59 15.04 8.38
C PRO F 104 -21.68 15.85 9.71
N LYS F 105 -20.64 16.60 10.05
CA LYS F 105 -20.64 17.36 11.31
C LYS F 105 -20.07 18.75 11.11
N ALA F 106 -20.63 19.73 11.83
CA ALA F 106 -20.13 21.10 11.76
C ALA F 106 -20.06 21.64 13.17
N ILE F 107 -19.21 22.64 13.35
CA ILE F 107 -19.07 23.27 14.65
C ILE F 107 -19.16 24.77 14.44
N TRP F 108 -20.06 25.42 15.16
CA TRP F 108 -20.20 26.86 15.07
C TRP F 108 -19.75 27.47 16.40
N GLY F 109 -18.68 28.26 16.34
CA GLY F 109 -18.17 28.89 17.54
C GLY F 109 -18.52 30.37 17.44
N PHE F 110 -19.24 30.88 18.43
CA PHE F 110 -19.60 32.30 18.48
C PHE F 110 -18.33 33.20 18.43
N ASN F 111 -18.32 34.19 17.56
CA ASN F 111 -17.14 35.06 17.49
C ASN F 111 -17.27 36.25 18.46
N GLY F 112 -17.02 36.02 19.75
CA GLY F 112 -17.09 37.08 20.76
C GLY F 112 -15.80 37.11 21.58
N THR F 113 -15.62 38.13 22.42
CA THR F 113 -14.40 38.24 23.27
C THR F 113 -14.58 37.68 24.67
N GLU F 114 -15.67 38.08 25.33
CA GLU F 114 -15.99 37.58 26.67
C GLU F 114 -16.42 36.15 26.40
N ARG F 115 -16.94 35.96 25.17
CA ARG F 115 -17.42 34.68 24.68
C ARG F 115 -16.44 34.09 23.65
N PRO F 116 -15.34 33.44 24.12
CA PRO F 116 -14.30 32.82 23.27
C PRO F 116 -14.70 31.47 22.63
N GLY F 117 -15.83 31.46 21.92
CA GLY F 117 -16.31 30.26 21.27
C GLY F 117 -15.38 29.83 20.14
N ALA F 118 -14.71 30.80 19.53
CA ALA F 118 -13.78 30.56 18.42
C ALA F 118 -12.57 29.77 18.88
N VAL F 119 -12.26 29.89 20.16
CA VAL F 119 -11.12 29.18 20.74
C VAL F 119 -11.44 27.67 20.83
N TYR F 120 -12.66 27.36 21.26
CA TYR F 120 -13.09 25.96 21.30
C TYR F 120 -13.15 25.40 19.87
N LEU F 121 -13.69 26.17 18.94
CA LEU F 121 -13.80 25.79 17.53
C LEU F 121 -12.50 25.16 17.06
N ALA F 122 -11.44 25.96 17.08
CA ALA F 122 -10.12 25.54 16.64
C ALA F 122 -9.63 24.32 17.39
N ALA F 123 -9.88 24.26 18.69
CA ALA F 123 -9.45 23.13 19.48
C ALA F 123 -10.22 21.86 19.10
N ALA F 124 -11.54 21.97 18.99
CA ALA F 124 -12.41 20.84 18.63
C ALA F 124 -12.05 20.33 17.24
N LEU F 125 -11.84 21.25 16.31
CA LEU F 125 -11.48 20.87 14.94
C LEU F 125 -10.15 20.13 14.95
N ALA F 126 -9.20 20.61 15.75
CA ALA F 126 -7.88 19.95 15.85
C ALA F 126 -8.04 18.49 16.30
N ALA F 127 -8.89 18.27 17.29
CA ALA F 127 -9.17 16.95 17.82
C ALA F 127 -9.81 16.09 16.72
N HIS F 128 -10.71 16.70 15.93
CA HIS F 128 -11.39 16.00 14.85
C HIS F 128 -10.37 15.48 13.86
N SER F 129 -9.49 16.37 13.39
CA SER F 129 -8.46 16.00 12.44
C SER F 129 -7.43 15.04 13.01
N GLN F 130 -7.21 15.09 14.30
CA GLN F 130 -6.24 14.20 14.90
C GLN F 130 -6.82 12.80 15.00
N LYS F 131 -8.12 12.72 15.22
CA LYS F 131 -8.82 11.45 15.35
C LYS F 131 -9.44 10.91 14.04
N GLY F 132 -9.11 11.53 12.91
CA GLY F 132 -9.62 11.08 11.61
C GLY F 132 -11.10 11.18 11.31
N ILE F 133 -11.80 12.12 11.98
CA ILE F 133 -13.23 12.33 11.74
C ILE F 133 -13.41 13.82 11.43
N PRO F 134 -13.15 14.20 10.16
CA PRO F 134 -13.26 15.60 9.67
C PRO F 134 -14.60 16.26 9.99
N ALA F 135 -14.54 17.56 10.31
CA ALA F 135 -15.74 18.35 10.61
C ALA F 135 -15.61 19.70 9.93
N PHE F 136 -16.74 20.36 9.70
CA PHE F 136 -16.76 21.67 9.06
C PHE F 136 -16.68 22.74 10.12
N SER F 137 -16.09 23.87 9.75
CA SER F 137 -15.93 25.00 10.63
C SER F 137 -16.85 26.15 10.22
N ILE F 138 -17.53 26.72 11.20
CA ILE F 138 -18.40 27.87 10.96
C ILE F 138 -17.92 28.98 11.90
N TYR F 139 -17.20 29.95 11.34
CA TYR F 139 -16.66 31.06 12.12
C TYR F 139 -16.99 32.38 11.45
N GLY F 140 -17.68 33.25 12.19
CA GLY F 140 -18.07 34.55 11.65
C GLY F 140 -16.92 35.53 11.50
N HIS F 141 -17.01 36.41 10.50
CA HIS F 141 -15.96 37.39 10.23
C HIS F 141 -15.82 38.50 11.28
N ASP F 142 -16.94 39.08 11.69
CA ASP F 142 -16.92 40.20 12.64
C ASP F 142 -17.33 39.84 14.05
N VAL F 143 -16.64 40.45 15.01
CA VAL F 143 -16.90 40.21 16.43
C VAL F 143 -18.30 40.69 16.83
N GLN F 144 -18.98 39.88 17.65
CA GLN F 144 -20.31 40.19 18.11
C GLN F 144 -20.28 40.39 19.63
N ASP F 145 -21.24 41.18 20.13
CA ASP F 145 -21.32 41.43 21.56
C ASP F 145 -21.94 40.20 22.23
N ALA F 146 -21.61 39.98 23.50
CA ALA F 146 -22.14 38.84 24.25
C ALA F 146 -23.67 38.74 24.28
N ASP F 147 -24.34 39.89 24.19
CA ASP F 147 -25.81 39.92 24.24
C ASP F 147 -26.48 39.85 22.88
N ASP F 148 -25.70 39.91 21.80
CA ASP F 148 -26.23 39.86 20.43
C ASP F 148 -26.70 38.43 20.13
N THR F 149 -27.97 38.30 19.71
CA THR F 149 -28.52 36.98 19.40
C THR F 149 -28.80 36.72 17.94
N SER F 150 -28.54 37.69 17.08
CA SER F 150 -28.78 37.48 15.66
C SER F 150 -27.64 36.64 15.07
N ILE F 151 -27.92 36.03 13.91
CA ILE F 151 -26.96 35.20 13.18
C ILE F 151 -26.51 35.99 11.93
N PRO F 152 -25.24 36.36 11.86
CA PRO F 152 -24.73 37.11 10.71
C PRO F 152 -24.96 36.38 9.38
N ALA F 153 -25.00 37.17 8.30
CA ALA F 153 -25.22 36.65 6.95
C ALA F 153 -24.21 35.58 6.52
N ASP F 154 -22.93 35.82 6.79
CA ASP F 154 -21.87 34.90 6.43
C ASP F 154 -21.99 33.58 7.18
N VAL F 155 -22.45 33.65 8.43
CA VAL F 155 -22.62 32.45 9.25
C VAL F 155 -23.86 31.71 8.74
N GLU F 156 -24.88 32.47 8.34
CA GLU F 156 -26.11 31.85 7.84
C GLU F 156 -25.83 31.03 6.59
N GLU F 157 -25.07 31.63 5.67
CA GLU F 157 -24.73 31.00 4.42
C GLU F 157 -24.03 29.67 4.68
N LYS F 158 -23.02 29.66 5.54
CA LYS F 158 -22.34 28.41 5.83
C LYS F 158 -23.24 27.36 6.50
N LEU F 159 -24.10 27.79 7.44
CA LEU F 159 -25.00 26.86 8.11
C LEU F 159 -25.93 26.21 7.09
N LEU F 160 -26.45 27.02 6.17
CA LEU F 160 -27.36 26.49 5.18
C LEU F 160 -26.64 25.59 4.19
N ARG F 161 -25.49 26.01 3.69
CA ARG F 161 -24.74 25.16 2.75
C ARG F 161 -24.36 23.80 3.36
N PHE F 162 -23.94 23.80 4.62
CA PHE F 162 -23.59 22.56 5.30
C PHE F 162 -24.81 21.66 5.45
N ALA F 163 -25.91 22.25 5.89
CA ALA F 163 -27.14 21.51 6.13
C ALA F 163 -27.75 20.93 4.85
N ARG F 164 -27.75 21.74 3.81
CA ARG F 164 -28.30 21.34 2.53
C ARG F 164 -27.51 20.11 2.01
N ALA F 165 -26.18 20.21 1.97
CA ALA F 165 -25.36 19.07 1.53
C ALA F 165 -25.47 17.87 2.47
N GLY F 166 -25.47 18.14 3.77
CA GLY F 166 -25.57 17.06 4.75
C GLY F 166 -26.88 16.30 4.68
N LEU F 167 -27.95 17.00 4.33
CA LEU F 167 -29.26 16.35 4.21
C LEU F 167 -29.24 15.45 2.99
N ALA F 168 -28.63 15.94 1.91
CA ALA F 168 -28.52 15.17 0.67
C ALA F 168 -27.84 13.83 0.97
N VAL F 169 -26.75 13.86 1.74
CA VAL F 169 -26.03 12.65 2.13
C VAL F 169 -26.93 11.70 2.94
N ALA F 170 -27.56 12.23 3.99
CA ALA F 170 -28.43 11.45 4.86
C ALA F 170 -29.66 10.87 4.14
N SER F 171 -30.14 11.55 3.11
CA SER F 171 -31.31 11.11 2.35
C SER F 171 -31.05 9.93 1.43
N MET F 172 -29.85 9.84 0.86
CA MET F 172 -29.51 8.75 -0.04
C MET F 172 -29.24 7.46 0.73
N LYS F 173 -28.68 7.62 1.93
CA LYS F 173 -28.32 6.50 2.76
C LYS F 173 -29.45 5.53 2.91
N GLY F 174 -29.23 4.28 2.51
CA GLY F 174 -30.25 3.25 2.65
C GLY F 174 -31.19 3.04 1.47
N LYS F 175 -31.26 3.99 0.54
CA LYS F 175 -32.16 3.85 -0.61
C LYS F 175 -31.55 3.03 -1.75
N SER F 176 -32.40 2.66 -2.70
CA SER F 176 -32.02 1.89 -3.86
C SER F 176 -31.91 2.67 -5.17
N TYR F 177 -31.10 2.13 -6.07
CA TYR F 177 -31.00 2.66 -7.42
C TYR F 177 -31.62 1.49 -8.22
N LEU F 178 -32.65 1.79 -9.00
CA LEU F 178 -33.31 0.77 -9.80
C LEU F 178 -32.75 0.73 -11.21
N SER F 179 -32.07 -0.37 -11.51
CA SER F 179 -31.48 -0.60 -12.83
C SER F 179 -32.48 -1.41 -13.65
N LEU F 180 -33.29 -0.73 -14.46
CA LEU F 180 -34.29 -1.38 -15.34
C LEU F 180 -33.57 -1.65 -16.67
N GLY F 181 -33.05 -2.85 -16.78
CA GLY F 181 -32.27 -3.23 -17.94
C GLY F 181 -30.81 -3.31 -17.51
N GLY F 182 -29.91 -3.44 -18.47
CA GLY F 182 -28.49 -3.52 -18.15
C GLY F 182 -27.71 -2.46 -18.88
N VAL F 183 -26.70 -2.90 -19.62
CA VAL F 183 -25.85 -1.98 -20.37
C VAL F 183 -26.58 -1.53 -21.62
N SER F 184 -26.50 -0.24 -21.92
CA SER F 184 -27.10 0.28 -23.12
C SER F 184 -26.00 0.68 -24.11
N MET F 185 -25.93 -0.02 -25.24
CA MET F 185 -24.93 0.27 -26.29
C MET F 185 -23.50 0.52 -25.77
N GLY F 186 -23.01 -0.36 -24.90
CA GLY F 186 -21.67 -0.23 -24.38
C GLY F 186 -21.29 1.07 -23.65
N ILE F 187 -22.29 1.77 -23.11
CA ILE F 187 -22.06 3.02 -22.38
C ILE F 187 -21.54 2.67 -20.99
N ALA F 188 -20.31 3.12 -20.69
CA ALA F 188 -19.63 2.87 -19.41
C ALA F 188 -20.49 3.08 -18.19
N GLY F 189 -21.18 4.22 -18.14
CA GLY F 189 -22.06 4.51 -17.01
C GLY F 189 -23.21 3.53 -16.83
N SER F 190 -23.59 2.78 -17.88
CA SER F 190 -24.66 1.79 -17.77
C SER F 190 -24.17 0.43 -17.24
N ILE F 191 -22.85 0.28 -17.05
CA ILE F 191 -22.28 -0.92 -16.46
C ILE F 191 -22.28 -0.56 -14.96
N VAL F 192 -23.46 -0.69 -14.35
CA VAL F 192 -23.68 -0.34 -12.96
C VAL F 192 -22.68 -0.95 -11.99
N ASP F 193 -22.01 -0.09 -11.22
CA ASP F 193 -21.01 -0.49 -10.25
C ASP F 193 -21.68 -0.62 -8.89
N HIS F 194 -22.06 -1.84 -8.50
CA HIS F 194 -22.75 -2.00 -7.23
C HIS F 194 -21.93 -1.50 -6.06
N ASN F 195 -20.62 -1.72 -6.12
CA ASN F 195 -19.73 -1.31 -5.05
C ASN F 195 -19.67 0.21 -4.85
N PHE F 196 -19.74 0.96 -5.95
CA PHE F 196 -19.73 2.41 -5.86
C PHE F 196 -20.96 2.89 -5.08
N PHE F 197 -22.12 2.33 -5.39
CA PHE F 197 -23.33 2.74 -4.71
C PHE F 197 -23.33 2.42 -3.24
N GLU F 198 -22.88 1.21 -2.93
CA GLU F 198 -22.82 0.77 -1.54
C GLU F 198 -21.78 1.50 -0.69
N SER F 199 -20.55 1.59 -1.19
CA SER F 199 -19.46 2.21 -0.44
C SER F 199 -19.42 3.73 -0.33
N TRP F 200 -19.66 4.41 -1.44
CA TRP F 200 -19.63 5.86 -1.42
C TRP F 200 -20.95 6.51 -1.04
N LEU F 201 -22.06 6.00 -1.58
CA LEU F 201 -23.37 6.59 -1.32
C LEU F 201 -24.20 5.87 -0.26
N GLY F 202 -23.80 4.65 0.10
CA GLY F 202 -24.54 3.92 1.11
C GLY F 202 -25.90 3.44 0.60
N MET F 203 -26.00 3.26 -0.71
CA MET F 203 -27.24 2.81 -1.34
C MET F 203 -27.11 1.37 -1.79
N LYS F 204 -28.24 0.77 -2.17
CA LYS F 204 -28.29 -0.60 -2.68
C LYS F 204 -28.70 -0.52 -4.14
N VAL F 205 -28.36 -1.54 -4.93
CA VAL F 205 -28.76 -1.57 -6.34
C VAL F 205 -29.73 -2.74 -6.59
N GLN F 206 -30.86 -2.41 -7.22
CA GLN F 206 -31.84 -3.45 -7.55
C GLN F 206 -31.87 -3.56 -9.07
N ALA F 207 -31.48 -4.72 -9.56
CA ALA F 207 -31.45 -4.94 -11.00
C ALA F 207 -32.72 -5.67 -11.38
N VAL F 208 -33.32 -5.24 -12.47
CA VAL F 208 -34.54 -5.84 -12.97
C VAL F 208 -34.44 -5.87 -14.50
N ASP F 209 -34.62 -7.04 -15.08
CA ASP F 209 -34.57 -7.21 -16.54
C ASP F 209 -35.81 -6.50 -17.13
N MET F 210 -35.68 -5.91 -18.31
CA MET F 210 -36.79 -5.19 -18.93
C MET F 210 -38.02 -6.01 -19.26
N THR F 211 -37.89 -7.34 -19.32
CA THR F 211 -39.03 -8.19 -19.60
C THR F 211 -40.05 -8.01 -18.48
N GLU F 212 -39.61 -7.50 -17.33
CA GLU F 212 -40.52 -7.27 -16.21
C GLU F 212 -41.45 -6.08 -16.52
N LEU F 213 -40.97 -5.13 -17.32
CA LEU F 213 -41.82 -3.98 -17.70
C LEU F 213 -42.87 -4.51 -18.68
N ARG F 214 -42.43 -5.39 -19.58
CA ARG F 214 -43.31 -5.99 -20.55
C ARG F 214 -44.40 -6.76 -19.80
N ARG F 215 -44.03 -7.47 -18.74
CA ARG F 215 -44.99 -8.24 -17.98
C ARG F 215 -46.06 -7.38 -17.30
N ARG F 216 -45.66 -6.28 -16.66
CA ARG F 216 -46.63 -5.42 -15.98
C ARG F 216 -47.63 -4.88 -17.00
N ILE F 217 -47.15 -4.53 -18.20
CA ILE F 217 -47.99 -4.01 -19.27
C ILE F 217 -48.97 -5.07 -19.81
N ASP F 218 -48.41 -6.20 -20.22
CA ASP F 218 -49.19 -7.28 -20.79
C ASP F 218 -50.16 -7.92 -19.83
N GLN F 219 -49.79 -8.02 -18.57
CA GLN F 219 -50.68 -8.65 -17.60
C GLN F 219 -51.47 -7.73 -16.74
N LYS F 220 -51.59 -6.47 -17.20
CA LYS F 220 -52.36 -5.44 -16.50
C LYS F 220 -51.99 -5.20 -15.03
N ILE F 221 -50.70 -5.14 -14.73
CA ILE F 221 -50.26 -4.87 -13.37
C ILE F 221 -50.09 -3.36 -13.27
N TYR F 222 -51.22 -2.67 -13.27
CA TYR F 222 -51.26 -1.22 -13.16
C TYR F 222 -52.69 -0.80 -12.89
N ASP F 223 -52.85 0.48 -12.58
CA ASP F 223 -54.14 1.09 -12.27
C ASP F 223 -54.87 1.42 -13.58
N GLU F 224 -55.85 0.62 -13.96
CA GLU F 224 -56.57 0.87 -15.21
C GLU F 224 -57.25 2.23 -15.25
N ALA F 225 -57.88 2.59 -14.13
CA ALA F 225 -58.56 3.88 -14.01
C ALA F 225 -57.60 5.02 -14.32
N GLU F 226 -56.39 4.94 -13.76
CA GLU F 226 -55.38 5.97 -13.97
C GLU F 226 -54.95 6.06 -15.42
N LEU F 227 -54.92 4.94 -16.14
CA LEU F 227 -54.53 5.03 -17.54
C LEU F 227 -55.57 5.84 -18.30
N GLU F 228 -56.85 5.61 -17.99
CA GLU F 228 -57.95 6.34 -18.64
C GLU F 228 -57.72 7.84 -18.41
N MET F 229 -57.40 8.19 -17.17
CA MET F 229 -57.14 9.58 -16.79
C MET F 229 -55.88 10.16 -17.44
N ALA F 230 -54.85 9.35 -17.60
CA ALA F 230 -53.60 9.81 -18.21
C ALA F 230 -53.83 10.12 -19.68
N LEU F 231 -54.56 9.24 -20.36
CA LEU F 231 -54.88 9.44 -21.79
C LEU F 231 -55.70 10.72 -21.99
N ALA F 232 -56.74 10.89 -21.16
CA ALA F 232 -57.57 12.09 -21.22
C ALA F 232 -56.68 13.34 -21.14
N TRP F 233 -55.80 13.39 -20.15
CA TRP F 233 -54.87 14.49 -19.94
C TRP F 233 -53.99 14.71 -21.18
N ALA F 234 -53.47 13.62 -21.73
CA ALA F 234 -52.62 13.71 -22.91
C ALA F 234 -53.39 14.30 -24.08
N ASP F 235 -54.57 13.75 -24.36
CA ASP F 235 -55.44 14.20 -25.45
C ASP F 235 -55.71 15.70 -25.34
N LYS F 236 -56.04 16.09 -24.11
CA LYS F 236 -56.36 17.46 -23.73
C LYS F 236 -55.20 18.45 -23.79
N ASN F 237 -53.97 17.98 -23.57
CA ASN F 237 -52.83 18.89 -23.53
C ASN F 237 -51.70 18.77 -24.53
N PHE F 238 -51.48 17.59 -25.07
CA PHE F 238 -50.37 17.36 -25.99
C PHE F 238 -50.41 18.04 -27.35
N ARG F 239 -49.42 18.87 -27.60
CA ARG F 239 -49.29 19.54 -28.90
C ARG F 239 -48.30 18.65 -29.68
N TYR F 240 -48.70 18.12 -30.84
CA TYR F 240 -47.82 17.24 -31.64
C TYR F 240 -46.98 17.94 -32.71
N GLY F 241 -45.84 17.35 -33.08
CA GLY F 241 -44.94 17.98 -34.04
C GLY F 241 -44.79 17.36 -35.41
N GLU F 242 -43.98 18.01 -36.26
CA GLU F 242 -43.74 17.55 -37.63
C GLU F 242 -43.02 16.21 -37.68
N ASP F 243 -43.74 15.17 -38.10
CA ASP F 243 -43.20 13.79 -38.23
C ASP F 243 -42.12 13.74 -39.32
N GLU F 244 -40.84 13.66 -38.94
CA GLU F 244 -39.74 13.63 -39.90
C GLU F 244 -39.39 12.26 -40.50
N ASN F 245 -40.29 11.28 -40.39
CA ASN F 245 -40.04 9.94 -40.90
C ASN F 245 -40.37 9.66 -42.36
N ASN F 246 -39.57 8.81 -43.00
CA ASN F 246 -39.79 8.42 -44.40
C ASN F 246 -41.20 7.78 -44.48
N LYS F 247 -41.97 8.11 -45.53
CA LYS F 247 -43.32 7.59 -45.73
C LYS F 247 -43.45 6.08 -45.47
N GLN F 248 -42.51 5.29 -45.97
CA GLN F 248 -42.54 3.84 -45.78
C GLN F 248 -42.41 3.42 -44.31
N TYR F 249 -42.42 4.39 -43.40
CA TYR F 249 -42.29 4.14 -41.96
C TYR F 249 -43.19 5.01 -41.07
N GLN F 250 -43.94 5.94 -41.66
CA GLN F 250 -44.86 6.80 -40.91
C GLN F 250 -46.04 5.95 -40.42
N ARG F 251 -46.70 6.36 -39.35
CA ARG F 251 -47.81 5.54 -38.88
C ARG F 251 -49.04 6.29 -38.37
N ASN F 252 -49.37 7.42 -38.98
CA ASN F 252 -50.54 8.18 -38.55
C ASN F 252 -51.81 7.31 -38.56
N ALA F 253 -51.63 6.04 -38.92
CA ALA F 253 -52.70 5.05 -39.01
C ALA F 253 -53.24 4.54 -37.68
N GLU F 254 -53.62 5.45 -36.77
CA GLU F 254 -54.20 5.07 -35.48
C GLU F 254 -53.44 3.97 -34.71
N GLN F 255 -52.20 3.72 -35.12
CA GLN F 255 -51.32 2.75 -34.46
C GLN F 255 -50.64 3.65 -33.44
N SER F 256 -50.45 4.92 -33.84
CA SER F 256 -49.86 5.96 -33.03
C SER F 256 -50.50 6.01 -31.66
N ARG F 257 -51.81 5.74 -31.59
CA ARG F 257 -52.47 5.78 -30.30
C ARG F 257 -51.98 4.61 -29.44
N ALA F 258 -51.63 3.50 -30.08
CA ALA F 258 -51.12 2.33 -29.36
C ALA F 258 -49.77 2.74 -28.73
N VAL F 259 -49.00 3.52 -29.48
CA VAL F 259 -47.69 4.03 -29.02
C VAL F 259 -47.85 5.01 -27.85
N LEU F 260 -48.78 5.96 -27.98
CA LEU F 260 -49.03 6.96 -26.95
C LEU F 260 -49.48 6.27 -25.67
N ARG F 261 -50.34 5.27 -25.83
CA ARG F 261 -50.89 4.53 -24.71
C ARG F 261 -49.82 3.72 -23.95
N GLU F 262 -48.98 3.01 -24.70
CA GLU F 262 -47.93 2.22 -24.09
C GLU F 262 -46.91 3.14 -23.41
N SER F 263 -46.57 4.24 -24.06
CA SER F 263 -45.62 5.20 -23.51
C SER F 263 -46.04 5.68 -22.13
N LEU F 264 -47.34 5.97 -21.96
CA LEU F 264 -47.84 6.46 -20.68
C LEU F 264 -47.82 5.35 -19.66
N LEU F 265 -48.12 4.14 -20.10
CA LEU F 265 -48.10 3.00 -19.20
C LEU F 265 -46.67 2.78 -18.67
N MET F 266 -45.67 2.96 -19.54
CA MET F 266 -44.27 2.79 -19.16
C MET F 266 -43.97 3.73 -17.99
N ALA F 267 -44.44 4.98 -18.08
CA ALA F 267 -44.25 5.96 -17.02
C ALA F 267 -44.87 5.49 -15.70
N MET F 268 -46.10 5.02 -15.78
CA MET F 268 -46.82 4.55 -14.59
C MET F 268 -46.13 3.35 -13.92
N CYS F 269 -45.77 2.35 -14.73
CA CYS F 269 -45.14 1.15 -14.20
C CYS F 269 -43.77 1.42 -13.59
N ILE F 270 -42.96 2.23 -14.26
CA ILE F 270 -41.64 2.55 -13.75
C ILE F 270 -41.81 3.26 -12.40
N ARG F 271 -42.70 4.25 -12.34
CA ARG F 271 -42.95 4.97 -11.11
C ARG F 271 -43.38 3.98 -10.04
N ASP F 272 -44.28 3.09 -10.41
CA ASP F 272 -44.78 2.10 -9.46
C ASP F 272 -43.67 1.22 -8.94
N MET F 273 -42.70 0.92 -9.79
CA MET F 273 -41.58 0.06 -9.41
C MET F 273 -40.67 0.77 -8.43
N MET F 274 -40.49 2.07 -8.66
CA MET F 274 -39.63 2.89 -7.83
C MET F 274 -40.15 3.10 -6.41
N GLN F 275 -41.41 3.49 -6.28
CA GLN F 275 -41.98 3.76 -4.96
C GLN F 275 -43.12 2.90 -4.48
N GLY F 276 -43.50 1.87 -5.25
CA GLY F 276 -44.63 1.06 -4.84
C GLY F 276 -45.98 1.72 -5.17
N ASN F 277 -47.06 0.96 -5.05
CA ASN F 277 -48.41 1.46 -5.33
C ASN F 277 -49.43 0.53 -4.67
N SER F 278 -50.10 1.01 -3.63
CA SER F 278 -51.11 0.20 -2.91
C SER F 278 -52.29 -0.31 -3.76
N LYS F 279 -52.62 0.42 -4.84
CA LYS F 279 -53.70 0.02 -5.74
C LYS F 279 -53.43 -1.36 -6.33
N LEU F 280 -52.16 -1.70 -6.58
CA LEU F 280 -51.83 -3.00 -7.15
C LEU F 280 -52.22 -4.16 -6.21
N ALA F 281 -52.29 -3.90 -4.91
CA ALA F 281 -52.67 -4.95 -3.97
C ALA F 281 -54.15 -5.28 -4.08
N ASP F 282 -54.95 -4.27 -4.44
CA ASP F 282 -56.40 -4.45 -4.58
C ASP F 282 -56.70 -5.39 -5.73
N ILE F 283 -55.86 -5.39 -6.77
CA ILE F 283 -56.09 -6.27 -7.90
C ILE F 283 -55.30 -7.56 -7.79
N GLY F 284 -54.91 -7.91 -6.56
CA GLY F 284 -54.17 -9.13 -6.31
C GLY F 284 -52.66 -9.16 -6.52
N ARG F 285 -52.07 -8.07 -6.96
CA ARG F 285 -50.63 -8.07 -7.18
C ARG F 285 -49.93 -7.50 -5.93
N VAL F 286 -49.97 -8.25 -4.83
CA VAL F 286 -49.36 -7.75 -3.58
C VAL F 286 -47.86 -7.59 -3.59
N GLU F 287 -47.13 -8.58 -4.11
CA GLU F 287 -45.67 -8.48 -4.17
C GLU F 287 -45.25 -7.21 -4.95
N GLU F 288 -45.87 -7.02 -6.12
CA GLU F 288 -45.59 -5.88 -6.99
C GLU F 288 -45.98 -4.52 -6.36
N SER F 289 -46.91 -4.52 -5.41
CA SER F 289 -47.35 -3.28 -4.77
C SER F 289 -46.29 -2.58 -3.91
N LEU F 290 -45.37 -3.38 -3.36
CA LEU F 290 -44.32 -2.89 -2.49
C LEU F 290 -43.31 -1.90 -3.10
N GLY F 291 -42.93 -2.10 -4.37
CA GLY F 291 -41.95 -1.23 -4.98
C GLY F 291 -40.54 -1.66 -4.56
N TYR F 292 -39.53 -0.96 -5.03
CA TYR F 292 -38.17 -1.33 -4.69
C TYR F 292 -37.45 -0.31 -3.80
N ASN F 293 -38.18 0.66 -3.26
CA ASN F 293 -37.57 1.67 -2.41
C ASN F 293 -36.48 2.47 -3.15
N ALA F 294 -36.72 2.71 -4.44
CA ALA F 294 -35.74 3.41 -5.25
C ALA F 294 -35.93 4.89 -5.21
N ILE F 295 -34.81 5.61 -5.07
CA ILE F 295 -34.82 7.06 -5.01
C ILE F 295 -34.31 7.61 -6.35
N ALA F 296 -33.89 6.71 -7.24
CA ALA F 296 -33.36 7.04 -8.57
C ALA F 296 -33.40 5.75 -9.41
N ALA F 297 -33.52 5.88 -10.73
CA ALA F 297 -33.58 4.71 -11.59
C ALA F 297 -32.99 5.01 -12.95
N GLY F 298 -32.77 3.95 -13.73
CA GLY F 298 -32.25 4.11 -15.07
C GLY F 298 -33.02 3.14 -15.92
N PHE F 299 -33.33 3.52 -17.15
CA PHE F 299 -34.05 2.63 -18.06
C PHE F 299 -33.15 2.37 -19.24
N GLN F 300 -32.72 1.13 -19.41
CA GLN F 300 -31.80 0.80 -20.51
C GLN F 300 -32.29 1.25 -21.91
N GLY F 301 -33.48 0.80 -22.31
CA GLY F 301 -34.02 1.18 -23.61
C GLY F 301 -33.31 0.51 -24.78
N GLN F 302 -32.44 1.25 -25.44
CA GLN F 302 -31.68 0.70 -26.56
C GLN F 302 -30.67 -0.36 -26.11
N ARG F 303 -30.43 -1.38 -26.94
CA ARG F 303 -31.06 -1.57 -28.26
C ARG F 303 -32.29 -2.49 -28.16
N HIS F 304 -32.19 -3.45 -27.25
CA HIS F 304 -33.16 -4.51 -27.06
C HIS F 304 -34.64 -4.22 -26.88
N TRP F 305 -34.97 -3.17 -26.16
CA TRP F 305 -36.37 -2.84 -25.95
C TRP F 305 -36.85 -2.03 -27.17
N THR F 306 -36.13 -0.97 -27.48
CA THR F 306 -36.49 -0.08 -28.56
C THR F 306 -36.53 -0.69 -29.99
N ASP F 307 -35.92 -1.85 -30.18
CA ASP F 307 -35.95 -2.50 -31.47
C ASP F 307 -37.31 -3.19 -31.72
N GLN F 308 -38.21 -3.13 -30.74
CA GLN F 308 -39.50 -3.77 -30.88
C GLN F 308 -40.64 -3.10 -30.15
N TYR F 309 -40.34 -2.32 -29.11
CA TYR F 309 -41.37 -1.64 -28.33
C TYR F 309 -41.11 -0.14 -28.32
N PRO F 310 -42.13 0.66 -27.96
CA PRO F 310 -42.01 2.13 -27.91
C PRO F 310 -40.87 2.55 -26.98
N ASN F 311 -40.09 3.54 -27.41
CA ASN F 311 -38.98 4.00 -26.61
C ASN F 311 -39.43 4.70 -25.32
N GLY F 312 -38.48 5.04 -24.46
CA GLY F 312 -38.82 5.67 -23.20
C GLY F 312 -38.83 7.19 -23.15
N ASP F 313 -38.77 7.85 -24.31
CA ASP F 313 -38.76 9.32 -24.35
C ASP F 313 -39.88 9.98 -23.53
N THR F 314 -41.12 9.53 -23.73
CA THR F 314 -42.27 10.08 -23.03
C THR F 314 -42.23 9.79 -21.53
N ALA F 315 -41.96 8.54 -21.18
CA ALA F 315 -41.91 8.14 -19.76
C ALA F 315 -40.85 8.95 -19.02
N GLU F 316 -39.68 9.05 -19.64
CA GLU F 316 -38.56 9.79 -19.07
C GLU F 316 -38.88 11.28 -18.92
N ALA F 317 -39.45 11.89 -19.96
CA ALA F 317 -39.78 13.30 -19.91
C ALA F 317 -40.82 13.55 -18.81
N ILE F 318 -41.83 12.69 -18.74
CA ILE F 318 -42.86 12.91 -17.75
C ILE F 318 -42.35 12.74 -16.34
N LEU F 319 -41.76 11.58 -16.07
CA LEU F 319 -41.25 11.25 -14.74
C LEU F 319 -40.24 12.25 -14.18
N ASN F 320 -39.37 12.78 -15.04
CA ASN F 320 -38.38 13.74 -14.59
C ASN F 320 -38.96 15.15 -14.42
N SER F 321 -40.18 15.36 -14.90
CA SER F 321 -40.85 16.67 -14.81
C SER F 321 -41.51 16.80 -13.43
N SER F 322 -41.87 18.03 -13.08
CA SER F 322 -42.49 18.28 -11.77
C SER F 322 -44.03 18.14 -11.79
N PHE F 323 -44.55 17.49 -12.81
CA PHE F 323 -46.00 17.35 -12.92
C PHE F 323 -46.40 16.30 -13.95
N ASP F 324 -47.66 15.88 -13.84
CA ASP F 324 -48.24 14.94 -14.77
C ASP F 324 -49.77 15.06 -14.63
N TRP F 325 -50.51 14.07 -15.14
CA TRP F 325 -51.96 14.04 -15.06
C TRP F 325 -52.52 14.18 -13.63
N ASN F 326 -51.71 13.89 -12.62
CA ASN F 326 -52.14 14.00 -11.21
C ASN F 326 -51.75 15.34 -10.56
N GLY F 327 -51.29 16.30 -11.35
CA GLY F 327 -50.90 17.58 -10.77
C GLY F 327 -49.41 17.71 -10.56
N VAL F 328 -48.99 18.76 -9.85
CA VAL F 328 -47.57 18.96 -9.60
C VAL F 328 -47.16 18.04 -8.45
N ARG F 329 -45.92 17.55 -8.52
CA ARG F 329 -45.37 16.64 -7.52
C ARG F 329 -43.86 16.76 -7.61
N GLU F 330 -43.16 16.07 -6.71
CA GLU F 330 -41.71 16.05 -6.73
C GLU F 330 -41.27 15.27 -7.98
N PRO F 331 -40.33 15.81 -8.75
CA PRO F 331 -39.91 15.07 -9.94
C PRO F 331 -39.13 13.81 -9.54
N PHE F 332 -39.20 12.78 -10.38
CA PHE F 332 -38.43 11.56 -10.12
C PHE F 332 -37.08 11.70 -10.81
N VAL F 333 -36.17 10.79 -10.55
CA VAL F 333 -34.87 10.82 -11.21
C VAL F 333 -34.75 9.53 -12.02
N VAL F 334 -34.94 9.63 -13.34
CA VAL F 334 -34.83 8.47 -14.19
C VAL F 334 -33.84 8.76 -15.30
N ALA F 335 -32.72 8.05 -15.29
CA ALA F 335 -31.67 8.25 -16.28
C ALA F 335 -31.93 7.49 -17.57
N THR F 336 -31.80 8.18 -18.69
CA THR F 336 -31.99 7.52 -19.95
C THR F 336 -30.75 6.66 -20.25
N GLU F 337 -30.97 5.57 -20.98
CA GLU F 337 -29.90 4.63 -21.36
C GLU F 337 -29.27 4.00 -20.12
N ASN F 338 -30.01 4.00 -19.02
CA ASN F 338 -29.55 3.45 -17.75
C ASN F 338 -28.16 3.96 -17.36
N ASP F 339 -27.85 5.22 -17.71
CA ASP F 339 -26.55 5.81 -17.36
C ASP F 339 -26.59 6.20 -15.87
N SER F 340 -26.29 5.23 -15.01
CA SER F 340 -26.31 5.40 -13.56
C SER F 340 -25.45 6.55 -13.04
N LEU F 341 -24.32 6.82 -13.68
CA LEU F 341 -23.45 7.91 -13.25
C LEU F 341 -24.16 9.24 -13.49
N ASN F 342 -24.92 9.34 -14.58
CA ASN F 342 -25.66 10.59 -14.83
C ASN F 342 -26.83 10.60 -13.84
N GLY F 343 -27.35 9.41 -13.52
CA GLY F 343 -28.43 9.34 -12.54
C GLY F 343 -27.97 9.86 -11.19
N VAL F 344 -26.73 9.53 -10.83
CA VAL F 344 -26.17 9.97 -9.56
C VAL F 344 -26.01 11.48 -9.54
N ALA F 345 -25.53 12.08 -10.65
CA ALA F 345 -25.40 13.55 -10.73
C ALA F 345 -26.79 14.20 -10.59
N MET F 346 -27.81 13.59 -11.23
CA MET F 346 -29.19 14.06 -11.14
C MET F 346 -29.69 13.94 -9.70
N LEU F 347 -29.39 12.83 -9.04
CA LEU F 347 -29.79 12.63 -7.64
C LEU F 347 -29.21 13.74 -6.73
N MET F 348 -27.91 13.97 -6.86
CA MET F 348 -27.24 14.99 -6.09
C MET F 348 -27.91 16.34 -6.34
N GLY F 349 -28.06 16.69 -7.62
CA GLY F 349 -28.69 17.96 -7.98
C GLY F 349 -30.10 18.10 -7.42
N HIS F 350 -30.87 17.03 -7.49
CA HIS F 350 -32.22 17.09 -6.99
C HIS F 350 -32.25 17.22 -5.46
N GLN F 351 -31.43 16.46 -4.77
CA GLN F 351 -31.39 16.51 -3.32
C GLN F 351 -30.91 17.85 -2.81
N LEU F 352 -30.09 18.52 -3.60
CA LEU F 352 -29.57 19.82 -3.22
C LEU F 352 -30.52 20.98 -3.52
N THR F 353 -31.30 20.91 -4.60
CA THR F 353 -32.19 22.02 -4.96
C THR F 353 -33.68 21.75 -4.88
N GLY F 354 -34.08 20.49 -4.93
CA GLY F 354 -35.49 20.11 -4.90
C GLY F 354 -36.16 20.29 -6.25
N THR F 355 -35.39 20.65 -7.28
CA THR F 355 -35.89 20.89 -8.63
C THR F 355 -35.75 19.70 -9.61
N ALA F 356 -36.36 19.83 -10.80
CA ALA F 356 -36.27 18.80 -11.84
C ALA F 356 -34.87 18.91 -12.48
N GLN F 357 -34.33 17.78 -12.93
CA GLN F 357 -33.00 17.76 -13.54
C GLN F 357 -33.06 17.46 -15.04
N VAL F 358 -32.19 18.09 -15.81
CA VAL F 358 -32.14 17.91 -17.26
C VAL F 358 -30.99 17.00 -17.72
N PHE F 359 -31.36 15.87 -18.33
CA PHE F 359 -30.40 14.90 -18.85
C PHE F 359 -30.00 15.43 -20.23
N ALA F 360 -28.71 15.40 -20.54
CA ALA F 360 -28.28 15.91 -21.83
C ALA F 360 -27.06 15.20 -22.42
N ASP F 361 -27.04 15.16 -23.75
CA ASP F 361 -25.92 14.59 -24.46
C ASP F 361 -25.13 15.85 -24.79
N VAL F 362 -23.82 15.79 -24.56
CA VAL F 362 -22.95 16.90 -24.87
C VAL F 362 -22.67 16.65 -26.34
N ARG F 363 -23.54 17.12 -27.21
CA ARG F 363 -23.35 16.83 -28.62
C ARG F 363 -22.35 17.57 -29.50
N THR F 364 -22.37 18.89 -29.48
CA THR F 364 -21.47 19.60 -30.36
C THR F 364 -20.85 20.85 -29.79
N TYR F 365 -19.63 21.10 -30.20
CA TYR F 365 -18.97 22.32 -29.80
C TYR F 365 -18.95 23.16 -31.07
N TRP F 366 -19.57 24.33 -30.96
CA TRP F 366 -19.65 25.27 -32.06
C TRP F 366 -18.71 26.43 -31.81
N SER F 367 -17.61 26.45 -32.53
CA SER F 367 -16.66 27.53 -32.39
C SER F 367 -17.21 28.75 -33.15
N PRO F 368 -16.84 29.97 -32.71
CA PRO F 368 -17.35 31.14 -33.44
C PRO F 368 -17.05 31.08 -34.97
N GLU F 369 -15.89 30.54 -35.37
CA GLU F 369 -15.55 30.40 -36.78
C GLU F 369 -16.55 29.45 -37.48
N ALA F 370 -16.88 28.34 -36.83
CA ALA F 370 -17.83 27.37 -37.38
C ALA F 370 -19.21 28.02 -37.51
N ILE F 371 -19.62 28.78 -36.50
CA ILE F 371 -20.92 29.44 -36.54
C ILE F 371 -20.97 30.38 -37.74
N GLU F 372 -19.95 31.22 -37.92
CA GLU F 372 -19.92 32.17 -39.04
C GLU F 372 -19.88 31.50 -40.42
N ARG F 373 -19.12 30.44 -40.55
CA ARG F 373 -19.05 29.74 -41.81
C ARG F 373 -20.44 29.20 -42.24
N VAL F 374 -21.13 28.52 -41.31
CA VAL F 374 -22.43 27.93 -41.65
C VAL F 374 -23.64 28.86 -41.61
N THR F 375 -23.61 29.91 -40.81
CA THR F 375 -24.78 30.80 -40.76
C THR F 375 -24.52 32.25 -41.15
N GLY F 376 -23.26 32.66 -41.20
CA GLY F 376 -22.91 34.03 -41.56
C GLY F 376 -22.94 35.04 -40.42
N HIS F 377 -23.63 34.72 -39.32
CA HIS F 377 -23.73 35.61 -38.15
C HIS F 377 -22.56 35.59 -37.16
N LYS F 378 -22.00 36.78 -36.89
CA LYS F 378 -20.93 36.93 -35.92
C LYS F 378 -21.66 37.09 -34.59
N LEU F 379 -21.56 36.10 -33.72
CA LEU F 379 -22.25 36.17 -32.44
C LEU F 379 -21.46 36.93 -31.37
N ASP F 380 -22.20 37.57 -30.47
CA ASP F 380 -21.61 38.33 -29.38
C ASP F 380 -22.42 37.99 -28.14
N GLY F 381 -22.15 38.67 -27.03
CA GLY F 381 -22.87 38.38 -25.81
C GLY F 381 -22.27 37.14 -25.16
N LEU F 382 -23.08 36.36 -24.45
CA LEU F 382 -22.60 35.14 -23.80
C LEU F 382 -22.00 34.13 -24.78
N ALA F 383 -22.56 34.06 -25.98
CA ALA F 383 -22.10 33.12 -27.01
C ALA F 383 -20.87 33.57 -27.79
N GLU F 384 -20.32 34.71 -27.42
CA GLU F 384 -19.16 35.27 -28.11
C GLU F 384 -17.96 34.32 -28.30
N HIS F 385 -17.70 33.45 -27.32
CA HIS F 385 -16.54 32.56 -27.38
C HIS F 385 -16.77 31.14 -27.86
N GLY F 386 -17.98 30.85 -28.31
CA GLY F 386 -18.28 29.51 -28.75
C GLY F 386 -19.47 29.06 -27.93
N ILE F 387 -20.05 27.94 -28.30
CA ILE F 387 -21.24 27.47 -27.62
C ILE F 387 -21.26 25.92 -27.63
N ILE F 388 -21.92 25.32 -26.66
CA ILE F 388 -22.00 23.86 -26.61
C ILE F 388 -23.47 23.46 -26.76
N HIS F 389 -23.73 22.52 -27.66
CA HIS F 389 -25.09 22.05 -27.92
C HIS F 389 -25.47 20.87 -27.02
N LEU F 390 -26.39 21.10 -26.10
CA LEU F 390 -26.84 20.05 -25.19
C LEU F 390 -28.25 19.60 -25.64
N ILE F 391 -28.35 18.36 -26.08
CA ILE F 391 -29.60 17.76 -26.57
C ILE F 391 -29.67 16.30 -26.15
N ASN F 392 -30.60 15.93 -25.27
CA ASN F 392 -30.72 14.51 -24.94
C ASN F 392 -31.44 13.84 -26.13
N SER F 393 -31.17 12.56 -26.33
CA SER F 393 -31.77 11.82 -27.43
C SER F 393 -33.31 11.56 -27.36
N GLY F 394 -34.09 12.61 -27.13
CA GLY F 394 -35.53 12.45 -27.08
C GLY F 394 -36.32 12.89 -25.86
N SER F 395 -35.71 12.95 -24.70
CA SER F 395 -36.45 13.34 -23.50
C SER F 395 -35.67 14.33 -22.66
N ALA F 396 -36.40 15.05 -21.83
CA ALA F 396 -35.82 16.03 -20.94
C ALA F 396 -37.00 16.50 -20.15
N ALA F 397 -36.78 16.78 -18.86
CA ALA F 397 -37.85 17.26 -17.98
C ALA F 397 -38.46 18.50 -18.63
N LEU F 398 -39.79 18.50 -18.76
CA LEU F 398 -40.49 19.64 -19.38
C LEU F 398 -40.18 20.96 -18.67
N ASP F 399 -39.78 20.90 -17.40
CA ASP F 399 -39.42 22.09 -16.63
C ASP F 399 -38.25 22.77 -17.35
N GLY F 400 -37.48 21.96 -18.08
CA GLY F 400 -36.33 22.44 -18.82
C GLY F 400 -36.60 23.54 -19.81
N SER F 401 -37.86 23.76 -20.15
CA SER F 401 -38.23 24.83 -21.08
C SER F 401 -37.99 26.21 -20.44
N CYS F 402 -38.01 26.26 -19.10
CA CYS F 402 -37.81 27.49 -18.34
C CYS F 402 -38.94 28.48 -18.55
N LYS F 403 -40.16 27.96 -18.60
CA LYS F 403 -41.34 28.76 -18.77
C LYS F 403 -41.84 29.22 -17.39
N GLN F 404 -41.30 28.63 -16.33
CA GLN F 404 -41.66 29.04 -14.98
C GLN F 404 -40.99 30.39 -14.78
N ARG F 405 -41.49 31.19 -13.83
CA ARG F 405 -40.94 32.51 -13.56
C ARG F 405 -40.70 32.70 -12.06
N ASP F 406 -39.67 33.46 -11.72
CA ASP F 406 -39.39 33.75 -10.32
C ASP F 406 -40.10 35.05 -9.94
N SER F 407 -39.83 35.52 -8.72
CA SER F 407 -40.44 36.75 -8.22
C SER F 407 -40.22 37.94 -9.18
N GLU F 408 -38.97 38.11 -9.65
CA GLU F 408 -38.61 39.20 -10.57
C GLU F 408 -39.11 39.02 -12.01
N GLY F 409 -39.81 37.92 -12.28
CA GLY F 409 -40.33 37.67 -13.62
C GLY F 409 -39.39 36.99 -14.61
N ASN F 410 -38.21 36.56 -14.14
CA ASN F 410 -37.23 35.88 -15.00
C ASN F 410 -37.50 34.38 -15.24
N PRO F 411 -37.10 33.83 -16.43
CA PRO F 411 -37.33 32.40 -16.68
C PRO F 411 -36.47 31.57 -15.72
N THR F 412 -37.05 30.53 -15.13
CA THR F 412 -36.34 29.72 -14.14
C THR F 412 -36.94 28.29 -13.97
N MET F 413 -36.37 27.49 -13.06
CA MET F 413 -36.87 26.15 -12.75
C MET F 413 -36.99 26.20 -11.24
N LYS F 414 -38.12 25.82 -10.70
CA LYS F 414 -38.34 25.95 -9.27
C LYS F 414 -38.65 24.67 -8.55
N PRO F 415 -38.53 24.68 -7.21
CA PRO F 415 -38.84 23.49 -6.42
C PRO F 415 -40.33 23.23 -6.68
N HIS F 416 -40.76 21.98 -6.65
CA HIS F 416 -42.16 21.68 -6.93
C HIS F 416 -43.19 22.36 -6.06
N TRP F 417 -42.83 22.66 -4.81
CA TRP F 417 -43.77 23.31 -3.91
C TRP F 417 -44.04 24.78 -4.27
N GLU F 418 -43.26 25.34 -5.21
CA GLU F 418 -43.43 26.73 -5.63
C GLU F 418 -43.95 26.78 -7.06
N ILE F 419 -44.33 25.64 -7.61
CA ILE F 419 -44.81 25.60 -8.98
C ILE F 419 -46.32 25.57 -8.94
N SER F 420 -46.94 26.50 -9.69
CA SER F 420 -48.39 26.61 -9.78
C SER F 420 -48.87 25.82 -10.98
N GLN F 421 -50.14 25.46 -10.99
CA GLN F 421 -50.74 24.71 -12.10
C GLN F 421 -50.65 25.43 -13.45
N GLN F 422 -50.67 26.76 -13.44
CA GLN F 422 -50.58 27.55 -14.67
C GLN F 422 -49.19 27.39 -15.27
N GLU F 423 -48.18 27.37 -14.40
CA GLU F 423 -46.78 27.22 -14.83
C GLU F 423 -46.57 25.83 -15.41
N ALA F 424 -47.19 24.83 -14.76
CA ALA F 424 -47.09 23.46 -15.25
C ALA F 424 -47.64 23.41 -16.70
N ASP F 425 -48.85 23.94 -16.87
CA ASP F 425 -49.51 23.96 -18.18
C ASP F 425 -48.70 24.76 -19.20
N ALA F 426 -48.08 25.85 -18.75
CA ALA F 426 -47.28 26.67 -19.64
C ALA F 426 -46.09 25.88 -20.20
N CYS F 427 -45.52 25.01 -19.37
CA CYS F 427 -44.38 24.17 -19.77
C CYS F 427 -44.83 23.13 -20.79
N LEU F 428 -45.99 22.54 -20.52
CA LEU F 428 -46.56 21.56 -21.43
C LEU F 428 -46.87 22.21 -22.79
N ALA F 429 -47.34 23.45 -22.76
CA ALA F 429 -47.68 24.19 -23.99
C ALA F 429 -46.44 24.55 -24.82
N ALA F 430 -45.28 24.65 -24.17
CA ALA F 430 -44.04 24.97 -24.87
C ALA F 430 -43.37 23.72 -25.46
N THR F 431 -43.97 22.56 -25.20
CA THR F 431 -43.46 21.28 -25.69
C THR F 431 -44.27 20.69 -26.85
N GLU F 432 -43.57 20.13 -27.84
CA GLU F 432 -44.21 19.48 -28.97
C GLU F 432 -43.72 18.05 -28.96
N TRP F 433 -44.63 17.10 -29.04
CA TRP F 433 -44.31 15.68 -29.02
C TRP F 433 -44.14 15.15 -30.44
N CYS F 434 -42.90 14.79 -30.80
CA CYS F 434 -42.61 14.29 -32.15
C CYS F 434 -42.40 12.79 -32.21
N PRO F 435 -42.91 12.14 -33.26
CA PRO F 435 -42.74 10.69 -33.41
C PRO F 435 -41.25 10.33 -33.48
N ALA F 436 -40.89 9.20 -32.87
CA ALA F 436 -39.50 8.72 -32.85
C ALA F 436 -39.02 8.33 -34.25
N ILE F 437 -37.76 8.57 -34.58
CA ILE F 437 -37.20 8.19 -35.88
C ILE F 437 -37.06 6.67 -35.91
N HIS F 438 -37.96 6.04 -36.67
CA HIS F 438 -38.06 4.60 -36.85
C HIS F 438 -36.75 3.76 -36.98
N GLU F 439 -35.83 4.21 -37.84
CA GLU F 439 -34.56 3.50 -38.06
C GLU F 439 -33.76 3.31 -36.79
N TYR F 440 -33.93 4.20 -35.81
CA TYR F 440 -33.23 4.13 -34.53
C TYR F 440 -34.13 3.50 -33.48
N PHE F 441 -35.42 3.87 -33.50
CA PHE F 441 -36.40 3.37 -32.54
C PHE F 441 -37.53 2.70 -33.31
N ARG F 442 -37.31 1.45 -33.68
CA ARG F 442 -38.27 0.67 -34.44
C ARG F 442 -39.62 0.50 -33.77
N GLY F 443 -39.66 0.55 -32.45
CA GLY F 443 -40.92 0.39 -31.75
C GLY F 443 -41.70 1.70 -31.69
N GLY F 444 -41.12 2.79 -32.20
CA GLY F 444 -41.80 4.07 -32.16
C GLY F 444 -41.62 4.80 -30.83
N GLY F 445 -42.34 5.91 -30.66
CA GLY F 445 -42.27 6.69 -29.43
C GLY F 445 -42.50 8.16 -29.71
N TYR F 446 -42.52 8.97 -28.64
CA TYR F 446 -42.73 10.40 -28.77
C TYR F 446 -41.72 11.18 -27.96
N SER F 447 -40.91 11.97 -28.67
CA SER F 447 -39.87 12.83 -28.11
C SER F 447 -40.47 14.16 -27.65
N SER F 448 -39.91 14.71 -26.58
CA SER F 448 -40.37 15.97 -26.02
C SER F 448 -39.46 17.08 -26.55
N ARG F 449 -39.95 17.85 -27.51
CA ARG F 449 -39.13 18.93 -28.04
C ARG F 449 -39.53 20.29 -27.45
N PHE F 450 -38.53 21.02 -26.97
CA PHE F 450 -38.71 22.36 -26.43
C PHE F 450 -37.37 23.05 -26.58
N LEU F 451 -37.36 24.37 -26.43
CA LEU F 451 -36.13 25.14 -26.54
C LEU F 451 -35.99 25.91 -25.26
N THR F 452 -34.91 25.66 -24.53
CA THR F 452 -34.66 26.34 -23.27
C THR F 452 -34.41 27.85 -23.50
N GLU F 453 -35.09 28.68 -22.70
CA GLU F 453 -34.93 30.13 -22.79
C GLU F 453 -33.49 30.52 -22.51
N GLY F 454 -33.02 31.57 -23.19
CA GLY F 454 -31.66 32.04 -22.98
C GLY F 454 -31.49 32.88 -21.72
N GLY F 455 -30.24 33.14 -21.35
CA GLY F 455 -29.90 33.94 -20.18
C GLY F 455 -30.11 33.33 -18.81
N VAL F 456 -30.34 32.03 -18.73
CA VAL F 456 -30.58 31.36 -17.44
C VAL F 456 -29.28 30.73 -16.90
N PRO F 457 -28.95 30.98 -15.62
CA PRO F 457 -27.73 30.41 -15.04
C PRO F 457 -27.91 28.89 -14.78
N PHE F 458 -26.97 28.09 -15.24
CA PHE F 458 -27.04 26.65 -15.08
C PHE F 458 -25.72 26.08 -14.60
N THR F 459 -25.79 24.91 -13.99
CA THR F 459 -24.60 24.24 -13.52
C THR F 459 -24.62 22.87 -14.14
N MET F 460 -23.62 22.58 -14.98
CA MET F 460 -23.53 21.27 -15.62
C MET F 460 -22.57 20.37 -14.82
N THR F 461 -23.02 19.16 -14.50
CA THR F 461 -22.19 18.21 -13.76
C THR F 461 -22.14 16.81 -14.37
N ARG F 462 -21.22 16.01 -13.87
CA ARG F 462 -21.04 14.64 -14.31
C ARG F 462 -20.13 13.90 -13.31
N VAL F 463 -20.50 12.67 -12.98
CA VAL F 463 -19.71 11.82 -12.11
C VAL F 463 -19.17 10.70 -13.03
N ASN F 464 -17.89 10.39 -12.93
CA ASN F 464 -17.29 9.33 -13.74
C ASN F 464 -16.50 8.43 -12.81
N ILE F 465 -16.36 7.17 -13.15
CA ILE F 465 -15.57 6.25 -12.34
C ILE F 465 -14.28 5.98 -13.10
N ILE F 466 -13.15 6.30 -12.46
CA ILE F 466 -11.83 6.12 -13.06
C ILE F 466 -11.16 4.96 -12.37
N LYS F 467 -10.85 3.89 -13.08
CA LYS F 467 -10.22 2.73 -12.45
C LYS F 467 -8.89 3.15 -11.85
N GLY F 468 -8.65 2.74 -10.60
CA GLY F 468 -7.41 3.08 -9.91
C GLY F 468 -7.46 4.38 -9.14
N LEU F 469 -8.55 5.14 -9.30
CA LEU F 469 -8.76 6.44 -8.65
C LEU F 469 -10.10 6.40 -7.89
N GLY F 470 -11.13 5.93 -8.57
CA GLY F 470 -12.45 5.86 -7.96
C GLY F 470 -13.30 6.90 -8.65
N PRO F 471 -14.41 7.33 -8.04
CA PRO F 471 -15.28 8.35 -8.66
C PRO F 471 -14.68 9.73 -8.59
N VAL F 472 -15.03 10.58 -9.56
CA VAL F 472 -14.59 11.98 -9.63
C VAL F 472 -15.79 12.79 -10.10
N LEU F 473 -15.81 14.07 -9.73
CA LEU F 473 -16.90 14.95 -10.10
C LEU F 473 -16.42 16.12 -11.00
N GLN F 474 -17.19 16.43 -12.03
CA GLN F 474 -16.86 17.52 -12.94
C GLN F 474 -17.97 18.57 -12.82
N ILE F 475 -17.60 19.84 -12.81
CA ILE F 475 -18.58 20.90 -12.68
C ILE F 475 -18.25 22.00 -13.65
N ALA F 476 -19.30 22.57 -14.25
CA ALA F 476 -19.14 23.69 -15.18
C ALA F 476 -20.37 24.58 -15.10
N GLU F 477 -20.20 25.73 -14.46
CA GLU F 477 -21.26 26.71 -14.33
C GLU F 477 -21.25 27.52 -15.63
N GLY F 478 -22.43 27.96 -16.03
CA GLY F 478 -22.52 28.74 -17.26
C GLY F 478 -23.90 29.31 -17.38
N TRP F 479 -24.32 29.58 -18.61
CA TRP F 479 -25.65 30.13 -18.90
C TRP F 479 -26.19 29.52 -20.20
N SER F 480 -27.51 29.45 -20.32
CA SER F 480 -28.13 28.98 -21.56
C SER F 480 -28.17 30.25 -22.38
N VAL F 481 -27.93 30.17 -23.68
CA VAL F 481 -27.97 31.39 -24.49
C VAL F 481 -29.12 31.32 -25.49
N GLU F 482 -29.53 32.47 -25.97
CA GLU F 482 -30.59 32.54 -26.94
C GLU F 482 -29.98 32.99 -28.25
N LEU F 483 -30.13 32.16 -29.26
CA LEU F 483 -29.59 32.48 -30.57
C LEU F 483 -30.71 33.09 -31.43
N PRO F 484 -30.33 33.99 -32.34
CA PRO F 484 -31.36 34.58 -33.20
C PRO F 484 -32.05 33.46 -34.01
N LYS F 485 -33.38 33.48 -34.00
CA LYS F 485 -34.21 32.50 -34.70
C LYS F 485 -33.65 31.86 -35.98
N ASP F 486 -33.05 32.64 -36.88
CA ASP F 486 -32.51 32.09 -38.13
C ASP F 486 -31.23 31.24 -37.96
N VAL F 487 -30.42 31.58 -36.97
CA VAL F 487 -29.20 30.82 -36.70
C VAL F 487 -29.58 29.49 -36.04
N HIS F 488 -30.49 29.56 -35.07
CA HIS F 488 -30.95 28.36 -34.37
C HIS F 488 -31.50 27.31 -35.34
N ASP F 489 -32.27 27.76 -36.33
CA ASP F 489 -32.85 26.85 -37.32
C ASP F 489 -31.82 26.13 -38.17
N ILE F 490 -30.79 26.86 -38.59
CA ILE F 490 -29.75 26.27 -39.41
C ILE F 490 -29.09 25.13 -38.64
N LEU F 491 -28.63 25.44 -37.44
CA LEU F 491 -27.96 24.48 -36.59
C LEU F 491 -28.87 23.34 -36.15
N ASN F 492 -30.09 23.67 -35.77
CA ASN F 492 -31.05 22.67 -35.32
C ASN F 492 -31.44 21.67 -36.42
N LYS F 493 -31.65 22.14 -37.64
CA LYS F 493 -32.04 21.23 -38.71
C LYS F 493 -30.90 20.29 -39.06
N ARG F 494 -29.70 20.84 -38.99
CA ARG F 494 -28.47 20.15 -39.30
C ARG F 494 -28.12 19.07 -38.26
N THR F 495 -28.73 19.13 -37.09
CA THR F 495 -28.43 18.18 -36.04
C THR F 495 -29.53 17.17 -35.74
N ASN F 496 -30.50 17.53 -34.91
CA ASN F 496 -31.62 16.62 -34.58
C ASN F 496 -32.79 17.49 -34.11
N SER F 497 -33.50 18.03 -35.10
CA SER F 497 -34.63 18.93 -34.88
C SER F 497 -35.80 18.46 -33.99
N THR F 498 -35.94 17.14 -33.81
CA THR F 498 -37.03 16.61 -32.99
C THR F 498 -36.70 16.44 -31.50
N TRP F 499 -35.48 16.81 -31.11
CA TRP F 499 -35.02 16.65 -29.72
C TRP F 499 -34.95 17.99 -28.94
N PRO F 500 -35.07 17.95 -27.60
CA PRO F 500 -35.02 19.16 -26.77
C PRO F 500 -33.63 19.83 -26.81
N THR F 501 -33.56 21.14 -27.04
CA THR F 501 -32.27 21.85 -27.10
C THR F 501 -31.99 22.87 -26.02
N THR F 502 -30.71 23.02 -25.68
CA THR F 502 -30.23 23.98 -24.70
C THR F 502 -28.84 24.39 -25.22
N TRP F 503 -28.68 25.66 -25.56
CA TRP F 503 -27.39 26.18 -26.02
C TRP F 503 -26.71 26.66 -24.74
N PHE F 504 -25.52 26.16 -24.49
CA PHE F 504 -24.81 26.45 -23.25
C PHE F 504 -23.47 27.13 -23.42
N ALA F 505 -23.25 28.17 -22.63
CA ALA F 505 -21.99 28.92 -22.63
C ALA F 505 -21.43 28.84 -21.20
N PRO F 506 -20.27 28.18 -21.06
CA PRO F 506 -19.64 28.03 -19.74
C PRO F 506 -18.85 29.27 -19.39
N ARG F 507 -18.83 29.62 -18.10
CA ARG F 507 -18.05 30.77 -17.67
C ARG F 507 -16.57 30.40 -17.76
N LEU F 508 -15.82 31.21 -18.48
CA LEU F 508 -14.39 30.95 -18.63
C LEU F 508 -13.57 31.58 -17.50
N THR F 509 -12.42 30.99 -17.19
CA THR F 509 -11.53 31.52 -16.14
C THR F 509 -10.15 31.89 -16.70
N GLY F 510 -9.86 31.45 -17.93
CA GLY F 510 -8.58 31.72 -18.55
C GLY F 510 -7.54 30.65 -18.21
N LYS F 511 -7.84 29.75 -17.27
CA LYS F 511 -6.90 28.72 -16.85
C LYS F 511 -7.43 27.32 -17.00
N GLY F 512 -6.53 26.37 -17.22
CA GLY F 512 -6.90 24.98 -17.34
C GLY F 512 -7.94 24.68 -18.40
N PRO F 513 -8.92 23.79 -18.10
CA PRO F 513 -9.99 23.42 -19.03
C PRO F 513 -10.91 24.59 -19.36
N PHE F 514 -10.78 25.67 -18.59
CA PHE F 514 -11.62 26.83 -18.81
C PHE F 514 -10.88 27.98 -19.46
N THR F 515 -9.98 27.63 -20.35
CA THR F 515 -9.21 28.62 -21.09
C THR F 515 -10.15 29.12 -22.17
N ASP F 516 -10.88 28.20 -22.78
CA ASP F 516 -11.82 28.51 -23.85
C ASP F 516 -12.92 27.46 -23.84
N VAL F 517 -13.98 27.70 -24.61
CA VAL F 517 -15.13 26.78 -24.67
C VAL F 517 -14.78 25.38 -25.20
N TYR F 518 -13.82 25.31 -26.12
CA TYR F 518 -13.39 24.05 -26.70
C TYR F 518 -12.81 23.14 -25.63
N SER F 519 -12.01 23.74 -24.73
CA SER F 519 -11.34 23.01 -23.67
C SER F 519 -12.32 22.45 -22.68
N VAL F 520 -13.42 23.14 -22.45
CA VAL F 520 -14.42 22.65 -21.51
C VAL F 520 -14.99 21.35 -22.09
N MET F 521 -15.32 21.37 -23.38
CA MET F 521 -15.89 20.22 -24.08
C MET F 521 -14.84 19.09 -24.09
N ALA F 522 -13.65 19.42 -24.60
CA ALA F 522 -12.54 18.44 -24.71
C ALA F 522 -12.19 17.74 -23.41
N ASN F 523 -12.44 18.40 -22.28
CA ASN F 523 -12.15 17.80 -20.98
C ASN F 523 -13.36 17.19 -20.29
N TRP F 524 -14.51 17.15 -20.95
CA TRP F 524 -15.67 16.52 -20.32
C TRP F 524 -15.38 15.01 -20.34
N GLY F 525 -15.68 14.31 -19.24
CA GLY F 525 -15.37 12.90 -19.15
C GLY F 525 -16.33 11.85 -19.65
N ALA F 526 -17.41 12.27 -20.30
CA ALA F 526 -18.41 11.35 -20.85
C ALA F 526 -19.18 12.11 -21.93
N ASN F 527 -20.13 11.42 -22.54
CA ASN F 527 -20.94 12.03 -23.59
C ASN F 527 -22.23 12.60 -22.99
N HIS F 528 -22.42 12.42 -21.68
CA HIS F 528 -23.59 12.93 -20.98
C HIS F 528 -23.24 13.92 -19.90
N GLY F 529 -24.22 14.74 -19.56
CA GLY F 529 -24.07 15.73 -18.53
C GLY F 529 -25.44 15.96 -17.90
N VAL F 530 -25.43 16.63 -16.75
CA VAL F 530 -26.66 16.96 -16.04
C VAL F 530 -26.69 18.48 -15.86
N LEU F 531 -27.85 19.09 -16.08
CA LEU F 531 -28.00 20.53 -15.94
C LEU F 531 -28.90 20.79 -14.75
N THR F 532 -28.40 21.58 -13.81
CA THR F 532 -29.13 21.95 -12.61
C THR F 532 -29.27 23.47 -12.67
N ILE F 533 -30.47 23.95 -12.33
CA ILE F 533 -30.78 25.37 -12.34
C ILE F 533 -29.94 26.16 -11.35
N GLY F 534 -29.44 27.30 -11.82
CA GLY F 534 -28.63 28.17 -10.99
C GLY F 534 -27.15 27.83 -11.01
N HIS F 535 -26.39 28.60 -10.25
CA HIS F 535 -24.97 28.37 -10.14
C HIS F 535 -24.74 27.75 -8.78
N VAL F 536 -24.90 26.41 -8.73
CA VAL F 536 -24.78 25.61 -7.52
C VAL F 536 -23.49 24.78 -7.39
N GLY F 537 -22.45 25.21 -8.08
CA GLY F 537 -21.20 24.48 -8.01
C GLY F 537 -20.71 24.35 -6.57
N ALA F 538 -20.79 25.45 -5.82
CA ALA F 538 -20.34 25.48 -4.44
C ALA F 538 -20.99 24.42 -3.58
N ASP F 539 -22.26 24.13 -3.86
CA ASP F 539 -23.00 23.11 -3.10
C ASP F 539 -22.51 21.73 -3.50
N PHE F 540 -22.25 21.56 -4.79
CA PHE F 540 -21.74 20.30 -5.31
C PHE F 540 -20.38 20.02 -4.69
N ILE F 541 -19.53 21.04 -4.62
CA ILE F 541 -18.19 20.91 -4.02
C ILE F 541 -18.26 20.50 -2.53
N THR F 542 -19.19 21.09 -1.79
CA THR F 542 -19.35 20.76 -0.38
C THR F 542 -19.88 19.34 -0.24
N LEU F 543 -20.89 18.99 -1.06
CA LEU F 543 -21.44 17.64 -1.02
C LEU F 543 -20.37 16.58 -1.36
N ALA F 544 -19.57 16.85 -2.39
CA ALA F 544 -18.53 15.95 -2.82
C ALA F 544 -17.50 15.68 -1.71
N SER F 545 -17.14 16.72 -0.97
CA SER F 545 -16.16 16.56 0.10
C SER F 545 -16.73 15.70 1.24
N MET F 546 -18.04 15.73 1.41
CA MET F 546 -18.67 14.93 2.45
C MET F 546 -18.66 13.47 2.04
N LEU F 547 -18.62 13.25 0.73
CA LEU F 547 -18.63 11.91 0.16
C LEU F 547 -17.23 11.45 -0.30
N ARG F 548 -16.24 12.31 -0.14
CA ARG F 548 -14.87 12.04 -0.53
C ARG F 548 -14.71 11.71 -2.01
N ILE F 549 -15.42 12.45 -2.84
CA ILE F 549 -15.31 12.30 -4.29
C ILE F 549 -14.49 13.51 -4.77
N PRO F 550 -13.29 13.29 -5.30
CA PRO F 550 -12.48 14.42 -5.76
C PRO F 550 -13.17 15.18 -6.89
N VAL F 551 -12.97 16.50 -6.94
CA VAL F 551 -13.55 17.31 -7.99
C VAL F 551 -12.38 17.54 -8.95
N CYS F 552 -12.42 16.86 -10.09
CA CYS F 552 -11.34 16.93 -11.06
C CYS F 552 -11.40 18.13 -11.99
N MET F 553 -12.55 18.79 -12.05
CA MET F 553 -12.73 19.94 -12.93
C MET F 553 -13.87 20.81 -12.43
N HIS F 554 -13.66 22.13 -12.38
CA HIS F 554 -14.69 23.08 -11.96
C HIS F 554 -14.23 24.51 -12.20
N ASN F 555 -15.16 25.46 -12.31
CA ASN F 555 -14.84 26.87 -12.52
C ASN F 555 -15.41 27.78 -11.43
N VAL F 556 -15.58 27.22 -10.23
CA VAL F 556 -16.09 27.93 -9.08
C VAL F 556 -14.97 28.78 -8.41
N GLU F 557 -15.33 29.97 -7.92
CA GLU F 557 -14.38 30.87 -7.26
C GLU F 557 -13.79 30.21 -6.04
N GLU F 558 -12.46 30.32 -5.92
CA GLU F 558 -11.73 29.74 -4.80
C GLU F 558 -12.30 30.10 -3.41
N THR F 559 -12.82 31.31 -3.26
CA THR F 559 -13.38 31.73 -1.98
C THR F 559 -14.69 31.06 -1.64
N LYS F 560 -15.33 30.45 -2.62
CA LYS F 560 -16.58 29.80 -2.34
C LYS F 560 -16.43 28.33 -1.99
N VAL F 561 -15.23 27.77 -2.08
CA VAL F 561 -15.11 26.34 -1.73
C VAL F 561 -15.10 26.15 -0.21
N TYR F 562 -16.04 25.33 0.24
CA TYR F 562 -16.26 25.09 1.65
C TYR F 562 -16.19 23.59 1.90
N ARG F 563 -15.15 23.14 2.61
CA ARG F 563 -14.95 21.72 2.88
C ARG F 563 -14.59 21.51 4.33
N PRO F 564 -14.52 20.24 4.80
CA PRO F 564 -14.15 20.00 6.21
C PRO F 564 -12.79 20.67 6.48
N SER F 565 -12.56 21.11 7.72
CA SER F 565 -11.31 21.81 8.01
C SER F 565 -10.05 20.98 7.80
N ALA F 566 -10.16 19.65 7.85
CA ALA F 566 -9.01 18.76 7.67
C ALA F 566 -8.41 18.87 6.28
N TRP F 567 -9.21 19.29 5.31
CA TRP F 567 -8.73 19.41 3.95
C TRP F 567 -7.53 20.36 3.88
N ALA F 568 -7.58 21.45 4.64
CA ALA F 568 -6.50 22.45 4.66
C ALA F 568 -5.16 21.88 5.12
N ALA F 569 -5.20 20.91 6.02
CA ALA F 569 -4.00 20.26 6.54
C ALA F 569 -3.32 19.50 5.40
N HIS F 570 -4.07 19.21 4.34
CA HIS F 570 -3.55 18.51 3.18
C HIS F 570 -2.98 19.47 2.13
N GLY F 571 -2.94 20.77 2.43
CA GLY F 571 -2.37 21.72 1.51
C GLY F 571 -3.20 22.96 1.26
N MET F 572 -2.55 24.01 0.77
CA MET F 572 -3.21 25.29 0.44
C MET F 572 -3.88 25.23 -0.93
N ASP F 573 -3.36 24.33 -1.79
CA ASP F 573 -3.90 24.17 -3.13
C ASP F 573 -5.27 23.48 -3.11
N ILE F 574 -6.25 24.16 -3.71
CA ILE F 574 -7.63 23.68 -3.76
C ILE F 574 -7.77 22.29 -4.38
N GLU F 575 -6.93 21.97 -5.36
CA GLU F 575 -7.01 20.65 -5.99
C GLU F 575 -6.17 19.60 -5.22
N GLY F 576 -4.90 19.91 -4.99
CA GLY F 576 -4.04 18.99 -4.26
C GLY F 576 -4.58 18.58 -2.90
N GLN F 577 -5.13 19.52 -2.16
CA GLN F 577 -5.67 19.20 -0.82
C GLN F 577 -6.80 18.19 -0.95
N ASP F 578 -7.56 18.34 -2.03
CA ASP F 578 -8.71 17.50 -2.29
C ASP F 578 -8.35 16.05 -2.62
N TYR F 579 -7.46 15.86 -3.59
CA TYR F 579 -7.02 14.52 -3.97
C TYR F 579 -6.34 13.82 -2.78
N ARG F 580 -5.49 14.56 -2.07
CA ARG F 580 -4.81 14.00 -0.91
C ARG F 580 -5.75 13.62 0.19
N ALA F 581 -6.70 14.49 0.52
CA ALA F 581 -7.64 14.21 1.60
C ALA F 581 -8.56 13.05 1.24
N CYS F 582 -9.08 13.06 0.01
CA CYS F 582 -9.98 11.99 -0.44
C CYS F 582 -9.32 10.62 -0.42
N GLN F 583 -8.05 10.58 -0.84
CA GLN F 583 -7.30 9.34 -0.82
C GLN F 583 -7.13 8.93 0.63
N ASN F 584 -6.88 9.91 1.49
CA ASN F 584 -6.69 9.64 2.91
C ASN F 584 -7.93 9.00 3.52
N TYR F 585 -9.04 9.74 3.57
CA TYR F 585 -10.25 9.27 4.21
C TYR F 585 -11.02 8.16 3.50
N GLY F 586 -10.99 8.16 2.17
CA GLY F 586 -11.69 7.14 1.39
C GLY F 586 -13.22 7.22 1.47
N PRO F 587 -13.92 6.21 0.90
CA PRO F 587 -15.38 6.19 0.92
C PRO F 587 -15.95 6.21 2.32
N LEU F 588 -17.12 6.83 2.46
CA LEU F 588 -17.81 7.01 3.72
C LEU F 588 -18.31 5.74 4.43
N TYR F 589 -18.76 4.74 3.66
CA TYR F 589 -19.30 3.51 4.26
C TYR F 589 -18.43 2.25 4.33
N LYS F 590 -17.45 2.08 3.45
CA LYS F 590 -16.60 0.90 3.54
C LYS F 590 -15.39 0.86 2.61
N ARG F 591 -14.37 0.14 3.05
CA ARG F 591 -13.12 -0.03 2.32
C ARG F 591 -12.42 1.31 2.05
#